data_9AWT
#
_entry.id   9AWT
#
_cell.length_a   103.676
_cell.length_b   166.571
_cell.length_c   133.210
_cell.angle_alpha   90.00
_cell.angle_beta   90.21
_cell.angle_gamma   90.00
#
_symmetry.space_group_name_H-M   'P 1 21 1'
#
loop_
_entity.id
_entity.type
_entity.pdbx_description
1 polymer 'A type blood alpha-D-galactosamine galactosaminidase'
2 non-polymer 'ZINC ION'
3 non-polymer 'CHLORIDE ION'
4 non-polymer 'COBALT (II) ION'
5 non-polymer 'MANGANESE (II) ION'
6 non-polymer '4-nitrophenyl 2-amino-2-deoxy-alpha-D-galactopyranoside'
7 water water
#
_entity_poly.entity_id   1
_entity_poly.type   'polypeptide(L)'
_entity_poly.pdbx_seq_one_letter_code
;AAPATDTGNAGLIAEGDYAIAGNGVRVTYDADGQTITLYRTEGSGLIQMSKPSPLGGPVIGGQEVQDFSHISCDVEQSTS
GVMGSGQRMTITSQSMSTGLIRTYVLETSDIEEGVVYTATSYEAGASDVEVSWFIGSVYELYGAEDRIWSYNGGGEGPMH
YYDTLQKIDLTDSGKFSRENKQDDTAASIPVSDIYIADGGITVGDASATRREVHTPVQETSDSAQVSIGWPGKVIAAGSV
IEIGESFAVVHPGDYYNGLRGYKNAMDHLGVIMPAPGDIPDSSYDLRWESWGWGFNWTIDLIIGKLDELQAAGVKQITLD
DGWYTNAGDWALNPEKFPNGASDALRLTDAIHEHGMTALLWWRPCDGGIDSILYQQHPEYFVMDADGRPARLPTPGGGTN
PSLGYALCPMADGAIASQVDFVNRAMNDWGFDGFKGDYVWSMPECYNPAHNHASPEESTEKQSEIYRVSYEAMVANDPNV
FNLLCNCGTPQDYYSLPYMTQIATADPTSVDQTRRRVKAYKALMGDYFPVTADHNNIWYPSAVGTGSVLIEKRDLSGTAK
EEYEKWLGIADTVQLQKGRFIGDLYSYGFDPYETYVVAADGVMYYAFYKDGSKYSPTGYPDIELKGLDPNKMYRIVDYVN
DRVVATNLMGDNAVFNTRFSDYLLVKAVEISE
;
_entity_poly.pdbx_strand_id   A,B,C,D,E
#
loop_
_chem_comp.id
_chem_comp.type
_chem_comp.name
_chem_comp.formula
A1AHC non-polymer '4-nitrophenyl 2-amino-2-deoxy-alpha-D-galactopyranoside' 'C12 H16 N2 O7'
CL non-polymer 'CHLORIDE ION' 'Cl -1'
CO non-polymer 'COBALT (II) ION' 'Co 2'
MN non-polymer 'MANGANESE (II) ION' 'Mn 2'
ZN non-polymer 'ZINC ION' 'Zn 2'
#
# COMPACT_ATOMS: atom_id res chain seq x y z
N TYR A 18 17.66 49.21 36.47
CA TYR A 18 17.07 49.20 35.10
C TYR A 18 15.86 48.27 35.06
N ALA A 19 14.68 48.80 34.68
CA ALA A 19 13.44 48.03 34.73
C ALA A 19 12.41 48.57 33.75
N ILE A 20 11.58 47.67 33.21
CA ILE A 20 10.44 48.03 32.39
C ILE A 20 9.22 47.28 32.92
N ALA A 21 8.03 47.83 32.65
CA ALA A 21 6.79 47.26 33.16
C ALA A 21 5.79 47.08 32.04
N GLY A 22 4.98 46.03 32.16
CA GLY A 22 3.86 45.79 31.26
C GLY A 22 2.67 45.32 32.12
N ASN A 23 1.47 45.25 31.56
CA ASN A 23 0.35 44.73 32.32
C ASN A 23 0.66 43.31 32.83
N GLY A 24 0.74 43.15 34.16
CA GLY A 24 0.93 41.85 34.79
C GLY A 24 2.40 41.40 34.89
N VAL A 25 3.37 42.22 34.48
CA VAL A 25 4.76 41.76 34.41
C VAL A 25 5.77 42.88 34.71
N ARG A 26 6.90 42.51 35.35
CA ARG A 26 8.01 43.41 35.59
C ARG A 26 9.31 42.74 35.14
N VAL A 27 10.18 43.48 34.43
CA VAL A 27 11.47 42.95 33.95
C VAL A 27 12.60 43.83 34.49
N THR A 28 13.60 43.22 35.16
CA THR A 28 14.73 43.94 35.72
C THR A 28 16.03 43.40 35.13
N TYR A 29 16.99 44.31 34.90
CA TYR A 29 18.33 43.97 34.40
C TYR A 29 19.37 44.44 35.41
N ASP A 30 20.31 43.55 35.78
CA ASP A 30 21.47 43.93 36.58
C ASP A 30 22.69 44.00 35.66
N ALA A 31 23.32 45.18 35.57
CA ALA A 31 24.51 45.38 34.75
C ALA A 31 25.74 44.69 35.33
N ASP A 32 25.87 44.65 36.66
CA ASP A 32 26.94 43.88 37.30
C ASP A 32 26.78 42.40 36.97
N GLY A 33 25.59 41.86 37.25
CA GLY A 33 25.22 40.49 36.91
C GLY A 33 25.19 40.15 35.41
N GLN A 34 24.81 41.10 34.56
CA GLN A 34 24.39 40.82 33.19
C GLN A 34 23.31 39.75 33.20
N THR A 35 22.33 39.92 34.10
CA THR A 35 21.26 38.95 34.31
C THR A 35 19.91 39.64 34.20
N ILE A 36 18.87 38.86 33.87
CA ILE A 36 17.49 39.34 33.77
C ILE A 36 16.63 38.60 34.81
N THR A 37 15.75 39.31 35.52
CA THR A 37 14.80 38.69 36.45
C THR A 37 13.38 39.04 36.02
N LEU A 38 12.48 38.03 36.00
CA LEU A 38 11.08 38.20 35.64
C LEU A 38 10.18 38.12 36.88
N TYR A 39 9.21 39.05 36.96
CA TYR A 39 8.23 39.10 38.04
C TYR A 39 6.82 39.15 37.46
N ARG A 40 5.85 38.64 38.23
CA ARG A 40 4.44 38.66 37.89
C ARG A 40 3.68 39.37 39.02
N THR A 41 2.67 40.17 38.70
CA THR A 41 1.87 40.87 39.69
C THR A 41 0.88 39.89 40.34
N GLU A 42 0.77 39.92 41.68
CA GLU A 42 -0.26 39.17 42.40
C GLU A 42 -0.87 40.10 43.44
N GLY A 43 -2.19 40.28 43.44
CA GLY A 43 -2.82 41.22 44.36
C GLY A 43 -2.16 42.61 44.25
N SER A 44 -1.68 43.15 45.38
CA SER A 44 -0.99 44.43 45.39
C SER A 44 0.54 44.28 45.25
N GLY A 45 1.06 43.04 45.15
CA GLY A 45 2.51 42.86 45.19
C GLY A 45 3.04 41.96 44.07
N LEU A 46 4.34 42.02 43.81
CA LEU A 46 5.00 41.16 42.82
C LEU A 46 5.31 39.78 43.39
N ILE A 47 5.32 38.74 42.54
CA ILE A 47 5.88 37.42 42.81
C ILE A 47 7.02 37.20 41.82
N GLN A 48 8.18 36.70 42.29
CA GLN A 48 9.33 36.47 41.41
C GLN A 48 9.18 35.12 40.69
N MET A 49 8.98 35.16 39.36
CA MET A 49 8.87 33.95 38.55
C MET A 49 10.22 33.31 38.22
N SER A 50 11.26 34.12 37.98
CA SER A 50 12.54 33.58 37.50
C SER A 50 13.70 33.98 38.44
N LYS A 51 14.68 33.07 38.55
CA LYS A 51 15.98 33.38 39.16
C LYS A 51 16.71 34.32 38.22
N PRO A 52 17.72 35.10 38.69
CA PRO A 52 18.41 36.02 37.78
C PRO A 52 19.03 35.14 36.69
N SER A 53 18.79 35.49 35.42
CA SER A 53 19.13 34.59 34.33
C SER A 53 20.03 35.29 33.31
N PRO A 54 21.05 34.58 32.78
CA PRO A 54 22.02 35.20 31.86
C PRO A 54 21.44 35.45 30.47
N LEU A 55 21.98 36.48 29.80
CA LEU A 55 21.55 36.81 28.44
C LEU A 55 22.01 35.72 27.47
N GLY A 56 21.20 35.41 26.46
CA GLY A 56 21.54 34.38 25.47
C GLY A 56 22.72 34.80 24.60
N GLY A 57 23.56 33.81 24.23
CA GLY A 57 24.80 34.05 23.52
C GLY A 57 24.99 33.13 22.32
N PRO A 58 25.90 33.48 21.38
CA PRO A 58 26.23 32.61 20.25
C PRO A 58 27.08 31.40 20.67
N VAL A 59 26.93 30.29 19.93
CA VAL A 59 27.75 29.09 20.16
C VAL A 59 28.78 28.99 19.04
N ILE A 60 30.07 28.96 19.40
CA ILE A 60 31.18 28.87 18.45
C ILE A 60 32.13 27.76 18.88
N GLY A 61 32.52 26.90 17.93
CA GLY A 61 33.41 25.77 18.19
C GLY A 61 32.89 24.88 19.34
N GLY A 62 31.57 24.69 19.40
CA GLY A 62 30.95 23.81 20.39
C GLY A 62 30.77 24.45 21.76
N GLN A 63 31.07 25.76 21.91
CA GLN A 63 30.98 26.44 23.20
C GLN A 63 30.19 27.74 23.05
N GLU A 64 29.25 27.99 23.97
CA GLU A 64 28.62 29.31 24.05
C GLU A 64 29.68 30.31 24.52
N VAL A 65 29.67 31.52 23.95
CA VAL A 65 30.61 32.55 24.32
C VAL A 65 30.15 33.25 25.59
N GLN A 66 31.00 33.29 26.63
CA GLN A 66 30.66 33.97 27.88
C GLN A 66 31.69 35.04 28.23
N ASP A 67 32.34 35.66 27.23
CA ASP A 67 33.23 36.78 27.51
C ASP A 67 32.53 38.13 27.32
N PHE A 68 31.20 38.14 27.12
CA PHE A 68 30.49 39.37 26.81
C PHE A 68 30.51 40.31 28.02
N SER A 69 30.69 41.62 27.80
CA SER A 69 30.74 42.63 28.84
C SER A 69 29.70 43.73 28.62
N HIS A 70 29.12 44.27 29.70
CA HIS A 70 28.06 45.25 29.62
C HIS A 70 28.59 46.57 29.02
N ILE A 71 27.89 47.10 28.00
CA ILE A 71 28.25 48.41 27.45
C ILE A 71 27.22 49.45 27.91
N SER A 72 25.92 49.20 27.68
CA SER A 72 24.87 50.15 28.02
C SER A 72 23.52 49.46 28.18
N CYS A 73 22.61 50.10 28.95
CA CYS A 73 21.21 49.73 29.00
C CYS A 73 20.35 50.98 28.83
N ASP A 74 19.40 50.98 27.89
CA ASP A 74 18.51 52.12 27.69
C ASP A 74 17.06 51.70 27.91
N VAL A 75 16.34 52.53 28.68
CA VAL A 75 14.96 52.29 29.04
C VAL A 75 14.10 53.42 28.47
N GLU A 76 13.06 53.06 27.69
CA GLU A 76 12.07 54.00 27.18
C GLU A 76 10.71 53.70 27.79
N GLN A 77 10.07 54.74 28.37
CA GLN A 77 8.88 54.57 29.19
C GLN A 77 7.59 54.66 28.36
N SER A 78 7.66 55.36 27.22
CA SER A 78 6.51 55.64 26.39
C SER A 78 6.88 55.40 24.94
N THR A 79 6.60 54.19 24.45
CA THR A 79 7.03 53.82 23.12
C THR A 79 5.98 52.89 22.51
N SER A 80 6.22 52.50 21.26
CA SER A 80 5.29 51.68 20.49
C SER A 80 6.08 50.61 19.77
N GLY A 81 5.74 49.34 20.02
CA GLY A 81 6.47 48.23 19.43
C GLY A 81 5.55 47.25 18.70
N VAL A 82 6.00 46.00 18.61
CA VAL A 82 5.28 44.94 17.92
C VAL A 82 3.87 44.76 18.48
N MET A 83 3.73 44.90 19.80
CA MET A 83 2.45 44.69 20.48
C MET A 83 1.70 46.00 20.72
N GLY A 84 2.16 47.09 20.09
CA GLY A 84 1.57 48.41 20.31
C GLY A 84 2.26 49.17 21.46
N SER A 85 1.49 50.01 22.15
CA SER A 85 2.10 50.94 23.07
C SER A 85 2.50 50.22 24.36
N GLY A 86 3.65 50.63 24.91
CA GLY A 86 4.24 50.03 26.11
C GLY A 86 5.65 50.56 26.36
N GLN A 87 6.59 49.67 26.71
CA GLN A 87 7.93 50.06 27.15
C GLN A 87 9.00 49.22 26.44
N ARG A 88 10.24 49.69 26.49
CA ARG A 88 11.36 49.04 25.81
C ARG A 88 12.66 49.18 26.61
N MET A 89 13.45 48.10 26.63
CA MET A 89 14.77 48.07 27.26
C MET A 89 15.75 47.47 26.26
N THR A 90 16.82 48.22 25.96
CA THR A 90 17.79 47.84 24.93
C THR A 90 19.15 47.70 25.60
N ILE A 91 19.73 46.48 25.54
CA ILE A 91 20.98 46.17 26.20
C ILE A 91 22.05 45.86 25.16
N THR A 92 23.16 46.60 25.21
CA THR A 92 24.30 46.39 24.34
C THR A 92 25.46 45.74 25.13
N SER A 93 26.05 44.69 24.54
CA SER A 93 27.17 43.99 25.14
C SER A 93 28.27 43.74 24.10
N GLN A 94 29.50 43.50 24.58
CA GLN A 94 30.66 43.30 23.72
C GLN A 94 31.54 42.12 24.17
N SER A 95 31.99 41.34 23.17
CA SER A 95 32.92 40.23 23.32
C SER A 95 34.24 40.56 22.63
N MET A 96 35.33 40.63 23.41
CA MET A 96 36.64 41.01 22.90
C MET A 96 37.26 39.87 22.08
N SER A 97 37.01 38.62 22.47
CA SER A 97 37.60 37.47 21.79
C SER A 97 37.02 37.29 20.38
N THR A 98 35.75 37.64 20.18
CA THR A 98 35.07 37.41 18.90
C THR A 98 34.99 38.69 18.05
N GLY A 99 34.94 39.85 18.70
CA GLY A 99 34.68 41.12 18.03
C GLY A 99 33.18 41.41 17.87
N LEU A 100 32.32 40.56 18.46
CA LEU A 100 30.88 40.70 18.32
C LEU A 100 30.33 41.76 19.28
N ILE A 101 29.37 42.54 18.78
CA ILE A 101 28.54 43.43 19.60
C ILE A 101 27.09 42.93 19.52
N ARG A 102 26.49 42.66 20.69
CA ARG A 102 25.14 42.12 20.79
C ARG A 102 24.16 43.21 21.23
N THR A 103 23.03 43.32 20.50
CA THR A 103 21.92 44.18 20.89
C THR A 103 20.71 43.33 21.24
N TYR A 104 20.27 43.41 22.51
CA TYR A 104 19.16 42.61 23.03
C TYR A 104 18.03 43.52 23.44
N VAL A 105 16.85 43.37 22.79
CA VAL A 105 15.73 44.27 22.98
C VAL A 105 14.58 43.52 23.66
N LEU A 106 14.01 44.12 24.72
CA LEU A 106 12.84 43.60 25.40
C LEU A 106 11.74 44.65 25.34
N GLU A 107 10.51 44.24 24.99
CA GLU A 107 9.35 45.12 24.95
C GLU A 107 8.21 44.53 25.80
N THR A 108 7.49 45.43 26.49
CA THR A 108 6.26 45.12 27.21
C THR A 108 5.11 45.92 26.61
N SER A 109 3.89 45.52 26.99
CA SER A 109 2.65 46.07 26.46
C SER A 109 1.80 46.59 27.62
N ASP A 110 1.19 47.78 27.45
CA ASP A 110 0.25 48.31 28.43
C ASP A 110 -1.00 47.40 28.51
N ILE A 111 -1.36 46.76 27.39
CA ILE A 111 -2.58 45.98 27.28
C ILE A 111 -2.34 44.49 27.53
N GLU A 112 -1.31 43.87 26.95
CA GLU A 112 -1.25 42.41 26.92
C GLU A 112 -0.64 41.85 28.19
N GLU A 113 -1.36 40.94 28.83
CA GLU A 113 -1.05 40.49 30.19
C GLU A 113 0.08 39.45 30.15
N GLY A 114 1.17 39.71 30.89
CA GLY A 114 2.21 38.72 31.17
C GLY A 114 3.29 38.63 30.09
N VAL A 115 3.16 39.40 29.00
CA VAL A 115 3.90 39.13 27.77
C VAL A 115 5.12 40.04 27.67
N VAL A 116 6.25 39.42 27.29
CA VAL A 116 7.47 40.13 26.97
C VAL A 116 7.94 39.70 25.58
N TYR A 117 8.20 40.67 24.69
CA TYR A 117 8.76 40.42 23.36
C TYR A 117 10.26 40.68 23.37
N THR A 118 11.04 39.77 22.78
CA THR A 118 12.50 39.88 22.74
C THR A 118 12.99 39.73 21.30
N ALA A 119 13.99 40.54 20.91
CA ALA A 119 14.67 40.41 19.63
C ALA A 119 16.18 40.63 19.80
N THR A 120 17.00 39.88 19.05
CA THR A 120 18.45 39.95 19.17
C THR A 120 19.10 40.22 17.81
N SER A 121 20.07 41.13 17.78
CA SER A 121 20.95 41.30 16.64
C SER A 121 22.42 41.28 17.07
N TYR A 122 23.30 40.93 16.12
CA TYR A 122 24.73 40.88 16.33
C TYR A 122 25.42 41.67 15.23
N GLU A 123 26.47 42.43 15.62
CA GLU A 123 27.36 43.11 14.69
C GLU A 123 28.77 42.53 14.81
N ALA A 124 29.38 42.14 13.68
CA ALA A 124 30.76 41.69 13.63
C ALA A 124 31.72 42.88 13.48
N GLY A 125 32.94 42.69 13.97
CA GLY A 125 34.03 43.65 13.80
C GLY A 125 34.86 43.37 12.55
N ALA A 126 36.18 43.30 12.73
CA ALA A 126 37.13 43.27 11.64
C ALA A 126 37.11 41.92 10.91
N SER A 127 36.80 40.82 11.61
CA SER A 127 36.81 39.50 10.98
C SER A 127 35.44 38.81 11.09
N ASP A 128 35.24 37.88 10.14
CA ASP A 128 34.06 37.06 10.06
C ASP A 128 33.95 36.18 11.30
N VAL A 129 32.70 35.95 11.73
CA VAL A 129 32.42 35.05 12.86
C VAL A 129 31.49 33.94 12.36
N GLU A 130 31.90 32.68 12.63
CA GLU A 130 31.11 31.50 12.29
C GLU A 130 30.37 30.97 13.53
N VAL A 131 29.04 31.01 13.48
CA VAL A 131 28.19 30.62 14.59
C VAL A 131 27.40 29.38 14.19
N SER A 132 27.50 28.32 15.01
CA SER A 132 26.76 27.09 14.78
C SER A 132 25.30 27.23 15.22
N TRP A 133 25.06 27.99 16.30
CA TRP A 133 23.73 28.11 16.89
C TRP A 133 23.66 29.39 17.73
N PHE A 134 22.45 29.97 17.83
CA PHE A 134 22.23 31.15 18.67
C PHE A 134 21.21 30.81 19.75
N ILE A 135 21.55 31.05 21.01
CA ILE A 135 20.63 30.92 22.14
C ILE A 135 20.00 32.29 22.41
N GLY A 136 18.67 32.36 22.33
CA GLY A 136 17.97 33.65 22.42
C GLY A 136 17.77 34.12 23.87
N SER A 137 17.03 33.32 24.64
CA SER A 137 16.65 33.67 26.00
C SER A 137 16.55 32.38 26.82
N VAL A 138 16.91 32.46 28.11
CA VAL A 138 16.83 31.36 29.06
C VAL A 138 16.25 31.88 30.37
N TYR A 139 15.27 31.14 30.93
CA TYR A 139 14.68 31.46 32.22
C TYR A 139 14.66 30.20 33.10
N GLU A 140 15.34 30.28 34.24
CA GLU A 140 15.30 29.27 35.29
C GLU A 140 14.28 29.70 36.35
N LEU A 141 13.41 28.76 36.71
CA LEU A 141 12.28 29.03 37.57
C LEU A 141 12.75 29.24 39.00
N TYR A 142 12.12 30.24 39.66
CA TYR A 142 12.32 30.58 41.06
C TYR A 142 11.26 29.89 41.91
N GLY A 143 11.69 29.30 43.03
CA GLY A 143 10.78 28.90 44.11
C GLY A 143 10.23 27.48 43.96
N ALA A 144 10.84 26.67 43.11
CA ALA A 144 10.43 25.29 42.94
C ALA A 144 10.72 24.48 44.20
N GLU A 145 9.91 23.44 44.44
CA GLU A 145 10.10 22.55 45.58
C GLU A 145 10.40 21.14 45.07
N ASP A 146 9.37 20.28 44.97
CA ASP A 146 9.59 18.86 44.73
C ASP A 146 9.30 18.50 43.28
N ARG A 147 8.51 19.29 42.55
CA ARG A 147 8.17 18.94 41.17
C ARG A 147 7.85 20.20 40.34
N ILE A 148 8.12 20.11 39.04
CA ILE A 148 7.77 21.11 38.03
C ILE A 148 7.04 20.39 36.90
N TRP A 149 5.91 20.96 36.43
CA TRP A 149 5.22 20.41 35.26
C TRP A 149 5.58 21.22 34.02
N SER A 150 5.57 20.57 32.84
CA SER A 150 6.06 21.17 31.61
C SER A 150 5.17 20.82 30.42
N TYR A 151 4.96 21.82 29.54
CA TYR A 151 4.37 21.65 28.22
C TYR A 151 5.49 21.65 27.20
N ASN A 152 5.53 20.60 26.34
CA ASN A 152 6.63 20.38 25.40
C ASN A 152 6.11 20.27 23.94
N GLY A 153 6.32 21.32 23.14
CA GLY A 153 5.65 21.43 21.84
C GLY A 153 6.43 20.82 20.67
N GLY A 154 7.58 20.19 20.94
CA GLY A 154 8.44 19.69 19.87
C GLY A 154 7.77 18.62 19.02
N GLY A 155 8.25 18.52 17.76
CA GLY A 155 7.75 17.57 16.77
C GLY A 155 8.72 16.42 16.49
N GLU A 156 9.75 16.21 17.33
CA GLU A 156 10.80 15.24 17.06
C GLU A 156 10.37 13.84 17.55
N GLY A 157 9.16 13.75 18.11
CA GLY A 157 8.73 12.48 18.68
C GLY A 157 9.41 12.23 20.02
N PRO A 158 9.35 11.02 20.61
CA PRO A 158 8.64 9.87 20.04
C PRO A 158 7.14 10.07 19.80
N MET A 159 6.66 9.43 18.71
CA MET A 159 5.25 9.36 18.37
C MET A 159 4.46 8.58 19.43
N HIS A 160 3.26 9.08 19.76
CA HIS A 160 2.18 8.29 20.36
C HIS A 160 2.34 8.09 21.87
N TYR A 161 3.51 7.59 22.31
CA TYR A 161 3.70 7.09 23.65
C TYR A 161 4.63 7.98 24.50
N TYR A 162 4.94 9.18 23.99
CA TYR A 162 5.68 10.17 24.76
C TYR A 162 4.73 11.34 25.01
N ASP A 163 4.46 11.61 26.30
CA ASP A 163 3.46 12.59 26.70
C ASP A 163 3.94 14.00 26.34
N THR A 164 2.99 14.85 25.91
CA THR A 164 3.28 16.25 25.63
C THR A 164 3.48 17.03 26.94
N LEU A 165 2.70 16.68 27.97
CA LEU A 165 2.91 17.17 29.32
C LEU A 165 3.76 16.20 30.14
N GLN A 166 4.83 16.73 30.75
CA GLN A 166 5.87 15.93 31.38
C GLN A 166 6.19 16.50 32.76
N LYS A 167 6.20 15.63 33.77
CA LYS A 167 6.58 16.02 35.11
C LYS A 167 8.11 15.97 35.23
N ILE A 168 8.69 17.05 35.78
CA ILE A 168 10.09 17.11 36.13
C ILE A 168 10.21 16.91 37.64
N ASP A 169 10.59 15.70 38.04
CA ASP A 169 10.73 15.32 39.43
C ASP A 169 12.12 15.75 39.91
N LEU A 170 12.14 16.53 41.00
CA LEU A 170 13.37 17.03 41.59
C LEU A 170 13.87 16.15 42.74
N THR A 171 13.21 15.01 43.02
CA THR A 171 13.58 14.18 44.16
C THR A 171 14.20 12.85 43.72
N ASP A 172 14.29 12.61 42.42
CA ASP A 172 14.66 11.31 41.85
C ASP A 172 16.13 11.34 41.42
N SER A 173 16.62 10.30 40.76
CA SER A 173 17.99 10.28 40.25
C SER A 173 18.12 10.96 38.89
N GLY A 174 17.08 10.94 38.05
CA GLY A 174 17.20 11.39 36.66
C GLY A 174 17.24 12.91 36.50
N LYS A 175 17.71 13.36 35.32
CA LYS A 175 17.73 14.76 34.93
C LYS A 175 17.02 14.90 33.58
N PHE A 176 15.86 15.57 33.61
CA PHE A 176 15.05 15.77 32.43
C PHE A 176 15.72 16.71 31.42
N SER A 177 15.70 16.35 30.13
CA SER A 177 16.26 17.16 29.07
C SER A 177 15.51 16.87 27.76
N ARG A 178 14.94 17.90 27.12
CA ARG A 178 14.35 17.74 25.80
C ARG A 178 14.55 19.00 24.97
N GLU A 179 14.87 18.82 23.68
CA GLU A 179 15.19 19.93 22.78
C GLU A 179 13.93 20.68 22.32
N ASN A 180 12.83 19.98 22.05
CA ASN A 180 11.61 20.55 21.45
C ASN A 180 11.92 21.23 20.10
N LYS A 181 12.10 20.42 19.07
CA LYS A 181 12.56 20.85 17.77
C LYS A 181 11.40 21.17 16.83
N GLN A 182 11.63 22.13 15.92
CA GLN A 182 10.84 22.35 14.72
C GLN A 182 11.82 22.44 13.55
N ASP A 183 11.71 21.53 12.57
CA ASP A 183 12.71 21.44 11.50
C ASP A 183 12.17 20.55 10.37
N ASP A 184 13.08 20.09 9.49
CA ASP A 184 12.71 19.24 8.36
C ASP A 184 12.23 17.85 8.79
N THR A 185 12.42 17.45 10.05
CA THR A 185 11.79 16.21 10.54
C THR A 185 10.84 16.48 11.71
N ALA A 186 10.45 17.74 11.97
CA ALA A 186 9.61 18.06 13.12
C ALA A 186 8.71 19.25 12.83
N ALA A 187 7.38 19.03 12.87
CA ALA A 187 6.42 20.08 12.52
C ALA A 187 5.25 20.07 13.52
N SER A 188 5.49 20.74 14.67
CA SER A 188 4.52 20.78 15.75
C SER A 188 4.39 22.24 16.23
N ILE A 189 4.51 22.50 17.55
CA ILE A 189 4.16 23.81 18.10
C ILE A 189 5.40 24.43 18.75
N PRO A 190 5.83 25.63 18.29
CA PRO A 190 7.09 26.22 18.75
C PRO A 190 7.00 26.90 20.11
N VAL A 191 6.57 26.14 21.12
CA VAL A 191 6.27 26.65 22.44
C VAL A 191 6.66 25.62 23.51
N SER A 192 7.14 26.12 24.66
CA SER A 192 7.34 25.31 25.86
C SER A 192 6.93 26.14 27.07
N ASP A 193 6.45 25.47 28.13
CA ASP A 193 6.08 26.12 29.38
C ASP A 193 6.56 25.26 30.55
N ILE A 194 7.03 25.92 31.62
CA ILE A 194 7.33 25.24 32.88
C ILE A 194 6.62 25.97 34.02
N TYR A 195 6.05 25.22 34.98
CA TYR A 195 5.20 25.85 36.01
C TYR A 195 5.20 25.05 37.31
N ILE A 196 4.92 25.80 38.39
CA ILE A 196 4.76 25.30 39.76
C ILE A 196 3.46 25.87 40.35
N ALA A 197 3.20 25.65 41.62
CA ALA A 197 1.96 26.12 42.26
C ALA A 197 1.78 27.63 42.09
N ASP A 198 2.87 28.39 42.23
CA ASP A 198 2.79 29.84 42.11
C ASP A 198 2.71 30.29 40.65
N GLY A 199 2.89 29.39 39.67
CA GLY A 199 2.76 29.79 38.27
C GLY A 199 3.99 29.40 37.46
N GLY A 200 4.18 30.06 36.30
CA GLY A 200 5.18 29.60 35.34
C GLY A 200 5.58 30.62 34.29
N ILE A 201 6.47 30.14 33.39
CA ILE A 201 7.06 30.90 32.30
C ILE A 201 6.92 30.10 31.00
N THR A 202 6.27 30.72 30.01
CA THR A 202 6.16 30.20 28.65
C THR A 202 7.17 30.93 27.75
N VAL A 203 7.80 30.19 26.84
CA VAL A 203 8.61 30.76 25.78
C VAL A 203 8.16 30.19 24.44
N GLY A 204 8.01 31.08 23.44
CA GLY A 204 7.54 30.68 22.12
C GLY A 204 8.16 31.53 21.01
N ASP A 205 8.22 30.97 19.79
CA ASP A 205 8.82 31.65 18.65
C ASP A 205 7.90 32.74 18.13
N ALA A 206 8.42 33.98 18.05
CA ALA A 206 7.65 35.11 17.57
C ALA A 206 7.87 35.28 16.06
N SER A 207 7.18 34.45 15.25
CA SER A 207 7.29 34.46 13.80
C SER A 207 5.92 34.21 13.17
N ALA A 208 5.58 35.03 12.17
CA ALA A 208 4.34 34.86 11.43
C ALA A 208 4.38 33.62 10.54
N THR A 209 5.60 33.14 10.23
CA THR A 209 5.80 31.99 9.34
C THR A 209 6.70 30.96 10.01
N ARG A 210 6.56 29.71 9.56
CA ARG A 210 7.32 28.57 10.10
C ARG A 210 8.81 28.75 9.81
N ARG A 211 9.62 28.47 10.84
CA ARG A 211 11.08 28.48 10.70
C ARG A 211 11.69 27.47 11.67
N GLU A 212 12.99 27.16 11.46
CA GLU A 212 13.70 26.23 12.32
C GLU A 212 13.93 26.89 13.69
N VAL A 213 13.54 26.20 14.77
CA VAL A 213 13.70 26.70 16.13
C VAL A 213 13.62 25.54 17.11
N HIS A 214 14.24 25.72 18.30
CA HIS A 214 14.12 24.81 19.44
C HIS A 214 13.60 25.58 20.66
N THR A 215 12.77 24.93 21.52
CA THR A 215 12.38 25.51 22.80
C THR A 215 12.72 24.52 23.92
N PRO A 216 14.02 24.37 24.26
CA PRO A 216 14.46 23.35 25.22
C PRO A 216 13.94 23.53 26.64
N VAL A 217 13.69 22.38 27.29
CA VAL A 217 13.32 22.29 28.70
C VAL A 217 14.35 21.40 29.38
N GLN A 218 15.02 21.91 30.42
CA GLN A 218 16.14 21.24 31.05
C GLN A 218 16.06 21.38 32.57
N GLU A 219 16.10 20.24 33.27
CA GLU A 219 16.19 20.22 34.72
C GLU A 219 17.54 20.77 35.16
N THR A 220 17.54 21.56 36.26
CA THR A 220 18.77 22.10 36.81
C THR A 220 19.02 21.42 38.17
N SER A 221 19.93 21.97 38.98
CA SER A 221 20.31 21.36 40.23
C SER A 221 19.14 21.35 41.23
N ASP A 222 18.30 22.40 41.25
CA ASP A 222 17.16 22.42 42.17
C ASP A 222 15.89 22.93 41.48
N SER A 223 15.90 23.04 40.14
CA SER A 223 14.76 23.61 39.43
C SER A 223 14.78 23.15 37.96
N ALA A 224 14.15 23.95 37.08
CA ALA A 224 14.27 23.74 35.64
C ALA A 224 14.35 25.07 34.91
N GLN A 225 14.85 25.01 33.67
CA GLN A 225 14.93 26.17 32.79
C GLN A 225 14.26 25.89 31.45
N VAL A 226 13.65 26.95 30.90
CA VAL A 226 13.04 26.93 29.58
C VAL A 226 13.73 27.99 28.71
N SER A 227 13.98 27.68 27.43
CA SER A 227 14.78 28.53 26.56
C SER A 227 14.28 28.49 25.12
N ILE A 228 14.87 29.32 24.25
CA ILE A 228 14.62 29.27 22.81
C ILE A 228 15.95 29.51 22.08
N GLY A 229 16.11 28.92 20.89
CA GLY A 229 17.31 29.11 20.07
C GLY A 229 17.07 28.78 18.59
N TRP A 230 17.98 29.27 17.73
CA TRP A 230 17.85 29.22 16.27
C TRP A 230 19.18 28.83 15.63
N PRO A 231 19.15 28.30 14.39
CA PRO A 231 20.37 27.95 13.64
C PRO A 231 21.34 29.12 13.41
N GLY A 232 22.62 28.78 13.35
CA GLY A 232 23.67 29.77 13.17
C GLY A 232 23.85 30.16 11.71
N LYS A 233 24.76 31.11 11.45
CA LYS A 233 25.22 31.43 10.10
C LYS A 233 26.59 32.09 10.21
N VAL A 234 27.31 32.22 9.09
CA VAL A 234 28.52 33.02 9.06
C VAL A 234 28.13 34.50 9.08
N ILE A 235 28.68 35.28 10.01
CA ILE A 235 28.46 36.72 10.06
C ILE A 235 29.66 37.42 9.45
N ALA A 236 29.42 38.17 8.35
CA ALA A 236 30.51 38.81 7.63
C ALA A 236 31.05 40.00 8.42
N ALA A 237 32.33 40.34 8.22
CA ALA A 237 32.97 41.46 8.90
C ALA A 237 32.20 42.76 8.65
N GLY A 238 31.95 43.51 9.74
CA GLY A 238 31.27 44.80 9.66
C GLY A 238 29.78 44.68 9.31
N SER A 239 29.15 43.53 9.57
CA SER A 239 27.76 43.29 9.18
C SER A 239 26.85 43.23 10.40
N VAL A 240 25.59 43.62 10.22
CA VAL A 240 24.56 43.51 11.24
C VAL A 240 23.48 42.54 10.75
N ILE A 241 23.14 41.52 11.56
CA ILE A 241 22.10 40.56 11.22
C ILE A 241 21.23 40.31 12.45
N GLU A 242 19.91 40.20 12.20
CA GLU A 242 18.94 39.76 13.18
C GLU A 242 18.89 38.24 13.21
N ILE A 243 18.94 37.62 14.40
CA ILE A 243 19.11 36.18 14.51
C ILE A 243 17.84 35.48 14.97
N GLY A 244 16.91 36.21 15.63
CA GLY A 244 15.69 35.58 16.13
C GLY A 244 14.90 36.46 17.12
N GLU A 245 13.59 36.17 17.24
CA GLU A 245 12.66 36.90 18.08
C GLU A 245 11.73 35.94 18.83
N SER A 246 11.33 36.31 20.06
CA SER A 246 10.59 35.41 20.93
C SER A 246 9.54 36.14 21.75
N PHE A 247 8.55 35.37 22.22
CA PHE A 247 7.58 35.82 23.19
C PHE A 247 7.79 34.99 24.47
N ALA A 248 7.81 35.68 25.62
CA ALA A 248 7.77 35.03 26.91
C ALA A 248 6.50 35.46 27.66
N VAL A 249 5.94 34.54 28.45
CA VAL A 249 4.71 34.82 29.20
C VAL A 249 4.93 34.36 30.63
N VAL A 250 4.87 35.32 31.59
CA VAL A 250 4.77 34.98 33.01
C VAL A 250 3.28 34.84 33.31
N HIS A 251 2.91 33.84 34.12
CA HIS A 251 1.51 33.56 34.37
C HIS A 251 1.31 32.88 35.73
N PRO A 252 0.13 33.07 36.35
CA PRO A 252 -0.31 32.24 37.47
C PRO A 252 -0.76 30.93 36.86
N GLY A 253 -0.98 29.92 37.71
CA GLY A 253 -1.60 28.65 37.28
C GLY A 253 -0.74 27.87 36.28
N ASP A 254 -1.43 27.03 35.50
CA ASP A 254 -0.81 25.99 34.70
C ASP A 254 -0.58 26.47 33.26
N TYR A 255 -0.16 25.51 32.41
CA TYR A 255 0.20 25.73 31.02
C TYR A 255 -0.91 26.43 30.22
N TYR A 256 -2.18 26.25 30.58
CA TYR A 256 -3.28 26.90 29.88
C TYR A 256 -3.07 28.42 29.84
N ASN A 257 -2.75 29.01 30.99
CA ASN A 257 -2.59 30.47 31.07
C ASN A 257 -1.42 30.94 30.21
N GLY A 258 -0.31 30.19 30.19
CA GLY A 258 0.84 30.54 29.39
C GLY A 258 0.56 30.47 27.90
N LEU A 259 -0.07 29.37 27.46
CA LEU A 259 -0.39 29.17 26.05
C LEU A 259 -1.40 30.22 25.58
N ARG A 260 -2.34 30.59 26.45
CA ARG A 260 -3.31 31.62 26.10
C ARG A 260 -2.60 32.95 25.87
N GLY A 261 -1.63 33.26 26.75
CA GLY A 261 -0.78 34.45 26.55
C GLY A 261 -0.10 34.45 25.18
N TYR A 262 0.45 33.30 24.77
CA TYR A 262 1.12 33.17 23.49
C TYR A 262 0.14 33.44 22.36
N LYS A 263 -1.07 32.87 22.46
CA LYS A 263 -2.12 33.09 21.48
C LYS A 263 -2.39 34.59 21.31
N ASN A 264 -2.58 35.28 22.44
CA ASN A 264 -2.84 36.72 22.42
C ASN A 264 -1.67 37.48 21.78
N ALA A 265 -0.44 37.07 22.07
CA ALA A 265 0.74 37.72 21.52
C ALA A 265 0.79 37.55 20.01
N MET A 266 0.53 36.32 19.55
CA MET A 266 0.68 35.96 18.15
C MET A 266 -0.37 36.65 17.26
N ASP A 267 -1.51 37.05 17.83
CA ASP A 267 -2.43 37.91 17.12
C ASP A 267 -1.71 39.14 16.54
N HIS A 268 -0.74 39.70 17.26
CA HIS A 268 -0.10 40.93 16.82
C HIS A 268 0.77 40.68 15.58
N LEU A 269 1.16 39.42 15.32
CA LEU A 269 1.96 39.10 14.14
C LEU A 269 1.07 38.59 13.01
N GLY A 270 -0.25 38.58 13.20
CA GLY A 270 -1.18 38.18 12.15
C GLY A 270 -1.48 36.68 12.14
N VAL A 271 -1.06 35.94 13.17
CA VAL A 271 -1.44 34.55 13.29
C VAL A 271 -2.67 34.47 14.19
N ILE A 272 -3.84 34.49 13.54
CA ILE A 272 -5.10 34.71 14.19
C ILE A 272 -5.99 33.48 14.00
N MET A 273 -6.45 32.91 15.10
CA MET A 273 -7.24 31.70 15.06
C MET A 273 -8.70 32.07 14.80
N PRO A 274 -9.53 31.13 14.30
CA PRO A 274 -10.92 31.45 13.93
C PRO A 274 -11.77 31.95 15.10
N ALA A 275 -12.53 33.00 14.85
CA ALA A 275 -13.45 33.54 15.83
C ALA A 275 -14.68 32.64 15.98
N PRO A 276 -15.27 32.57 17.20
CA PRO A 276 -16.43 31.71 17.45
C PRO A 276 -17.59 31.88 16.47
N GLY A 277 -17.94 33.13 16.15
CA GLY A 277 -19.06 33.43 15.28
C GLY A 277 -18.93 32.84 13.87
N ASP A 278 -17.69 32.54 13.42
CA ASP A 278 -17.42 32.03 12.08
C ASP A 278 -17.25 30.51 12.05
N ILE A 279 -17.29 29.82 13.18
CA ILE A 279 -17.12 28.38 13.16
C ILE A 279 -18.45 27.72 12.83
N PRO A 280 -18.53 26.82 11.83
CA PRO A 280 -19.80 26.21 11.43
C PRO A 280 -20.40 25.31 12.49
N ASP A 281 -21.75 25.25 12.51
CA ASP A 281 -22.51 24.40 13.43
C ASP A 281 -22.06 22.94 13.33
N SER A 282 -21.83 22.46 12.10
CA SER A 282 -21.53 21.05 11.87
C SER A 282 -20.16 20.65 12.44
N SER A 283 -19.33 21.64 12.83
CA SER A 283 -18.05 21.33 13.47
C SER A 283 -18.19 21.13 14.98
N TYR A 284 -19.43 21.16 15.50
CA TYR A 284 -19.71 20.78 16.89
C TYR A 284 -20.47 19.45 16.96
N ASP A 285 -20.62 18.72 15.85
CA ASP A 285 -21.51 17.56 15.81
C ASP A 285 -20.82 16.26 16.24
N LEU A 286 -21.61 15.38 16.87
CA LEU A 286 -21.21 14.02 17.26
C LEU A 286 -21.02 13.19 15.99
N ARG A 287 -19.91 12.43 15.94
CA ARG A 287 -19.44 11.82 14.70
C ARG A 287 -19.08 10.35 14.89
N TRP A 288 -19.37 9.56 13.85
CA TRP A 288 -18.94 8.17 13.77
C TRP A 288 -18.11 8.00 12.49
N GLU A 289 -17.02 7.23 12.61
CA GLU A 289 -16.08 7.06 11.51
C GLU A 289 -15.96 5.57 11.18
N SER A 290 -15.66 5.25 9.91
CA SER A 290 -15.65 3.87 9.44
C SER A 290 -14.41 3.07 9.85
N TRP A 291 -13.49 3.62 10.65
CA TRP A 291 -12.13 3.08 10.85
C TRP A 291 -12.16 1.80 11.70
N GLY A 292 -13.32 1.57 12.32
CA GLY A 292 -13.57 0.41 13.13
C GLY A 292 -13.40 -0.87 12.33
N TRP A 293 -13.75 -0.81 11.05
CA TRP A 293 -13.63 -1.96 10.14
C TRP A 293 -12.26 -2.08 9.47
N GLY A 294 -11.35 -1.14 9.75
CA GLY A 294 -10.11 -1.03 9.03
C GLY A 294 -10.33 -0.87 7.53
N PHE A 295 -9.57 -1.63 6.71
CA PHE A 295 -9.64 -1.52 5.27
C PHE A 295 -10.79 -2.35 4.70
N ASN A 296 -11.57 -3.06 5.55
CA ASN A 296 -12.56 -3.98 5.03
C ASN A 296 -13.98 -3.42 5.08
N TRP A 297 -14.13 -2.10 5.22
CA TRP A 297 -15.43 -1.46 5.08
C TRP A 297 -15.97 -1.62 3.65
N THR A 298 -17.30 -1.54 3.51
CA THR A 298 -17.98 -1.46 2.21
C THR A 298 -19.01 -0.33 2.30
N ILE A 299 -19.46 0.13 1.15
CA ILE A 299 -20.50 1.14 1.10
C ILE A 299 -21.74 0.66 1.85
N ASP A 300 -22.16 -0.59 1.60
CA ASP A 300 -23.43 -1.07 2.13
C ASP A 300 -23.34 -1.32 3.64
N LEU A 301 -22.16 -1.69 4.16
CA LEU A 301 -21.95 -1.80 5.59
C LEU A 301 -22.16 -0.45 6.27
N ILE A 302 -21.63 0.62 5.68
CA ILE A 302 -21.77 1.94 6.27
C ILE A 302 -23.24 2.38 6.25
N ILE A 303 -23.90 2.19 5.11
CA ILE A 303 -25.28 2.59 4.95
C ILE A 303 -26.16 1.84 5.96
N GLY A 304 -25.84 0.56 6.20
CA GLY A 304 -26.62 -0.29 7.08
C GLY A 304 -26.63 0.19 8.53
N LYS A 305 -25.64 1.02 8.92
CA LYS A 305 -25.56 1.52 10.29
C LYS A 305 -26.29 2.85 10.46
N LEU A 306 -26.76 3.46 9.38
CA LEU A 306 -27.16 4.87 9.45
C LEU A 306 -28.45 5.06 10.25
N ASP A 307 -29.43 4.16 10.12
CA ASP A 307 -30.67 4.26 10.87
C ASP A 307 -30.40 4.29 12.38
N GLU A 308 -29.60 3.36 12.90
CA GLU A 308 -29.38 3.25 14.34
C GLU A 308 -28.53 4.44 14.82
N LEU A 309 -27.58 4.90 14.00
CA LEU A 309 -26.74 6.04 14.37
C LEU A 309 -27.59 7.31 14.49
N GLN A 310 -28.52 7.49 13.54
CA GLN A 310 -29.41 8.64 13.56
C GLN A 310 -30.25 8.65 14.84
N ALA A 311 -30.86 7.52 15.19
CA ALA A 311 -31.74 7.44 16.35
C ALA A 311 -30.97 7.69 17.65
N ALA A 312 -29.69 7.34 17.68
CA ALA A 312 -28.88 7.50 18.88
C ALA A 312 -28.30 8.92 19.01
N GLY A 313 -28.31 9.71 17.93
CA GLY A 313 -27.98 11.13 18.00
C GLY A 313 -26.76 11.56 17.16
N VAL A 314 -26.17 10.64 16.39
CA VAL A 314 -25.03 10.97 15.55
C VAL A 314 -25.48 11.82 14.38
N LYS A 315 -24.65 12.82 14.01
CA LYS A 315 -24.98 13.79 12.98
C LYS A 315 -23.89 13.95 11.91
N GLN A 316 -22.82 13.12 11.97
CA GLN A 316 -21.70 13.24 11.06
C GLN A 316 -21.00 11.89 10.87
N ILE A 317 -20.57 11.63 9.62
CA ILE A 317 -19.98 10.36 9.22
C ILE A 317 -18.68 10.62 8.45
N THR A 318 -17.59 9.93 8.84
CA THR A 318 -16.36 9.94 8.06
C THR A 318 -16.18 8.64 7.30
N LEU A 319 -15.92 8.75 5.99
CA LEU A 319 -15.32 7.67 5.22
C LEU A 319 -13.81 7.74 5.43
N ASP A 320 -13.27 6.75 6.15
CA ASP A 320 -11.89 6.77 6.59
C ASP A 320 -10.98 6.13 5.54
N ASP A 321 -9.79 5.71 5.98
CA ASP A 321 -8.73 5.25 5.11
C ASP A 321 -9.17 4.01 4.33
N GLY A 322 -8.62 3.85 3.12
CA GLY A 322 -8.81 2.66 2.30
C GLY A 322 -9.78 2.84 1.12
N TRP A 323 -10.09 4.10 0.74
CA TRP A 323 -11.08 4.35 -0.29
C TRP A 323 -10.45 4.59 -1.66
N TYR A 324 -9.13 4.81 -1.70
CA TYR A 324 -8.47 5.41 -2.86
C TYR A 324 -7.52 4.42 -3.52
N THR A 325 -7.12 4.72 -4.77
CA THR A 325 -6.10 3.97 -5.50
C THR A 325 -4.71 4.27 -4.93
N ASN A 326 -4.29 5.55 -4.98
CA ASN A 326 -3.00 6.02 -4.50
C ASN A 326 -3.14 7.46 -4.01
N ALA A 327 -2.31 7.87 -3.04
CA ALA A 327 -2.16 9.27 -2.69
C ALA A 327 -1.72 10.07 -3.91
N GLY A 328 -2.00 11.39 -3.89
CA GLY A 328 -1.68 12.25 -5.02
C GLY A 328 -2.78 12.21 -6.10
N ASP A 329 -3.03 11.01 -6.64
CA ASP A 329 -4.11 10.79 -7.58
C ASP A 329 -5.47 10.98 -6.90
N TRP A 330 -5.62 10.39 -5.70
CA TRP A 330 -6.86 10.43 -4.95
C TRP A 330 -8.06 10.09 -5.85
N ALA A 331 -7.98 8.97 -6.55
CA ALA A 331 -9.08 8.41 -7.32
C ALA A 331 -9.78 7.29 -6.53
N LEU A 332 -11.05 7.06 -6.85
CA LEU A 332 -11.83 5.99 -6.24
C LEU A 332 -11.20 4.63 -6.54
N ASN A 333 -11.07 3.79 -5.51
CA ASN A 333 -10.67 2.40 -5.66
C ASN A 333 -11.81 1.59 -6.31
N PRO A 334 -11.58 0.95 -7.47
CA PRO A 334 -12.63 0.18 -8.17
C PRO A 334 -13.28 -0.94 -7.36
N GLU A 335 -12.51 -1.58 -6.46
CA GLU A 335 -13.05 -2.63 -5.60
C GLU A 335 -14.06 -2.06 -4.60
N LYS A 336 -13.88 -0.81 -4.14
CA LYS A 336 -14.80 -0.22 -3.18
C LYS A 336 -15.92 0.55 -3.90
N PHE A 337 -15.63 1.06 -5.11
CA PHE A 337 -16.58 1.79 -5.93
C PHE A 337 -16.69 1.16 -7.32
N PRO A 338 -17.28 -0.05 -7.45
CA PRO A 338 -17.39 -0.71 -8.75
C PRO A 338 -18.14 0.09 -9.82
N ASN A 339 -19.05 0.99 -9.43
CA ASN A 339 -19.83 1.78 -10.39
C ASN A 339 -19.28 3.20 -10.53
N GLY A 340 -18.08 3.45 -9.98
CA GLY A 340 -17.44 4.76 -10.08
C GLY A 340 -18.14 5.82 -9.21
N ALA A 341 -18.24 7.03 -9.75
CA ALA A 341 -18.70 8.20 -9.01
C ALA A 341 -20.12 8.04 -8.47
N SER A 342 -20.99 7.30 -9.19
CA SER A 342 -22.36 7.10 -8.73
C SER A 342 -22.39 6.35 -7.39
N ASP A 343 -21.37 5.51 -7.14
CA ASP A 343 -21.26 4.80 -5.87
C ASP A 343 -20.90 5.76 -4.73
N ALA A 344 -20.00 6.70 -5.00
CA ALA A 344 -19.63 7.68 -4.00
C ALA A 344 -20.84 8.55 -3.65
N LEU A 345 -21.62 8.95 -4.67
CA LEU A 345 -22.82 9.77 -4.50
C LEU A 345 -23.91 9.02 -3.72
N ARG A 346 -24.04 7.73 -3.99
CA ARG A 346 -25.01 6.88 -3.30
C ARG A 346 -24.69 6.88 -1.80
N LEU A 347 -23.39 6.89 -1.46
CA LEU A 347 -22.97 6.91 -0.08
C LEU A 347 -23.30 8.26 0.58
N THR A 348 -22.90 9.37 -0.05
CA THR A 348 -23.09 10.69 0.55
C THR A 348 -24.57 11.08 0.55
N ASP A 349 -25.32 10.70 -0.50
CA ASP A 349 -26.77 10.95 -0.52
C ASP A 349 -27.43 10.28 0.69
N ALA A 350 -27.07 9.02 0.96
CA ALA A 350 -27.68 8.28 2.06
C ALA A 350 -27.36 8.96 3.39
N ILE A 351 -26.10 9.42 3.53
CA ILE A 351 -25.70 10.13 4.73
C ILE A 351 -26.56 11.39 4.89
N HIS A 352 -26.70 12.17 3.81
CA HIS A 352 -27.51 13.39 3.81
C HIS A 352 -28.98 13.11 4.14
N GLU A 353 -29.51 11.97 3.67
CA GLU A 353 -30.90 11.59 3.88
C GLU A 353 -31.18 11.29 5.36
N HIS A 354 -30.14 10.98 6.15
CA HIS A 354 -30.29 10.74 7.58
C HIS A 354 -29.94 12.00 8.39
N GLY A 355 -29.94 13.18 7.75
CA GLY A 355 -29.69 14.45 8.42
C GLY A 355 -28.23 14.67 8.84
N MET A 356 -27.26 14.05 8.14
CA MET A 356 -25.87 14.07 8.58
C MET A 356 -24.98 14.74 7.52
N THR A 357 -23.79 15.22 7.95
CA THR A 357 -22.73 15.62 7.04
C THR A 357 -21.75 14.47 6.84
N ALA A 358 -21.06 14.48 5.68
CA ALA A 358 -20.12 13.44 5.27
C ALA A 358 -18.71 13.99 5.09
N LEU A 359 -17.71 13.32 5.69
CA LEU A 359 -16.31 13.72 5.63
C LEU A 359 -15.48 12.66 4.89
N LEU A 360 -14.35 13.09 4.30
CA LEU A 360 -13.45 12.19 3.58
C LEU A 360 -12.00 12.29 4.09
N TRP A 361 -11.39 11.13 4.31
CA TRP A 361 -10.00 10.97 4.74
C TRP A 361 -9.06 11.31 3.58
N TRP A 362 -7.96 12.01 3.89
CA TRP A 362 -6.85 12.19 2.95
C TRP A 362 -5.54 12.49 3.67
N ARG A 363 -4.44 12.39 2.93
CA ARG A 363 -3.11 12.74 3.41
C ARG A 363 -2.56 13.89 2.57
N PRO A 364 -2.72 15.16 3.01
CA PRO A 364 -2.16 16.29 2.27
C PRO A 364 -0.62 16.23 2.26
N CYS A 365 -0.04 16.74 1.17
CA CYS A 365 1.41 16.84 0.95
C CYS A 365 1.97 15.56 0.31
N ASP A 366 1.20 14.47 0.29
CA ASP A 366 1.68 13.19 -0.26
C ASP A 366 1.21 13.04 -1.71
N GLY A 367 2.18 12.96 -2.64
CA GLY A 367 1.91 12.80 -4.05
C GLY A 367 2.03 11.34 -4.52
N GLY A 368 2.25 10.42 -3.56
CA GLY A 368 2.28 8.98 -3.83
C GLY A 368 3.67 8.54 -4.29
N ILE A 369 3.81 7.24 -4.63
CA ILE A 369 5.04 6.70 -5.18
C ILE A 369 4.77 6.03 -6.53
N ASP A 370 3.77 5.15 -6.56
CA ASP A 370 3.31 4.49 -7.77
C ASP A 370 2.17 5.25 -8.42
N SER A 371 1.93 6.49 -7.99
CA SER A 371 0.88 7.33 -8.52
C SER A 371 1.14 7.69 -9.99
N ILE A 372 0.05 7.95 -10.71
CA ILE A 372 0.11 8.54 -12.03
C ILE A 372 0.77 9.92 -11.92
N LEU A 373 0.48 10.64 -10.83
CA LEU A 373 1.04 11.95 -10.58
C LEU A 373 2.57 11.91 -10.59
N TYR A 374 3.18 10.94 -9.89
CA TYR A 374 4.64 10.88 -9.85
C TYR A 374 5.21 10.47 -11.22
N GLN A 375 4.52 9.56 -11.93
CA GLN A 375 4.95 9.08 -13.24
C GLN A 375 4.93 10.22 -14.26
N GLN A 376 3.86 11.02 -14.27
CA GLN A 376 3.67 12.05 -15.28
C GLN A 376 4.36 13.36 -14.89
N HIS A 377 4.45 13.68 -13.59
CA HIS A 377 4.95 14.99 -13.17
C HIS A 377 5.92 14.90 -11.99
N PRO A 378 7.11 14.30 -12.14
CA PRO A 378 8.08 14.31 -11.04
C PRO A 378 8.58 15.71 -10.65
N GLU A 379 8.42 16.70 -11.55
CA GLU A 379 8.85 18.08 -11.32
C GLU A 379 8.02 18.76 -10.23
N TYR A 380 6.85 18.20 -9.87
CA TYR A 380 6.04 18.72 -8.79
C TYR A 380 6.56 18.36 -7.40
N PHE A 381 7.51 17.44 -7.30
CA PHE A 381 7.85 16.80 -6.03
C PHE A 381 9.13 17.43 -5.47
N VAL A 382 9.37 17.20 -4.17
CA VAL A 382 10.61 17.60 -3.53
C VAL A 382 11.74 16.67 -3.99
N MET A 383 12.93 17.25 -4.22
CA MET A 383 14.13 16.54 -4.65
C MET A 383 15.20 16.69 -3.56
N ASP A 384 15.84 15.56 -3.19
CA ASP A 384 16.87 15.56 -2.16
C ASP A 384 18.22 16.00 -2.74
N ALA A 385 19.23 16.10 -1.88
CA ALA A 385 20.56 16.58 -2.25
C ALA A 385 21.23 15.69 -3.32
N ASP A 386 20.89 14.40 -3.36
CA ASP A 386 21.46 13.48 -4.32
C ASP A 386 20.65 13.46 -5.62
N GLY A 387 19.56 14.23 -5.72
CA GLY A 387 18.79 14.27 -6.96
C GLY A 387 17.66 13.24 -7.01
N ARG A 388 17.36 12.58 -5.88
CA ARG A 388 16.31 11.56 -5.82
C ARG A 388 15.04 12.17 -5.23
N PRO A 389 13.85 11.61 -5.51
CA PRO A 389 12.59 12.08 -4.89
C PRO A 389 12.65 11.83 -3.39
N ALA A 390 12.17 12.79 -2.61
CA ALA A 390 12.27 12.75 -1.14
C ALA A 390 10.95 12.28 -0.55
N ARG A 391 11.06 11.30 0.36
CA ARG A 391 9.92 10.76 1.09
C ARG A 391 9.52 11.76 2.18
N LEU A 392 8.22 11.82 2.47
CA LEU A 392 7.71 12.48 3.66
C LEU A 392 8.30 11.81 4.92
N PRO A 393 8.82 12.62 5.87
CA PRO A 393 9.37 12.08 7.12
C PRO A 393 8.39 11.79 8.26
N THR A 394 8.73 10.76 9.02
CA THR A 394 8.15 10.53 10.33
C THR A 394 8.83 11.48 11.33
N PRO A 395 8.19 11.75 12.50
CA PRO A 395 8.78 12.57 13.56
C PRO A 395 10.17 12.11 13.98
N GLY A 396 11.15 13.03 13.94
CA GLY A 396 12.51 12.72 14.33
C GLY A 396 13.35 12.18 13.18
N GLY A 397 12.73 11.97 12.01
CA GLY A 397 13.45 11.41 10.87
C GLY A 397 12.98 9.98 10.60
N GLY A 398 13.40 9.44 9.46
CA GLY A 398 12.96 8.12 9.03
C GLY A 398 11.67 8.20 8.21
N THR A 399 11.17 7.04 7.82
CA THR A 399 10.01 7.00 6.96
C THR A 399 9.09 5.86 7.40
N ASN A 400 7.98 5.73 6.69
CA ASN A 400 6.94 4.75 6.93
C ASN A 400 6.51 4.19 5.59
N PRO A 401 6.24 2.87 5.46
CA PRO A 401 5.85 2.27 4.17
C PRO A 401 4.61 2.86 3.50
N SER A 402 3.70 3.43 4.28
CA SER A 402 2.49 4.03 3.74
C SER A 402 2.71 5.47 3.26
N LEU A 403 3.80 6.12 3.68
CA LEU A 403 4.08 7.51 3.34
C LEU A 403 4.74 7.57 1.97
N GLY A 404 4.24 8.43 1.07
CA GLY A 404 4.84 8.55 -0.25
C GLY A 404 5.87 9.69 -0.38
N TYR A 405 6.10 10.10 -1.63
CA TYR A 405 6.98 11.21 -1.94
C TYR A 405 6.26 12.53 -1.63
N ALA A 406 7.03 13.49 -1.09
CA ALA A 406 6.55 14.81 -0.74
C ALA A 406 6.34 15.70 -1.96
N LEU A 407 5.18 16.36 -2.00
CA LEU A 407 4.94 17.42 -2.97
C LEU A 407 5.63 18.71 -2.50
N CYS A 408 6.27 19.41 -3.43
CA CYS A 408 6.90 20.67 -3.11
C CYS A 408 5.85 21.77 -3.03
N PRO A 409 5.73 22.48 -1.89
CA PRO A 409 4.70 23.51 -1.73
C PRO A 409 4.83 24.71 -2.65
N MET A 410 5.97 24.88 -3.31
CA MET A 410 6.16 25.98 -4.25
C MET A 410 5.96 25.56 -5.71
N ALA A 411 5.63 24.29 -5.97
CA ALA A 411 5.35 23.89 -7.35
C ALA A 411 3.87 24.10 -7.61
N ASP A 412 3.53 24.91 -8.63
CA ASP A 412 2.13 25.24 -8.89
C ASP A 412 1.28 23.99 -9.15
N GLY A 413 1.83 23.04 -9.91
CA GLY A 413 1.13 21.79 -10.23
C GLY A 413 0.86 20.92 -8.99
N ALA A 414 1.72 20.98 -7.97
CA ALA A 414 1.48 20.23 -6.74
C ALA A 414 0.27 20.78 -6.04
N ILE A 415 0.24 22.12 -5.91
CA ILE A 415 -0.85 22.80 -5.23
C ILE A 415 -2.15 22.51 -5.99
N ALA A 416 -2.10 22.57 -7.32
CA ALA A 416 -3.28 22.34 -8.16
C ALA A 416 -3.84 20.94 -7.97
N SER A 417 -2.95 19.94 -7.77
CA SER A 417 -3.39 18.57 -7.56
C SER A 417 -4.21 18.48 -6.28
N GLN A 418 -3.85 19.26 -5.26
CA GLN A 418 -4.61 19.27 -4.01
C GLN A 418 -5.97 19.94 -4.21
N VAL A 419 -5.99 21.08 -4.90
CA VAL A 419 -7.22 21.83 -5.17
C VAL A 419 -8.19 20.99 -6.00
N ASP A 420 -7.69 20.28 -7.01
CA ASP A 420 -8.52 19.47 -7.89
C ASP A 420 -9.17 18.33 -7.10
N PHE A 421 -8.44 17.76 -6.12
CA PHE A 421 -8.99 16.73 -5.25
C PHE A 421 -10.16 17.30 -4.44
N VAL A 422 -9.96 18.47 -3.85
CA VAL A 422 -11.00 19.12 -3.07
C VAL A 422 -12.25 19.33 -3.90
N ASN A 423 -12.09 19.87 -5.11
CA ASN A 423 -13.23 20.20 -5.95
C ASN A 423 -13.98 18.94 -6.40
N ARG A 424 -13.25 17.86 -6.69
CA ARG A 424 -13.86 16.60 -7.11
C ARG A 424 -14.65 16.00 -5.95
N ALA A 425 -14.04 15.95 -4.76
CA ALA A 425 -14.67 15.27 -3.63
C ALA A 425 -15.93 16.01 -3.20
N MET A 426 -15.91 17.34 -3.22
CA MET A 426 -17.06 18.11 -2.80
C MET A 426 -18.12 18.14 -3.91
N ASN A 427 -17.73 18.51 -5.15
CA ASN A 427 -18.69 18.85 -6.19
C ASN A 427 -19.12 17.62 -7.01
N ASP A 428 -18.27 16.57 -7.12
CA ASP A 428 -18.64 15.38 -7.87
C ASP A 428 -19.15 14.26 -6.95
N TRP A 429 -18.62 14.16 -5.71
CA TRP A 429 -18.95 13.03 -4.84
C TRP A 429 -19.87 13.44 -3.70
N GLY A 430 -19.99 14.75 -3.42
CA GLY A 430 -20.97 15.28 -2.48
C GLY A 430 -20.49 15.29 -1.03
N PHE A 431 -19.16 15.24 -0.79
CA PHE A 431 -18.63 15.34 0.56
C PHE A 431 -18.67 16.79 1.08
N ASP A 432 -18.71 16.91 2.42
CA ASP A 432 -18.94 18.17 3.12
C ASP A 432 -17.71 18.61 3.92
N GLY A 433 -16.60 17.88 3.83
CA GLY A 433 -15.44 18.23 4.64
C GLY A 433 -14.38 17.13 4.61
N PHE A 434 -13.27 17.37 5.35
CA PHE A 434 -12.08 16.56 5.20
C PHE A 434 -11.42 16.24 6.55
N LYS A 435 -10.93 15.00 6.66
CA LYS A 435 -10.07 14.56 7.73
C LYS A 435 -8.68 14.31 7.14
N GLY A 436 -7.82 15.32 7.23
CA GLY A 436 -6.42 15.20 6.91
C GLY A 436 -5.69 14.44 8.02
N ASP A 437 -4.71 13.62 7.64
CA ASP A 437 -4.13 12.69 8.59
C ASP A 437 -2.81 12.08 8.10
N TYR A 438 -2.04 11.52 9.05
CA TYR A 438 -0.95 10.60 8.76
C TYR A 438 0.16 11.33 7.98
N VAL A 439 0.49 12.57 8.40
CA VAL A 439 1.57 13.33 7.81
C VAL A 439 2.20 14.22 8.89
N TRP A 440 3.49 14.55 8.72
CA TRP A 440 4.23 15.32 9.72
C TRP A 440 4.97 16.49 9.05
N SER A 441 6.31 16.50 9.07
CA SER A 441 7.06 17.63 8.51
C SER A 441 7.28 17.41 7.01
N MET A 442 8.12 18.29 6.44
CA MET A 442 8.30 18.44 5.00
C MET A 442 9.80 18.52 4.72
N PRO A 443 10.36 17.67 3.85
CA PRO A 443 11.81 17.68 3.61
C PRO A 443 12.27 18.89 2.80
N GLU A 444 13.57 19.16 2.92
CA GLU A 444 14.27 20.20 2.18
C GLU A 444 14.33 19.83 0.70
N CYS A 445 14.20 20.84 -0.17
CA CYS A 445 14.11 20.67 -1.62
C CYS A 445 15.33 21.26 -2.31
N TYR A 446 15.98 20.47 -3.17
CA TYR A 446 17.20 20.85 -3.88
C TYR A 446 16.99 20.88 -5.40
N ASN A 447 15.74 20.85 -5.87
CA ASN A 447 15.50 20.85 -7.30
C ASN A 447 15.80 22.23 -7.87
N PRO A 448 16.84 22.37 -8.74
CA PRO A 448 17.26 23.70 -9.21
C PRO A 448 16.21 24.41 -10.05
N ALA A 449 15.32 23.63 -10.69
CA ALA A 449 14.26 24.19 -11.51
C ALA A 449 13.18 24.88 -10.67
N HIS A 450 13.16 24.64 -9.34
CA HIS A 450 12.22 25.35 -8.47
C HIS A 450 12.77 26.74 -8.06
N ASN A 451 14.09 26.97 -8.21
CA ASN A 451 14.70 28.26 -7.89
C ASN A 451 14.47 28.64 -6.42
N HIS A 452 14.75 27.73 -5.49
CA HIS A 452 14.52 28.01 -4.07
C HIS A 452 15.56 29.00 -3.54
N ALA A 453 15.12 29.89 -2.65
CA ALA A 453 16.01 30.82 -1.94
C ALA A 453 17.02 30.04 -1.11
N SER A 454 16.54 28.97 -0.46
CA SER A 454 17.39 28.05 0.29
C SER A 454 16.72 26.68 0.30
N PRO A 455 17.42 25.57 0.61
CA PRO A 455 16.75 24.26 0.72
C PRO A 455 15.66 24.14 1.78
N GLU A 456 15.72 24.94 2.84
CA GLU A 456 14.72 24.91 3.91
C GLU A 456 13.39 25.56 3.50
N GLU A 457 13.34 26.22 2.34
CA GLU A 457 12.17 26.97 1.93
C GLU A 457 10.95 26.03 1.81
N SER A 458 11.15 24.80 1.33
CA SER A 458 10.05 23.84 1.25
C SER A 458 9.46 23.59 2.63
N THR A 459 10.33 23.27 3.61
CA THR A 459 9.90 23.03 4.98
C THR A 459 9.09 24.24 5.49
N GLU A 460 9.62 25.46 5.26
CA GLU A 460 9.04 26.69 5.76
C GLU A 460 7.63 26.89 5.20
N LYS A 461 7.42 26.49 3.95
CA LYS A 461 6.20 26.79 3.22
C LYS A 461 5.20 25.63 3.22
N GLN A 462 5.44 24.61 4.04
CA GLN A 462 4.53 23.47 4.11
C GLN A 462 3.07 23.95 4.27
N SER A 463 2.86 24.94 5.13
CA SER A 463 1.51 25.33 5.51
C SER A 463 0.73 25.97 4.35
N GLU A 464 1.40 26.36 3.25
CA GLU A 464 0.72 26.89 2.09
C GLU A 464 -0.22 25.83 1.48
N ILE A 465 0.16 24.54 1.57
CA ILE A 465 -0.70 23.47 1.11
C ILE A 465 -2.01 23.49 1.89
N TYR A 466 -1.91 23.68 3.22
CA TYR A 466 -3.07 23.63 4.08
C TYR A 466 -3.96 24.85 3.80
N ARG A 467 -3.34 26.03 3.64
CA ARG A 467 -4.08 27.26 3.41
C ARG A 467 -4.82 27.21 2.08
N VAL A 468 -4.13 26.87 1.00
CA VAL A 468 -4.75 26.92 -0.33
C VAL A 468 -5.88 25.89 -0.44
N SER A 469 -5.66 24.71 0.14
CA SER A 469 -6.68 23.66 0.16
C SER A 469 -7.95 24.14 0.87
N TYR A 470 -7.78 24.74 2.05
CA TYR A 470 -8.90 25.21 2.85
C TYR A 470 -9.64 26.32 2.08
N GLU A 471 -8.91 27.21 1.41
CA GLU A 471 -9.56 28.33 0.74
C GLU A 471 -10.46 27.78 -0.39
N ALA A 472 -10.01 26.71 -1.04
CA ALA A 472 -10.80 26.07 -2.08
C ALA A 472 -12.04 25.39 -1.51
N MET A 473 -11.86 24.70 -0.36
CA MET A 473 -12.97 24.10 0.38
C MET A 473 -14.07 25.15 0.67
N VAL A 474 -13.64 26.31 1.20
CA VAL A 474 -14.56 27.34 1.64
C VAL A 474 -15.33 27.92 0.46
N ALA A 475 -14.67 28.03 -0.69
CA ALA A 475 -15.32 28.58 -1.87
C ALA A 475 -16.47 27.69 -2.34
N ASN A 476 -16.38 26.36 -2.13
CA ASN A 476 -17.47 25.46 -2.48
C ASN A 476 -18.60 25.55 -1.45
N ASP A 477 -18.22 25.61 -0.16
CA ASP A 477 -19.18 25.63 0.95
C ASP A 477 -18.55 26.32 2.15
N PRO A 478 -19.08 27.48 2.58
CA PRO A 478 -18.51 28.20 3.71
C PRO A 478 -18.62 27.44 5.03
N ASN A 479 -19.50 26.43 5.11
CA ASN A 479 -19.66 25.62 6.32
C ASN A 479 -18.85 24.32 6.28
N VAL A 480 -17.91 24.19 5.34
CA VAL A 480 -17.08 23.01 5.20
C VAL A 480 -16.34 22.73 6.50
N PHE A 481 -16.16 21.43 6.80
CA PHE A 481 -15.41 20.98 7.96
C PHE A 481 -13.97 20.69 7.53
N ASN A 482 -12.98 21.06 8.37
CA ASN A 482 -11.58 20.79 8.06
C ASN A 482 -10.81 20.48 9.34
N LEU A 483 -10.11 19.33 9.33
CA LEU A 483 -9.25 18.88 10.42
C LEU A 483 -7.96 18.28 9.85
N LEU A 484 -6.87 18.39 10.63
CA LEU A 484 -5.58 17.78 10.28
C LEU A 484 -4.98 17.13 11.53
N CYS A 485 -4.60 15.84 11.43
CA CYS A 485 -3.95 15.11 12.53
C CYS A 485 -2.52 14.74 12.16
N ASN A 486 -1.55 15.47 12.75
CA ASN A 486 -0.15 15.09 12.76
C ASN A 486 0.03 14.05 13.88
N CYS A 487 -0.49 12.86 13.60
CA CYS A 487 -0.83 11.87 14.61
C CYS A 487 0.32 11.62 15.60
N GLY A 488 0.01 11.62 16.90
CA GLY A 488 0.97 11.23 17.93
C GLY A 488 1.93 12.35 18.34
N THR A 489 1.69 13.55 17.79
CA THR A 489 2.49 14.74 18.05
C THR A 489 1.55 15.93 18.20
N PRO A 490 2.03 17.05 18.77
CA PRO A 490 1.24 18.30 18.77
C PRO A 490 1.09 18.73 17.31
N GLN A 491 -0.07 19.32 16.98
CA GLN A 491 -0.40 19.66 15.60
C GLN A 491 0.51 20.76 15.07
N ASP A 492 0.77 20.72 13.76
CA ASP A 492 1.53 21.77 13.09
C ASP A 492 0.87 23.14 13.36
N TYR A 493 1.56 23.99 14.12
CA TYR A 493 1.03 25.26 14.59
C TYR A 493 0.52 26.12 13.43
N TYR A 494 1.25 26.12 12.29
CA TYR A 494 0.92 27.03 11.21
C TYR A 494 -0.19 26.47 10.32
N SER A 495 -0.64 25.23 10.59
CA SER A 495 -1.87 24.71 10.00
C SER A 495 -3.12 25.21 10.72
N LEU A 496 -2.99 25.60 12.00
CA LEU A 496 -4.13 25.80 12.90
C LEU A 496 -5.10 26.88 12.42
N PRO A 497 -4.64 28.01 11.83
CA PRO A 497 -5.57 29.02 11.34
C PRO A 497 -6.61 28.53 10.31
N TYR A 498 -6.38 27.37 9.69
CA TYR A 498 -7.20 26.89 8.58
C TYR A 498 -8.10 25.72 8.99
N MET A 499 -8.27 25.50 10.31
CA MET A 499 -9.01 24.36 10.83
C MET A 499 -10.38 24.80 11.37
N THR A 500 -11.36 23.86 11.38
CA THR A 500 -12.64 24.03 12.07
C THR A 500 -12.75 23.10 13.29
N GLN A 501 -11.87 22.11 13.43
CA GLN A 501 -11.86 21.21 14.60
C GLN A 501 -10.45 20.64 14.79
N ILE A 502 -10.10 20.34 16.05
CA ILE A 502 -8.83 19.70 16.39
C ILE A 502 -9.08 18.37 17.09
N ALA A 503 -8.29 17.35 16.75
CA ALA A 503 -8.24 16.10 17.51
C ALA A 503 -7.00 16.08 18.40
N THR A 504 -7.09 15.39 19.54
CA THR A 504 -5.97 15.28 20.48
C THR A 504 -4.85 14.44 19.86
N ALA A 505 -5.17 13.65 18.81
CA ALA A 505 -4.25 13.14 17.79
C ALA A 505 -3.65 11.79 18.17
N ASP A 506 -4.45 10.72 18.08
CA ASP A 506 -4.04 9.38 18.47
C ASP A 506 -3.47 9.38 19.89
N PRO A 507 -4.22 9.91 20.89
CA PRO A 507 -3.81 9.78 22.30
C PRO A 507 -3.77 8.30 22.67
N THR A 508 -2.81 7.93 23.53
CA THR A 508 -2.64 6.54 23.95
C THR A 508 -3.08 6.35 25.41
N SER A 509 -3.63 7.38 26.04
CA SER A 509 -4.09 7.31 27.43
C SER A 509 -5.14 8.38 27.69
N VAL A 510 -5.92 8.24 28.77
CA VAL A 510 -6.87 9.26 29.19
C VAL A 510 -6.10 10.53 29.55
N ASP A 511 -4.90 10.36 30.12
CA ASP A 511 -4.07 11.50 30.48
C ASP A 511 -3.74 12.33 29.24
N GLN A 512 -3.36 11.65 28.15
CA GLN A 512 -3.01 12.36 26.93
C GLN A 512 -4.22 13.11 26.37
N THR A 513 -5.38 12.46 26.24
CA THR A 513 -6.48 13.11 25.53
C THR A 513 -6.99 14.31 26.35
N ARG A 514 -7.16 14.15 27.66
CA ARG A 514 -7.74 15.20 28.47
C ARG A 514 -6.82 16.43 28.56
N ARG A 515 -5.53 16.24 28.80
CA ARG A 515 -4.63 17.37 29.01
C ARG A 515 -4.45 18.14 27.69
N ARG A 516 -4.54 17.44 26.56
CA ARG A 516 -4.36 18.08 25.26
C ARG A 516 -5.57 18.92 24.92
N VAL A 517 -6.76 18.51 25.37
CA VAL A 517 -7.96 19.34 25.17
C VAL A 517 -7.69 20.73 25.75
N LYS A 518 -7.15 20.77 26.97
CA LYS A 518 -6.88 22.03 27.65
C LYS A 518 -5.87 22.85 26.87
N ALA A 519 -4.81 22.21 26.37
CA ALA A 519 -3.78 22.89 25.61
C ALA A 519 -4.34 23.51 24.32
N TYR A 520 -5.16 22.75 23.59
CA TYR A 520 -5.69 23.24 22.31
C TYR A 520 -6.68 24.39 22.55
N LYS A 521 -7.51 24.27 23.61
CA LYS A 521 -8.44 25.35 23.96
C LYS A 521 -7.66 26.64 24.24
N ALA A 522 -6.54 26.51 24.94
CA ALA A 522 -5.72 27.68 25.27
C ALA A 522 -5.24 28.40 24.00
N LEU A 523 -4.79 27.62 23.00
CA LEU A 523 -4.17 28.17 21.80
C LEU A 523 -5.21 28.67 20.80
N MET A 524 -6.42 28.08 20.80
CA MET A 524 -7.38 28.27 19.72
C MET A 524 -8.60 29.10 20.14
N GLY A 525 -8.86 29.19 21.45
CA GLY A 525 -10.05 29.86 21.96
C GLY A 525 -10.99 28.89 22.67
N ASP A 526 -11.78 29.41 23.61
CA ASP A 526 -12.55 28.59 24.54
C ASP A 526 -13.76 27.94 23.86
N TYR A 527 -14.18 28.46 22.70
CA TYR A 527 -15.31 27.88 21.98
C TYR A 527 -14.82 27.12 20.74
N PHE A 528 -13.51 26.89 20.61
CA PHE A 528 -13.00 26.19 19.44
C PHE A 528 -13.24 24.68 19.60
N PRO A 529 -13.79 23.98 18.59
CA PRO A 529 -14.07 22.54 18.70
C PRO A 529 -12.83 21.66 18.85
N VAL A 530 -12.84 20.80 19.88
CA VAL A 530 -11.82 19.78 20.08
C VAL A 530 -12.49 18.44 20.34
N THR A 531 -11.98 17.36 19.72
CA THR A 531 -12.43 15.99 20.01
C THR A 531 -11.35 15.21 20.75
N ALA A 532 -11.82 14.41 21.74
CA ALA A 532 -10.97 13.53 22.51
C ALA A 532 -10.53 12.28 21.76
N ASP A 533 -11.00 12.07 20.52
CA ASP A 533 -10.58 10.96 19.62
C ASP A 533 -11.17 9.64 20.13
N HIS A 534 -10.87 8.51 19.42
CA HIS A 534 -11.57 7.24 19.63
C HIS A 534 -10.60 6.06 19.71
N ASN A 535 -9.32 6.33 19.98
CA ASN A 535 -8.31 5.28 20.03
C ASN A 535 -8.63 4.28 21.13
N ASN A 536 -9.14 4.76 22.26
CA ASN A 536 -9.68 3.91 23.32
C ASN A 536 -11.08 4.45 23.68
N ILE A 537 -11.90 3.60 24.34
CA ILE A 537 -13.23 4.02 24.79
C ILE A 537 -13.10 4.78 26.11
N TRP A 538 -13.39 6.09 26.07
CA TRP A 538 -13.29 6.94 27.26
C TRP A 538 -14.35 8.05 27.24
N TYR A 539 -15.62 7.64 27.22
CA TYR A 539 -16.73 8.56 27.07
C TYR A 539 -16.74 9.62 28.19
N PRO A 540 -16.50 9.27 29.48
CA PRO A 540 -16.47 10.30 30.52
C PRO A 540 -15.40 11.39 30.36
N SER A 541 -14.23 11.00 29.82
CA SER A 541 -13.16 11.96 29.52
C SER A 541 -13.63 12.92 28.43
N ALA A 542 -14.34 12.39 27.43
CA ALA A 542 -14.76 13.21 26.30
C ALA A 542 -15.76 14.27 26.71
N VAL A 543 -16.75 13.87 27.55
CA VAL A 543 -17.82 14.76 27.94
C VAL A 543 -17.30 15.84 28.89
N GLY A 544 -16.59 15.41 29.93
CA GLY A 544 -16.23 16.31 31.03
C GLY A 544 -15.22 17.39 30.65
N THR A 545 -14.41 17.14 29.61
CA THR A 545 -13.41 18.10 29.14
C THR A 545 -14.04 19.16 28.24
N GLY A 546 -15.30 18.96 27.83
CA GLY A 546 -15.97 19.86 26.90
C GLY A 546 -15.61 19.57 25.45
N SER A 547 -15.27 18.28 25.19
CA SER A 547 -14.84 17.85 23.87
C SER A 547 -16.00 17.25 23.10
N VAL A 548 -15.82 17.13 21.78
CA VAL A 548 -16.76 16.45 20.90
C VAL A 548 -16.53 14.93 21.00
N LEU A 549 -17.58 14.16 21.32
CA LEU A 549 -17.47 12.72 21.48
C LEU A 549 -17.58 12.02 20.12
N ILE A 550 -16.54 11.24 19.77
CA ILE A 550 -16.51 10.48 18.52
C ILE A 550 -16.23 8.99 18.79
N GLU A 551 -16.54 8.18 17.79
CA GLU A 551 -16.47 6.72 17.88
C GLU A 551 -16.19 6.18 16.48
N LYS A 552 -15.64 4.97 16.41
CA LYS A 552 -15.32 4.31 15.15
C LYS A 552 -15.78 2.85 15.08
N ARG A 553 -16.22 2.27 16.21
CA ARG A 553 -16.40 0.82 16.28
C ARG A 553 -17.81 0.40 15.84
N ASP A 554 -17.93 -0.84 15.37
CA ASP A 554 -19.22 -1.48 15.13
C ASP A 554 -19.64 -2.24 16.38
N LEU A 555 -20.49 -1.68 17.23
CA LEU A 555 -20.69 -2.19 18.57
C LEU A 555 -21.94 -3.06 18.70
N SER A 556 -21.92 -3.98 19.65
CA SER A 556 -23.10 -4.73 20.02
C SER A 556 -23.12 -4.99 21.52
N GLY A 557 -24.23 -5.55 22.02
CA GLY A 557 -24.37 -5.94 23.42
C GLY A 557 -24.24 -4.74 24.36
N THR A 558 -23.55 -4.94 25.49
CA THR A 558 -23.50 -3.93 26.52
C THR A 558 -22.65 -2.74 26.03
N ALA A 559 -21.65 -2.97 25.18
CA ALA A 559 -20.83 -1.86 24.70
C ALA A 559 -21.65 -0.92 23.80
N LYS A 560 -22.60 -1.48 23.05
CA LYS A 560 -23.53 -0.68 22.27
C LYS A 560 -24.43 0.16 23.19
N GLU A 561 -24.96 -0.47 24.26
CA GLU A 561 -25.78 0.26 25.22
C GLU A 561 -24.99 1.42 25.84
N GLU A 562 -23.70 1.18 26.10
CA GLU A 562 -22.84 2.16 26.75
C GLU A 562 -22.64 3.36 25.82
N TYR A 563 -22.44 3.12 24.52
CA TYR A 563 -22.30 4.18 23.53
C TYR A 563 -23.60 4.98 23.42
N GLU A 564 -24.74 4.30 23.37
CA GLU A 564 -26.03 4.99 23.29
C GLU A 564 -26.25 5.89 24.51
N LYS A 565 -25.92 5.39 25.69
CA LYS A 565 -26.09 6.13 26.94
C LYS A 565 -25.31 7.43 26.85
N TRP A 566 -24.04 7.34 26.42
CA TRP A 566 -23.16 8.48 26.50
C TRP A 566 -23.39 9.46 25.34
N LEU A 567 -23.88 8.97 24.21
CA LEU A 567 -24.39 9.85 23.16
C LEU A 567 -25.53 10.70 23.74
N GLY A 568 -26.43 10.07 24.51
CA GLY A 568 -27.57 10.75 25.12
C GLY A 568 -27.15 11.85 26.08
N ILE A 569 -26.17 11.56 26.95
CA ILE A 569 -25.64 12.53 27.88
C ILE A 569 -24.99 13.69 27.11
N ALA A 570 -24.12 13.37 26.14
CA ALA A 570 -23.40 14.39 25.38
C ALA A 570 -24.37 15.29 24.62
N ASP A 571 -25.44 14.71 24.10
CA ASP A 571 -26.45 15.44 23.34
C ASP A 571 -27.37 16.24 24.27
N THR A 572 -27.39 15.93 25.58
CA THR A 572 -28.21 16.65 26.54
C THR A 572 -27.45 17.88 27.05
N VAL A 573 -26.22 17.69 27.56
CA VAL A 573 -25.50 18.80 28.18
C VAL A 573 -24.73 19.63 27.13
N GLN A 574 -24.26 19.01 26.05
CA GLN A 574 -23.68 19.73 24.91
C GLN A 574 -22.53 20.64 25.35
N LEU A 575 -21.63 20.09 26.16
CA LEU A 575 -20.52 20.87 26.69
C LEU A 575 -19.50 21.17 25.58
N GLN A 576 -19.56 20.44 24.46
CA GLN A 576 -18.70 20.74 23.33
C GLN A 576 -18.98 22.12 22.75
N LYS A 577 -20.18 22.66 22.98
CA LYS A 577 -20.55 24.02 22.56
C LYS A 577 -20.40 25.05 23.68
N GLY A 578 -20.03 24.62 24.88
CA GLY A 578 -19.91 25.53 26.01
C GLY A 578 -18.56 26.23 26.04
N ARG A 579 -18.46 27.24 26.93
CA ARG A 579 -17.24 28.00 27.14
C ARG A 579 -16.34 27.23 28.09
N PHE A 580 -15.23 26.70 27.55
CA PHE A 580 -14.20 26.06 28.36
C PHE A 580 -13.56 27.12 29.26
N ILE A 581 -13.32 26.72 30.53
CA ILE A 581 -12.69 27.57 31.53
C ILE A 581 -11.47 26.85 32.10
N GLY A 582 -10.28 27.41 31.82
CA GLY A 582 -9.03 26.74 32.12
C GLY A 582 -8.21 27.43 33.21
N ASP A 583 -8.71 28.53 33.79
CA ASP A 583 -7.91 29.38 34.66
C ASP A 583 -8.27 29.19 36.14
N LEU A 584 -9.09 28.20 36.47
CA LEU A 584 -9.56 28.03 37.85
C LEU A 584 -8.75 26.95 38.57
N TYR A 585 -8.30 25.92 37.84
CA TYR A 585 -7.57 24.81 38.43
C TYR A 585 -6.24 24.60 37.69
N SER A 586 -5.24 24.12 38.44
CA SER A 586 -3.88 23.93 37.96
C SER A 586 -3.55 22.44 37.92
N TYR A 587 -3.31 21.91 36.71
CA TYR A 587 -2.98 20.51 36.56
C TYR A 587 -1.70 20.17 37.32
N GLY A 588 -1.81 19.22 38.25
CA GLY A 588 -0.68 18.73 39.03
C GLY A 588 -0.52 19.41 40.39
N PHE A 589 -1.34 20.45 40.68
CA PHE A 589 -1.21 21.19 41.94
C PHE A 589 -2.53 21.25 42.70
N ASP A 590 -3.66 21.48 42.04
CA ASP A 590 -4.95 21.25 42.68
C ASP A 590 -5.12 19.76 42.94
N PRO A 591 -5.92 19.36 43.96
CA PRO A 591 -5.99 17.97 44.42
C PRO A 591 -6.37 16.94 43.37
N TYR A 592 -7.30 17.29 42.45
CA TYR A 592 -7.66 16.40 41.35
C TYR A 592 -7.33 17.06 40.02
N GLU A 593 -7.07 16.23 39.01
CA GLU A 593 -7.14 16.64 37.61
C GLU A 593 -8.58 17.11 37.35
N THR A 594 -8.76 18.40 37.03
CA THR A 594 -10.08 19.02 36.98
C THR A 594 -10.29 19.81 35.67
N TYR A 595 -11.53 19.78 35.15
CA TYR A 595 -11.94 20.55 33.96
C TYR A 595 -13.27 21.24 34.24
N VAL A 596 -13.51 22.39 33.59
CA VAL A 596 -14.66 23.24 33.83
C VAL A 596 -15.20 23.77 32.49
N VAL A 597 -16.53 23.75 32.33
CA VAL A 597 -17.20 24.33 31.18
C VAL A 597 -18.46 25.08 31.64
N ALA A 598 -18.68 26.28 31.09
CA ALA A 598 -19.92 27.01 31.32
C ALA A 598 -20.83 26.85 30.10
N ALA A 599 -22.06 26.35 30.32
CA ALA A 599 -23.02 26.13 29.24
C ALA A 599 -24.41 26.60 29.68
N ASP A 600 -25.03 27.50 28.87
CA ASP A 600 -26.33 28.12 29.14
C ASP A 600 -26.40 28.66 30.56
N GLY A 601 -25.33 29.34 31.00
CA GLY A 601 -25.32 30.00 32.29
C GLY A 601 -25.12 29.06 33.47
N VAL A 602 -24.76 27.78 33.25
CA VAL A 602 -24.56 26.83 34.33
C VAL A 602 -23.12 26.30 34.33
N MET A 603 -22.52 26.20 35.53
CA MET A 603 -21.16 25.70 35.69
C MET A 603 -21.12 24.18 35.80
N TYR A 604 -20.33 23.53 34.92
CA TYR A 604 -20.12 22.09 34.93
C TYR A 604 -18.66 21.79 35.29
N TYR A 605 -18.46 20.82 36.18
CA TYR A 605 -17.15 20.43 36.67
C TYR A 605 -16.95 18.93 36.40
N ALA A 606 -15.69 18.57 36.13
CA ALA A 606 -15.29 17.19 35.97
C ALA A 606 -13.99 16.90 36.74
N PHE A 607 -14.06 15.94 37.67
CA PHE A 607 -12.92 15.49 38.45
C PHE A 607 -12.56 14.04 38.08
N TYR A 608 -11.25 13.78 37.87
CA TYR A 608 -10.77 12.46 37.48
C TYR A 608 -9.69 11.95 38.44
N LYS A 609 -9.68 10.63 38.61
CA LYS A 609 -8.71 9.91 39.43
C LYS A 609 -8.03 8.80 38.62
N ASP A 610 -8.42 8.60 37.36
CA ASP A 610 -8.01 7.43 36.61
C ASP A 610 -6.80 7.73 35.74
N GLY A 611 -6.25 8.94 35.81
CA GLY A 611 -5.00 9.26 35.11
C GLY A 611 -3.78 8.98 35.97
N SER A 612 -3.01 7.94 35.61
CA SER A 612 -1.87 7.50 36.41
C SER A 612 -0.77 8.56 36.51
N LYS A 613 -0.74 9.58 35.62
CA LYS A 613 0.29 10.60 35.63
C LYS A 613 0.09 11.62 36.76
N TYR A 614 -1.16 11.80 37.21
CA TYR A 614 -1.47 12.64 38.37
C TYR A 614 -2.79 12.22 39.03
N SER A 615 -2.66 11.58 40.18
CA SER A 615 -3.79 10.99 40.89
C SER A 615 -3.52 10.98 42.39
N PRO A 616 -4.46 11.46 43.22
CA PRO A 616 -4.20 11.64 44.65
C PRO A 616 -4.17 10.34 45.42
N THR A 617 -3.33 10.34 46.47
CA THR A 617 -3.49 9.49 47.64
C THR A 617 -4.76 9.88 48.36
N GLY A 618 -5.57 8.86 48.66
CA GLY A 618 -6.73 9.02 49.52
C GLY A 618 -7.90 9.64 48.77
N TYR A 619 -8.68 10.44 49.51
CA TYR A 619 -9.98 10.91 49.07
C TYR A 619 -10.11 12.39 49.43
N PRO A 620 -9.35 13.29 48.78
CA PRO A 620 -9.43 14.72 49.10
C PRO A 620 -10.83 15.29 48.83
N ASP A 621 -11.15 16.35 49.58
CA ASP A 621 -12.38 17.10 49.44
C ASP A 621 -12.39 17.73 48.05
N ILE A 622 -13.61 17.90 47.52
CA ILE A 622 -13.83 18.59 46.26
C ILE A 622 -14.23 20.03 46.57
N GLU A 623 -13.55 20.97 45.90
CA GLU A 623 -13.82 22.39 45.99
C GLU A 623 -14.29 22.88 44.62
N LEU A 624 -15.46 23.53 44.59
CA LEU A 624 -16.01 24.14 43.39
C LEU A 624 -15.62 25.62 43.35
N LYS A 625 -14.86 26.03 42.33
CA LYS A 625 -14.38 27.40 42.20
C LYS A 625 -15.19 28.16 41.15
N GLY A 626 -15.20 29.50 41.32
CA GLY A 626 -15.77 30.40 40.33
C GLY A 626 -17.28 30.61 40.48
N LEU A 627 -17.88 30.21 41.61
CA LEU A 627 -19.30 30.44 41.85
C LEU A 627 -19.49 31.82 42.49
N ASP A 628 -20.73 32.32 42.47
CA ASP A 628 -21.08 33.57 43.15
C ASP A 628 -21.01 33.35 44.66
N PRO A 629 -20.23 34.18 45.41
CA PRO A 629 -20.10 34.02 46.86
C PRO A 629 -21.41 34.18 47.64
N ASN A 630 -22.36 34.96 47.10
CA ASN A 630 -23.60 35.26 47.81
C ASN A 630 -24.71 34.26 47.48
N LYS A 631 -24.49 33.28 46.58
CA LYS A 631 -25.56 32.40 46.15
C LYS A 631 -25.38 31.01 46.75
N MET A 632 -26.46 30.21 46.69
CA MET A 632 -26.47 28.85 47.19
C MET A 632 -26.74 27.90 46.02
N TYR A 633 -26.08 26.73 46.06
CA TYR A 633 -26.09 25.81 44.95
C TYR A 633 -26.37 24.38 45.41
N ARG A 634 -27.13 23.67 44.58
CA ARG A 634 -27.33 22.23 44.67
C ARG A 634 -26.44 21.54 43.64
N ILE A 635 -25.67 20.53 44.09
CA ILE A 635 -24.69 19.88 43.25
C ILE A 635 -25.22 18.54 42.75
N VAL A 636 -25.37 18.41 41.43
CA VAL A 636 -26.00 17.24 40.84
C VAL A 636 -24.99 16.50 39.97
N ASP A 637 -24.85 15.19 40.24
CA ASP A 637 -24.20 14.25 39.33
C ASP A 637 -25.16 13.99 38.16
N TYR A 638 -24.86 14.58 36.99
CA TYR A 638 -25.78 14.53 35.85
C TYR A 638 -25.67 13.20 35.09
N VAL A 639 -24.63 12.40 35.37
CA VAL A 639 -24.55 11.06 34.79
C VAL A 639 -25.55 10.13 35.45
N ASN A 640 -25.61 10.17 36.79
CA ASN A 640 -26.43 9.25 37.57
C ASN A 640 -27.75 9.88 38.03
N ASP A 641 -27.91 11.20 37.83
CA ASP A 641 -29.10 11.95 38.20
C ASP A 641 -29.32 11.87 39.72
N ARG A 642 -28.27 12.14 40.49
CA ARG A 642 -28.36 12.14 41.95
C ARG A 642 -27.65 13.37 42.48
N VAL A 643 -28.16 13.86 43.60
CA VAL A 643 -27.62 14.97 44.34
C VAL A 643 -26.45 14.49 45.20
N VAL A 644 -25.28 15.09 45.05
CA VAL A 644 -24.11 14.72 45.84
C VAL A 644 -23.88 15.72 46.98
N ALA A 645 -24.39 16.94 46.84
CA ALA A 645 -24.33 17.96 47.90
C ALA A 645 -25.54 18.91 47.75
N THR A 646 -26.35 19.04 48.83
CA THR A 646 -27.71 19.53 48.68
C THR A 646 -27.70 21.05 48.62
N ASN A 647 -26.84 21.68 49.44
CA ASN A 647 -26.77 23.15 49.50
C ASN A 647 -25.39 23.70 49.92
N LEU A 648 -24.66 24.27 48.98
CA LEU A 648 -23.33 24.84 49.18
C LEU A 648 -23.38 26.34 48.86
N MET A 649 -22.83 27.15 49.77
CA MET A 649 -22.55 28.55 49.50
C MET A 649 -21.37 28.69 48.53
N GLY A 650 -21.41 29.73 47.68
CA GLY A 650 -20.40 29.93 46.65
C GLY A 650 -19.00 30.18 47.21
N ASP A 651 -18.92 30.82 48.37
CA ASP A 651 -17.66 31.16 49.02
C ASP A 651 -17.08 29.98 49.79
N ASN A 652 -17.85 28.91 50.01
CA ASN A 652 -17.36 27.74 50.73
C ASN A 652 -17.99 26.49 50.12
N ALA A 653 -17.70 26.24 48.84
CA ALA A 653 -18.32 25.15 48.12
C ALA A 653 -17.47 23.89 48.17
N VAL A 654 -17.46 23.23 49.33
CA VAL A 654 -16.57 22.13 49.59
C VAL A 654 -17.40 20.95 50.09
N PHE A 655 -17.19 19.77 49.51
CA PHE A 655 -17.92 18.58 49.90
C PHE A 655 -17.05 17.34 49.67
N ASN A 656 -17.50 16.21 50.26
CA ASN A 656 -16.80 14.94 50.06
C ASN A 656 -17.80 13.91 49.57
N THR A 657 -17.41 13.19 48.51
CA THR A 657 -18.24 12.16 47.91
C THR A 657 -17.28 11.11 47.33
N ARG A 658 -17.71 9.85 47.29
CA ARG A 658 -16.84 8.75 46.90
C ARG A 658 -17.10 8.40 45.44
N PHE A 659 -16.02 8.19 44.68
CA PHE A 659 -16.12 7.87 43.26
C PHE A 659 -14.83 7.16 42.89
N SER A 660 -14.90 6.23 41.95
CA SER A 660 -13.71 5.42 41.67
C SER A 660 -12.87 6.05 40.56
N ASP A 661 -13.50 6.55 39.48
CA ASP A 661 -12.73 7.03 38.31
C ASP A 661 -12.99 8.49 37.96
N TYR A 662 -14.27 8.87 37.90
CA TYR A 662 -14.69 10.19 37.45
C TYR A 662 -15.92 10.65 38.25
N LEU A 663 -16.07 11.98 38.33
CA LEU A 663 -17.25 12.62 38.86
C LEU A 663 -17.59 13.84 38.00
N LEU A 664 -18.78 13.80 37.37
CA LEU A 664 -19.27 14.88 36.52
C LEU A 664 -20.47 15.52 37.19
N VAL A 665 -20.35 16.81 37.56
CA VAL A 665 -21.41 17.48 38.30
C VAL A 665 -21.71 18.86 37.68
N LYS A 666 -22.92 19.36 38.00
CA LYS A 666 -23.30 20.72 37.69
C LYS A 666 -23.78 21.42 38.96
N ALA A 667 -23.55 22.73 39.03
CA ALA A 667 -23.94 23.55 40.17
C ALA A 667 -25.23 24.30 39.84
N VAL A 668 -26.35 23.83 40.41
CA VAL A 668 -27.67 24.40 40.13
C VAL A 668 -27.99 25.45 41.21
N GLU A 669 -28.28 26.68 40.78
CA GLU A 669 -28.59 27.77 41.68
C GLU A 669 -29.94 27.50 42.34
N ILE A 670 -30.02 27.71 43.66
CA ILE A 670 -31.25 27.47 44.40
C ILE A 670 -31.67 28.77 45.06
N SER A 671 -32.93 29.15 44.82
CA SER A 671 -33.61 30.23 45.54
C SER A 671 -34.29 29.63 46.77
N TYR B 18 16.90 -13.54 -23.29
CA TYR B 18 16.35 -12.58 -22.28
C TYR B 18 17.28 -12.50 -21.06
N ALA B 19 17.78 -11.30 -20.74
CA ALA B 19 18.77 -11.13 -19.69
C ALA B 19 18.74 -9.71 -19.14
N ILE B 20 19.04 -9.58 -17.82
CA ILE B 20 19.28 -8.30 -17.19
C ILE B 20 20.58 -8.38 -16.39
N ALA B 21 21.15 -7.20 -16.09
CA ALA B 21 22.41 -7.08 -15.40
C ALA B 21 22.28 -6.07 -14.28
N GLY B 22 23.03 -6.32 -13.20
CA GLY B 22 23.31 -5.34 -12.17
C GLY B 22 24.79 -5.38 -11.80
N ASN B 23 25.20 -4.50 -10.89
CA ASN B 23 26.55 -4.53 -10.34
C ASN B 23 26.84 -5.93 -9.78
N GLY B 24 27.71 -6.67 -10.50
CA GLY B 24 28.25 -7.93 -10.03
C GLY B 24 27.35 -9.15 -10.29
N VAL B 25 26.27 -9.00 -11.08
CA VAL B 25 25.31 -10.08 -11.26
C VAL B 25 24.69 -10.04 -12.66
N ARG B 26 24.38 -11.23 -13.21
CA ARG B 26 23.59 -11.36 -14.43
C ARG B 26 22.49 -12.39 -14.22
N VAL B 27 21.32 -12.13 -14.81
CA VAL B 27 20.15 -13.00 -14.73
C VAL B 27 19.67 -13.34 -16.14
N THR B 28 19.53 -14.63 -16.46
CA THR B 28 19.02 -15.04 -17.77
C THR B 28 17.74 -15.86 -17.58
N TYR B 29 16.80 -15.69 -18.53
CA TYR B 29 15.56 -16.45 -18.61
C TYR B 29 15.51 -17.19 -19.95
N ASP B 30 15.24 -18.51 -19.87
CA ASP B 30 14.96 -19.33 -21.04
C ASP B 30 13.45 -19.56 -21.13
N ALA B 31 12.86 -19.14 -22.25
CA ALA B 31 11.42 -19.20 -22.46
C ALA B 31 10.95 -20.63 -22.76
N ASP B 32 11.79 -21.47 -23.37
CA ASP B 32 11.39 -22.83 -23.71
C ASP B 32 11.30 -23.66 -22.43
N GLY B 33 12.39 -23.66 -21.64
CA GLY B 33 12.44 -24.40 -20.39
C GLY B 33 11.69 -23.68 -19.26
N GLN B 34 11.51 -22.36 -19.36
CA GLN B 34 10.92 -21.55 -18.30
C GLN B 34 11.81 -21.61 -17.05
N THR B 35 13.11 -21.30 -17.22
CA THR B 35 14.08 -21.41 -16.14
C THR B 35 14.82 -20.08 -15.98
N ILE B 36 15.37 -19.87 -14.78
CA ILE B 36 16.22 -18.73 -14.48
C ILE B 36 17.62 -19.24 -14.13
N THR B 37 18.68 -18.61 -14.65
CA THR B 37 20.05 -18.90 -14.26
C THR B 37 20.69 -17.64 -13.68
N LEU B 38 21.40 -17.78 -12.55
CA LEU B 38 22.10 -16.69 -11.88
C LEU B 38 23.61 -16.82 -12.09
N TYR B 39 24.25 -15.67 -12.41
CA TYR B 39 25.70 -15.58 -12.61
C TYR B 39 26.25 -14.45 -11.73
N ARG B 40 27.55 -14.57 -11.40
CA ARG B 40 28.31 -13.58 -10.68
C ARG B 40 29.51 -13.17 -11.53
N THR B 41 29.92 -11.89 -11.45
CA THR B 41 31.11 -11.42 -12.16
C THR B 41 32.36 -11.86 -11.42
N GLU B 42 33.35 -12.37 -12.17
CA GLU B 42 34.67 -12.66 -11.62
C GLU B 42 35.71 -12.16 -12.61
N GLY B 43 36.61 -11.24 -12.20
CA GLY B 43 37.53 -10.60 -13.12
C GLY B 43 36.76 -10.00 -14.30
N SER B 44 37.19 -10.33 -15.53
CA SER B 44 36.45 -9.93 -16.74
C SER B 44 35.44 -11.01 -17.15
N GLY B 45 35.44 -12.15 -16.44
CA GLY B 45 34.53 -13.24 -16.76
C GLY B 45 33.27 -13.24 -15.88
N LEU B 46 32.43 -14.24 -16.15
CA LEU B 46 31.28 -14.62 -15.32
C LEU B 46 31.51 -16.01 -14.72
N ILE B 47 31.00 -16.24 -13.50
CA ILE B 47 30.90 -17.57 -12.90
C ILE B 47 29.42 -17.89 -12.68
N GLN B 48 28.98 -19.09 -13.09
CA GLN B 48 27.61 -19.54 -12.94
C GLN B 48 27.34 -20.00 -11.51
N MET B 49 26.49 -19.26 -10.78
CA MET B 49 26.15 -19.60 -9.40
C MET B 49 25.03 -20.64 -9.30
N SER B 50 24.05 -20.60 -10.21
CA SER B 50 22.89 -21.48 -10.08
C SER B 50 22.69 -22.34 -11.35
N LYS B 51 22.18 -23.55 -11.14
CA LYS B 51 21.68 -24.39 -12.22
C LYS B 51 20.41 -23.75 -12.75
N PRO B 52 19.98 -24.04 -14.01
CA PRO B 52 18.75 -23.43 -14.52
C PRO B 52 17.63 -23.84 -13.58
N SER B 53 16.86 -22.87 -13.09
CA SER B 53 15.93 -23.13 -11.99
C SER B 53 14.52 -22.72 -12.39
N PRO B 54 13.51 -23.56 -12.10
CA PRO B 54 12.13 -23.26 -12.46
C PRO B 54 11.53 -22.13 -11.61
N LEU B 55 10.56 -21.41 -12.21
CA LEU B 55 9.89 -20.31 -11.53
C LEU B 55 9.01 -20.88 -10.41
N GLY B 56 8.92 -20.15 -9.30
CA GLY B 56 8.07 -20.56 -8.19
C GLY B 56 6.58 -20.55 -8.56
N GLY B 57 5.83 -21.52 -8.01
CA GLY B 57 4.44 -21.73 -8.33
C GLY B 57 3.57 -21.94 -7.09
N PRO B 58 2.23 -21.80 -7.23
CA PRO B 58 1.30 -22.07 -6.13
C PRO B 58 1.15 -23.56 -5.83
N VAL B 59 0.87 -23.90 -4.56
CA VAL B 59 0.59 -25.28 -4.17
C VAL B 59 -0.92 -25.42 -3.95
N ILE B 60 -1.56 -26.34 -4.69
CA ILE B 60 -2.99 -26.65 -4.53
C ILE B 60 -3.17 -28.15 -4.35
N GLY B 61 -3.98 -28.56 -3.36
CA GLY B 61 -4.25 -29.96 -3.11
C GLY B 61 -2.97 -30.78 -2.90
N GLY B 62 -2.00 -30.18 -2.21
CA GLY B 62 -0.76 -30.84 -1.84
C GLY B 62 0.27 -30.90 -2.97
N GLN B 63 0.00 -30.23 -4.10
CA GLN B 63 0.84 -30.33 -5.29
C GLN B 63 1.11 -28.91 -5.80
N GLU B 64 2.37 -28.59 -6.11
CA GLU B 64 2.69 -27.38 -6.86
C GLU B 64 2.12 -27.54 -8.27
N VAL B 65 1.58 -26.46 -8.85
CA VAL B 65 1.02 -26.48 -10.19
C VAL B 65 2.12 -26.56 -11.25
N GLN B 66 2.04 -27.52 -12.20
CA GLN B 66 3.09 -27.74 -13.19
C GLN B 66 2.67 -27.39 -14.62
N ASP B 67 1.50 -26.79 -14.84
CA ASP B 67 0.98 -26.65 -16.19
C ASP B 67 1.21 -25.23 -16.74
N PHE B 68 1.99 -24.38 -16.07
CA PHE B 68 2.14 -22.98 -16.49
C PHE B 68 2.87 -22.95 -17.84
N SER B 69 2.45 -22.05 -18.75
CA SER B 69 3.08 -21.85 -20.05
C SER B 69 3.55 -20.40 -20.22
N HIS B 70 4.67 -20.20 -20.93
CA HIS B 70 5.23 -18.88 -21.16
C HIS B 70 4.31 -18.03 -22.02
N ILE B 71 4.01 -16.80 -21.58
CA ILE B 71 3.25 -15.85 -22.40
C ILE B 71 4.18 -14.78 -22.96
N SER B 72 4.95 -14.09 -22.09
CA SER B 72 5.83 -13.02 -22.52
C SER B 72 6.94 -12.76 -21.52
N CYS B 73 8.05 -12.19 -22.01
CA CYS B 73 9.12 -11.67 -21.16
C CYS B 73 9.46 -10.26 -21.61
N ASP B 74 9.40 -9.28 -20.71
CA ASP B 74 9.68 -7.88 -21.05
C ASP B 74 10.90 -7.41 -20.27
N VAL B 75 11.88 -6.87 -21.01
CA VAL B 75 13.16 -6.47 -20.46
C VAL B 75 13.32 -4.96 -20.63
N GLU B 76 13.56 -4.27 -19.50
CA GLU B 76 13.78 -2.83 -19.51
C GLU B 76 15.22 -2.57 -19.03
N GLN B 77 16.00 -1.84 -19.84
CA GLN B 77 17.43 -1.65 -19.61
C GLN B 77 17.69 -0.40 -18.76
N SER B 78 16.74 0.55 -18.74
CA SER B 78 16.90 1.82 -18.05
C SER B 78 15.63 2.15 -17.26
N THR B 79 15.61 1.75 -16.00
CA THR B 79 14.41 1.92 -15.21
C THR B 79 14.81 2.21 -13.76
N SER B 80 13.79 2.39 -12.91
CA SER B 80 13.99 2.73 -11.52
C SER B 80 13.06 1.86 -10.69
N GLY B 81 13.62 1.11 -9.74
CA GLY B 81 12.84 0.19 -8.93
C GLY B 81 12.99 0.45 -7.44
N VAL B 82 12.71 -0.58 -6.65
CA VAL B 82 12.81 -0.54 -5.20
C VAL B 82 14.20 -0.09 -4.75
N MET B 83 15.25 -0.53 -5.47
CA MET B 83 16.62 -0.23 -5.12
C MET B 83 17.18 0.98 -5.89
N GLY B 84 16.30 1.72 -6.57
CA GLY B 84 16.74 2.83 -7.42
C GLY B 84 17.03 2.39 -8.85
N SER B 85 17.98 3.06 -9.52
CA SER B 85 18.12 2.89 -10.94
C SER B 85 18.80 1.54 -11.25
N GLY B 86 18.34 0.88 -12.33
CA GLY B 86 18.83 -0.43 -12.73
C GLY B 86 18.00 -1.00 -13.86
N GLN B 87 17.69 -2.31 -13.78
CA GLN B 87 17.02 -3.03 -14.85
C GLN B 87 15.87 -3.85 -14.29
N ARG B 88 14.97 -4.29 -15.18
CA ARG B 88 13.78 -5.05 -14.81
C ARG B 88 13.44 -6.08 -15.90
N MET B 89 12.99 -7.26 -15.46
CA MET B 89 12.51 -8.32 -16.34
C MET B 89 11.16 -8.79 -15.77
N THR B 90 10.10 -8.73 -16.59
CA THR B 90 8.75 -9.08 -16.16
C THR B 90 8.29 -10.27 -17.01
N ILE B 91 7.99 -11.39 -16.34
CA ILE B 91 7.61 -12.63 -16.99
C ILE B 91 6.15 -12.95 -16.67
N THR B 92 5.34 -13.13 -17.73
CA THR B 92 3.95 -13.52 -17.62
C THR B 92 3.79 -15.00 -18.03
N SER B 93 3.07 -15.77 -17.21
CA SER B 93 2.81 -17.17 -17.48
C SER B 93 1.32 -17.49 -17.23
N GLN B 94 0.84 -18.58 -17.84
CA GLN B 94 -0.57 -18.98 -17.76
C GLN B 94 -0.74 -20.48 -17.52
N SER B 95 -1.68 -20.81 -16.62
CA SER B 95 -2.10 -22.17 -16.30
C SER B 95 -3.55 -22.38 -16.73
N MET B 96 -3.77 -23.32 -17.66
CA MET B 96 -5.10 -23.58 -18.22
C MET B 96 -5.98 -24.34 -17.22
N SER B 97 -5.39 -25.22 -16.40
CA SER B 97 -6.16 -26.02 -15.44
C SER B 97 -6.72 -25.15 -14.32
N THR B 98 -6.02 -24.07 -13.93
CA THR B 98 -6.41 -23.25 -12.78
C THR B 98 -7.10 -21.96 -13.24
N GLY B 99 -6.72 -21.44 -14.41
CA GLY B 99 -7.16 -20.13 -14.87
C GLY B 99 -6.26 -19.01 -14.35
N LEU B 100 -5.15 -19.35 -13.68
CA LEU B 100 -4.26 -18.37 -13.07
C LEU B 100 -3.32 -17.79 -14.14
N ILE B 101 -3.08 -16.48 -14.01
CA ILE B 101 -2.01 -15.78 -14.70
C ILE B 101 -1.01 -15.28 -13.67
N ARG B 102 0.27 -15.66 -13.85
CA ARG B 102 1.34 -15.29 -12.95
C ARG B 102 2.19 -14.17 -13.56
N THR B 103 2.45 -13.12 -12.76
CA THR B 103 3.41 -12.07 -13.12
C THR B 103 4.61 -12.14 -12.16
N TYR B 104 5.81 -12.40 -12.71
CA TYR B 104 7.03 -12.53 -11.94
C TYR B 104 8.01 -11.43 -12.34
N VAL B 105 8.36 -10.56 -11.40
CA VAL B 105 9.24 -9.41 -11.66
C VAL B 105 10.60 -9.62 -10.99
N LEU B 106 11.67 -9.38 -11.77
CA LEU B 106 13.03 -9.37 -11.25
C LEU B 106 13.64 -8.00 -11.52
N GLU B 107 14.28 -7.41 -10.50
CA GLU B 107 14.98 -6.14 -10.65
C GLU B 107 16.44 -6.27 -10.18
N THR B 108 17.33 -5.59 -10.91
CA THR B 108 18.72 -5.42 -10.53
C THR B 108 19.02 -3.94 -10.32
N SER B 109 20.18 -3.67 -9.72
CA SER B 109 20.60 -2.33 -9.34
C SER B 109 21.96 -2.02 -9.97
N ASP B 110 22.13 -0.80 -10.50
CA ASP B 110 23.43 -0.34 -11.00
C ASP B 110 24.43 -0.25 -9.85
N ILE B 111 23.96 0.06 -8.64
CA ILE B 111 24.80 0.33 -7.48
C ILE B 111 24.97 -0.93 -6.62
N GLU B 112 23.90 -1.67 -6.29
CA GLU B 112 24.00 -2.67 -5.22
C GLU B 112 24.55 -4.00 -5.74
N GLU B 113 25.62 -4.48 -5.10
CA GLU B 113 26.40 -5.60 -5.58
C GLU B 113 25.71 -6.93 -5.28
N GLY B 114 25.45 -7.73 -6.34
CA GLY B 114 25.03 -9.11 -6.20
C GLY B 114 23.51 -9.30 -6.03
N VAL B 115 22.75 -8.20 -5.97
CA VAL B 115 21.39 -8.24 -5.43
C VAL B 115 20.37 -8.31 -6.56
N VAL B 116 19.39 -9.21 -6.39
CA VAL B 116 18.24 -9.32 -7.28
C VAL B 116 16.97 -9.25 -6.42
N TYR B 117 16.05 -8.33 -6.76
CA TYR B 117 14.75 -8.22 -6.11
C TYR B 117 13.69 -8.93 -6.95
N THR B 118 12.82 -9.71 -6.30
CA THR B 118 11.77 -10.47 -6.96
C THR B 118 10.43 -10.19 -6.30
N ALA B 119 9.37 -10.03 -7.12
CA ALA B 119 8.00 -9.88 -6.62
C ALA B 119 7.03 -10.67 -7.52
N THR B 120 6.00 -11.29 -6.91
CA THR B 120 5.09 -12.15 -7.65
C THR B 120 3.65 -11.72 -7.36
N SER B 121 2.84 -11.68 -8.45
CA SER B 121 1.40 -11.55 -8.32
C SER B 121 0.68 -12.60 -9.17
N TYR B 122 -0.56 -12.90 -8.77
CA TYR B 122 -1.40 -13.87 -9.45
C TYR B 122 -2.75 -13.23 -9.74
N GLU B 123 -3.29 -13.50 -10.94
CA GLU B 123 -4.64 -13.09 -11.33
C GLU B 123 -5.49 -14.34 -11.60
N ALA B 124 -6.67 -14.43 -10.97
CA ALA B 124 -7.61 -15.52 -11.20
C ALA B 124 -8.53 -15.22 -12.37
N GLY B 125 -9.03 -16.27 -13.02
CA GLY B 125 -10.00 -16.17 -14.10
C GLY B 125 -11.43 -16.30 -13.57
N ALA B 126 -12.20 -17.22 -14.17
CA ALA B 126 -13.64 -17.33 -13.96
C ALA B 126 -13.97 -17.87 -12.56
N SER B 127 -13.10 -18.73 -12.00
CA SER B 127 -13.38 -19.34 -10.72
C SER B 127 -12.30 -19.06 -9.68
N ASP B 128 -12.73 -19.15 -8.41
CA ASP B 128 -11.88 -18.96 -7.26
C ASP B 128 -10.81 -20.06 -7.25
N VAL B 129 -9.60 -19.69 -6.78
CA VAL B 129 -8.51 -20.64 -6.62
C VAL B 129 -8.07 -20.62 -5.15
N GLU B 130 -8.02 -21.83 -4.55
CA GLU B 130 -7.60 -22.00 -3.17
C GLU B 130 -6.15 -22.51 -3.11
N VAL B 131 -5.26 -21.68 -2.55
CA VAL B 131 -3.84 -21.97 -2.50
C VAL B 131 -3.44 -22.17 -1.03
N SER B 132 -2.80 -23.31 -0.75
CA SER B 132 -2.32 -23.61 0.59
C SER B 132 -1.00 -22.88 0.88
N TRP B 133 -0.15 -22.71 -0.15
CA TRP B 133 1.18 -22.13 0.04
C TRP B 133 1.69 -21.61 -1.32
N PHE B 134 2.51 -20.56 -1.28
CA PHE B 134 3.13 -20.03 -2.47
C PHE B 134 4.65 -20.17 -2.35
N ILE B 135 5.26 -20.80 -3.36
CA ILE B 135 6.72 -20.87 -3.48
C ILE B 135 7.18 -19.71 -4.35
N GLY B 136 8.04 -18.84 -3.79
CA GLY B 136 8.44 -17.62 -4.48
C GLY B 136 9.56 -17.85 -5.49
N SER B 137 10.70 -18.34 -5.01
CA SER B 137 11.90 -18.56 -5.81
C SER B 137 12.66 -19.74 -5.23
N VAL B 138 13.32 -20.52 -6.12
CA VAL B 138 14.20 -21.62 -5.75
C VAL B 138 15.49 -21.52 -6.56
N TYR B 139 16.64 -21.67 -5.89
CA TYR B 139 17.94 -21.71 -6.55
C TYR B 139 18.74 -22.92 -6.05
N GLU B 140 19.09 -23.80 -6.99
CA GLU B 140 19.97 -24.93 -6.77
C GLU B 140 21.37 -24.52 -7.25
N LEU B 141 22.34 -24.81 -6.38
CA LEU B 141 23.70 -24.36 -6.57
C LEU B 141 24.36 -25.17 -7.68
N TYR B 142 25.14 -24.44 -8.51
CA TYR B 142 25.93 -25.01 -9.60
C TYR B 142 27.38 -25.21 -9.12
N GLY B 143 27.95 -26.37 -9.46
CA GLY B 143 29.38 -26.63 -9.34
C GLY B 143 29.81 -27.15 -7.96
N ALA B 144 28.87 -27.68 -7.18
CA ALA B 144 29.21 -28.25 -5.89
C ALA B 144 30.04 -29.52 -6.05
N GLU B 145 30.89 -29.81 -5.06
CA GLU B 145 31.73 -31.01 -5.07
C GLU B 145 31.33 -31.91 -3.89
N ASP B 146 32.07 -31.84 -2.78
CA ASP B 146 31.91 -32.81 -1.70
C ASP B 146 31.12 -32.21 -0.53
N ARG B 147 31.04 -30.87 -0.41
CA ARG B 147 30.30 -30.29 0.71
C ARG B 147 29.74 -28.90 0.37
N ILE B 148 28.63 -28.54 1.03
CA ILE B 148 28.05 -27.20 0.98
C ILE B 148 27.83 -26.71 2.42
N TRP B 149 28.17 -25.45 2.70
CA TRP B 149 27.87 -24.84 4.00
C TRP B 149 26.64 -23.95 3.88
N SER B 150 25.88 -23.83 4.98
CA SER B 150 24.59 -23.14 4.96
C SER B 150 24.41 -22.28 6.22
N TYR B 151 23.83 -21.08 6.03
CA TYR B 151 23.33 -20.21 7.09
C TYR B 151 21.81 -20.41 7.16
N ASN B 152 21.30 -20.69 8.37
CA ASN B 152 19.90 -21.06 8.60
C ASN B 152 19.24 -20.16 9.65
N GLY B 153 18.40 -19.22 9.21
CA GLY B 153 17.90 -18.16 10.09
C GLY B 153 16.61 -18.48 10.84
N GLY B 154 16.10 -19.71 10.73
CA GLY B 154 14.81 -20.06 11.29
C GLY B 154 14.78 -19.96 12.82
N GLY B 155 13.57 -19.74 13.36
CA GLY B 155 13.33 -19.57 14.79
C GLY B 155 12.58 -20.75 15.42
N GLU B 156 12.49 -21.89 14.72
CA GLU B 156 11.66 -23.01 15.17
C GLU B 156 12.43 -23.89 16.15
N GLY B 157 13.67 -23.53 16.46
CA GLY B 157 14.52 -24.33 17.31
C GLY B 157 15.02 -25.58 16.58
N PRO B 158 15.57 -26.59 17.27
CA PRO B 158 15.73 -26.60 18.74
C PRO B 158 16.60 -25.48 19.32
N MET B 159 16.24 -25.03 20.52
CA MET B 159 17.02 -24.06 21.30
C MET B 159 18.40 -24.62 21.65
N HIS B 160 19.42 -23.76 21.52
CA HIS B 160 20.71 -23.93 22.16
C HIS B 160 21.65 -24.88 21.40
N TYR B 161 21.12 -26.05 21.02
CA TYR B 161 21.93 -27.17 20.54
C TYR B 161 21.68 -27.46 19.05
N TYR B 162 21.06 -26.52 18.32
CA TYR B 162 20.98 -26.64 16.87
C TYR B 162 21.80 -25.49 16.27
N ASP B 163 22.89 -25.82 15.55
CA ASP B 163 23.81 -24.82 15.03
C ASP B 163 23.11 -24.00 13.94
N THR B 164 23.38 -22.68 13.92
CA THR B 164 22.86 -21.79 12.89
C THR B 164 23.57 -22.05 11.56
N LEU B 165 24.87 -22.33 11.61
CA LEU B 165 25.63 -22.81 10.46
C LEU B 165 25.69 -24.34 10.43
N GLN B 166 25.32 -24.91 9.26
CA GLN B 166 25.14 -26.35 9.09
C GLN B 166 25.86 -26.79 7.81
N LYS B 167 26.68 -27.85 7.94
CA LYS B 167 27.33 -28.46 6.80
C LYS B 167 26.38 -29.46 6.14
N ILE B 168 26.32 -29.38 4.81
CA ILE B 168 25.60 -30.35 4.00
C ILE B 168 26.62 -31.27 3.35
N ASP B 169 26.70 -32.52 3.85
CA ASP B 169 27.62 -33.52 3.31
C ASP B 169 27.01 -34.18 2.07
N LEU B 170 27.72 -34.11 0.94
CA LEU B 170 27.23 -34.70 -0.31
C LEU B 170 27.84 -36.08 -0.57
N THR B 171 28.62 -36.64 0.38
CA THR B 171 29.30 -37.91 0.14
C THR B 171 28.68 -39.05 0.96
N ASP B 172 27.67 -38.72 1.78
CA ASP B 172 27.03 -39.67 2.67
C ASP B 172 25.73 -40.18 2.01
N SER B 173 24.97 -40.99 2.76
CA SER B 173 23.71 -41.52 2.23
C SER B 173 22.55 -40.53 2.42
N GLY B 174 22.59 -39.73 3.49
CA GLY B 174 21.40 -38.99 3.92
C GLY B 174 21.19 -37.67 3.16
N LYS B 175 20.07 -37.00 3.47
CA LYS B 175 19.68 -35.75 2.84
C LYS B 175 19.35 -34.72 3.93
N PHE B 176 20.14 -33.62 3.97
CA PHE B 176 19.86 -32.50 4.84
C PHE B 176 18.57 -31.76 4.43
N SER B 177 17.78 -31.39 5.46
CA SER B 177 16.54 -30.64 5.31
C SER B 177 16.30 -29.68 6.48
N ARG B 178 15.95 -28.40 6.21
CA ARG B 178 15.50 -27.48 7.24
C ARG B 178 14.50 -26.47 6.64
N GLU B 179 13.41 -26.20 7.37
CA GLU B 179 12.34 -25.33 6.87
C GLU B 179 12.69 -23.84 7.01
N ASN B 180 13.33 -23.48 8.15
CA ASN B 180 13.64 -22.10 8.52
C ASN B 180 12.39 -21.22 8.56
N LYS B 181 11.62 -21.35 9.64
CA LYS B 181 10.31 -20.73 9.78
C LYS B 181 10.41 -19.40 10.54
N GLN B 182 9.51 -18.48 10.19
CA GLN B 182 9.17 -17.29 10.98
C GLN B 182 7.64 -17.27 11.11
N ASP B 183 7.12 -17.34 12.35
CA ASP B 183 5.68 -17.46 12.57
C ASP B 183 5.36 -17.19 14.05
N ASP B 184 4.15 -17.60 14.48
CA ASP B 184 3.71 -17.40 15.85
C ASP B 184 4.49 -18.22 16.89
N THR B 185 5.32 -19.20 16.46
CA THR B 185 6.24 -19.84 17.39
C THR B 185 7.71 -19.66 16.97
N ALA B 186 8.01 -18.74 16.04
CA ALA B 186 9.39 -18.57 15.56
C ALA B 186 9.64 -17.11 15.16
N ALA B 187 10.59 -16.46 15.82
CA ALA B 187 10.90 -15.06 15.60
C ALA B 187 12.43 -14.84 15.58
N SER B 188 13.01 -15.07 14.40
CA SER B 188 14.44 -15.01 14.20
C SER B 188 14.73 -14.23 12.91
N ILE B 189 15.55 -14.76 11.98
CA ILE B 189 16.04 -13.98 10.85
C ILE B 189 15.56 -14.60 9.55
N PRO B 190 14.79 -13.85 8.73
CA PRO B 190 14.17 -14.41 7.53
C PRO B 190 15.12 -14.54 6.34
N VAL B 191 16.24 -15.27 6.56
CA VAL B 191 17.31 -15.36 5.59
C VAL B 191 17.93 -16.77 5.64
N SER B 192 18.35 -17.27 4.48
CA SER B 192 19.15 -18.47 4.36
C SER B 192 20.22 -18.26 3.29
N ASP B 193 21.39 -18.89 3.46
CA ASP B 193 22.46 -18.84 2.47
C ASP B 193 23.04 -20.24 2.27
N ILE B 194 23.41 -20.58 1.02
CA ILE B 194 24.18 -21.79 0.73
C ILE B 194 25.40 -21.43 -0.10
N TYR B 195 26.57 -22.05 0.21
CA TYR B 195 27.81 -21.63 -0.44
C TYR B 195 28.83 -22.76 -0.53
N ILE B 196 29.74 -22.58 -1.52
CA ILE B 196 30.88 -23.45 -1.80
C ILE B 196 32.12 -22.57 -1.97
N ALA B 197 33.25 -23.16 -2.37
CA ALA B 197 34.50 -22.42 -2.53
C ALA B 197 34.34 -21.23 -3.50
N ASP B 198 33.60 -21.46 -4.59
CA ASP B 198 33.41 -20.40 -5.58
C ASP B 198 32.35 -19.39 -5.12
N GLY B 199 31.61 -19.63 -4.04
CA GLY B 199 30.66 -18.64 -3.56
C GLY B 199 29.27 -19.24 -3.34
N GLY B 200 28.25 -18.38 -3.31
CA GLY B 200 26.94 -18.82 -2.87
C GLY B 200 25.79 -17.88 -3.26
N ILE B 201 24.59 -18.29 -2.79
CA ILE B 201 23.32 -17.64 -3.04
C ILE B 201 22.59 -17.47 -1.71
N THR B 202 22.27 -16.21 -1.38
CA THR B 202 21.44 -15.86 -0.24
C THR B 202 20.01 -15.55 -0.72
N VAL B 203 19.00 -15.99 0.05
CA VAL B 203 17.62 -15.59 -0.17
C VAL B 203 17.04 -15.09 1.16
N GLY B 204 16.37 -13.93 1.10
CA GLY B 204 15.78 -13.31 2.29
C GLY B 204 14.45 -12.61 1.96
N ASP B 205 13.60 -12.42 2.97
CA ASP B 205 12.30 -11.81 2.80
C ASP B 205 12.45 -10.30 2.64
N ALA B 206 11.88 -9.76 1.57
CA ALA B 206 11.94 -8.33 1.30
C ALA B 206 10.68 -7.66 1.86
N SER B 207 10.70 -7.40 3.16
CA SER B 207 9.59 -6.80 3.87
C SER B 207 10.12 -5.86 4.96
N ALA B 208 9.56 -4.66 5.01
CA ALA B 208 9.89 -3.68 6.04
C ALA B 208 9.36 -4.10 7.40
N THR B 209 8.35 -5.00 7.42
CA THR B 209 7.74 -5.47 8.66
C THR B 209 7.72 -6.99 8.68
N ARG B 210 7.62 -7.53 9.90
CA ARG B 210 7.60 -8.97 10.15
C ARG B 210 6.34 -9.60 9.57
N ARG B 211 6.52 -10.74 8.90
CA ARG B 211 5.41 -11.54 8.38
C ARG B 211 5.79 -13.02 8.38
N GLU B 212 4.79 -13.89 8.16
CA GLU B 212 5.01 -15.32 8.11
C GLU B 212 5.75 -15.69 6.81
N VAL B 213 6.87 -16.42 6.93
CA VAL B 213 7.67 -16.81 5.79
C VAL B 213 8.59 -17.99 6.17
N HIS B 214 8.96 -18.80 5.15
CA HIS B 214 9.95 -19.88 5.30
C HIS B 214 11.09 -19.64 4.30
N THR B 215 12.34 -19.98 4.69
CA THR B 215 13.48 -19.97 3.78
C THR B 215 14.17 -21.33 3.79
N PRO B 216 13.53 -22.36 3.18
CA PRO B 216 14.04 -23.74 3.25
C PRO B 216 15.40 -23.97 2.57
N VAL B 217 16.20 -24.85 3.20
CA VAL B 217 17.45 -25.35 2.66
C VAL B 217 17.35 -26.86 2.56
N GLN B 218 17.51 -27.40 1.33
CA GLN B 218 17.29 -28.81 1.06
C GLN B 218 18.40 -29.36 0.16
N GLU B 219 18.98 -30.47 0.60
CA GLU B 219 19.98 -31.17 -0.20
C GLU B 219 19.30 -31.81 -1.41
N THR B 220 19.99 -31.80 -2.56
CA THR B 220 19.48 -32.41 -3.78
C THR B 220 20.35 -33.62 -4.09
N SER B 221 20.22 -34.15 -5.33
CA SER B 221 20.93 -35.35 -5.73
C SER B 221 22.45 -35.16 -5.74
N ASP B 222 22.95 -33.97 -6.14
CA ASP B 222 24.38 -33.71 -6.15
C ASP B 222 24.71 -32.32 -5.62
N SER B 223 23.73 -31.63 -5.00
CA SER B 223 23.94 -30.26 -4.56
C SER B 223 22.94 -29.91 -3.46
N ALA B 224 22.63 -28.61 -3.31
CA ALA B 224 21.56 -28.14 -2.45
C ALA B 224 20.83 -26.97 -3.08
N GLN B 225 19.59 -26.75 -2.60
CA GLN B 225 18.79 -25.62 -3.03
C GLN B 225 18.33 -24.79 -1.82
N VAL B 226 18.22 -23.47 -2.07
CA VAL B 226 17.68 -22.52 -1.11
C VAL B 226 16.46 -21.84 -1.74
N SER B 227 15.41 -21.60 -0.94
CA SER B 227 14.12 -21.14 -1.46
C SER B 227 13.44 -20.21 -0.46
N ILE B 228 12.33 -19.59 -0.89
CA ILE B 228 11.51 -18.77 -0.02
C ILE B 228 10.05 -19.03 -0.37
N GLY B 229 9.16 -18.93 0.63
CA GLY B 229 7.74 -19.15 0.42
C GLY B 229 6.89 -18.55 1.54
N TRP B 230 5.60 -18.37 1.25
CA TRP B 230 4.66 -17.66 2.11
C TRP B 230 3.32 -18.40 2.14
N PRO B 231 2.51 -18.17 3.21
CA PRO B 231 1.17 -18.77 3.33
C PRO B 231 0.23 -18.47 2.17
N GLY B 232 -0.66 -19.43 1.91
CA GLY B 232 -1.63 -19.30 0.83
C GLY B 232 -2.83 -18.46 1.25
N LYS B 233 -3.73 -18.21 0.29
CA LYS B 233 -5.04 -17.64 0.56
C LYS B 233 -5.98 -18.01 -0.57
N VAL B 234 -7.28 -17.79 -0.37
CA VAL B 234 -8.24 -17.95 -1.45
C VAL B 234 -8.11 -16.75 -2.39
N ILE B 235 -7.93 -17.00 -3.69
CA ILE B 235 -7.91 -15.94 -4.69
C ILE B 235 -9.27 -15.87 -5.37
N ALA B 236 -9.96 -14.73 -5.24
CA ALA B 236 -11.31 -14.60 -5.76
C ALA B 236 -11.28 -14.48 -7.29
N ALA B 237 -12.35 -14.92 -7.96
CA ALA B 237 -12.45 -14.85 -9.41
C ALA B 237 -12.26 -13.40 -9.90
N GLY B 238 -11.42 -13.24 -10.94
CA GLY B 238 -11.16 -11.93 -11.55
C GLY B 238 -10.37 -10.99 -10.64
N SER B 239 -9.61 -11.51 -9.67
CA SER B 239 -8.89 -10.68 -8.71
C SER B 239 -7.38 -10.77 -8.91
N VAL B 240 -6.66 -9.70 -8.54
CA VAL B 240 -5.21 -9.66 -8.58
C VAL B 240 -4.69 -9.48 -7.15
N ILE B 241 -3.76 -10.35 -6.70
CA ILE B 241 -3.15 -10.23 -5.38
C ILE B 241 -1.65 -10.43 -5.48
N GLU B 242 -0.92 -9.66 -4.67
CA GLU B 242 0.51 -9.81 -4.45
C GLU B 242 0.72 -10.84 -3.35
N ILE B 243 1.63 -11.81 -3.55
CA ILE B 243 1.76 -12.95 -2.65
C ILE B 243 3.04 -12.89 -1.84
N GLY B 244 4.06 -12.15 -2.33
CA GLY B 244 5.33 -12.08 -1.63
C GLY B 244 6.48 -11.51 -2.48
N GLU B 245 7.51 -10.98 -1.79
CA GLU B 245 8.67 -10.35 -2.39
C GLU B 245 9.95 -10.78 -1.67
N SER B 246 11.06 -10.89 -2.42
CA SER B 246 12.30 -11.46 -1.89
C SER B 246 13.53 -10.72 -2.42
N PHE B 247 14.63 -10.84 -1.67
CA PHE B 247 15.95 -10.41 -2.12
C PHE B 247 16.84 -11.65 -2.23
N ALA B 248 17.53 -11.78 -3.36
CA ALA B 248 18.55 -12.81 -3.54
C ALA B 248 19.92 -12.15 -3.76
N VAL B 249 20.98 -12.78 -3.24
CA VAL B 249 22.32 -12.23 -3.34
C VAL B 249 23.25 -13.33 -3.85
N VAL B 250 23.84 -13.13 -5.05
CA VAL B 250 24.95 -13.94 -5.49
C VAL B 250 26.24 -13.29 -4.94
N HIS B 251 27.18 -14.13 -4.47
CA HIS B 251 28.36 -13.61 -3.82
C HIS B 251 29.52 -14.58 -3.94
N PRO B 252 30.78 -14.05 -3.92
CA PRO B 252 31.96 -14.87 -3.68
C PRO B 252 31.98 -15.16 -2.19
N GLY B 253 32.84 -16.09 -1.77
CA GLY B 253 33.10 -16.33 -0.36
C GLY B 253 31.89 -16.90 0.38
N ASP B 254 31.91 -16.70 1.71
CA ASP B 254 31.01 -17.36 2.63
C ASP B 254 29.77 -16.51 2.94
N TYR B 255 28.98 -16.97 3.90
CA TYR B 255 27.73 -16.37 4.33
C TYR B 255 27.82 -14.89 4.68
N TYR B 256 28.99 -14.43 5.15
CA TYR B 256 29.17 -13.02 5.48
C TYR B 256 28.82 -12.13 4.29
N ASN B 257 29.35 -12.48 3.09
CA ASN B 257 29.13 -11.66 1.90
C ASN B 257 27.66 -11.62 1.51
N GLY B 258 26.97 -12.76 1.63
CA GLY B 258 25.56 -12.83 1.30
C GLY B 258 24.71 -11.99 2.25
N LEU B 259 24.95 -12.13 3.56
CA LEU B 259 24.19 -11.40 4.57
C LEU B 259 24.44 -9.89 4.45
N ARG B 260 25.68 -9.50 4.10
CA ARG B 260 25.99 -8.09 3.91
C ARG B 260 25.18 -7.54 2.73
N GLY B 261 25.07 -8.33 1.65
CA GLY B 261 24.22 -7.95 0.53
C GLY B 261 22.76 -7.72 0.96
N TYR B 262 22.23 -8.61 1.81
CA TYR B 262 20.88 -8.48 2.32
C TYR B 262 20.73 -7.20 3.11
N LYS B 263 21.73 -6.90 3.96
CA LYS B 263 21.72 -5.67 4.75
C LYS B 263 21.59 -4.45 3.84
N ASN B 264 22.45 -4.41 2.81
CA ASN B 264 22.46 -3.29 1.90
C ASN B 264 21.11 -3.20 1.16
N ALA B 265 20.50 -4.33 0.82
CA ALA B 265 19.22 -4.34 0.12
C ALA B 265 18.13 -3.77 1.01
N MET B 266 18.13 -4.21 2.28
CA MET B 266 17.06 -3.88 3.21
C MET B 266 17.09 -2.39 3.57
N ASP B 267 18.24 -1.72 3.47
CA ASP B 267 18.27 -0.27 3.58
C ASP B 267 17.20 0.38 2.70
N HIS B 268 16.99 -0.16 1.50
CA HIS B 268 16.08 0.48 0.55
C HIS B 268 14.62 0.36 1.00
N LEU B 269 14.31 -0.57 1.91
CA LEU B 269 12.96 -0.72 2.44
C LEU B 269 12.82 0.00 3.79
N GLY B 270 13.87 0.72 4.23
CA GLY B 270 13.79 1.50 5.46
C GLY B 270 14.16 0.70 6.72
N VAL B 271 14.70 -0.52 6.55
CA VAL B 271 15.22 -1.26 7.69
C VAL B 271 16.71 -0.96 7.76
N ILE B 272 17.06 0.04 8.59
CA ILE B 272 18.37 0.64 8.59
C ILE B 272 19.03 0.42 9.94
N MET B 273 20.19 -0.22 9.95
CA MET B 273 20.85 -0.53 11.20
C MET B 273 21.66 0.68 11.65
N PRO B 274 21.97 0.80 12.97
CA PRO B 274 22.61 2.00 13.49
C PRO B 274 23.98 2.27 12.87
N ALA B 275 24.21 3.53 12.49
CA ALA B 275 25.48 3.97 11.92
C ALA B 275 26.54 4.04 13.03
N PRO B 276 27.83 3.77 12.72
CA PRO B 276 28.91 3.84 13.70
C PRO B 276 28.94 5.11 14.55
N GLY B 277 28.77 6.27 13.91
CA GLY B 277 28.84 7.55 14.59
C GLY B 277 27.80 7.71 15.70
N ASP B 278 26.71 6.95 15.68
CA ASP B 278 25.63 7.08 16.64
C ASP B 278 25.70 6.01 17.74
N ILE B 279 26.64 5.06 17.67
CA ILE B 279 26.70 4.04 18.69
C ILE B 279 27.46 4.58 19.91
N PRO B 280 26.91 4.51 21.14
CA PRO B 280 27.59 5.06 22.32
C PRO B 280 28.87 4.32 22.68
N ASP B 281 29.83 5.05 23.27
CA ASP B 281 31.11 4.52 23.70
C ASP B 281 30.91 3.36 24.68
N SER B 282 29.95 3.50 25.60
CA SER B 282 29.74 2.54 26.67
C SER B 282 29.22 1.20 26.13
N SER B 283 28.80 1.15 24.84
CA SER B 283 28.39 -0.10 24.22
C SER B 283 29.56 -0.89 23.63
N TYR B 284 30.80 -0.41 23.84
CA TYR B 284 32.00 -1.16 23.52
C TYR B 284 32.75 -1.62 24.77
N ASP B 285 32.17 -1.43 25.97
CA ASP B 285 32.90 -1.65 27.21
C ASP B 285 32.86 -3.11 27.71
N LEU B 286 33.96 -3.51 28.36
CA LEU B 286 34.12 -4.82 28.99
C LEU B 286 33.20 -4.89 30.21
N ARG B 287 32.47 -6.01 30.34
CA ARG B 287 31.34 -6.10 31.24
C ARG B 287 31.36 -7.38 32.08
N TRP B 288 30.93 -7.23 33.34
CA TRP B 288 30.74 -8.36 34.25
C TRP B 288 29.27 -8.36 34.71
N GLU B 289 28.68 -9.55 34.78
CA GLU B 289 27.27 -9.71 35.08
C GLU B 289 27.12 -10.59 36.33
N SER B 290 26.05 -10.35 37.10
CA SER B 290 25.84 -11.05 38.37
C SER B 290 25.36 -12.50 38.24
N TRP B 291 25.23 -13.06 37.01
CA TRP B 291 24.49 -14.31 36.77
C TRP B 291 25.25 -15.52 37.29
N GLY B 292 26.53 -15.29 37.61
CA GLY B 292 27.42 -16.29 38.16
C GLY B 292 26.88 -16.85 39.45
N TRP B 293 26.19 -16.01 40.23
CA TRP B 293 25.62 -16.41 41.52
C TRP B 293 24.20 -16.97 41.40
N GLY B 294 23.65 -17.00 40.18
CA GLY B 294 22.26 -17.36 39.99
C GLY B 294 21.32 -16.41 40.73
N PHE B 295 20.32 -16.96 41.43
CA PHE B 295 19.34 -16.15 42.12
C PHE B 295 19.82 -15.76 43.52
N ASN B 296 21.05 -16.14 43.90
CA ASN B 296 21.50 -15.95 45.27
C ASN B 296 22.46 -14.76 45.40
N TRP B 297 22.50 -13.87 44.40
CA TRP B 297 23.23 -12.61 44.54
C TRP B 297 22.62 -11.73 45.62
N THR B 298 23.43 -10.83 46.18
CA THR B 298 22.96 -9.77 47.07
C THR B 298 23.60 -8.47 46.61
N ILE B 299 23.04 -7.36 47.05
CA ILE B 299 23.61 -6.06 46.75
C ILE B 299 25.06 -5.99 47.25
N ASP B 300 25.31 -6.45 48.49
CA ASP B 300 26.63 -6.26 49.08
C ASP B 300 27.68 -7.19 48.45
N LEU B 301 27.26 -8.36 47.97
CA LEU B 301 28.16 -9.23 47.22
C LEU B 301 28.62 -8.54 45.94
N ILE B 302 27.72 -7.88 45.23
CA ILE B 302 28.09 -7.21 43.99
C ILE B 302 29.03 -6.04 44.29
N ILE B 303 28.70 -5.24 45.30
CA ILE B 303 29.51 -4.09 45.67
C ILE B 303 30.91 -4.54 46.04
N GLY B 304 31.02 -5.68 46.74
CA GLY B 304 32.30 -6.19 47.23
C GLY B 304 33.26 -6.52 46.10
N LYS B 305 32.75 -6.77 44.87
CA LYS B 305 33.59 -7.14 43.74
C LYS B 305 34.06 -5.92 42.95
N LEU B 306 33.54 -4.73 43.25
CA LEU B 306 33.71 -3.60 42.34
C LEU B 306 35.16 -3.10 42.30
N ASP B 307 35.85 -3.06 43.46
CA ASP B 307 37.24 -2.63 43.51
C ASP B 307 38.11 -3.47 42.58
N GLU B 308 38.03 -4.80 42.66
CA GLU B 308 38.92 -5.66 41.89
C GLU B 308 38.55 -5.61 40.41
N LEU B 309 37.25 -5.49 40.09
CA LEU B 309 36.81 -5.41 38.70
C LEU B 309 37.33 -4.12 38.05
N GLN B 310 37.28 -3.02 38.80
CA GLN B 310 37.77 -1.75 38.32
C GLN B 310 39.26 -1.84 37.96
N ALA B 311 40.07 -2.38 38.89
CA ALA B 311 41.52 -2.46 38.71
C ALA B 311 41.86 -3.33 37.51
N ALA B 312 41.04 -4.35 37.21
CA ALA B 312 41.37 -5.28 36.14
C ALA B 312 40.91 -4.76 34.77
N GLY B 313 40.04 -3.73 34.73
CA GLY B 313 39.68 -3.06 33.50
C GLY B 313 38.19 -3.11 33.12
N VAL B 314 37.35 -3.69 33.98
CA VAL B 314 35.92 -3.77 33.71
C VAL B 314 35.29 -2.39 33.88
N LYS B 315 34.34 -2.05 32.98
CA LYS B 315 33.72 -0.74 32.94
C LYS B 315 32.19 -0.78 32.92
N GLN B 316 31.59 -1.98 33.08
CA GLN B 316 30.14 -2.12 33.00
C GLN B 316 29.68 -3.33 33.83
N ILE B 317 28.51 -3.19 34.49
CA ILE B 317 27.97 -4.17 35.42
C ILE B 317 26.49 -4.41 35.10
N THR B 318 26.09 -5.69 34.97
CA THR B 318 24.68 -6.04 34.83
C THR B 318 24.15 -6.63 36.14
N LEU B 319 23.02 -6.09 36.64
CA LEU B 319 22.18 -6.78 37.59
C LEU B 319 21.28 -7.74 36.81
N ASP B 320 21.54 -9.04 36.96
CA ASP B 320 20.88 -10.05 36.13
C ASP B 320 19.58 -10.52 36.80
N ASP B 321 19.11 -11.70 36.39
CA ASP B 321 17.81 -12.23 36.76
C ASP B 321 17.72 -12.41 38.28
N GLY B 322 16.49 -12.27 38.81
CA GLY B 322 16.18 -12.52 40.20
C GLY B 322 15.96 -11.26 41.05
N TRP B 323 15.77 -10.08 40.43
CA TRP B 323 15.68 -8.84 41.19
C TRP B 323 14.24 -8.41 41.47
N TYR B 324 13.26 -9.03 40.79
CA TYR B 324 11.91 -8.48 40.68
C TYR B 324 10.88 -9.37 41.37
N THR B 325 9.68 -8.82 41.63
CA THR B 325 8.54 -9.56 42.15
C THR B 325 7.96 -10.47 41.08
N ASN B 326 7.48 -9.86 39.97
CA ASN B 326 6.87 -10.53 38.85
C ASN B 326 7.16 -9.75 37.57
N ALA B 327 7.22 -10.44 36.43
CA ALA B 327 7.20 -9.77 35.13
C ALA B 327 5.95 -8.90 34.99
N GLY B 328 6.01 -7.91 34.11
CA GLY B 328 4.91 -6.98 33.91
C GLY B 328 4.89 -5.86 34.94
N ASP B 329 4.81 -6.24 36.22
CA ASP B 329 4.92 -5.30 37.33
C ASP B 329 6.33 -4.71 37.38
N TRP B 330 7.35 -5.57 37.26
CA TRP B 330 8.75 -5.16 37.33
C TRP B 330 8.98 -4.25 38.54
N ALA B 331 8.54 -4.71 39.72
CA ALA B 331 8.82 -4.04 40.98
C ALA B 331 10.00 -4.73 41.69
N LEU B 332 10.69 -3.95 42.55
CA LEU B 332 11.79 -4.47 43.34
C LEU B 332 11.28 -5.58 44.26
N ASN B 333 12.04 -6.70 44.31
CA ASN B 333 11.78 -7.77 45.25
C ASN B 333 12.21 -7.33 46.64
N PRO B 334 11.29 -7.32 47.65
CA PRO B 334 11.63 -6.88 49.01
C PRO B 334 12.77 -7.65 49.69
N GLU B 335 12.92 -8.95 49.39
CA GLU B 335 14.02 -9.73 49.90
C GLU B 335 15.37 -9.25 49.38
N LYS B 336 15.44 -8.75 48.14
CA LYS B 336 16.69 -8.25 47.57
C LYS B 336 16.89 -6.76 47.86
N PHE B 337 15.77 -6.03 47.99
CA PHE B 337 15.80 -4.59 48.28
C PHE B 337 14.94 -4.30 49.52
N PRO B 338 15.40 -4.69 50.73
CA PRO B 338 14.61 -4.46 51.94
C PRO B 338 14.27 -2.99 52.23
N ASN B 339 15.09 -2.05 51.75
CA ASN B 339 14.84 -0.62 51.99
C ASN B 339 14.21 0.06 50.76
N GLY B 340 13.78 -0.73 49.77
CA GLY B 340 13.12 -0.19 48.59
C GLY B 340 14.10 0.51 47.65
N ALA B 341 13.64 1.62 47.09
CA ALA B 341 14.34 2.33 46.03
C ALA B 341 15.74 2.81 46.45
N SER B 342 15.92 3.14 47.74
CA SER B 342 17.20 3.60 48.23
C SER B 342 18.27 2.51 48.08
N ASP B 343 17.85 1.25 48.16
CA ASP B 343 18.76 0.11 47.99
C ASP B 343 19.19 0.00 46.52
N ALA B 344 18.27 0.20 45.59
CA ALA B 344 18.60 0.17 44.18
C ALA B 344 19.60 1.28 43.86
N LEU B 345 19.37 2.49 44.38
CA LEU B 345 20.24 3.64 44.18
C LEU B 345 21.64 3.43 44.76
N ARG B 346 21.69 2.80 45.94
CA ARG B 346 22.94 2.48 46.60
C ARG B 346 23.78 1.59 45.69
N LEU B 347 23.12 0.67 44.97
CA LEU B 347 23.81 -0.23 44.06
C LEU B 347 24.36 0.53 42.85
N THR B 348 23.50 1.31 42.17
CA THR B 348 23.91 1.98 40.95
C THR B 348 24.90 3.11 41.27
N ASP B 349 24.73 3.82 42.40
CA ASP B 349 25.68 4.82 42.82
C ASP B 349 27.07 4.22 42.95
N ALA B 350 27.17 3.07 43.62
CA ALA B 350 28.45 2.42 43.85
C ALA B 350 29.10 2.04 42.52
N ILE B 351 28.28 1.53 41.58
CA ILE B 351 28.76 1.18 40.26
C ILE B 351 29.33 2.42 39.58
N HIS B 352 28.57 3.54 39.60
CA HIS B 352 29.00 4.80 39.02
C HIS B 352 30.28 5.33 39.65
N GLU B 353 30.44 5.15 40.97
CA GLU B 353 31.60 5.64 41.71
C GLU B 353 32.88 4.90 41.29
N HIS B 354 32.75 3.71 40.70
CA HIS B 354 33.90 2.96 40.22
C HIS B 354 34.10 3.18 38.70
N GLY B 355 33.52 4.24 38.15
CA GLY B 355 33.69 4.60 36.74
C GLY B 355 32.94 3.70 35.75
N MET B 356 31.84 3.07 36.18
CA MET B 356 31.16 2.07 35.36
C MET B 356 29.72 2.46 35.05
N THR B 357 29.15 1.88 33.98
CA THR B 357 27.71 1.94 33.71
C THR B 357 27.01 0.69 34.27
N ALA B 358 25.71 0.83 34.59
CA ALA B 358 24.89 -0.20 35.22
C ALA B 358 23.70 -0.59 34.34
N LEU B 359 23.52 -1.92 34.11
CA LEU B 359 22.45 -2.46 33.27
C LEU B 359 21.48 -3.29 34.08
N LEU B 360 20.22 -3.40 33.61
CA LEU B 360 19.19 -4.18 34.29
C LEU B 360 18.54 -5.20 33.37
N TRP B 361 18.44 -6.44 33.87
CA TRP B 361 17.78 -7.56 33.19
C TRP B 361 16.27 -7.35 33.15
N TRP B 362 15.64 -7.68 32.01
CA TRP B 362 14.18 -7.77 31.92
C TRP B 362 13.75 -8.71 30.79
N ARG B 363 12.45 -9.05 30.81
CA ARG B 363 11.83 -9.84 29.76
C ARG B 363 10.73 -9.02 29.08
N PRO B 364 11.02 -8.33 27.98
CA PRO B 364 9.98 -7.59 27.26
C PRO B 364 8.91 -8.53 26.70
N CYS B 365 7.67 -8.03 26.63
CA CYS B 365 6.50 -8.72 26.10
C CYS B 365 5.80 -9.55 27.18
N ASP B 366 6.44 -9.78 28.34
CA ASP B 366 5.85 -10.63 29.38
C ASP B 366 5.16 -9.77 30.44
N GLY B 367 3.85 -9.94 30.58
CA GLY B 367 3.04 -9.20 31.53
C GLY B 367 2.77 -9.99 32.83
N GLY B 368 3.40 -11.18 32.95
CA GLY B 368 3.34 -12.00 34.15
C GLY B 368 2.10 -12.89 34.15
N ILE B 369 1.89 -13.64 35.25
CA ILE B 369 0.70 -14.47 35.42
C ILE B 369 0.00 -14.09 36.72
N ASP B 370 0.76 -14.06 37.82
CA ASP B 370 0.27 -13.64 39.13
C ASP B 370 0.52 -12.15 39.37
N SER B 371 0.85 -11.42 38.30
CA SER B 371 1.12 -10.01 38.38
C SER B 371 -0.14 -9.22 38.75
N ILE B 372 0.07 -8.06 39.37
CA ILE B 372 -0.97 -7.05 39.55
C ILE B 372 -1.49 -6.62 38.18
N LEU B 373 -0.58 -6.53 37.20
CA LEU B 373 -0.94 -6.14 35.84
C LEU B 373 -2.02 -7.05 35.26
N TYR B 374 -1.85 -8.37 35.39
CA TYR B 374 -2.82 -9.30 34.82
C TYR B 374 -4.13 -9.25 35.60
N GLN B 375 -4.06 -9.08 36.93
CA GLN B 375 -5.25 -9.01 37.79
C GLN B 375 -6.07 -7.77 37.45
N GLN B 376 -5.42 -6.61 37.30
CA GLN B 376 -6.12 -5.35 37.09
C GLN B 376 -6.47 -5.12 35.61
N HIS B 377 -5.65 -5.58 34.67
CA HIS B 377 -5.85 -5.22 33.27
C HIS B 377 -5.66 -6.42 32.34
N PRO B 378 -6.52 -7.46 32.39
CA PRO B 378 -6.41 -8.55 31.42
C PRO B 378 -6.63 -8.13 29.96
N GLU B 379 -7.26 -6.97 29.73
CA GLU B 379 -7.55 -6.45 28.40
C GLU B 379 -6.27 -6.05 27.65
N TYR B 380 -5.15 -5.88 28.37
CA TYR B 380 -3.88 -5.57 27.75
C TYR B 380 -3.21 -6.80 27.11
N PHE B 381 -3.70 -8.01 27.38
CA PHE B 381 -2.95 -9.22 27.07
C PHE B 381 -3.51 -9.86 25.80
N VAL B 382 -2.73 -10.77 25.21
CA VAL B 382 -3.16 -11.56 24.06
C VAL B 382 -4.16 -12.62 24.52
N MET B 383 -5.20 -12.85 23.70
CA MET B 383 -6.25 -13.82 23.95
C MET B 383 -6.23 -14.88 22.84
N ASP B 384 -6.27 -16.17 23.23
CA ASP B 384 -6.24 -17.29 22.29
C ASP B 384 -7.63 -17.53 21.71
N ALA B 385 -7.73 -18.48 20.78
CA ALA B 385 -8.97 -18.76 20.08
C ALA B 385 -10.10 -19.22 21.02
N ASP B 386 -9.74 -19.86 22.14
CA ASP B 386 -10.73 -20.30 23.10
C ASP B 386 -11.08 -19.22 24.13
N GLY B 387 -10.46 -18.04 24.05
CA GLY B 387 -10.82 -16.96 24.95
C GLY B 387 -9.96 -16.93 26.22
N ARG B 388 -8.87 -17.73 26.25
CA ARG B 388 -7.99 -17.78 27.41
C ARG B 388 -6.78 -16.88 27.17
N PRO B 389 -6.12 -16.37 28.25
CA PRO B 389 -4.87 -15.63 28.12
C PRO B 389 -3.80 -16.54 27.53
N ALA B 390 -3.00 -15.98 26.60
CA ALA B 390 -2.04 -16.77 25.83
C ALA B 390 -0.64 -16.60 26.41
N ARG B 391 0.04 -17.74 26.63
CA ARG B 391 1.40 -17.73 27.15
C ARG B 391 2.37 -17.37 26.01
N LEU B 392 3.46 -16.71 26.37
CA LEU B 392 4.59 -16.55 25.46
C LEU B 392 5.17 -17.92 25.07
N PRO B 393 5.40 -18.16 23.77
CA PRO B 393 5.95 -19.45 23.30
C PRO B 393 7.47 -19.61 23.33
N THR B 394 7.90 -20.85 23.60
CA THR B 394 9.26 -21.29 23.32
C THR B 394 9.39 -21.55 21.82
N PRO B 395 10.63 -21.57 21.28
CA PRO B 395 10.85 -21.84 19.85
C PRO B 395 10.26 -23.18 19.39
N GLY B 396 9.45 -23.14 18.34
CA GLY B 396 8.80 -24.34 17.81
C GLY B 396 7.46 -24.64 18.49
N GLY B 397 7.10 -23.87 19.52
CA GLY B 397 5.87 -24.11 20.25
C GLY B 397 6.17 -24.63 21.65
N GLY B 398 5.15 -24.70 22.50
CA GLY B 398 5.32 -25.07 23.90
C GLY B 398 5.56 -23.83 24.76
N THR B 399 5.69 -24.06 26.06
CA THR B 399 5.97 -22.97 26.99
C THR B 399 6.95 -23.48 28.04
N ASN B 400 7.29 -22.59 28.99
CA ASN B 400 8.19 -22.86 30.11
C ASN B 400 7.56 -22.22 31.36
N PRO B 401 7.76 -22.78 32.57
CA PRO B 401 7.20 -22.22 33.80
C PRO B 401 7.60 -20.78 34.12
N SER B 402 8.75 -20.31 33.63
CA SER B 402 9.17 -18.94 33.90
C SER B 402 8.54 -17.94 32.93
N LEU B 403 7.97 -18.40 31.81
CA LEU B 403 7.39 -17.49 30.82
C LEU B 403 5.94 -17.18 31.20
N GLY B 404 5.55 -15.90 31.25
CA GLY B 404 4.19 -15.52 31.58
C GLY B 404 3.26 -15.31 30.37
N TYR B 405 2.15 -14.60 30.61
CA TYR B 405 1.20 -14.27 29.56
C TYR B 405 1.74 -13.13 28.71
N ALA B 406 1.50 -13.22 27.40
CA ALA B 406 1.96 -12.26 26.41
C ALA B 406 1.13 -10.97 26.45
N LEU B 407 1.84 -9.84 26.41
CA LEU B 407 1.20 -8.55 26.21
C LEU B 407 0.90 -8.36 24.72
N CYS B 408 -0.29 -7.84 24.41
CA CYS B 408 -0.63 -7.55 23.03
C CYS B 408 0.02 -6.24 22.60
N PRO B 409 0.86 -6.26 21.53
CA PRO B 409 1.58 -5.07 21.09
C PRO B 409 0.70 -3.92 20.57
N MET B 410 -0.59 -4.19 20.32
CA MET B 410 -1.50 -3.14 19.88
C MET B 410 -2.35 -2.59 21.03
N ALA B 411 -2.19 -3.09 22.26
CA ALA B 411 -2.90 -2.49 23.38
C ALA B 411 -2.06 -1.35 23.93
N ASP B 412 -2.60 -0.12 23.94
CA ASP B 412 -1.85 1.04 24.40
C ASP B 412 -1.37 0.84 25.85
N GLY B 413 -2.21 0.25 26.73
CA GLY B 413 -1.87 -0.01 28.12
C GLY B 413 -0.68 -0.97 28.29
N ALA B 414 -0.55 -1.95 27.39
CA ALA B 414 0.56 -2.89 27.45
C ALA B 414 1.85 -2.15 27.16
N ILE B 415 1.84 -1.35 26.08
CA ILE B 415 3.01 -0.61 25.66
C ILE B 415 3.41 0.34 26.78
N ALA B 416 2.43 1.00 27.39
CA ALA B 416 2.69 1.98 28.46
C ALA B 416 3.34 1.30 29.68
N SER B 417 2.95 0.06 29.97
CA SER B 417 3.55 -0.67 31.08
C SER B 417 5.04 -0.86 30.84
N GLN B 418 5.44 -1.08 29.58
CA GLN B 418 6.86 -1.23 29.25
C GLN B 418 7.59 0.11 29.42
N VAL B 419 6.99 1.20 28.93
CA VAL B 419 7.57 2.53 29.01
C VAL B 419 7.76 2.96 30.46
N ASP B 420 6.75 2.69 31.31
CA ASP B 420 6.77 3.05 32.71
C ASP B 420 7.91 2.32 33.44
N PHE B 421 8.18 1.07 33.05
CA PHE B 421 9.29 0.31 33.62
C PHE B 421 10.60 0.99 33.26
N VAL B 422 10.77 1.35 32.00
CA VAL B 422 11.99 1.99 31.54
C VAL B 422 12.23 3.29 32.32
N ASN B 423 11.18 4.09 32.47
CA ASN B 423 11.32 5.39 33.11
C ASN B 423 11.67 5.26 34.60
N ARG B 424 11.07 4.25 35.26
CA ARG B 424 11.34 4.01 36.67
C ARG B 424 12.79 3.54 36.85
N ALA B 425 13.22 2.57 36.04
CA ALA B 425 14.53 1.95 36.22
C ALA B 425 15.65 2.97 35.95
N MET B 426 15.46 3.84 34.95
CA MET B 426 16.48 4.84 34.66
C MET B 426 16.40 6.02 35.62
N ASN B 427 15.19 6.61 35.81
CA ASN B 427 15.07 7.88 36.53
C ASN B 427 14.92 7.72 38.04
N ASP B 428 14.39 6.59 38.53
CA ASP B 428 14.26 6.38 39.97
C ASP B 428 15.41 5.53 40.53
N TRP B 429 15.93 4.56 39.75
CA TRP B 429 16.91 3.61 40.28
C TRP B 429 18.32 3.88 39.77
N GLY B 430 18.44 4.68 38.70
CA GLY B 430 19.73 5.17 38.22
C GLY B 430 20.43 4.21 37.26
N PHE B 431 19.69 3.28 36.63
CA PHE B 431 20.27 2.39 35.63
C PHE B 431 20.52 3.12 34.30
N ASP B 432 21.49 2.59 33.53
CA ASP B 432 21.99 3.21 32.31
C ASP B 432 21.67 2.37 31.08
N GLY B 433 20.91 1.29 31.21
CA GLY B 433 20.65 0.43 30.06
C GLY B 433 20.01 -0.89 30.46
N PHE B 434 19.76 -1.74 29.46
CA PHE B 434 18.91 -2.91 29.63
C PHE B 434 19.44 -4.12 28.89
N LYS B 435 19.30 -5.27 29.56
CA LYS B 435 19.54 -6.58 28.96
C LYS B 435 18.19 -7.30 28.90
N GLY B 436 17.54 -7.17 27.75
CA GLY B 436 16.35 -7.95 27.42
C GLY B 436 16.73 -9.40 27.11
N ASP B 437 15.86 -10.34 27.51
CA ASP B 437 16.25 -11.73 27.50
C ASP B 437 15.06 -12.68 27.67
N TYR B 438 15.27 -13.94 27.30
CA TYR B 438 14.39 -15.05 27.70
C TYR B 438 12.99 -14.87 27.11
N VAL B 439 12.93 -14.46 25.83
CA VAL B 439 11.67 -14.33 25.11
C VAL B 439 11.91 -14.65 23.64
N TRP B 440 10.86 -15.12 22.94
CA TRP B 440 10.97 -15.52 21.54
C TRP B 440 9.84 -14.88 20.71
N SER B 441 8.93 -15.66 20.13
CA SER B 441 7.89 -15.11 19.27
C SER B 441 6.69 -14.69 20.12
N MET B 442 5.60 -14.35 19.42
CA MET B 442 4.44 -13.67 19.98
C MET B 442 3.19 -14.38 19.44
N PRO B 443 2.27 -14.85 20.32
CA PRO B 443 1.11 -15.62 19.84
C PRO B 443 0.07 -14.73 19.14
N GLU B 444 -0.76 -15.39 18.34
CA GLU B 444 -1.88 -14.78 17.65
C GLU B 444 -2.95 -14.35 18.66
N CYS B 445 -3.58 -13.20 18.38
CA CYS B 445 -4.53 -12.57 19.29
C CYS B 445 -5.94 -12.60 18.69
N TYR B 446 -6.90 -13.10 19.48
CA TYR B 446 -8.30 -13.24 19.06
C TYR B 446 -9.24 -12.42 19.93
N ASN B 447 -8.70 -11.45 20.69
CA ASN B 447 -9.56 -10.63 21.53
C ASN B 447 -10.38 -9.69 20.65
N PRO B 448 -11.73 -9.81 20.59
CA PRO B 448 -12.53 -9.01 19.65
C PRO B 448 -12.48 -7.52 19.95
N ALA B 449 -12.23 -7.16 21.22
CA ALA B 449 -12.15 -5.77 21.65
C ALA B 449 -10.90 -5.08 21.10
N HIS B 450 -9.90 -5.84 20.62
CA HIS B 450 -8.71 -5.25 20.02
C HIS B 450 -8.94 -4.89 18.55
N ASN B 451 -9.99 -5.46 17.91
CA ASN B 451 -10.34 -5.13 16.52
C ASN B 451 -9.18 -5.41 15.57
N HIS B 452 -8.57 -6.60 15.67
CA HIS B 452 -7.42 -6.93 14.84
C HIS B 452 -7.85 -7.15 13.38
N ALA B 453 -7.00 -6.74 12.44
CA ALA B 453 -7.20 -7.01 11.01
C ALA B 453 -7.25 -8.51 10.75
N SER B 454 -6.36 -9.23 11.43
CA SER B 454 -6.29 -10.68 11.40
C SER B 454 -5.65 -11.15 12.71
N PRO B 455 -5.77 -12.44 13.10
CA PRO B 455 -5.09 -12.91 14.31
C PRO B 455 -3.57 -12.85 14.31
N GLU B 456 -2.94 -12.86 13.14
CA GLU B 456 -1.48 -12.78 13.01
C GLU B 456 -0.94 -11.38 13.30
N GLU B 457 -1.81 -10.38 13.42
CA GLU B 457 -1.37 -9.00 13.54
C GLU B 457 -0.53 -8.82 14.82
N SER B 458 -0.87 -9.49 15.90
CA SER B 458 -0.06 -9.44 17.12
C SER B 458 1.37 -9.91 16.85
N THR B 459 1.51 -11.07 16.22
CA THR B 459 2.82 -11.63 15.87
C THR B 459 3.60 -10.62 15.02
N GLU B 460 2.94 -10.02 14.03
CA GLU B 460 3.55 -9.13 13.06
C GLU B 460 4.08 -7.89 13.76
N LYS B 461 3.38 -7.43 14.82
CA LYS B 461 3.68 -6.17 15.46
C LYS B 461 4.51 -6.32 16.74
N GLN B 462 5.04 -7.52 16.99
CA GLN B 462 5.85 -7.75 18.18
C GLN B 462 6.92 -6.65 18.33
N SER B 463 7.57 -6.29 17.22
CA SER B 463 8.73 -5.41 17.29
C SER B 463 8.38 -3.98 17.72
N GLU B 464 7.09 -3.61 17.74
CA GLU B 464 6.67 -2.32 18.26
C GLU B 464 7.01 -2.17 19.75
N ILE B 465 7.00 -3.27 20.49
CA ILE B 465 7.40 -3.26 21.89
C ILE B 465 8.87 -2.84 22.00
N TYR B 466 9.71 -3.38 21.12
CA TYR B 466 11.14 -3.13 21.18
C TYR B 466 11.42 -1.67 20.76
N ARG B 467 10.71 -1.19 19.73
CA ARG B 467 10.91 0.15 19.21
C ARG B 467 10.49 1.20 20.25
N VAL B 468 9.27 1.08 20.77
CA VAL B 468 8.75 2.11 21.66
C VAL B 468 9.55 2.14 22.98
N SER B 469 9.97 0.97 23.47
CA SER B 469 10.80 0.89 24.66
C SER B 469 12.11 1.64 24.47
N TYR B 470 12.78 1.37 23.35
CA TYR B 470 14.07 1.97 23.06
C TYR B 470 13.91 3.49 22.95
N GLU B 471 12.83 3.95 22.32
CA GLU B 471 12.67 5.39 22.10
C GLU B 471 12.54 6.09 23.46
N ALA B 472 11.86 5.43 24.41
CA ALA B 472 11.73 5.96 25.76
C ALA B 472 13.08 5.98 26.50
N MET B 473 13.86 4.91 26.34
CA MET B 473 15.22 4.84 26.88
C MET B 473 16.07 6.02 26.39
N VAL B 474 16.04 6.27 25.07
CA VAL B 474 16.88 7.29 24.44
C VAL B 474 16.49 8.68 24.95
N ALA B 475 15.18 8.89 25.19
CA ALA B 475 14.73 10.18 25.69
C ALA B 475 15.31 10.50 27.07
N ASN B 476 15.53 9.47 27.91
CA ASN B 476 16.15 9.68 29.21
C ASN B 476 17.65 9.91 29.09
N ASP B 477 18.31 9.14 28.20
CA ASP B 477 19.76 9.21 28.01
C ASP B 477 20.10 8.74 26.61
N PRO B 478 20.64 9.62 25.75
CA PRO B 478 20.96 9.23 24.37
C PRO B 478 22.04 8.16 24.28
N ASN B 479 22.85 7.98 25.36
CA ASN B 479 23.91 6.99 25.37
C ASN B 479 23.48 5.68 26.05
N VAL B 480 22.17 5.49 26.26
CA VAL B 480 21.65 4.28 26.88
C VAL B 480 22.08 3.04 26.10
N PHE B 481 22.32 1.95 26.84
CA PHE B 481 22.68 0.66 26.27
C PHE B 481 21.42 -0.18 26.10
N ASN B 482 21.29 -0.91 24.98
CA ASN B 482 20.12 -1.76 24.77
C ASN B 482 20.53 -3.04 24.03
N LEU B 483 20.17 -4.19 24.61
CA LEU B 483 20.39 -5.51 24.04
C LEU B 483 19.17 -6.40 24.24
N LEU B 484 18.97 -7.35 23.29
CA LEU B 484 17.91 -8.36 23.39
C LEU B 484 18.47 -9.73 23.00
N CYS B 485 18.26 -10.75 23.85
CA CYS B 485 18.69 -12.12 23.57
C CYS B 485 17.45 -13.04 23.46
N ASN B 486 17.10 -13.41 22.22
CA ASN B 486 16.16 -14.49 21.95
C ASN B 486 16.97 -15.80 22.06
N CYS B 487 17.27 -16.14 23.32
CA CYS B 487 18.33 -17.08 23.68
C CYS B 487 18.27 -18.38 22.89
N GLY B 488 19.41 -18.83 22.34
CA GLY B 488 19.50 -20.14 21.73
C GLY B 488 19.00 -20.17 20.28
N THR B 489 18.65 -18.97 19.75
CA THR B 489 18.15 -18.80 18.41
C THR B 489 18.79 -17.56 17.80
N PRO B 490 18.74 -17.39 16.45
CA PRO B 490 19.14 -16.12 15.85
C PRO B 490 18.16 -15.05 16.32
N GLN B 491 18.66 -13.83 16.53
CA GLN B 491 17.86 -12.76 17.12
C GLN B 491 16.73 -12.33 16.20
N ASP B 492 15.61 -11.89 16.79
CA ASP B 492 14.50 -11.32 16.05
C ASP B 492 14.99 -10.17 15.17
N TYR B 493 14.94 -10.38 13.84
CA TYR B 493 15.53 -9.47 12.87
C TYR B 493 14.97 -8.05 13.04
N TYR B 494 13.67 -7.94 13.32
CA TYR B 494 13.01 -6.64 13.33
C TYR B 494 13.22 -5.92 14.66
N SER B 495 13.86 -6.60 15.64
CA SER B 495 14.36 -5.94 16.85
C SER B 495 15.68 -5.20 16.60
N LEU B 496 16.44 -5.61 15.58
CA LEU B 496 17.85 -5.23 15.44
C LEU B 496 18.05 -3.73 15.28
N PRO B 497 17.17 -2.98 14.57
CA PRO B 497 17.36 -1.54 14.45
C PRO B 497 17.42 -0.77 15.76
N TYR B 498 16.93 -1.36 16.86
CA TYR B 498 16.77 -0.66 18.12
C TYR B 498 17.81 -1.10 19.16
N MET B 499 18.89 -1.75 18.71
CA MET B 499 19.92 -2.29 19.59
C MET B 499 21.19 -1.43 19.55
N THR B 500 21.98 -1.46 20.65
CA THR B 500 23.34 -0.93 20.69
C THR B 500 24.39 -2.03 20.79
N GLN B 501 23.98 -3.27 21.12
CA GLN B 501 24.91 -4.40 21.19
C GLN B 501 24.15 -5.70 20.96
N ILE B 502 24.83 -6.70 20.37
CA ILE B 502 24.25 -8.03 20.18
C ILE B 502 25.09 -9.08 20.88
N ALA B 503 24.42 -10.05 21.53
CA ALA B 503 25.05 -11.25 22.05
C ALA B 503 24.81 -12.43 21.10
N THR B 504 25.78 -13.36 21.06
CA THR B 504 25.67 -14.53 20.19
C THR B 504 24.53 -15.45 20.66
N ALA B 505 24.11 -15.28 21.93
CA ALA B 505 22.80 -15.69 22.47
C ALA B 505 22.81 -17.12 23.02
N ASP B 506 23.45 -17.31 24.18
CA ASP B 506 23.61 -18.62 24.81
C ASP B 506 24.21 -19.61 23.83
N PRO B 507 25.36 -19.31 23.19
CA PRO B 507 26.07 -20.30 22.39
C PRO B 507 26.51 -21.46 23.29
N THR B 508 26.50 -22.68 22.73
CA THR B 508 26.84 -23.89 23.46
C THR B 508 28.18 -24.46 23.03
N SER B 509 28.93 -23.74 22.16
CA SER B 509 30.25 -24.18 21.71
C SER B 509 31.04 -22.97 21.20
N VAL B 510 32.36 -23.12 21.05
CA VAL B 510 33.19 -22.09 20.46
C VAL B 510 32.78 -21.88 19.01
N ASP B 511 32.36 -22.96 18.34
CA ASP B 511 31.90 -22.88 16.97
C ASP B 511 30.69 -21.95 16.87
N GLN B 512 29.73 -22.11 17.78
CA GLN B 512 28.52 -21.29 17.74
C GLN B 512 28.88 -19.81 17.97
N THR B 513 29.67 -19.48 19.01
CA THR B 513 29.86 -18.08 19.34
C THR B 513 30.66 -17.39 18.24
N ARG B 514 31.73 -18.00 17.75
CA ARG B 514 32.60 -17.34 16.77
C ARG B 514 31.89 -17.14 15.43
N ARG B 515 31.17 -18.15 14.93
CA ARG B 515 30.57 -18.03 13.61
C ARG B 515 29.42 -17.02 13.65
N ARG B 516 28.76 -16.90 14.80
CA ARG B 516 27.64 -15.96 14.93
C ARG B 516 28.14 -14.52 14.97
N VAL B 517 29.34 -14.30 15.53
CA VAL B 517 29.92 -12.96 15.50
C VAL B 517 30.00 -12.48 14.04
N LYS B 518 30.50 -13.35 13.16
CA LYS B 518 30.65 -13.00 11.74
C LYS B 518 29.29 -12.68 11.13
N ALA B 519 28.28 -13.49 11.44
CA ALA B 519 26.93 -13.31 10.89
C ALA B 519 26.32 -11.97 11.34
N TYR B 520 26.48 -11.64 12.63
CA TYR B 520 25.89 -10.40 13.14
C TYR B 520 26.62 -9.19 12.56
N LYS B 521 27.95 -9.26 12.44
CA LYS B 521 28.70 -8.17 11.85
C LYS B 521 28.23 -7.92 10.41
N ALA B 522 27.95 -9.00 9.67
CA ALA B 522 27.50 -8.88 8.30
C ALA B 522 26.18 -8.08 8.22
N LEU B 523 25.25 -8.39 9.14
CA LEU B 523 23.90 -7.83 9.11
C LEU B 523 23.86 -6.41 9.68
N MET B 524 24.76 -6.09 10.61
CA MET B 524 24.65 -4.89 11.42
C MET B 524 25.70 -3.83 11.09
N GLY B 525 26.81 -4.24 10.46
CA GLY B 525 27.90 -3.31 10.17
C GLY B 525 29.18 -3.75 10.90
N ASP B 526 30.32 -3.37 10.33
CA ASP B 526 31.61 -3.88 10.78
C ASP B 526 32.05 -3.27 12.11
N TYR B 527 31.45 -2.12 12.48
CA TYR B 527 31.78 -1.48 13.75
C TYR B 527 30.68 -1.70 14.79
N PHE B 528 29.71 -2.57 14.51
CA PHE B 528 28.60 -2.76 15.42
C PHE B 528 29.05 -3.69 16.55
N PRO B 529 28.80 -3.33 17.83
CA PRO B 529 29.24 -4.16 18.95
C PRO B 529 28.57 -5.53 19.03
N VAL B 530 29.40 -6.58 19.15
CA VAL B 530 28.95 -7.94 19.37
C VAL B 530 29.76 -8.54 20.52
N THR B 531 29.08 -9.28 21.43
CA THR B 531 29.77 -10.02 22.49
C THR B 531 29.65 -11.54 22.24
N ALA B 532 30.76 -12.24 22.53
CA ALA B 532 30.83 -13.69 22.43
C ALA B 532 30.10 -14.42 23.58
N ASP B 533 29.56 -13.68 24.56
CA ASP B 533 28.78 -14.24 25.67
C ASP B 533 29.71 -14.97 26.66
N HIS B 534 29.13 -15.55 27.74
CA HIS B 534 29.91 -16.07 28.87
C HIS B 534 29.45 -17.46 29.30
N ASN B 535 28.72 -18.17 28.43
CA ASN B 535 28.19 -19.49 28.75
C ASN B 535 29.32 -20.46 29.07
N ASN B 536 30.44 -20.36 28.32
CA ASN B 536 31.67 -21.07 28.65
C ASN B 536 32.82 -20.05 28.64
N ILE B 537 33.95 -20.40 29.27
CA ILE B 537 35.15 -19.58 29.28
C ILE B 537 35.89 -19.80 27.95
N TRP B 538 35.92 -18.78 27.10
CA TRP B 538 36.60 -18.84 25.80
C TRP B 538 37.20 -17.48 25.44
N TYR B 539 38.11 -16.99 26.28
CA TYR B 539 38.65 -15.65 26.12
C TYR B 539 39.35 -15.47 24.75
N PRO B 540 40.14 -16.43 24.23
CA PRO B 540 40.75 -16.28 22.91
C PRO B 540 39.74 -16.14 21.75
N SER B 541 38.61 -16.85 21.85
CA SER B 541 37.54 -16.71 20.86
C SER B 541 36.97 -15.30 20.90
N ALA B 542 36.81 -14.74 22.09
CA ALA B 542 36.19 -13.44 22.25
C ALA B 542 37.05 -12.34 21.64
N VAL B 543 38.37 -12.40 21.90
CA VAL B 543 39.28 -11.34 21.46
C VAL B 543 39.47 -11.42 19.95
N GLY B 544 39.78 -12.61 19.42
CA GLY B 544 40.20 -12.76 18.04
C GLY B 544 39.10 -12.51 17.02
N THR B 545 37.83 -12.65 17.42
CA THR B 545 36.69 -12.41 16.54
C THR B 545 36.35 -10.92 16.48
N GLY B 546 36.95 -10.11 17.34
CA GLY B 546 36.67 -8.69 17.41
C GLY B 546 35.44 -8.41 18.27
N SER B 547 35.15 -9.30 19.22
CA SER B 547 33.96 -9.22 20.04
C SER B 547 34.30 -8.56 21.38
N VAL B 548 33.25 -8.11 22.08
CA VAL B 548 33.36 -7.59 23.43
C VAL B 548 33.43 -8.76 24.41
N LEU B 549 34.48 -8.78 25.26
CA LEU B 549 34.70 -9.85 26.21
C LEU B 549 33.87 -9.63 27.48
N ILE B 550 32.99 -10.60 27.81
CA ILE B 550 32.18 -10.51 29.04
C ILE B 550 32.36 -11.77 29.90
N GLU B 551 31.93 -11.65 31.16
CA GLU B 551 32.13 -12.65 32.18
C GLU B 551 31.00 -12.53 33.22
N LYS B 552 30.72 -13.63 33.93
CA LYS B 552 29.67 -13.66 34.95
C LYS B 552 30.12 -14.32 36.25
N ARG B 553 31.30 -14.96 36.27
CA ARG B 553 31.65 -15.83 37.38
C ARG B 553 32.36 -15.08 38.51
N ASP B 554 32.25 -15.60 39.73
CA ASP B 554 33.04 -15.15 40.86
C ASP B 554 34.30 -16.00 40.95
N LEU B 555 35.43 -15.50 40.43
CA LEU B 555 36.59 -16.34 40.21
C LEU B 555 37.63 -16.16 41.32
N SER B 556 38.42 -17.21 41.52
CA SER B 556 39.58 -17.12 42.39
C SER B 556 40.73 -17.96 41.81
N GLY B 557 41.92 -17.85 42.46
CA GLY B 557 43.09 -18.63 42.09
C GLY B 557 43.50 -18.40 40.64
N THR B 558 43.88 -19.48 39.95
CA THR B 558 44.44 -19.36 38.61
C THR B 558 43.37 -18.91 37.62
N ALA B 559 42.09 -19.27 37.83
CA ALA B 559 41.05 -18.83 36.90
C ALA B 559 40.85 -17.31 36.96
N LYS B 560 41.02 -16.74 38.15
CA LYS B 560 40.99 -15.30 38.32
C LYS B 560 42.18 -14.64 37.58
N GLU B 561 43.38 -15.22 37.72
CA GLU B 561 44.55 -14.73 37.02
C GLU B 561 44.33 -14.78 35.51
N GLU B 562 43.67 -15.83 35.04
CA GLU B 562 43.43 -16.02 33.61
C GLU B 562 42.49 -14.94 33.07
N TYR B 563 41.45 -14.60 33.85
CA TYR B 563 40.51 -13.53 33.49
C TYR B 563 41.26 -12.17 33.46
N GLU B 564 42.09 -11.89 34.46
CA GLU B 564 42.85 -10.65 34.51
C GLU B 564 43.79 -10.52 33.30
N LYS B 565 44.45 -11.62 32.94
CA LYS B 565 45.36 -11.62 31.81
C LYS B 565 44.61 -11.22 30.54
N TRP B 566 43.44 -11.81 30.33
CA TRP B 566 42.73 -11.65 29.07
C TRP B 566 41.96 -10.31 29.02
N LEU B 567 41.58 -9.79 30.18
CA LEU B 567 41.09 -8.42 30.26
C LEU B 567 42.20 -7.48 29.78
N GLY B 568 43.44 -7.73 30.22
CA GLY B 568 44.59 -6.91 29.87
C GLY B 568 44.86 -6.91 28.36
N ILE B 569 44.81 -8.09 27.73
CA ILE B 569 45.00 -8.21 26.30
C ILE B 569 43.88 -7.47 25.57
N ALA B 570 42.62 -7.72 25.96
CA ALA B 570 41.47 -7.12 25.30
C ALA B 570 41.51 -5.61 25.40
N ASP B 571 41.95 -5.10 26.55
CA ASP B 571 42.02 -3.68 26.81
C ASP B 571 43.24 -3.06 26.10
N THR B 572 44.21 -3.87 25.66
CA THR B 572 45.38 -3.39 24.94
C THR B 572 45.07 -3.28 23.44
N VAL B 573 44.60 -4.36 22.81
CA VAL B 573 44.39 -4.35 21.36
C VAL B 573 43.03 -3.75 20.97
N GLN B 574 42.01 -3.91 21.82
CA GLN B 574 40.73 -3.23 21.66
C GLN B 574 40.11 -3.53 20.29
N LEU B 575 40.12 -4.83 19.91
CA LEU B 575 39.60 -5.23 18.62
C LEU B 575 38.08 -5.10 18.58
N GLN B 576 37.41 -5.01 19.74
CA GLN B 576 35.98 -4.80 19.77
C GLN B 576 35.59 -3.46 19.15
N LYS B 577 36.52 -2.50 19.10
CA LYS B 577 36.30 -1.20 18.47
C LYS B 577 36.86 -1.14 17.05
N GLY B 578 37.52 -2.20 16.59
CA GLY B 578 38.14 -2.20 15.27
C GLY B 578 37.14 -2.57 14.18
N ARG B 579 37.58 -2.40 12.92
CA ARG B 579 36.78 -2.72 11.75
C ARG B 579 36.92 -4.21 11.45
N PHE B 580 35.81 -4.94 11.67
CA PHE B 580 35.75 -6.35 11.33
C PHE B 580 35.83 -6.49 9.82
N ILE B 581 36.58 -7.50 9.36
CA ILE B 581 36.77 -7.76 7.94
C ILE B 581 36.42 -9.23 7.68
N GLY B 582 35.34 -9.44 6.92
CA GLY B 582 34.76 -10.76 6.76
C GLY B 582 34.89 -11.31 5.34
N ASP B 583 35.49 -10.56 4.41
CA ASP B 583 35.45 -10.90 2.99
C ASP B 583 36.77 -11.52 2.50
N LEU B 584 37.71 -11.84 3.41
CA LEU B 584 39.01 -12.33 3.00
C LEU B 584 39.11 -13.85 3.09
N TYR B 585 38.40 -14.43 4.06
CA TYR B 585 38.43 -15.86 4.32
C TYR B 585 37.01 -16.43 4.30
N SER B 586 36.91 -17.68 3.82
CA SER B 586 35.65 -18.39 3.69
C SER B 586 35.59 -19.54 4.70
N TYR B 587 34.65 -19.47 5.65
CA TYR B 587 34.47 -20.51 6.65
C TYR B 587 34.15 -21.84 5.99
N GLY B 588 35.03 -22.83 6.27
CA GLY B 588 34.84 -24.19 5.78
C GLY B 588 35.63 -24.50 4.50
N PHE B 589 36.27 -23.49 3.92
CA PHE B 589 37.00 -23.67 2.65
C PHE B 589 38.47 -23.21 2.77
N ASP B 590 38.73 -22.08 3.44
CA ASP B 590 40.09 -21.77 3.86
C ASP B 590 40.55 -22.79 4.89
N PRO B 591 41.88 -23.04 5.01
CA PRO B 591 42.40 -24.14 5.82
C PRO B 591 42.00 -24.12 7.31
N TYR B 592 41.94 -22.91 7.89
CA TYR B 592 41.52 -22.72 9.25
C TYR B 592 40.28 -21.83 9.27
N GLU B 593 39.44 -22.04 10.29
CA GLU B 593 38.46 -21.06 10.72
C GLU B 593 39.20 -19.77 11.09
N THR B 594 38.95 -18.68 10.35
CA THR B 594 39.77 -17.47 10.42
C THR B 594 38.91 -16.21 10.58
N TYR B 595 39.41 -15.24 11.38
CA TYR B 595 38.76 -13.94 11.58
C TYR B 595 39.83 -12.84 11.47
N VAL B 596 39.40 -11.64 11.05
CA VAL B 596 40.28 -10.52 10.77
C VAL B 596 39.64 -9.23 11.29
N VAL B 597 40.47 -8.38 11.91
CA VAL B 597 40.06 -7.06 12.37
C VAL B 597 41.16 -6.06 12.08
N ALA B 598 40.79 -4.88 11.54
CA ALA B 598 41.72 -3.79 11.38
C ALA B 598 41.51 -2.79 12.52
N ALA B 599 42.59 -2.48 13.26
CA ALA B 599 42.55 -1.51 14.33
C ALA B 599 43.76 -0.59 14.25
N ASP B 600 43.50 0.73 14.20
CA ASP B 600 44.52 1.79 14.12
C ASP B 600 45.53 1.50 13.01
N GLY B 601 45.03 1.09 11.85
CA GLY B 601 45.84 0.88 10.68
C GLY B 601 46.69 -0.41 10.72
N VAL B 602 46.41 -1.32 11.65
CA VAL B 602 47.13 -2.58 11.73
C VAL B 602 46.18 -3.76 11.55
N MET B 603 46.60 -4.77 10.78
CA MET B 603 45.81 -5.96 10.50
C MET B 603 46.06 -7.03 11.56
N TYR B 604 44.96 -7.52 12.19
CA TYR B 604 45.00 -8.57 13.19
C TYR B 604 44.27 -9.80 12.63
N TYR B 605 44.90 -10.98 12.80
CA TYR B 605 44.37 -12.23 12.32
C TYR B 605 44.21 -13.20 13.49
N ALA B 606 43.19 -14.06 13.41
CA ALA B 606 42.96 -15.11 14.39
C ALA B 606 42.61 -16.42 13.69
N PHE B 607 43.42 -17.46 13.96
CA PHE B 607 43.23 -18.79 13.42
C PHE B 607 42.89 -19.76 14.56
N TYR B 608 41.87 -20.62 14.35
CA TYR B 608 41.42 -21.59 15.35
C TYR B 608 41.41 -23.01 14.79
N LYS B 609 41.66 -23.97 15.69
CA LYS B 609 41.62 -25.40 15.40
C LYS B 609 40.72 -26.14 16.40
N ASP B 610 40.15 -25.43 17.38
CA ASP B 610 39.46 -26.08 18.49
C ASP B 610 37.96 -26.18 18.24
N GLY B 611 37.49 -25.74 17.07
CA GLY B 611 36.09 -25.94 16.66
C GLY B 611 35.91 -27.27 15.93
N SER B 612 35.24 -28.24 16.56
CA SER B 612 35.11 -29.58 16.01
C SER B 612 34.29 -29.61 14.73
N LYS B 613 33.48 -28.57 14.44
CA LYS B 613 32.63 -28.54 13.24
C LYS B 613 33.43 -28.25 11.98
N TYR B 614 34.58 -27.58 12.11
CA TYR B 614 35.52 -27.42 11.01
C TYR B 614 36.95 -27.24 11.53
N SER B 615 37.76 -28.28 11.35
CA SER B 615 39.09 -28.36 11.94
C SER B 615 39.98 -29.21 11.05
N PRO B 616 41.20 -28.74 10.73
CA PRO B 616 42.03 -29.43 9.75
C PRO B 616 42.62 -30.73 10.28
N THR B 617 42.63 -31.76 9.41
CA THR B 617 43.60 -32.83 9.52
C THR B 617 44.94 -32.26 9.09
N GLY B 618 45.96 -32.51 9.90
CA GLY B 618 47.28 -32.06 9.57
C GLY B 618 47.49 -30.62 10.04
N TYR B 619 48.48 -29.97 9.42
CA TYR B 619 49.11 -28.78 9.96
C TYR B 619 49.32 -27.77 8.84
N PRO B 620 48.23 -27.25 8.24
CA PRO B 620 48.34 -26.45 7.04
C PRO B 620 49.07 -25.13 7.25
N ASP B 621 49.67 -24.65 6.16
CA ASP B 621 50.29 -23.34 6.09
C ASP B 621 49.26 -22.26 6.38
N ILE B 622 49.74 -21.17 6.98
CA ILE B 622 48.98 -19.94 7.14
C ILE B 622 49.34 -18.98 6.00
N GLU B 623 48.28 -18.46 5.36
CA GLU B 623 48.35 -17.41 4.37
C GLU B 623 47.68 -16.15 4.92
N LEU B 624 48.40 -15.04 4.92
CA LEU B 624 47.86 -13.75 5.35
C LEU B 624 47.36 -12.97 4.14
N LYS B 625 46.06 -12.65 4.14
CA LYS B 625 45.42 -12.00 2.99
C LYS B 625 45.13 -10.55 3.32
N GLY B 626 45.11 -9.72 2.27
CA GLY B 626 44.69 -8.33 2.38
C GLY B 626 45.79 -7.38 2.86
N LEU B 627 47.05 -7.80 2.80
CA LEU B 627 48.18 -6.92 3.08
C LEU B 627 48.56 -6.15 1.82
N ASP B 628 49.29 -5.04 2.00
CA ASP B 628 49.81 -4.25 0.90
C ASP B 628 50.90 -5.06 0.18
N PRO B 629 50.80 -5.28 -1.15
CA PRO B 629 51.79 -6.08 -1.88
C PRO B 629 53.20 -5.49 -1.87
N ASN B 630 53.33 -4.16 -1.75
CA ASN B 630 54.62 -3.51 -1.78
C ASN B 630 55.28 -3.35 -0.41
N LYS B 631 54.63 -3.79 0.67
CA LYS B 631 55.19 -3.60 2.01
C LYS B 631 55.73 -4.93 2.54
N MET B 632 56.59 -4.84 3.57
CA MET B 632 57.19 -5.99 4.22
C MET B 632 56.76 -6.02 5.70
N TYR B 633 56.51 -7.22 6.24
CA TYR B 633 55.85 -7.36 7.52
C TYR B 633 56.54 -8.38 8.43
N ARG B 634 56.52 -8.06 9.74
CA ARG B 634 56.85 -8.97 10.82
C ARG B 634 55.56 -9.44 11.49
N ILE B 635 55.42 -10.76 11.68
CA ILE B 635 54.19 -11.34 12.20
C ILE B 635 54.39 -11.74 13.66
N VAL B 636 53.61 -11.09 14.54
CA VAL B 636 53.82 -11.16 15.97
C VAL B 636 52.59 -11.76 16.63
N ASP B 637 52.81 -12.85 17.37
CA ASP B 637 51.85 -13.37 18.33
C ASP B 637 51.75 -12.41 19.52
N TYR B 638 50.65 -11.64 19.60
CA TYR B 638 50.51 -10.59 20.60
C TYR B 638 50.08 -11.16 21.96
N VAL B 639 49.68 -12.43 22.03
CA VAL B 639 49.42 -13.06 23.32
C VAL B 639 50.76 -13.39 23.99
N ASN B 640 51.68 -14.00 23.24
CA ASN B 640 52.90 -14.58 23.80
C ASN B 640 54.14 -13.70 23.54
N ASP B 641 54.01 -12.65 22.72
CA ASP B 641 55.11 -11.79 22.32
C ASP B 641 56.13 -12.55 21.47
N ARG B 642 55.69 -13.44 20.55
CA ARG B 642 56.64 -14.23 19.80
C ARG B 642 56.53 -13.97 18.31
N VAL B 643 57.70 -13.88 17.65
CA VAL B 643 57.73 -13.68 16.21
C VAL B 643 57.57 -15.05 15.54
N VAL B 644 56.52 -15.21 14.75
CA VAL B 644 56.22 -16.49 14.14
C VAL B 644 56.65 -16.49 12.67
N ALA B 645 56.79 -15.29 12.07
CA ALA B 645 57.46 -15.12 10.79
C ALA B 645 57.89 -13.67 10.62
N THR B 646 58.85 -13.43 9.71
CA THR B 646 59.29 -12.07 9.44
C THR B 646 59.78 -11.95 8.00
N ASN B 647 60.03 -10.70 7.57
CA ASN B 647 60.43 -10.36 6.22
C ASN B 647 59.45 -10.95 5.20
N LEU B 648 58.14 -10.89 5.49
CA LEU B 648 57.14 -11.34 4.53
C LEU B 648 56.66 -10.16 3.70
N MET B 649 56.77 -10.30 2.36
CA MET B 649 56.13 -9.37 1.45
C MET B 649 54.61 -9.66 1.44
N GLY B 650 53.84 -8.57 1.23
CA GLY B 650 52.39 -8.62 1.26
C GLY B 650 51.79 -9.54 0.19
N ASP B 651 52.45 -9.67 -0.97
CA ASP B 651 51.94 -10.51 -2.05
C ASP B 651 52.30 -11.99 -1.83
N ASN B 652 53.19 -12.29 -0.89
CA ASN B 652 53.68 -13.65 -0.68
C ASN B 652 53.81 -13.94 0.82
N ALA B 653 52.70 -13.79 1.56
CA ALA B 653 52.73 -13.89 3.01
C ALA B 653 52.29 -15.28 3.46
N VAL B 654 53.18 -16.27 3.32
CA VAL B 654 52.88 -17.64 3.70
C VAL B 654 53.95 -18.17 4.65
N PHE B 655 53.54 -18.82 5.75
CA PHE B 655 54.44 -19.40 6.72
C PHE B 655 53.78 -20.58 7.44
N ASN B 656 54.56 -21.36 8.19
CA ASN B 656 54.04 -22.46 9.00
C ASN B 656 54.53 -22.28 10.44
N THR B 657 53.64 -22.48 11.41
CA THR B 657 53.97 -22.35 12.82
C THR B 657 53.06 -23.30 13.60
N ARG B 658 53.54 -23.81 14.75
CA ARG B 658 52.82 -24.82 15.51
C ARG B 658 52.06 -24.17 16.66
N PHE B 659 50.80 -24.61 16.84
CA PHE B 659 49.92 -24.08 17.88
C PHE B 659 48.84 -25.12 18.13
N SER B 660 48.32 -25.20 19.37
CA SER B 660 47.40 -26.28 19.72
C SER B 660 45.95 -25.92 19.42
N ASP B 661 45.50 -24.72 19.82
CA ASP B 661 44.08 -24.36 19.75
C ASP B 661 43.83 -23.09 18.92
N TYR B 662 44.61 -22.04 19.18
CA TYR B 662 44.42 -20.73 18.60
C TYR B 662 45.78 -20.07 18.34
N LEU B 663 45.79 -19.16 17.36
CA LEU B 663 46.91 -18.28 17.08
C LEU B 663 46.39 -16.88 16.76
N LEU B 664 46.78 -15.90 17.60
CA LEU B 664 46.38 -14.50 17.44
C LEU B 664 47.61 -13.70 17.06
N VAL B 665 47.62 -13.11 15.85
CA VAL B 665 48.79 -12.39 15.39
C VAL B 665 48.42 -11.02 14.82
N LYS B 666 49.43 -10.13 14.76
CA LYS B 666 49.33 -8.87 14.04
C LYS B 666 50.47 -8.78 13.03
N ALA B 667 50.20 -8.08 11.91
CA ALA B 667 51.17 -7.86 10.86
C ALA B 667 51.77 -6.46 11.02
N VAL B 668 53.02 -6.41 11.50
CA VAL B 668 53.70 -5.15 11.79
C VAL B 668 54.55 -4.78 10.57
N GLU B 669 54.32 -3.57 10.05
CA GLU B 669 55.06 -3.06 8.92
C GLU B 669 56.51 -2.79 9.36
N ILE B 670 57.48 -3.20 8.52
CA ILE B 670 58.89 -3.01 8.84
C ILE B 670 59.53 -2.19 7.72
N SER B 671 60.27 -1.13 8.09
CA SER B 671 61.20 -0.47 7.16
C SER B 671 62.57 -1.16 7.24
N TYR C 18 10.52 1.58 -76.77
CA TYR C 18 9.09 2.00 -76.75
C TYR C 18 8.51 1.86 -75.35
N ALA C 19 8.02 2.98 -74.77
CA ALA C 19 7.55 2.96 -73.38
C ALA C 19 6.51 4.05 -73.11
N ILE C 20 5.58 3.76 -72.19
CA ILE C 20 4.65 4.74 -71.67
C ILE C 20 4.64 4.65 -70.14
N ALA C 21 4.18 5.73 -69.50
CA ALA C 21 4.21 5.85 -68.05
C ALA C 21 2.86 6.36 -67.55
N GLY C 22 2.50 5.91 -66.36
CA GLY C 22 1.42 6.51 -65.59
C GLY C 22 1.83 6.63 -64.13
N ASN C 23 0.95 7.19 -63.31
CA ASN C 23 1.15 7.23 -61.87
C ASN C 23 1.42 5.80 -61.34
N GLY C 24 2.67 5.55 -60.96
CA GLY C 24 3.04 4.33 -60.26
C GLY C 24 3.34 3.15 -61.19
N VAL C 25 3.42 3.35 -62.52
CA VAL C 25 3.56 2.24 -63.45
C VAL C 25 4.34 2.64 -64.70
N ARG C 26 5.11 1.69 -65.26
CA ARG C 26 5.74 1.85 -66.56
C ARG C 26 5.49 0.61 -67.40
N VAL C 27 5.32 0.81 -68.72
CA VAL C 27 5.06 -0.26 -69.69
C VAL C 27 6.08 -0.15 -70.82
N THR C 28 6.81 -1.25 -71.12
CA THR C 28 7.77 -1.26 -72.22
C THR C 28 7.38 -2.35 -73.23
N TYR C 29 7.63 -2.05 -74.52
CA TYR C 29 7.43 -2.99 -75.61
C TYR C 29 8.76 -3.23 -76.33
N ASP C 30 9.11 -4.50 -76.52
CA ASP C 30 10.24 -4.91 -77.34
C ASP C 30 9.73 -5.40 -78.70
N ALA C 31 10.16 -4.74 -79.78
CA ALA C 31 9.70 -5.06 -81.13
C ALA C 31 10.31 -6.36 -81.66
N ASP C 32 11.53 -6.73 -81.23
CA ASP C 32 12.17 -7.95 -81.70
C ASP C 32 11.42 -9.16 -81.14
N GLY C 33 11.27 -9.20 -79.81
CA GLY C 33 10.59 -10.29 -79.12
C GLY C 33 9.06 -10.20 -79.26
N GLN C 34 8.52 -9.00 -79.47
CA GLN C 34 7.08 -8.75 -79.45
C GLN C 34 6.52 -9.05 -78.05
N THR C 35 7.14 -8.43 -77.03
CA THR C 35 6.80 -8.69 -75.64
C THR C 35 6.49 -7.39 -74.92
N ILE C 36 5.74 -7.50 -73.82
CA ILE C 36 5.42 -6.38 -72.95
C ILE C 36 6.00 -6.67 -71.56
N THR C 37 6.61 -5.66 -70.91
CA THR C 37 7.11 -5.79 -69.55
C THR C 37 6.44 -4.72 -68.68
N LEU C 38 5.97 -5.12 -67.49
CA LEU C 38 5.32 -4.22 -66.54
C LEU C 38 6.25 -3.92 -65.36
N TYR C 39 6.31 -2.63 -64.96
CA TYR C 39 7.09 -2.15 -63.83
C TYR C 39 6.20 -1.34 -62.90
N ARG C 40 6.58 -1.32 -61.62
CA ARG C 40 5.96 -0.52 -60.57
C ARG C 40 7.01 0.40 -59.97
N THR C 41 6.61 1.62 -59.60
CA THR C 41 7.51 2.56 -58.92
C THR C 41 7.68 2.15 -57.47
N GLU C 42 8.93 2.16 -56.98
CA GLU C 42 9.26 1.97 -55.57
C GLU C 42 10.27 3.04 -55.19
N GLY C 43 9.94 3.86 -54.19
CA GLY C 43 10.81 4.98 -53.81
C GLY C 43 11.14 5.82 -55.04
N SER C 44 12.44 6.04 -55.28
CA SER C 44 12.91 6.77 -56.44
C SER C 44 13.24 5.82 -57.60
N GLY C 45 13.02 4.50 -57.45
CA GLY C 45 13.35 3.53 -58.48
C GLY C 45 12.15 2.69 -58.97
N LEU C 46 12.43 1.73 -59.86
CA LEU C 46 11.41 0.85 -60.44
C LEU C 46 11.64 -0.60 -59.98
N ILE C 47 10.54 -1.36 -59.75
CA ILE C 47 10.57 -2.79 -59.53
C ILE C 47 9.83 -3.49 -60.68
N GLN C 48 10.45 -4.52 -61.25
CA GLN C 48 9.87 -5.24 -62.37
C GLN C 48 8.83 -6.26 -61.88
N MET C 49 7.56 -6.03 -62.22
CA MET C 49 6.47 -6.91 -61.82
C MET C 49 6.31 -8.12 -62.75
N SER C 50 6.55 -7.94 -64.05
CA SER C 50 6.29 -9.02 -65.01
C SER C 50 7.55 -9.36 -65.82
N LYS C 51 7.67 -10.65 -66.16
CA LYS C 51 8.65 -11.10 -67.14
C LYS C 51 8.19 -10.59 -68.51
N PRO C 52 9.07 -10.49 -69.53
CA PRO C 52 8.61 -10.03 -70.84
C PRO C 52 7.54 -11.02 -71.29
N SER C 53 6.37 -10.50 -71.69
CA SER C 53 5.20 -11.33 -71.90
C SER C 53 4.63 -11.13 -73.31
N PRO C 54 4.18 -12.21 -73.98
CA PRO C 54 3.68 -12.09 -75.36
C PRO C 54 2.32 -11.41 -75.45
N LEU C 55 2.06 -10.79 -76.61
CA LEU C 55 0.77 -10.17 -76.87
C LEU C 55 -0.28 -11.26 -77.07
N GLY C 56 -1.51 -11.01 -76.60
CA GLY C 56 -2.59 -11.97 -76.75
C GLY C 56 -3.01 -12.15 -78.22
N GLY C 57 -3.38 -13.39 -78.58
CA GLY C 57 -3.68 -13.76 -79.96
C GLY C 57 -4.99 -14.54 -80.10
N PRO C 58 -5.55 -14.63 -81.33
CA PRO C 58 -6.75 -15.45 -81.58
C PRO C 58 -6.45 -16.94 -81.56
N VAL C 59 -7.46 -17.75 -81.18
CA VAL C 59 -7.34 -19.19 -81.24
C VAL C 59 -8.17 -19.71 -82.41
N ILE C 60 -7.51 -20.41 -83.35
CA ILE C 60 -8.17 -21.01 -84.52
C ILE C 60 -7.83 -22.49 -84.60
N GLY C 61 -8.84 -23.33 -84.81
CA GLY C 61 -8.67 -24.77 -84.93
C GLY C 61 -7.94 -25.36 -83.71
N GLY C 62 -8.25 -24.84 -82.52
CA GLY C 62 -7.70 -25.35 -81.27
C GLY C 62 -6.28 -24.87 -80.98
N GLN C 63 -5.74 -23.93 -81.77
CA GLN C 63 -4.39 -23.44 -81.60
C GLN C 63 -4.39 -21.92 -81.62
N GLU C 64 -3.68 -21.29 -80.67
CA GLU C 64 -3.42 -19.85 -80.73
C GLU C 64 -2.48 -19.61 -81.91
N VAL C 65 -2.68 -18.51 -82.66
CA VAL C 65 -1.89 -18.20 -83.83
C VAL C 65 -0.50 -17.68 -83.41
N GLN C 66 0.58 -18.25 -83.98
CA GLN C 66 1.95 -17.87 -83.62
C GLN C 66 2.72 -17.13 -84.71
N ASP C 67 2.08 -16.74 -85.82
CA ASP C 67 2.83 -16.22 -86.96
C ASP C 67 2.79 -14.69 -87.01
N PHE C 68 2.27 -14.01 -85.97
CA PHE C 68 2.11 -12.56 -86.04
C PHE C 68 3.48 -11.88 -86.10
N SER C 69 3.62 -10.81 -86.91
CA SER C 69 4.86 -10.07 -87.07
C SER C 69 4.67 -8.58 -86.80
N HIS C 70 5.67 -7.93 -86.19
CA HIS C 70 5.60 -6.52 -85.82
C HIS C 70 5.49 -5.63 -87.06
N ILE C 71 4.50 -4.72 -87.06
CA ILE C 71 4.38 -3.73 -88.13
C ILE C 71 4.85 -2.36 -87.62
N SER C 72 4.26 -1.89 -86.50
CA SER C 72 4.57 -0.57 -85.97
C SER C 72 4.22 -0.49 -84.48
N CYS C 73 4.88 0.45 -83.78
CA CYS C 73 4.52 0.85 -82.43
C CYS C 73 4.45 2.37 -82.37
N ASP C 74 3.31 2.93 -81.94
CA ASP C 74 3.12 4.37 -81.89
C ASP C 74 2.87 4.82 -80.46
N VAL C 75 3.62 5.83 -79.99
CA VAL C 75 3.61 6.28 -78.61
C VAL C 75 3.18 7.75 -78.57
N GLU C 76 2.13 8.04 -77.79
CA GLU C 76 1.64 9.41 -77.59
C GLU C 76 1.81 9.79 -76.12
N GLN C 77 2.45 10.94 -75.86
CA GLN C 77 2.85 11.35 -74.51
C GLN C 77 1.79 12.18 -73.81
N SER C 78 0.91 12.84 -74.59
CA SER C 78 -0.09 13.76 -74.08
C SER C 78 -1.42 13.49 -74.77
N THR C 79 -2.25 12.66 -74.13
CA THR C 79 -3.49 12.25 -74.76
C THR C 79 -4.55 12.07 -73.68
N SER C 80 -5.78 11.75 -74.14
CA SER C 80 -6.91 11.60 -73.25
C SER C 80 -7.66 10.33 -73.63
N GLY C 81 -7.84 9.42 -72.66
CA GLY C 81 -8.46 8.13 -72.94
C GLY C 81 -9.61 7.85 -71.99
N VAL C 82 -9.90 6.56 -71.79
CA VAL C 82 -11.01 6.11 -70.95
C VAL C 82 -10.88 6.64 -69.52
N MET C 83 -9.66 6.72 -69.02
CA MET C 83 -9.39 7.15 -67.66
C MET C 83 -9.04 8.64 -67.58
N GLY C 84 -9.23 9.38 -68.68
CA GLY C 84 -8.83 10.78 -68.74
C GLY C 84 -7.40 10.96 -69.27
N SER C 85 -6.72 12.00 -68.79
CA SER C 85 -5.46 12.38 -69.40
C SER C 85 -4.34 11.43 -68.98
N GLY C 86 -3.45 11.12 -69.93
CA GLY C 86 -2.35 10.18 -69.72
C GLY C 86 -1.60 9.90 -71.02
N GLN C 87 -1.24 8.62 -71.25
CA GLN C 87 -0.42 8.22 -72.38
C GLN C 87 -1.03 7.02 -73.10
N ARG C 88 -0.57 6.78 -74.34
CA ARG C 88 -1.08 5.70 -75.16
C ARG C 88 0.04 5.08 -76.02
N MET C 89 -0.04 3.75 -76.17
CA MET C 89 0.85 2.98 -77.04
C MET C 89 -0.01 2.09 -77.91
N THR C 90 0.15 2.18 -79.23
CA THR C 90 -0.66 1.43 -80.18
C THR C 90 0.28 0.52 -80.98
N ILE C 91 0.07 -0.80 -80.90
CA ILE C 91 0.91 -1.78 -81.56
C ILE C 91 0.11 -2.51 -82.64
N THR C 92 0.62 -2.46 -83.87
CA THR C 92 0.03 -3.13 -85.02
C THR C 92 0.87 -4.36 -85.39
N SER C 93 0.20 -5.50 -85.60
CA SER C 93 0.86 -6.74 -85.98
C SER C 93 0.10 -7.42 -87.13
N GLN C 94 0.78 -8.29 -87.87
CA GLN C 94 0.21 -8.97 -89.02
C GLN C 94 0.54 -10.47 -89.06
N SER C 95 -0.48 -11.28 -89.41
CA SER C 95 -0.38 -12.71 -89.63
C SER C 95 -0.65 -13.02 -91.09
N MET C 96 0.35 -13.61 -91.78
CA MET C 96 0.27 -13.90 -93.21
C MET C 96 -0.63 -15.13 -93.45
N SER C 97 -0.61 -16.11 -92.53
CA SER C 97 -1.38 -17.33 -92.71
C SER C 97 -2.89 -17.07 -92.59
N THR C 98 -3.30 -16.10 -91.75
CA THR C 98 -4.71 -15.83 -91.50
C THR C 98 -5.23 -14.63 -92.30
N GLY C 99 -4.36 -13.67 -92.60
CA GLY C 99 -4.75 -12.41 -93.21
C GLY C 99 -5.17 -11.37 -92.15
N LEU C 100 -5.02 -11.68 -90.86
CA LEU C 100 -5.45 -10.80 -89.78
C LEU C 100 -4.41 -9.71 -89.51
N ILE C 101 -4.91 -8.49 -89.25
CA ILE C 101 -4.14 -7.39 -88.69
C ILE C 101 -4.68 -7.07 -87.30
N ARG C 102 -3.78 -7.10 -86.30
CA ARG C 102 -4.14 -6.87 -84.91
C ARG C 102 -3.71 -5.47 -84.46
N THR C 103 -4.63 -4.73 -83.82
CA THR C 103 -4.34 -3.44 -83.20
C THR C 103 -4.51 -3.58 -81.69
N TYR C 104 -3.42 -3.39 -80.94
CA TYR C 104 -3.42 -3.54 -79.49
C TYR C 104 -3.07 -2.19 -78.85
N VAL C 105 -4.01 -1.66 -78.05
CA VAL C 105 -3.86 -0.33 -77.46
C VAL C 105 -3.70 -0.45 -75.95
N LEU C 106 -2.69 0.26 -75.41
CA LEU C 106 -2.48 0.35 -73.97
C LEU C 106 -2.52 1.83 -73.60
N GLU C 107 -3.26 2.14 -72.52
CA GLU C 107 -3.37 3.49 -71.99
C GLU C 107 -2.99 3.50 -70.50
N THR C 108 -2.28 4.56 -70.10
CA THR C 108 -1.99 4.87 -68.70
C THR C 108 -2.65 6.19 -68.32
N SER C 109 -2.69 6.45 -67.00
CA SER C 109 -3.34 7.62 -66.44
C SER C 109 -2.33 8.42 -65.60
N ASP C 110 -2.36 9.75 -65.73
CA ASP C 110 -1.54 10.63 -64.89
C ASP C 110 -1.99 10.52 -63.42
N ILE C 111 -3.29 10.27 -63.21
CA ILE C 111 -3.89 10.29 -61.88
C ILE C 111 -3.98 8.87 -61.28
N GLU C 112 -4.44 7.86 -62.04
CA GLU C 112 -4.82 6.59 -61.41
C GLU C 112 -3.61 5.68 -61.20
N GLU C 113 -3.43 5.22 -59.96
CA GLU C 113 -2.23 4.53 -59.54
C GLU C 113 -2.25 3.07 -60.02
N GLY C 114 -1.22 2.67 -60.77
CA GLY C 114 -0.95 1.27 -61.07
C GLY C 114 -1.71 0.72 -62.29
N VAL C 115 -2.56 1.56 -62.91
CA VAL C 115 -3.60 1.04 -63.81
C VAL C 115 -3.18 1.17 -65.27
N VAL C 116 -3.39 0.09 -66.02
CA VAL C 116 -3.19 0.07 -67.47
C VAL C 116 -4.48 -0.44 -68.11
N TYR C 117 -5.02 0.33 -69.06
CA TYR C 117 -6.19 -0.06 -69.84
C TYR C 117 -5.75 -0.60 -71.20
N THR C 118 -6.34 -1.74 -71.61
CA THR C 118 -5.99 -2.39 -72.86
C THR C 118 -7.25 -2.66 -73.68
N ALA C 119 -7.17 -2.43 -75.00
CA ALA C 119 -8.25 -2.78 -75.93
C ALA C 119 -7.65 -3.38 -77.22
N THR C 120 -8.34 -4.37 -77.80
CA THR C 120 -7.84 -5.08 -78.97
C THR C 120 -8.90 -5.07 -80.07
N SER C 121 -8.45 -4.81 -81.31
CA SER C 121 -9.27 -5.00 -82.50
C SER C 121 -8.50 -5.82 -83.55
N TYR C 122 -9.27 -6.49 -84.42
CA TYR C 122 -8.74 -7.31 -85.50
C TYR C 122 -9.39 -6.86 -86.81
N GLU C 123 -8.59 -6.80 -87.88
CA GLU C 123 -9.07 -6.58 -89.24
C GLU C 123 -8.77 -7.81 -90.11
N ALA C 124 -9.77 -8.35 -90.81
CA ALA C 124 -9.60 -9.45 -91.73
C ALA C 124 -9.23 -8.94 -93.13
N GLY C 125 -8.55 -9.79 -93.90
CA GLY C 125 -8.21 -9.53 -95.29
C GLY C 125 -9.27 -10.11 -96.24
N ALA C 126 -8.80 -10.88 -97.23
CA ALA C 126 -9.61 -11.30 -98.36
C ALA C 126 -10.66 -12.35 -97.96
N SER C 127 -10.35 -13.20 -96.96
CA SER C 127 -11.26 -14.25 -96.56
C SER C 127 -11.64 -14.16 -95.08
N ASP C 128 -12.79 -14.77 -94.80
CA ASP C 128 -13.36 -14.83 -93.46
C ASP C 128 -12.42 -15.60 -92.54
N VAL C 129 -12.37 -15.19 -91.27
CA VAL C 129 -11.60 -15.88 -90.25
C VAL C 129 -12.55 -16.30 -89.12
N GLU C 130 -12.49 -17.60 -88.78
CA GLU C 130 -13.32 -18.19 -87.73
C GLU C 130 -12.48 -18.39 -86.46
N VAL C 131 -12.85 -17.67 -85.39
CA VAL C 131 -12.09 -17.66 -84.16
C VAL C 131 -12.96 -18.27 -83.06
N SER C 132 -12.41 -19.29 -82.38
CA SER C 132 -13.11 -19.94 -81.28
C SER C 132 -13.00 -19.11 -79.99
N TRP C 133 -11.87 -18.42 -79.79
CA TRP C 133 -11.60 -17.69 -78.55
C TRP C 133 -10.52 -16.63 -78.81
N PHE C 134 -10.58 -15.52 -78.06
CA PHE C 134 -9.57 -14.48 -78.14
C PHE C 134 -8.90 -14.33 -76.78
N ILE C 135 -7.57 -14.40 -76.75
CA ILE C 135 -6.77 -14.13 -75.57
C ILE C 135 -6.35 -12.66 -75.59
N GLY C 136 -6.72 -11.92 -74.55
CA GLY C 136 -6.51 -10.47 -74.54
C GLY C 136 -5.09 -10.07 -74.12
N SER C 137 -4.72 -10.45 -72.89
CA SER C 137 -3.46 -10.09 -72.28
C SER C 137 -3.02 -11.18 -71.32
N VAL C 138 -1.71 -11.40 -71.20
CA VAL C 138 -1.10 -12.40 -70.34
C VAL C 138 0.11 -11.77 -69.64
N TYR C 139 0.19 -11.94 -68.31
CA TYR C 139 1.32 -11.47 -67.53
C TYR C 139 1.83 -12.60 -66.62
N GLU C 140 3.10 -12.99 -66.84
CA GLU C 140 3.82 -13.92 -65.98
C GLU C 140 4.66 -13.11 -64.99
N LEU C 141 4.56 -13.51 -63.71
CA LEU C 141 5.14 -12.76 -62.61
C LEU C 141 6.66 -12.94 -62.61
N TYR C 142 7.36 -11.84 -62.33
CA TYR C 142 8.82 -11.78 -62.21
C TYR C 142 9.20 -11.86 -60.73
N GLY C 143 10.21 -12.66 -60.42
CA GLY C 143 10.89 -12.63 -59.13
C GLY C 143 10.27 -13.54 -58.08
N ALA C 144 9.42 -14.50 -58.50
CA ALA C 144 8.84 -15.47 -57.59
C ALA C 144 9.92 -16.38 -57.02
N GLU C 145 9.68 -16.89 -55.81
CA GLU C 145 10.57 -17.85 -55.15
C GLU C 145 9.80 -19.14 -54.93
N ASP C 146 9.25 -19.35 -53.72
CA ASP C 146 8.72 -20.63 -53.32
C ASP C 146 7.19 -20.64 -53.38
N ARG C 147 6.53 -19.48 -53.36
CA ARG C 147 5.06 -19.47 -53.37
C ARG C 147 4.49 -18.18 -53.97
N ILE C 148 3.30 -18.30 -54.57
CA ILE C 148 2.52 -17.18 -55.10
C ILE C 148 1.10 -17.32 -54.55
N TRP C 149 0.51 -16.20 -54.07
CA TRP C 149 -0.88 -16.21 -53.64
C TRP C 149 -1.75 -15.61 -54.74
N SER C 150 -3.01 -16.07 -54.82
CA SER C 150 -3.90 -15.69 -55.91
C SER C 150 -5.31 -15.42 -55.42
N TYR C 151 -5.94 -14.37 -55.99
CA TYR C 151 -7.37 -14.10 -55.87
C TYR C 151 -8.06 -14.61 -57.15
N ASN C 152 -9.11 -15.43 -56.98
CA ASN C 152 -9.78 -16.11 -58.08
C ASN C 152 -11.28 -15.82 -58.11
N GLY C 153 -11.73 -14.96 -59.04
CA GLY C 153 -13.08 -14.41 -58.98
C GLY C 153 -14.14 -15.24 -59.72
N GLY C 154 -13.77 -16.40 -60.26
CA GLY C 154 -14.68 -17.18 -61.10
C GLY C 154 -15.91 -17.67 -60.34
N GLY C 155 -17.00 -17.90 -61.11
CA GLY C 155 -18.28 -18.37 -60.60
C GLY C 155 -18.58 -19.82 -60.95
N GLU C 156 -17.57 -20.60 -61.41
CA GLU C 156 -17.80 -21.96 -61.90
C GLU C 156 -17.79 -22.97 -60.74
N GLY C 157 -17.58 -22.47 -59.50
CA GLY C 157 -17.47 -23.36 -58.35
C GLY C 157 -16.11 -24.05 -58.34
N PRO C 158 -15.87 -25.09 -57.52
CA PRO C 158 -16.87 -25.64 -56.60
C PRO C 158 -17.43 -24.70 -55.54
N MET C 159 -18.71 -24.91 -55.22
CA MET C 159 -19.40 -24.21 -54.12
C MET C 159 -18.80 -24.55 -52.77
N HIS C 160 -18.65 -23.53 -51.92
CA HIS C 160 -18.54 -23.68 -50.46
C HIS C 160 -17.14 -24.08 -49.99
N TYR C 161 -16.56 -25.15 -50.58
CA TYR C 161 -15.35 -25.77 -50.04
C TYR C 161 -14.13 -25.56 -50.94
N TYR C 162 -14.24 -24.65 -51.91
CA TYR C 162 -13.10 -24.24 -52.72
C TYR C 162 -12.82 -22.77 -52.39
N ASP C 163 -11.60 -22.52 -51.89
CA ASP C 163 -11.21 -21.21 -51.41
C ASP C 163 -11.11 -20.22 -52.57
N THR C 164 -11.52 -18.96 -52.31
CA THR C 164 -11.39 -17.89 -53.29
C THR C 164 -9.93 -17.45 -53.42
N LEU C 165 -9.23 -17.43 -52.28
CA LEU C 165 -7.78 -17.23 -52.23
C LEU C 165 -7.07 -18.57 -52.18
N GLN C 166 -6.09 -18.73 -53.10
CA GLN C 166 -5.46 -20.01 -53.37
C GLN C 166 -3.95 -19.80 -53.43
N LYS C 167 -3.22 -20.65 -52.69
CA LYS C 167 -1.76 -20.64 -52.74
C LYS C 167 -1.30 -21.48 -53.92
N ILE C 168 -0.38 -20.90 -54.71
CA ILE C 168 0.29 -21.63 -55.78
C ILE C 168 1.67 -21.98 -55.27
N ASP C 169 1.84 -23.25 -54.91
CA ASP C 169 3.08 -23.76 -54.35
C ASP C 169 3.99 -24.16 -55.50
N LEU C 170 5.20 -23.59 -55.51
CA LEU C 170 6.19 -23.85 -56.55
C LEU C 170 7.19 -24.94 -56.12
N THR C 171 7.00 -25.58 -54.96
CA THR C 171 7.95 -26.60 -54.48
C THR C 171 7.35 -28.00 -54.55
N ASP C 172 6.08 -28.13 -54.97
CA ASP C 172 5.34 -29.38 -54.87
C ASP C 172 5.30 -30.05 -56.24
N SER C 173 4.57 -31.15 -56.37
CA SER C 173 4.44 -31.84 -57.65
C SER C 173 3.33 -31.22 -58.53
N GLY C 174 2.28 -30.65 -57.92
CA GLY C 174 1.11 -30.23 -58.68
C GLY C 174 1.32 -28.94 -59.50
N LYS C 175 0.45 -28.72 -60.50
CA LYS C 175 0.46 -27.52 -61.32
C LYS C 175 -0.93 -26.89 -61.29
N PHE C 176 -1.02 -25.71 -60.66
CA PHE C 176 -2.27 -25.02 -60.47
C PHE C 176 -2.81 -24.46 -61.79
N SER C 177 -4.13 -24.65 -62.02
CA SER C 177 -4.80 -24.18 -63.22
C SER C 177 -6.27 -23.93 -62.93
N ARG C 178 -6.73 -22.69 -63.14
CA ARG C 178 -8.14 -22.38 -62.98
C ARG C 178 -8.57 -21.33 -64.02
N GLU C 179 -9.71 -21.56 -64.68
CA GLU C 179 -10.20 -20.71 -65.76
C GLU C 179 -10.78 -19.39 -65.25
N ASN C 180 -11.48 -19.38 -64.10
CA ASN C 180 -12.20 -18.22 -63.56
C ASN C 180 -13.21 -17.68 -64.59
N LYS C 181 -14.34 -18.39 -64.70
CA LYS C 181 -15.34 -18.15 -65.73
C LYS C 181 -16.42 -17.21 -65.24
N GLN C 182 -16.96 -16.41 -66.18
CA GLN C 182 -18.23 -15.71 -66.05
C GLN C 182 -19.06 -16.04 -67.29
N ASP C 183 -20.23 -16.69 -67.12
CA ASP C 183 -21.02 -17.19 -68.24
C ASP C 183 -22.42 -17.57 -67.77
N ASP C 184 -23.13 -18.36 -68.60
CA ASP C 184 -24.48 -18.80 -68.29
C ASP C 184 -24.54 -19.79 -67.10
N THR C 185 -23.40 -20.33 -66.64
CA THR C 185 -23.40 -21.09 -65.38
C THR C 185 -22.47 -20.47 -64.34
N ALA C 186 -22.02 -19.23 -64.52
CA ALA C 186 -21.10 -18.60 -63.59
C ALA C 186 -21.30 -17.09 -63.51
N ALA C 187 -21.65 -16.57 -62.32
CA ALA C 187 -21.93 -15.16 -62.15
C ALA C 187 -21.30 -14.63 -60.84
N SER C 188 -20.02 -14.28 -60.94
CA SER C 188 -19.22 -13.84 -59.81
C SER C 188 -18.44 -12.57 -60.21
N ILE C 189 -17.12 -12.53 -59.99
CA ILE C 189 -16.36 -11.28 -60.12
C ILE C 189 -15.29 -11.45 -61.20
N PRO C 190 -15.34 -10.61 -62.27
CA PRO C 190 -14.46 -10.80 -63.44
C PRO C 190 -13.03 -10.29 -63.23
N VAL C 191 -12.37 -10.80 -62.19
CA VAL C 191 -11.07 -10.33 -61.74
C VAL C 191 -10.25 -11.49 -61.20
N SER C 192 -8.93 -11.44 -61.43
CA SER C 192 -7.96 -12.33 -60.83
C SER C 192 -6.72 -11.53 -60.46
N ASP C 193 -6.02 -11.95 -59.39
CA ASP C 193 -4.78 -11.31 -58.97
C ASP C 193 -3.77 -12.39 -58.58
N ILE C 194 -2.48 -12.16 -58.90
CA ILE C 194 -1.39 -12.99 -58.41
C ILE C 194 -0.34 -12.09 -57.78
N TYR C 195 0.23 -12.52 -56.64
CA TYR C 195 1.15 -11.65 -55.90
C TYR C 195 2.17 -12.43 -55.08
N ILE C 196 3.29 -11.73 -54.81
CA ILE C 196 4.41 -12.18 -54.00
C ILE C 196 4.77 -11.07 -53.01
N ALA C 197 5.88 -11.23 -52.27
CA ALA C 197 6.31 -10.25 -51.27
C ALA C 197 6.46 -8.87 -51.88
N ASP C 198 7.03 -8.80 -53.08
CA ASP C 198 7.26 -7.51 -53.74
C ASP C 198 5.97 -6.95 -54.34
N GLY C 199 4.88 -7.73 -54.43
CA GLY C 199 3.65 -7.20 -54.97
C GLY C 199 3.07 -8.12 -56.05
N GLY C 200 2.19 -7.57 -56.90
CA GLY C 200 1.44 -8.39 -57.83
C GLY C 200 0.82 -7.64 -59.01
N ILE C 201 0.07 -8.43 -59.81
CA ILE C 201 -0.60 -7.99 -61.01
C ILE C 201 -2.06 -8.49 -60.97
N THR C 202 -2.99 -7.53 -61.06
CA THR C 202 -4.41 -7.81 -61.18
C THR C 202 -4.84 -7.62 -62.64
N VAL C 203 -5.72 -8.51 -63.12
CA VAL C 203 -6.37 -8.35 -64.41
C VAL C 203 -7.87 -8.50 -64.22
N GLY C 204 -8.64 -7.58 -64.82
CA GLY C 204 -10.10 -7.57 -64.72
C GLY C 204 -10.76 -7.07 -66.01
N ASP C 205 -12.03 -7.47 -66.24
CA ASP C 205 -12.76 -7.10 -67.43
C ASP C 205 -13.20 -5.63 -67.34
N ALA C 206 -12.85 -4.86 -68.39
CA ALA C 206 -13.23 -3.45 -68.45
C ALA C 206 -14.56 -3.31 -69.21
N SER C 207 -15.67 -3.60 -68.52
CA SER C 207 -17.01 -3.52 -69.09
C SER C 207 -17.99 -2.99 -68.05
N ALA C 208 -18.80 -2.02 -68.46
CA ALA C 208 -19.85 -1.45 -67.63
C ALA C 208 -20.98 -2.45 -67.38
N THR C 209 -21.11 -3.46 -68.26
CA THR C 209 -22.16 -4.46 -68.17
C THR C 209 -21.55 -5.87 -68.21
N ARG C 210 -22.32 -6.83 -67.69
CA ARG C 210 -21.92 -8.23 -67.61
C ARG C 210 -21.79 -8.82 -69.01
N ARG C 211 -20.70 -9.58 -69.22
CA ARG C 211 -20.46 -10.29 -70.48
C ARG C 211 -19.62 -11.53 -70.18
N GLU C 212 -19.55 -12.43 -71.17
CA GLU C 212 -18.81 -13.68 -71.03
C GLU C 212 -17.31 -13.38 -71.06
N VAL C 213 -16.57 -13.87 -70.07
CA VAL C 213 -15.14 -13.63 -69.95
C VAL C 213 -14.52 -14.67 -69.02
N HIS C 214 -13.22 -14.95 -69.21
CA HIS C 214 -12.41 -15.76 -68.30
C HIS C 214 -11.21 -14.93 -67.83
N THR C 215 -10.78 -15.12 -66.56
CA THR C 215 -9.53 -14.54 -66.07
C THR C 215 -8.64 -15.65 -65.50
N PRO C 216 -8.03 -16.48 -66.37
CA PRO C 216 -7.27 -17.65 -65.92
C PRO C 216 -6.02 -17.34 -65.10
N VAL C 217 -5.76 -18.23 -64.14
CA VAL C 217 -4.55 -18.24 -63.34
C VAL C 217 -3.89 -19.60 -63.53
N GLN C 218 -2.62 -19.60 -63.99
CA GLN C 218 -1.91 -20.81 -64.37
C GLN C 218 -0.47 -20.77 -63.85
N GLU C 219 -0.09 -21.83 -63.13
CA GLU C 219 1.28 -22.01 -62.70
C GLU C 219 2.17 -22.28 -63.92
N THR C 220 3.38 -21.72 -63.92
CA THR C 220 4.34 -21.95 -64.99
C THR C 220 5.50 -22.78 -64.43
N SER C 221 6.61 -22.85 -65.19
CA SER C 221 7.73 -23.67 -64.81
C SER C 221 8.40 -23.18 -63.52
N ASP C 222 8.46 -21.86 -63.28
CA ASP C 222 9.05 -21.34 -62.05
C ASP C 222 8.22 -20.20 -61.45
N SER C 223 7.00 -19.98 -61.93
CA SER C 223 6.19 -18.84 -61.50
C SER C 223 4.71 -19.10 -61.80
N ALA C 224 3.93 -18.02 -61.98
CA ALA C 224 2.55 -18.12 -62.44
C ALA C 224 2.20 -16.97 -63.38
N GLN C 225 1.15 -17.18 -64.18
CA GLN C 225 0.64 -16.14 -65.07
C GLN C 225 -0.86 -15.92 -64.85
N VAL C 226 -1.28 -14.66 -65.04
CA VAL C 226 -2.68 -14.24 -64.99
C VAL C 226 -3.04 -13.65 -66.36
N SER C 227 -4.25 -13.93 -66.84
CA SER C 227 -4.66 -13.56 -68.19
C SER C 227 -6.14 -13.21 -68.23
N ILE C 228 -6.61 -12.72 -69.39
CA ILE C 228 -8.03 -12.50 -69.64
C ILE C 228 -8.31 -12.92 -71.08
N GLY C 229 -9.54 -13.40 -71.34
CA GLY C 229 -9.97 -13.79 -72.69
C GLY C 229 -11.49 -13.81 -72.84
N TRP C 230 -11.96 -13.81 -74.10
CA TRP C 230 -13.36 -13.67 -74.45
C TRP C 230 -13.73 -14.63 -75.58
N PRO C 231 -15.04 -14.96 -75.72
CA PRO C 231 -15.51 -15.81 -76.82
C PRO C 231 -15.19 -15.29 -78.22
N GLY C 232 -15.04 -16.25 -79.13
CA GLY C 232 -14.72 -15.94 -80.51
C GLY C 232 -15.97 -15.56 -81.30
N LYS C 233 -15.76 -15.18 -82.56
CA LYS C 233 -16.81 -14.97 -83.53
C LYS C 233 -16.19 -15.10 -84.92
N VAL C 234 -17.04 -15.27 -85.94
CA VAL C 234 -16.59 -15.22 -87.31
C VAL C 234 -16.30 -13.78 -87.68
N ILE C 235 -15.10 -13.50 -88.21
CA ILE C 235 -14.75 -12.17 -88.69
C ILE C 235 -14.89 -12.16 -90.21
N ALA C 236 -15.78 -11.31 -90.73
CA ALA C 236 -16.04 -11.26 -92.17
C ALA C 236 -14.86 -10.60 -92.88
N ALA C 237 -14.67 -10.97 -94.16
CA ALA C 237 -13.60 -10.41 -94.99
C ALA C 237 -13.69 -8.89 -95.04
N GLY C 238 -12.55 -8.21 -94.83
CA GLY C 238 -12.46 -6.77 -94.91
C GLY C 238 -13.18 -6.04 -93.76
N SER C 239 -13.36 -6.71 -92.61
CA SER C 239 -14.10 -6.15 -91.49
C SER C 239 -13.19 -5.83 -90.32
N VAL C 240 -13.56 -4.81 -89.53
CA VAL C 240 -12.87 -4.47 -88.30
C VAL C 240 -13.83 -4.68 -87.13
N ILE C 241 -13.42 -5.44 -86.11
CA ILE C 241 -14.23 -5.67 -84.92
C ILE C 241 -13.36 -5.58 -83.67
N GLU C 242 -13.93 -4.99 -82.62
CA GLU C 242 -13.35 -4.95 -81.29
C GLU C 242 -13.74 -6.23 -80.56
N ILE C 243 -12.77 -6.90 -79.91
CA ILE C 243 -12.99 -8.22 -79.35
C ILE C 243 -13.06 -8.20 -77.82
N GLY C 244 -12.48 -7.18 -77.17
CA GLY C 244 -12.48 -7.11 -75.71
C GLY C 244 -11.52 -6.05 -75.14
N GLU C 245 -11.80 -5.62 -73.90
CA GLU C 245 -11.05 -4.58 -73.20
C GLU C 245 -10.82 -4.98 -71.73
N SER C 246 -9.68 -4.57 -71.17
CA SER C 246 -9.27 -5.04 -69.84
C SER C 246 -8.59 -3.93 -69.03
N PHE C 247 -8.61 -4.11 -67.70
CA PHE C 247 -7.82 -3.31 -66.78
C PHE C 247 -6.79 -4.20 -66.12
N ALA C 248 -5.54 -3.74 -66.07
CA ALA C 248 -4.48 -4.40 -65.31
C ALA C 248 -3.96 -3.43 -64.25
N VAL C 249 -3.62 -3.98 -63.08
CA VAL C 249 -3.14 -3.16 -61.96
C VAL C 249 -1.85 -3.79 -61.44
N VAL C 250 -0.75 -3.05 -61.52
CA VAL C 250 0.47 -3.39 -60.80
C VAL C 250 0.36 -2.76 -59.41
N HIS C 251 0.79 -3.49 -58.37
CA HIS C 251 0.62 -3.03 -57.01
C HIS C 251 1.67 -3.62 -56.08
N PRO C 252 2.01 -2.90 -54.98
CA PRO C 252 2.75 -3.48 -53.86
C PRO C 252 1.71 -4.29 -53.08
N GLY C 253 2.18 -5.12 -52.15
CA GLY C 253 1.30 -5.80 -51.21
C GLY C 253 0.41 -6.84 -51.89
N ASP C 254 -0.71 -7.15 -51.20
CA ASP C 254 -1.53 -8.30 -51.51
C ASP C 254 -2.71 -7.88 -52.41
N TYR C 255 -3.64 -8.83 -52.59
CA TYR C 255 -4.81 -8.70 -53.45
C TYR C 255 -5.67 -7.46 -53.15
N TYR C 256 -5.67 -6.98 -51.90
CA TYR C 256 -6.44 -5.80 -51.54
C TYR C 256 -6.05 -4.62 -52.44
N ASN C 257 -4.75 -4.38 -52.59
CA ASN C 257 -4.28 -3.24 -53.38
C ASN C 257 -4.67 -3.36 -54.86
N GLY C 258 -4.61 -4.58 -55.41
CA GLY C 258 -4.98 -4.81 -56.77
C GLY C 258 -6.47 -4.58 -57.02
N LEU C 259 -7.31 -5.14 -56.13
CA LEU C 259 -8.75 -5.03 -56.27
C LEU C 259 -9.19 -3.57 -56.08
N ARG C 260 -8.52 -2.84 -55.19
CA ARG C 260 -8.84 -1.43 -54.99
C ARG C 260 -8.53 -0.64 -56.27
N GLY C 261 -7.40 -0.96 -56.92
CA GLY C 261 -7.09 -0.38 -58.22
C GLY C 261 -8.19 -0.63 -59.26
N TYR C 262 -8.72 -1.85 -59.29
CA TYR C 262 -9.80 -2.21 -60.21
C TYR C 262 -11.04 -1.37 -59.91
N LYS C 263 -11.36 -1.22 -58.61
CA LYS C 263 -12.50 -0.42 -58.21
C LYS C 263 -12.36 1.01 -58.73
N ASN C 264 -11.17 1.59 -58.53
CA ASN C 264 -10.91 2.96 -58.97
C ASN C 264 -11.02 3.06 -60.49
N ALA C 265 -10.54 2.03 -61.22
CA ALA C 265 -10.60 2.03 -62.67
C ALA C 265 -12.05 1.99 -63.14
N MET C 266 -12.85 1.13 -62.51
CA MET C 266 -14.22 0.87 -62.94
C MET C 266 -15.12 2.10 -62.71
N ASP C 267 -14.76 2.99 -61.77
CA ASP C 267 -15.44 4.26 -61.66
C ASP C 267 -15.49 4.99 -63.02
N HIS C 268 -14.42 4.88 -63.82
CA HIS C 268 -14.36 5.62 -65.08
C HIS C 268 -15.36 5.07 -66.09
N LEU C 269 -15.84 3.83 -65.90
CA LEU C 269 -16.81 3.23 -66.80
C LEU C 269 -18.23 3.39 -66.24
N GLY C 270 -18.38 4.09 -65.11
CA GLY C 270 -19.71 4.33 -64.54
C GLY C 270 -20.19 3.23 -63.59
N VAL C 271 -19.32 2.28 -63.22
CA VAL C 271 -19.67 1.29 -62.22
C VAL C 271 -19.17 1.80 -60.88
N ILE C 272 -20.09 2.46 -60.16
CA ILE C 272 -19.74 3.24 -58.98
C ILE C 272 -20.43 2.61 -57.75
N MET C 273 -19.63 2.25 -56.74
CA MET C 273 -20.17 1.61 -55.56
C MET C 273 -20.72 2.67 -54.60
N PRO C 274 -21.64 2.31 -53.68
CA PRO C 274 -22.28 3.31 -52.81
C PRO C 274 -21.30 4.08 -51.92
N ALA C 275 -21.48 5.40 -51.88
CA ALA C 275 -20.64 6.28 -51.08
C ALA C 275 -21.00 6.14 -49.61
N PRO C 276 -20.03 6.30 -48.68
CA PRO C 276 -20.29 6.14 -47.25
C PRO C 276 -21.45 6.97 -46.71
N GLY C 277 -21.53 8.24 -47.13
CA GLY C 277 -22.57 9.16 -46.68
C GLY C 277 -24.00 8.69 -46.99
N ASP C 278 -24.18 7.80 -47.98
CA ASP C 278 -25.50 7.34 -48.40
C ASP C 278 -25.86 5.97 -47.83
N ILE C 279 -24.96 5.33 -47.08
CA ILE C 279 -25.29 4.02 -46.53
C ILE C 279 -26.10 4.19 -45.25
N PRO C 280 -27.28 3.55 -45.12
CA PRO C 280 -28.12 3.74 -43.93
C PRO C 280 -27.50 3.16 -42.67
N ASP C 281 -27.82 3.81 -41.53
CA ASP C 281 -27.30 3.41 -40.23
C ASP C 281 -27.63 1.95 -39.93
N SER C 282 -28.85 1.52 -40.28
CA SER C 282 -29.34 0.20 -39.95
C SER C 282 -28.56 -0.92 -40.68
N SER C 283 -27.75 -0.55 -41.69
CA SER C 283 -26.92 -1.52 -42.39
C SER C 283 -25.57 -1.73 -41.70
N TYR C 284 -25.37 -1.10 -40.52
CA TYR C 284 -24.22 -1.41 -39.66
C TYR C 284 -24.67 -2.14 -38.38
N ASP C 285 -25.92 -2.59 -38.28
CA ASP C 285 -26.46 -3.11 -37.03
C ASP C 285 -26.21 -4.61 -36.83
N LEU C 286 -26.03 -4.99 -35.55
CA LEU C 286 -25.88 -6.38 -35.12
C LEU C 286 -27.22 -7.10 -35.30
N ARG C 287 -27.17 -8.32 -35.88
CA ARG C 287 -28.36 -8.99 -36.40
C ARG C 287 -28.43 -10.45 -35.95
N TRP C 288 -29.67 -10.89 -35.70
CA TRP C 288 -29.97 -12.30 -35.41
C TRP C 288 -30.98 -12.79 -36.44
N GLU C 289 -30.77 -14.02 -36.93
CA GLU C 289 -31.59 -14.59 -37.99
C GLU C 289 -32.22 -15.90 -37.49
N SER C 290 -33.41 -16.25 -38.02
CA SER C 290 -34.17 -17.40 -37.57
C SER C 290 -33.61 -18.76 -38.07
N TRP C 291 -32.49 -18.80 -38.82
CA TRP C 291 -32.10 -19.97 -39.62
C TRP C 291 -31.60 -21.11 -38.74
N GLY C 292 -31.37 -20.77 -37.46
CA GLY C 292 -30.91 -21.71 -36.46
C GLY C 292 -31.90 -22.85 -36.29
N TRP C 293 -33.20 -22.53 -36.44
CA TRP C 293 -34.28 -23.50 -36.30
C TRP C 293 -34.62 -24.22 -37.61
N GLY C 294 -33.92 -23.90 -38.70
CA GLY C 294 -34.26 -24.41 -40.01
C GLY C 294 -35.70 -24.03 -40.41
N PHE C 295 -36.45 -25.00 -40.93
CA PHE C 295 -37.81 -24.76 -41.40
C PHE C 295 -38.82 -24.88 -40.25
N ASN C 296 -38.36 -25.13 -39.02
CA ASN C 296 -39.30 -25.39 -37.92
C ASN C 296 -39.49 -24.18 -37.00
N TRP C 297 -39.09 -22.99 -37.44
CA TRP C 297 -39.40 -21.75 -36.73
C TRP C 297 -40.92 -21.52 -36.69
N THR C 298 -41.36 -20.75 -35.68
CA THR C 298 -42.73 -20.24 -35.62
C THR C 298 -42.65 -18.75 -35.27
N ILE C 299 -43.74 -18.04 -35.51
CA ILE C 299 -43.79 -16.63 -35.16
C ILE C 299 -43.53 -16.45 -33.66
N ASP C 300 -44.16 -17.28 -32.82
CA ASP C 300 -44.09 -17.07 -31.38
C ASP C 300 -42.71 -17.43 -30.82
N LEU C 301 -42.02 -18.40 -31.45
CA LEU C 301 -40.66 -18.71 -31.07
C LEU C 301 -39.74 -17.50 -31.29
N ILE C 302 -39.91 -16.81 -32.42
CA ILE C 302 -39.08 -15.66 -32.71
C ILE C 302 -39.39 -14.52 -31.73
N ILE C 303 -40.68 -14.26 -31.51
CA ILE C 303 -41.10 -13.20 -30.60
C ILE C 303 -40.53 -13.46 -29.19
N GLY C 304 -40.52 -14.73 -28.78
CA GLY C 304 -40.09 -15.13 -27.44
C GLY C 304 -38.63 -14.78 -27.16
N LYS C 305 -37.82 -14.62 -28.22
CA LYS C 305 -36.40 -14.32 -28.06
C LYS C 305 -36.11 -12.82 -28.01
N LEU C 306 -37.11 -11.98 -28.28
CA LEU C 306 -36.82 -10.58 -28.58
C LEU C 306 -36.35 -9.79 -27.36
N ASP C 307 -36.94 -10.04 -26.18
CA ASP C 307 -36.53 -9.36 -24.95
C ASP C 307 -35.03 -9.57 -24.69
N GLU C 308 -34.56 -10.81 -24.74
CA GLU C 308 -33.17 -11.09 -24.37
C GLU C 308 -32.22 -10.58 -25.47
N LEU C 309 -32.64 -10.63 -26.74
CA LEU C 309 -31.82 -10.12 -27.84
C LEU C 309 -31.63 -8.61 -27.71
N GLN C 310 -32.72 -7.91 -27.35
CA GLN C 310 -32.67 -6.46 -27.17
C GLN C 310 -31.68 -6.10 -26.06
N ALA C 311 -31.77 -6.77 -24.91
CA ALA C 311 -30.92 -6.45 -23.77
C ALA C 311 -29.45 -6.71 -24.10
N ALA C 312 -29.17 -7.70 -24.96
CA ALA C 312 -27.80 -8.04 -25.26
C ALA C 312 -27.20 -7.15 -26.37
N GLY C 313 -28.02 -6.41 -27.11
CA GLY C 313 -27.55 -5.38 -28.04
C GLY C 313 -27.91 -5.60 -29.51
N VAL C 314 -28.72 -6.62 -29.81
CA VAL C 314 -29.15 -6.87 -31.17
C VAL C 314 -30.17 -5.82 -31.60
N LYS C 315 -30.07 -5.37 -32.86
CA LYS C 315 -30.91 -4.31 -33.40
C LYS C 315 -31.58 -4.68 -34.72
N GLN C 316 -31.45 -5.94 -35.18
CA GLN C 316 -32.00 -6.35 -36.46
C GLN C 316 -32.33 -7.85 -36.45
N ILE C 317 -33.46 -8.22 -37.09
CA ILE C 317 -33.97 -9.59 -37.12
C ILE C 317 -34.30 -10.00 -38.56
N THR C 318 -33.81 -11.17 -39.00
CA THR C 318 -34.22 -11.73 -40.28
C THR C 318 -35.20 -12.89 -40.08
N LEU C 319 -36.35 -12.84 -40.78
CA LEU C 319 -37.14 -14.02 -41.03
C LEU C 319 -36.55 -14.74 -42.23
N ASP C 320 -35.95 -15.91 -41.96
CA ASP C 320 -35.19 -16.63 -42.97
C ASP C 320 -36.10 -17.57 -43.76
N ASP C 321 -35.49 -18.57 -44.40
CA ASP C 321 -36.16 -19.43 -45.36
C ASP C 321 -37.28 -20.22 -44.68
N GLY C 322 -38.34 -20.53 -45.46
CA GLY C 322 -39.43 -21.39 -45.03
C GLY C 322 -40.73 -20.65 -44.73
N TRP C 323 -40.88 -19.39 -45.19
CA TRP C 323 -42.05 -18.59 -44.84
C TRP C 323 -43.11 -18.62 -45.95
N TYR C 324 -42.77 -19.11 -47.15
CA TYR C 324 -43.55 -18.85 -48.35
C TYR C 324 -44.17 -20.15 -48.90
N THR C 325 -45.17 -19.99 -49.79
CA THR C 325 -45.77 -21.10 -50.52
C THR C 325 -44.82 -21.61 -51.61
N ASN C 326 -44.49 -20.72 -52.56
CA ASN C 326 -43.61 -21.00 -53.68
C ASN C 326 -42.87 -19.74 -54.07
N ALA C 327 -41.67 -19.90 -54.63
CA ALA C 327 -40.97 -18.79 -55.27
C ALA C 327 -41.81 -18.23 -56.41
N GLY C 328 -41.55 -16.97 -56.78
CA GLY C 328 -42.32 -16.29 -57.81
C GLY C 328 -43.61 -15.69 -57.27
N ASP C 329 -44.47 -16.55 -56.70
CA ASP C 329 -45.68 -16.11 -56.03
C ASP C 329 -45.33 -15.33 -54.76
N TRP C 330 -44.38 -15.85 -53.97
CA TRP C 330 -43.97 -15.23 -52.72
C TRP C 330 -45.18 -14.83 -51.87
N ALA C 331 -46.10 -15.78 -51.66
CA ALA C 331 -47.22 -15.63 -50.73
C ALA C 331 -46.91 -16.30 -49.39
N LEU C 332 -47.57 -15.82 -48.33
CA LEU C 332 -47.42 -16.38 -47.00
C LEU C 332 -47.87 -17.85 -46.99
N ASN C 333 -47.07 -18.70 -46.36
CA ASN C 333 -47.42 -20.09 -46.10
C ASN C 333 -48.50 -20.14 -45.01
N PRO C 334 -49.68 -20.72 -45.28
CA PRO C 334 -50.77 -20.79 -44.30
C PRO C 334 -50.42 -21.50 -42.98
N GLU C 335 -49.54 -22.50 -43.03
CA GLU C 335 -49.08 -23.18 -41.83
C GLU C 335 -48.28 -22.26 -40.91
N LYS C 336 -47.51 -21.31 -41.48
CA LYS C 336 -46.72 -20.39 -40.66
C LYS C 336 -47.52 -19.14 -40.32
N PHE C 337 -48.46 -18.75 -41.21
CA PHE C 337 -49.30 -17.57 -41.03
C PHE C 337 -50.77 -17.97 -41.12
N PRO C 338 -51.33 -18.70 -40.13
CA PRO C 338 -52.74 -19.11 -40.21
C PRO C 338 -53.75 -17.98 -40.31
N ASN C 339 -53.41 -16.77 -39.83
CA ASN C 339 -54.32 -15.63 -39.88
C ASN C 339 -53.98 -14.67 -41.02
N GLY C 340 -53.07 -15.08 -41.91
CA GLY C 340 -52.70 -14.29 -43.07
C GLY C 340 -51.84 -13.10 -42.68
N ALA C 341 -52.09 -11.95 -43.32
CA ALA C 341 -51.24 -10.78 -43.24
C ALA C 341 -51.14 -10.25 -41.80
N SER C 342 -52.21 -10.39 -41.00
CA SER C 342 -52.19 -9.91 -39.63
C SER C 342 -51.10 -10.62 -38.80
N ASP C 343 -50.80 -11.88 -39.17
CA ASP C 343 -49.76 -12.65 -38.49
C ASP C 343 -48.36 -12.10 -38.85
N ALA C 344 -48.17 -11.74 -40.12
CA ALA C 344 -46.90 -11.16 -40.52
C ALA C 344 -46.69 -9.83 -39.81
N LEU C 345 -47.74 -9.00 -39.72
CA LEU C 345 -47.68 -7.68 -39.06
C LEU C 345 -47.42 -7.80 -37.56
N ARG C 346 -48.01 -8.83 -36.94
CA ARG C 346 -47.80 -9.10 -35.53
C ARG C 346 -46.31 -9.37 -35.27
N LEU C 347 -45.67 -10.06 -36.22
CA LEU C 347 -44.24 -10.37 -36.10
C LEU C 347 -43.40 -9.10 -36.26
N THR C 348 -43.64 -8.31 -37.32
CA THR C 348 -42.81 -7.14 -37.59
C THR C 348 -43.10 -6.04 -36.56
N ASP C 349 -44.36 -5.89 -36.12
CA ASP C 349 -44.68 -4.92 -35.07
C ASP C 349 -43.87 -5.22 -33.82
N ALA C 350 -43.84 -6.50 -33.40
CA ALA C 350 -43.13 -6.88 -32.19
C ALA C 350 -41.64 -6.58 -32.34
N ILE C 351 -41.08 -6.85 -33.53
CA ILE C 351 -39.69 -6.55 -33.80
C ILE C 351 -39.45 -5.05 -33.63
N HIS C 352 -40.32 -4.22 -34.27
CA HIS C 352 -40.23 -2.76 -34.19
C HIS C 352 -40.35 -2.27 -32.74
N GLU C 353 -41.20 -2.91 -31.93
CA GLU C 353 -41.44 -2.50 -30.55
C GLU C 353 -40.19 -2.74 -29.68
N HIS C 354 -39.27 -3.60 -30.12
CA HIS C 354 -38.02 -3.83 -29.41
C HIS C 354 -36.87 -3.00 -30.00
N GLY C 355 -37.21 -1.94 -30.77
CA GLY C 355 -36.24 -1.04 -31.35
C GLY C 355 -35.40 -1.63 -32.51
N MET C 356 -35.96 -2.61 -33.24
CA MET C 356 -35.20 -3.34 -34.26
C MET C 356 -35.82 -3.16 -35.65
N THR C 357 -35.00 -3.38 -36.71
CA THR C 357 -35.50 -3.51 -38.06
C THR C 357 -35.71 -4.99 -38.40
N ALA C 358 -36.63 -5.27 -39.34
CA ALA C 358 -36.99 -6.62 -39.76
C ALA C 358 -36.70 -6.86 -41.25
N LEU C 359 -36.02 -7.99 -41.55
CA LEU C 359 -35.63 -8.36 -42.90
C LEU C 359 -36.34 -9.64 -43.33
N LEU C 360 -36.52 -9.80 -44.66
CA LEU C 360 -37.18 -10.98 -45.23
C LEU C 360 -36.30 -11.67 -46.27
N TRP C 361 -36.20 -13.01 -46.15
CA TRP C 361 -35.48 -13.88 -47.08
C TRP C 361 -36.26 -13.98 -48.39
N TRP C 362 -35.53 -13.96 -49.53
CA TRP C 362 -36.12 -14.30 -50.82
C TRP C 362 -35.05 -14.78 -51.81
N ARG C 363 -35.52 -15.36 -52.93
CA ARG C 363 -34.65 -15.78 -54.02
C ARG C 363 -35.03 -15.00 -55.29
N PRO C 364 -34.33 -13.89 -55.59
CA PRO C 364 -34.59 -13.17 -56.83
C PRO C 364 -34.23 -14.02 -58.06
N CYS C 365 -34.98 -13.78 -59.15
CA CYS C 365 -34.80 -14.43 -60.44
C CYS C 365 -35.60 -15.73 -60.54
N ASP C 366 -36.09 -16.27 -59.40
CA ASP C 366 -36.79 -17.55 -59.41
C ASP C 366 -38.30 -17.32 -59.46
N GLY C 367 -38.94 -17.83 -60.53
CA GLY C 367 -40.38 -17.71 -60.72
C GLY C 367 -41.13 -18.97 -60.30
N GLY C 368 -40.41 -19.95 -59.73
CA GLY C 368 -41.00 -21.18 -59.20
C GLY C 368 -41.18 -22.24 -60.28
N ILE C 369 -41.78 -23.39 -59.92
CA ILE C 369 -42.10 -24.45 -60.87
C ILE C 369 -43.59 -24.77 -60.81
N ASP C 370 -44.09 -25.01 -59.59
CA ASP C 370 -45.50 -25.25 -59.34
C ASP C 370 -46.22 -23.96 -58.96
N SER C 371 -45.59 -22.81 -59.22
CA SER C 371 -46.15 -21.52 -58.89
C SER C 371 -47.38 -21.23 -59.76
N ILE C 372 -48.28 -20.39 -59.22
CA ILE C 372 -49.34 -19.77 -60.00
C ILE C 372 -48.72 -18.94 -61.14
N LEU C 373 -47.60 -18.28 -60.85
CA LEU C 373 -46.90 -17.46 -61.82
C LEU C 373 -46.55 -18.27 -63.08
N TYR C 374 -45.98 -19.48 -62.91
CA TYR C 374 -45.59 -20.28 -64.07
C TYR C 374 -46.82 -20.80 -64.81
N GLN C 375 -47.89 -21.16 -64.07
CA GLN C 375 -49.12 -21.67 -64.67
C GLN C 375 -49.79 -20.58 -65.50
N GLN C 376 -49.89 -19.36 -64.97
CA GLN C 376 -50.61 -18.28 -65.61
C GLN C 376 -49.76 -17.53 -66.65
N HIS C 377 -48.44 -17.43 -66.44
CA HIS C 377 -47.62 -16.59 -67.30
C HIS C 377 -46.29 -17.26 -67.68
N PRO C 378 -46.28 -18.37 -68.43
CA PRO C 378 -45.01 -18.95 -68.85
C PRO C 378 -44.18 -18.05 -69.79
N GLU C 379 -44.82 -17.04 -70.40
CA GLU C 379 -44.18 -16.12 -71.33
C GLU C 379 -43.18 -15.20 -70.61
N TYR C 380 -43.25 -15.10 -69.28
CA TYR C 380 -42.31 -14.32 -68.50
C TYR C 380 -40.97 -15.03 -68.27
N PHE C 381 -40.88 -16.32 -68.58
CA PHE C 381 -39.76 -17.15 -68.13
C PHE C 381 -38.76 -17.32 -69.28
N VAL C 382 -37.53 -17.75 -68.93
CA VAL C 382 -36.51 -18.11 -69.90
C VAL C 382 -36.88 -19.46 -70.54
N MET C 383 -36.66 -19.55 -71.86
CA MET C 383 -36.91 -20.74 -72.67
C MET C 383 -35.59 -21.26 -73.23
N ASP C 384 -35.35 -22.57 -73.09
CA ASP C 384 -34.12 -23.21 -73.57
C ASP C 384 -34.21 -23.47 -75.08
N ALA C 385 -33.12 -23.98 -75.65
CA ALA C 385 -33.00 -24.23 -77.08
C ALA C 385 -34.05 -25.22 -77.60
N ASP C 386 -34.50 -26.15 -76.76
CA ASP C 386 -35.50 -27.14 -77.13
C ASP C 386 -36.92 -26.64 -76.90
N GLY C 387 -37.10 -25.41 -76.42
CA GLY C 387 -38.42 -24.86 -76.25
C GLY C 387 -39.04 -25.15 -74.87
N ARG C 388 -38.23 -25.67 -73.93
CA ARG C 388 -38.70 -25.99 -72.59
C ARG C 388 -38.33 -24.89 -71.61
N PRO C 389 -39.02 -24.75 -70.45
CA PRO C 389 -38.64 -23.76 -69.44
C PRO C 389 -37.27 -24.11 -68.88
N ALA C 390 -36.42 -23.09 -68.67
CA ALA C 390 -35.04 -23.31 -68.22
C ALA C 390 -34.91 -23.11 -66.71
N ARG C 391 -34.29 -24.07 -66.04
CA ARG C 391 -34.03 -24.01 -64.61
C ARG C 391 -32.86 -23.05 -64.34
N LEU C 392 -32.92 -22.33 -63.21
CA LEU C 392 -31.77 -21.61 -62.70
C LEU C 392 -30.60 -22.58 -62.43
N PRO C 393 -29.39 -22.26 -62.90
CA PRO C 393 -28.21 -23.09 -62.67
C PRO C 393 -27.47 -22.93 -61.34
N THR C 394 -26.90 -24.05 -60.88
CA THR C 394 -25.88 -24.07 -59.84
C THR C 394 -24.55 -23.70 -60.49
N PRO C 395 -23.54 -23.26 -59.69
CA PRO C 395 -22.22 -22.93 -60.22
C PRO C 395 -21.58 -24.06 -60.99
N GLY C 396 -21.15 -23.78 -62.24
CA GLY C 396 -20.52 -24.78 -63.09
C GLY C 396 -21.53 -25.59 -63.91
N GLY C 397 -22.83 -25.35 -63.69
CA GLY C 397 -23.86 -26.11 -64.39
C GLY C 397 -24.55 -27.08 -63.43
N GLY C 398 -25.64 -27.69 -63.88
CA GLY C 398 -26.47 -28.53 -63.03
C GLY C 398 -27.57 -27.68 -62.37
N THR C 399 -28.41 -28.36 -61.58
CA THR C 399 -29.47 -27.68 -60.86
C THR C 399 -29.58 -28.31 -59.48
N ASN C 400 -30.54 -27.78 -58.71
CA ASN C 400 -30.81 -28.16 -57.33
C ASN C 400 -32.33 -28.26 -57.19
N PRO C 401 -32.86 -29.22 -56.40
CA PRO C 401 -34.31 -29.38 -56.26
C PRO C 401 -35.07 -28.16 -55.73
N SER C 402 -34.40 -27.29 -54.98
CA SER C 402 -35.04 -26.08 -54.47
C SER C 402 -35.08 -24.94 -55.50
N LEU C 403 -34.26 -25.01 -56.55
CA LEU C 403 -34.16 -23.94 -57.54
C LEU C 403 -35.24 -24.09 -58.60
N GLY C 404 -36.00 -23.04 -58.89
CA GLY C 404 -37.09 -23.14 -59.88
C GLY C 404 -36.69 -22.68 -61.30
N TYR C 405 -37.71 -22.36 -62.10
CA TYR C 405 -37.51 -21.85 -63.44
C TYR C 405 -37.10 -20.38 -63.38
N ALA C 406 -36.17 -20.01 -64.27
CA ALA C 406 -35.63 -18.67 -64.35
C ALA C 406 -36.61 -17.69 -64.98
N LEU C 407 -36.76 -16.52 -64.35
CA LEU C 407 -37.47 -15.40 -64.97
C LEU C 407 -36.54 -14.69 -65.95
N CYS C 408 -37.08 -14.33 -67.12
CA CYS C 408 -36.28 -13.60 -68.08
C CYS C 408 -36.20 -12.13 -67.68
N PRO C 409 -35.00 -11.57 -67.51
CA PRO C 409 -34.84 -10.17 -67.09
C PRO C 409 -35.34 -9.13 -68.08
N MET C 410 -35.63 -9.53 -69.33
CA MET C 410 -36.15 -8.60 -70.32
C MET C 410 -37.68 -8.72 -70.47
N ALA C 411 -38.33 -9.62 -69.72
CA ALA C 411 -39.78 -9.66 -69.76
C ALA C 411 -40.32 -8.67 -68.73
N ASP C 412 -41.10 -7.70 -69.16
CA ASP C 412 -41.65 -6.69 -68.26
C ASP C 412 -42.46 -7.35 -67.12
N GLY C 413 -43.26 -8.38 -67.44
CA GLY C 413 -44.05 -9.10 -66.44
C GLY C 413 -43.22 -9.77 -65.34
N ALA C 414 -42.04 -10.28 -65.72
CA ALA C 414 -41.15 -10.89 -64.74
C ALA C 414 -40.63 -9.84 -63.76
N ILE C 415 -40.19 -8.71 -64.29
CA ILE C 415 -39.65 -7.64 -63.47
C ILE C 415 -40.75 -7.13 -62.54
N ALA C 416 -41.97 -6.99 -63.07
CA ALA C 416 -43.10 -6.51 -62.27
C ALA C 416 -43.41 -7.46 -61.12
N SER C 417 -43.25 -8.77 -61.33
CA SER C 417 -43.51 -9.76 -60.28
C SER C 417 -42.55 -9.53 -59.11
N GLN C 418 -41.31 -9.12 -59.42
CA GLN C 418 -40.33 -8.84 -58.36
C GLN C 418 -40.71 -7.55 -57.61
N VAL C 419 -41.10 -6.51 -58.35
CA VAL C 419 -41.51 -5.24 -57.75
C VAL C 419 -42.73 -5.41 -56.86
N ASP C 420 -43.71 -6.20 -57.32
CA ASP C 420 -44.95 -6.42 -56.57
C ASP C 420 -44.66 -7.14 -55.26
N PHE C 421 -43.69 -8.07 -55.26
CA PHE C 421 -43.27 -8.74 -54.03
C PHE C 421 -42.70 -7.73 -53.04
N VAL C 422 -41.80 -6.87 -53.54
CA VAL C 422 -41.17 -5.88 -52.69
C VAL C 422 -42.24 -4.99 -52.04
N ASN C 423 -43.20 -4.52 -52.84
CA ASN C 423 -44.19 -3.58 -52.33
C ASN C 423 -45.13 -4.25 -51.30
N ARG C 424 -45.46 -5.53 -51.51
CA ARG C 424 -46.31 -6.26 -50.58
C ARG C 424 -45.56 -6.49 -49.26
N ALA C 425 -44.30 -6.92 -49.33
CA ALA C 425 -43.55 -7.27 -48.13
C ALA C 425 -43.30 -6.04 -47.27
N MET C 426 -43.02 -4.89 -47.91
CA MET C 426 -42.76 -3.67 -47.17
C MET C 426 -44.08 -3.04 -46.68
N ASN C 427 -45.05 -2.84 -47.59
CA ASN C 427 -46.22 -2.02 -47.31
C ASN C 427 -47.39 -2.81 -46.69
N ASP C 428 -47.49 -4.12 -46.94
CA ASP C 428 -48.53 -4.94 -46.30
C ASP C 428 -48.03 -5.67 -45.05
N TRP C 429 -46.76 -6.09 -45.03
CA TRP C 429 -46.28 -6.95 -43.95
C TRP C 429 -45.34 -6.23 -42.97
N GLY C 430 -44.82 -5.07 -43.40
CA GLY C 430 -44.08 -4.17 -42.52
C GLY C 430 -42.58 -4.49 -42.45
N PHE C 431 -42.03 -5.19 -43.45
CA PHE C 431 -40.59 -5.47 -43.48
C PHE C 431 -39.80 -4.24 -43.95
N ASP C 432 -38.53 -4.18 -43.52
CA ASP C 432 -37.66 -3.02 -43.68
C ASP C 432 -36.46 -3.33 -44.58
N GLY C 433 -36.44 -4.51 -45.20
CA GLY C 433 -35.29 -4.88 -46.02
C GLY C 433 -35.30 -6.36 -46.39
N PHE C 434 -34.26 -6.79 -47.13
CA PHE C 434 -34.29 -8.07 -47.81
C PHE C 434 -32.94 -8.78 -47.78
N LYS C 435 -33.01 -10.10 -47.59
CA LYS C 435 -31.87 -11.00 -47.71
C LYS C 435 -32.11 -11.89 -48.91
N GLY C 436 -31.59 -11.46 -50.07
CA GLY C 436 -31.57 -12.27 -51.28
C GLY C 436 -30.51 -13.37 -51.17
N ASP C 437 -30.82 -14.53 -51.72
CA ASP C 437 -30.03 -15.70 -51.43
C ASP C 437 -30.30 -16.86 -52.38
N TYR C 438 -29.36 -17.82 -52.44
CA TYR C 438 -29.59 -19.14 -53.01
C TYR C 438 -29.87 -19.03 -54.51
N VAL C 439 -29.08 -18.18 -55.20
CA VAL C 439 -29.17 -18.04 -56.64
C VAL C 439 -27.79 -17.68 -57.19
N TRP C 440 -27.53 -18.04 -58.45
CA TRP C 440 -26.23 -17.85 -59.08
C TRP C 440 -26.42 -17.19 -60.46
N SER C 441 -26.05 -17.86 -61.56
CA SER C 441 -26.13 -17.25 -62.88
C SER C 441 -27.54 -17.44 -63.47
N MET C 442 -27.66 -17.10 -64.75
CA MET C 442 -28.94 -16.96 -65.45
C MET C 442 -28.79 -17.62 -66.82
N PRO C 443 -29.67 -18.56 -67.20
CA PRO C 443 -29.52 -19.28 -68.46
C PRO C 443 -29.86 -18.41 -69.67
N GLU C 444 -29.35 -18.86 -70.83
CA GLU C 444 -29.61 -18.24 -72.12
C GLU C 444 -31.06 -18.44 -72.51
N CYS C 445 -31.66 -17.43 -73.15
CA CYS C 445 -33.09 -17.43 -73.49
C CYS C 445 -33.28 -17.52 -75.01
N TYR C 446 -34.11 -18.47 -75.46
CA TYR C 446 -34.39 -18.72 -76.87
C TYR C 446 -35.86 -18.49 -77.22
N ASN C 447 -36.61 -17.79 -76.35
CA ASN C 447 -38.01 -17.54 -76.63
C ASN C 447 -38.12 -16.50 -77.74
N PRO C 448 -38.64 -16.85 -78.94
CA PRO C 448 -38.64 -15.92 -80.07
C PRO C 448 -39.51 -14.68 -79.83
N ALA C 449 -40.53 -14.81 -78.96
CA ALA C 449 -41.42 -13.72 -78.62
C ALA C 449 -40.71 -12.65 -77.79
N HIS C 450 -39.54 -12.94 -77.21
CA HIS C 450 -38.78 -11.94 -76.48
C HIS C 450 -37.91 -11.09 -77.41
N ASN C 451 -37.67 -11.56 -78.65
CA ASN C 451 -36.91 -10.81 -79.65
C ASN C 451 -35.50 -10.47 -79.15
N HIS C 452 -34.78 -11.48 -78.64
CA HIS C 452 -33.46 -11.23 -78.08
C HIS C 452 -32.45 -10.97 -79.20
N ALA C 453 -31.51 -10.05 -78.96
CA ALA C 453 -30.41 -9.79 -79.88
C ALA C 453 -29.57 -11.04 -80.10
N SER C 454 -29.33 -11.75 -79.01
CA SER C 454 -28.65 -13.04 -79.01
C SER C 454 -29.14 -13.82 -77.78
N PRO C 455 -28.96 -15.16 -77.72
CA PRO C 455 -29.38 -15.90 -76.54
C PRO C 455 -28.69 -15.53 -75.22
N GLU C 456 -27.47 -14.95 -75.27
CA GLU C 456 -26.74 -14.55 -74.08
C GLU C 456 -27.31 -13.30 -73.41
N GLU C 457 -28.23 -12.61 -74.09
CA GLU C 457 -28.74 -11.34 -73.58
C GLU C 457 -29.40 -11.50 -72.20
N SER C 458 -30.09 -12.62 -71.95
CA SER C 458 -30.68 -12.88 -70.65
C SER C 458 -29.58 -12.90 -69.57
N THR C 459 -28.54 -13.68 -69.80
CA THR C 459 -27.42 -13.79 -68.87
C THR C 459 -26.85 -12.39 -68.59
N GLU C 460 -26.63 -11.61 -69.66
CA GLU C 460 -26.01 -10.30 -69.58
C GLU C 460 -26.84 -9.35 -68.71
N LYS C 461 -28.17 -9.48 -68.79
CA LYS C 461 -29.08 -8.53 -68.17
C LYS C 461 -29.61 -9.00 -66.82
N GLN C 462 -29.04 -10.06 -66.25
CA GLN C 462 -29.49 -10.59 -64.97
C GLN C 462 -29.57 -9.46 -63.95
N SER C 463 -28.56 -8.56 -63.94
CA SER C 463 -28.45 -7.55 -62.89
C SER C 463 -29.59 -6.52 -62.92
N GLU C 464 -30.36 -6.46 -64.01
CA GLU C 464 -31.51 -5.56 -64.09
C GLU C 464 -32.57 -5.94 -63.05
N ILE C 465 -32.67 -7.23 -62.73
CA ILE C 465 -33.58 -7.68 -61.69
C ILE C 465 -33.17 -7.05 -60.35
N TYR C 466 -31.86 -7.04 -60.07
CA TYR C 466 -31.35 -6.52 -58.81
C TYR C 466 -31.55 -5.01 -58.75
N ARG C 467 -31.29 -4.31 -59.87
CA ARG C 467 -31.40 -2.86 -59.93
C ARG C 467 -32.85 -2.41 -59.72
N VAL C 468 -33.77 -2.98 -60.50
CA VAL C 468 -35.15 -2.51 -60.46
C VAL C 468 -35.78 -2.83 -59.10
N SER C 469 -35.46 -3.99 -58.54
CA SER C 469 -35.97 -4.38 -57.22
C SER C 469 -35.54 -3.36 -56.16
N TYR C 470 -34.24 -3.03 -56.16
CA TYR C 470 -33.69 -2.11 -55.18
C TYR C 470 -34.35 -0.74 -55.33
N GLU C 471 -34.57 -0.28 -56.57
CA GLU C 471 -35.12 1.05 -56.78
C GLU C 471 -36.53 1.10 -56.17
N ALA C 472 -37.27 0.01 -56.28
CA ALA C 472 -38.61 -0.07 -55.70
C ALA C 472 -38.57 -0.08 -54.17
N MET C 473 -37.59 -0.83 -53.61
CA MET C 473 -37.35 -0.83 -52.17
C MET C 473 -37.12 0.60 -51.65
N VAL C 474 -36.24 1.34 -52.35
CA VAL C 474 -35.83 2.67 -51.93
C VAL C 474 -37.01 3.63 -51.96
N ALA C 475 -37.90 3.45 -52.94
CA ALA C 475 -39.07 4.31 -53.05
C ALA C 475 -40.00 4.16 -51.84
N ASN C 476 -40.07 2.98 -51.24
CA ASN C 476 -40.88 2.79 -50.03
C ASN C 476 -40.16 3.36 -48.79
N ASP C 477 -38.84 3.15 -48.72
CA ASP C 477 -38.04 3.60 -47.57
C ASP C 477 -36.59 3.79 -48.02
N PRO C 478 -36.09 5.03 -47.99
CA PRO C 478 -34.71 5.30 -48.43
C PRO C 478 -33.65 4.62 -47.57
N ASN C 479 -34.01 4.20 -46.34
CA ASN C 479 -33.08 3.52 -45.44
C ASN C 479 -33.19 1.99 -45.50
N VAL C 480 -33.86 1.46 -46.53
CA VAL C 480 -34.05 0.03 -46.67
C VAL C 480 -32.71 -0.70 -46.73
N PHE C 481 -32.69 -1.91 -46.18
CA PHE C 481 -31.52 -2.78 -46.20
C PHE C 481 -31.62 -3.73 -47.39
N ASN C 482 -30.51 -3.99 -48.09
CA ASN C 482 -30.52 -4.90 -49.23
C ASN C 482 -29.18 -5.66 -49.30
N LEU C 483 -29.30 -7.00 -49.36
CA LEU C 483 -28.17 -7.92 -49.48
C LEU C 483 -28.50 -9.05 -50.46
N LEU C 484 -27.47 -9.57 -51.15
CA LEU C 484 -27.59 -10.73 -52.02
C LEU C 484 -26.40 -11.69 -51.77
N CYS C 485 -26.69 -12.97 -51.54
CA CYS C 485 -25.68 -14.01 -51.35
C CYS C 485 -25.78 -15.03 -52.48
N ASN C 486 -24.82 -14.96 -53.42
CA ASN C 486 -24.56 -16.03 -54.39
C ASN C 486 -23.72 -17.08 -53.66
N CYS C 487 -24.39 -17.81 -52.76
CA CYS C 487 -23.77 -18.56 -51.68
C CYS C 487 -22.63 -19.45 -52.17
N GLY C 488 -21.49 -19.40 -51.46
CA GLY C 488 -20.39 -20.34 -51.71
C GLY C 488 -19.51 -19.92 -52.87
N THR C 489 -19.76 -18.72 -53.43
CA THR C 489 -19.04 -18.15 -54.55
C THR C 489 -18.84 -16.65 -54.28
N PRO C 490 -17.93 -15.98 -55.02
CA PRO C 490 -17.86 -14.52 -54.95
C PRO C 490 -19.15 -13.94 -55.52
N GLN C 491 -19.61 -12.83 -54.94
CA GLN C 491 -20.88 -12.23 -55.32
C GLN C 491 -20.87 -11.72 -56.76
N ASP C 492 -22.04 -11.78 -57.41
CA ASP C 492 -22.23 -11.22 -58.74
C ASP C 492 -21.83 -9.75 -58.73
N TYR C 493 -20.73 -9.44 -59.46
CA TYR C 493 -20.12 -8.11 -59.44
C TYR C 493 -21.12 -7.03 -59.81
N TYR C 494 -22.00 -7.31 -60.78
CA TYR C 494 -22.88 -6.28 -61.31
C TYR C 494 -24.13 -6.11 -60.44
N SER C 495 -24.29 -6.96 -59.40
CA SER C 495 -25.27 -6.72 -58.35
C SER C 495 -24.79 -5.69 -57.31
N LEU C 496 -23.46 -5.52 -57.17
CA LEU C 496 -22.86 -4.83 -56.02
C LEU C 496 -23.31 -3.37 -55.89
N PRO C 497 -23.47 -2.60 -56.99
CA PRO C 497 -23.95 -1.22 -56.86
C PRO C 497 -25.28 -1.02 -56.14
N TYR C 498 -26.09 -2.08 -56.00
CA TYR C 498 -27.45 -1.97 -55.50
C TYR C 498 -27.58 -2.56 -54.08
N MET C 499 -26.45 -2.75 -53.39
CA MET C 499 -26.42 -3.38 -52.08
C MET C 499 -26.15 -2.34 -50.98
N THR C 500 -26.61 -2.65 -49.74
CA THR C 500 -26.24 -1.90 -48.54
C THR C 500 -25.32 -2.71 -47.62
N GLN C 501 -25.23 -4.02 -47.81
CA GLN C 501 -24.35 -4.89 -47.00
C GLN C 501 -23.97 -6.14 -47.80
N ILE C 502 -22.78 -6.69 -47.55
CA ILE C 502 -22.30 -7.91 -48.17
C ILE C 502 -21.99 -8.97 -47.11
N ALA C 503 -22.35 -10.23 -47.40
CA ALA C 503 -21.91 -11.38 -46.60
C ALA C 503 -20.76 -12.10 -47.27
N THR C 504 -19.88 -12.73 -46.49
CA THR C 504 -18.76 -13.49 -47.03
C THR C 504 -19.25 -14.73 -47.78
N ALA C 505 -20.51 -15.15 -47.51
CA ALA C 505 -21.36 -15.97 -48.37
C ALA C 505 -21.17 -17.47 -48.10
N ASP C 506 -21.71 -17.95 -46.97
CA ASP C 506 -21.56 -19.33 -46.54
C ASP C 506 -20.09 -19.75 -46.53
N PRO C 507 -19.22 -18.99 -45.83
CA PRO C 507 -17.83 -19.43 -45.63
C PRO C 507 -17.82 -20.73 -44.83
N THR C 508 -16.86 -21.62 -45.16
CA THR C 508 -16.74 -22.92 -44.52
C THR C 508 -15.52 -22.98 -43.58
N SER C 509 -14.81 -21.86 -43.40
CA SER C 509 -13.65 -21.80 -42.51
C SER C 509 -13.41 -20.36 -42.07
N VAL C 510 -12.63 -20.16 -41.01
CA VAL C 510 -12.23 -18.83 -40.56
C VAL C 510 -11.38 -18.19 -41.67
N ASP C 511 -10.59 -19.00 -42.37
CA ASP C 511 -9.77 -18.49 -43.46
C ASP C 511 -10.65 -17.86 -44.54
N GLN C 512 -11.74 -18.54 -44.90
CA GLN C 512 -12.63 -18.04 -45.94
C GLN C 512 -13.28 -16.72 -45.49
N THR C 513 -13.85 -16.66 -44.28
CA THR C 513 -14.64 -15.49 -43.93
C THR C 513 -13.71 -14.27 -43.80
N ARG C 514 -12.56 -14.42 -43.13
CA ARG C 514 -11.68 -13.28 -42.87
C ARG C 514 -11.08 -12.72 -44.16
N ARG C 515 -10.58 -13.59 -45.06
CA ARG C 515 -9.90 -13.10 -46.25
C ARG C 515 -10.89 -12.44 -47.20
N ARG C 516 -12.14 -12.89 -47.18
CA ARG C 516 -13.15 -12.34 -48.07
C ARG C 516 -13.59 -10.95 -47.61
N VAL C 517 -13.57 -10.72 -46.29
CA VAL C 517 -13.85 -9.38 -45.79
C VAL C 517 -12.89 -8.39 -46.44
N LYS C 518 -11.60 -8.73 -46.48
CA LYS C 518 -10.59 -7.87 -47.07
C LYS C 518 -10.88 -7.63 -48.56
N ALA C 519 -11.25 -8.68 -49.28
CA ALA C 519 -11.54 -8.58 -50.71
C ALA C 519 -12.73 -7.67 -50.98
N TYR C 520 -13.81 -7.82 -50.19
CA TYR C 520 -15.00 -7.02 -50.42
C TYR C 520 -14.76 -5.55 -50.06
N LYS C 521 -14.01 -5.30 -48.98
CA LYS C 521 -13.66 -3.94 -48.60
C LYS C 521 -12.88 -3.26 -49.74
N ALA C 522 -11.99 -4.03 -50.38
CA ALA C 522 -11.20 -3.49 -51.47
C ALA C 522 -12.09 -3.02 -52.63
N LEU C 523 -13.10 -3.83 -52.96
CA LEU C 523 -13.94 -3.58 -54.12
C LEU C 523 -15.02 -2.54 -53.85
N MET C 524 -15.46 -2.42 -52.58
CA MET C 524 -16.67 -1.68 -52.25
C MET C 524 -16.39 -0.37 -51.50
N GLY C 525 -15.21 -0.26 -50.88
CA GLY C 525 -14.87 0.89 -50.05
C GLY C 525 -14.66 0.46 -48.60
N ASP C 526 -13.84 1.24 -47.88
CA ASP C 526 -13.38 0.87 -46.55
C ASP C 526 -14.47 1.02 -45.49
N TYR C 527 -15.53 1.77 -45.77
CA TYR C 527 -16.64 1.93 -44.84
C TYR C 527 -17.87 1.12 -45.27
N PHE C 528 -17.72 0.26 -46.28
CA PHE C 528 -18.88 -0.48 -46.78
C PHE C 528 -19.14 -1.66 -45.85
N PRO C 529 -20.40 -1.88 -45.40
CA PRO C 529 -20.70 -2.96 -44.45
C PRO C 529 -20.49 -4.37 -45.00
N VAL C 530 -19.71 -5.18 -44.26
CA VAL C 530 -19.52 -6.59 -44.56
C VAL C 530 -19.75 -7.40 -43.28
N THR C 531 -20.45 -8.55 -43.40
CA THR C 531 -20.63 -9.48 -42.29
C THR C 531 -19.84 -10.76 -42.53
N ALA C 532 -19.25 -11.28 -41.44
CA ALA C 532 -18.51 -12.53 -41.46
C ALA C 532 -19.40 -13.76 -41.49
N ASP C 533 -20.74 -13.60 -41.45
CA ASP C 533 -21.72 -14.68 -41.55
C ASP C 533 -21.72 -15.53 -40.27
N HIS C 534 -22.56 -16.59 -40.23
CA HIS C 534 -22.82 -17.33 -38.99
C HIS C 534 -22.77 -18.84 -39.17
N ASN C 535 -22.14 -19.31 -40.25
CA ASN C 535 -22.10 -20.73 -40.56
C ASN C 535 -21.39 -21.50 -39.44
N ASN C 536 -20.33 -20.90 -38.86
CA ASN C 536 -19.68 -21.43 -37.65
C ASN C 536 -19.56 -20.26 -36.66
N ILE C 537 -19.35 -20.59 -35.37
CA ILE C 537 -19.14 -19.58 -34.33
C ILE C 537 -17.68 -19.12 -34.35
N TRP C 538 -17.47 -17.86 -34.76
CA TRP C 538 -16.14 -17.27 -34.85
C TRP C 538 -16.17 -15.78 -34.51
N TYR C 539 -16.61 -15.45 -33.30
CA TYR C 539 -16.82 -14.07 -32.89
C TYR C 539 -15.51 -13.26 -32.99
N PRO C 540 -14.33 -13.78 -32.60
CA PRO C 540 -13.09 -13.02 -32.75
C PRO C 540 -12.72 -12.64 -34.18
N SER C 541 -13.02 -13.54 -35.13
CA SER C 541 -12.82 -13.27 -36.56
C SER C 541 -13.72 -12.13 -37.00
N ALA C 542 -14.96 -12.11 -36.51
CA ALA C 542 -15.94 -11.13 -36.96
C ALA C 542 -15.55 -9.73 -36.50
N VAL C 543 -15.12 -9.61 -35.23
CA VAL C 543 -14.81 -8.30 -34.65
C VAL C 543 -13.51 -7.74 -35.26
N GLY C 544 -12.45 -8.55 -35.27
CA GLY C 544 -11.12 -8.07 -35.62
C GLY C 544 -10.98 -7.69 -37.10
N THR C 545 -11.82 -8.23 -37.98
CA THR C 545 -11.78 -7.92 -39.41
C THR C 545 -12.54 -6.62 -39.72
N GLY C 546 -13.28 -6.10 -38.74
CA GLY C 546 -14.11 -4.92 -38.90
C GLY C 546 -15.45 -5.25 -39.55
N SER C 547 -15.91 -6.48 -39.34
CA SER C 547 -17.15 -6.98 -39.91
C SER C 547 -18.31 -6.82 -38.93
N VAL C 548 -19.53 -6.91 -39.46
CA VAL C 548 -20.76 -6.93 -38.67
C VAL C 548 -20.98 -8.33 -38.11
N LEU C 549 -21.14 -8.43 -36.77
CA LEU C 549 -21.28 -9.73 -36.10
C LEU C 549 -22.74 -10.18 -36.16
N ILE C 550 -22.98 -11.37 -36.75
CA ILE C 550 -24.32 -11.93 -36.85
C ILE C 550 -24.36 -13.37 -36.30
N GLU C 551 -25.59 -13.83 -36.02
CA GLU C 551 -25.83 -15.09 -35.34
C GLU C 551 -27.19 -15.61 -35.78
N LYS C 552 -27.40 -16.94 -35.68
CA LYS C 552 -28.65 -17.58 -36.06
C LYS C 552 -29.17 -18.57 -35.02
N ARG C 553 -28.36 -18.89 -34.00
CA ARG C 553 -28.67 -20.01 -33.13
C ARG C 553 -29.51 -19.59 -31.93
N ASP C 554 -30.28 -20.54 -31.40
CA ASP C 554 -30.99 -20.37 -30.12
C ASP C 554 -30.09 -20.93 -29.03
N LEU C 555 -29.39 -20.05 -28.31
CA LEU C 555 -28.30 -20.48 -27.44
C LEU C 555 -28.73 -20.58 -25.98
N SER C 556 -28.04 -21.46 -25.24
CA SER C 556 -28.20 -21.51 -23.80
C SER C 556 -26.87 -21.83 -23.13
N GLY C 557 -26.83 -21.76 -21.78
CA GLY C 557 -25.64 -22.11 -21.02
C GLY C 557 -24.45 -21.22 -21.37
N THR C 558 -23.26 -21.84 -21.42
CA THR C 558 -22.03 -21.09 -21.63
C THR C 558 -21.99 -20.49 -23.05
N ALA C 559 -22.59 -21.15 -24.04
CA ALA C 559 -22.56 -20.61 -25.41
C ALA C 559 -23.38 -19.32 -25.49
N LYS C 560 -24.47 -19.23 -24.70
CA LYS C 560 -25.24 -18.01 -24.61
C LYS C 560 -24.40 -16.89 -23.96
N GLU C 561 -23.68 -17.21 -22.88
CA GLU C 561 -22.82 -16.24 -22.23
C GLU C 561 -21.75 -15.73 -23.19
N GLU C 562 -21.23 -16.63 -24.04
CA GLU C 562 -20.18 -16.31 -24.99
C GLU C 562 -20.71 -15.31 -26.03
N TYR C 563 -21.94 -15.53 -26.52
CA TYR C 563 -22.58 -14.62 -27.47
C TYR C 563 -22.81 -13.25 -26.83
N GLU C 564 -23.32 -13.21 -25.59
CA GLU C 564 -23.56 -11.96 -24.90
C GLU C 564 -22.27 -11.16 -24.72
N LYS C 565 -21.19 -11.86 -24.33
CA LYS C 565 -19.90 -11.23 -24.13
C LYS C 565 -19.46 -10.53 -25.41
N TRP C 566 -19.56 -11.24 -26.54
CA TRP C 566 -18.99 -10.74 -27.78
C TRP C 566 -19.88 -9.70 -28.44
N LEU C 567 -21.20 -9.76 -28.18
CA LEU C 567 -22.09 -8.67 -28.54
C LEU C 567 -21.64 -7.39 -27.82
N GLY C 568 -21.29 -7.52 -26.54
CA GLY C 568 -20.85 -6.40 -25.73
C GLY C 568 -19.56 -5.75 -26.27
N ILE C 569 -18.58 -6.58 -26.62
CA ILE C 569 -17.34 -6.09 -27.21
C ILE C 569 -17.63 -5.40 -28.55
N ALA C 570 -18.39 -6.06 -29.43
CA ALA C 570 -18.68 -5.52 -30.76
C ALA C 570 -19.42 -4.19 -30.66
N ASP C 571 -20.32 -4.08 -29.68
CA ASP C 571 -21.11 -2.88 -29.47
C ASP C 571 -20.28 -1.78 -28.78
N THR C 572 -19.13 -2.13 -28.19
CA THR C 572 -18.25 -1.16 -27.54
C THR C 572 -17.29 -0.57 -28.56
N VAL C 573 -16.53 -1.40 -29.30
CA VAL C 573 -15.50 -0.89 -30.20
C VAL C 573 -16.09 -0.51 -31.56
N GLN C 574 -17.15 -1.19 -32.02
CA GLN C 574 -17.89 -0.81 -33.21
C GLN C 574 -16.97 -0.68 -34.43
N LEU C 575 -16.10 -1.69 -34.62
CA LEU C 575 -15.16 -1.65 -35.73
C LEU C 575 -15.88 -1.85 -37.07
N GLN C 576 -17.12 -2.36 -37.05
CA GLN C 576 -17.91 -2.47 -38.27
C GLN C 576 -18.19 -1.09 -38.90
N LYS C 577 -18.12 -0.02 -38.11
CA LYS C 577 -18.29 1.34 -38.59
C LYS C 577 -16.95 2.06 -38.80
N GLY C 578 -15.84 1.41 -38.49
CA GLY C 578 -14.53 2.02 -38.63
C GLY C 578 -14.01 1.90 -40.05
N ARG C 579 -12.91 2.62 -40.31
CA ARG C 579 -12.23 2.60 -41.60
C ARG C 579 -11.31 1.39 -41.66
N PHE C 580 -11.67 0.40 -42.47
CA PHE C 580 -10.81 -0.73 -42.74
C PHE C 580 -9.54 -0.24 -43.45
N ILE C 581 -8.39 -0.80 -43.07
CA ILE C 581 -7.10 -0.45 -43.64
C ILE C 581 -6.41 -1.73 -44.12
N GLY C 582 -6.22 -1.84 -45.43
CA GLY C 582 -5.79 -3.09 -46.04
C GLY C 582 -4.40 -3.03 -46.65
N ASP C 583 -3.72 -1.88 -46.59
CA ASP C 583 -2.50 -1.64 -47.36
C ASP C 583 -1.23 -1.73 -46.48
N LEU C 584 -1.36 -2.17 -45.22
CA LEU C 584 -0.22 -2.21 -44.31
C LEU C 584 0.39 -3.61 -44.22
N TYR C 585 -0.44 -4.66 -44.35
CA TYR C 585 0.00 -6.03 -44.22
C TYR C 585 -0.40 -6.85 -45.45
N SER C 586 0.46 -7.81 -45.80
CA SER C 586 0.27 -8.68 -46.96
C SER C 586 -0.04 -10.12 -46.52
N TYR C 587 -1.25 -10.58 -46.85
CA TYR C 587 -1.66 -11.94 -46.54
C TYR C 587 -0.71 -12.95 -47.18
N GLY C 588 -0.09 -13.78 -46.32
CA GLY C 588 0.80 -14.86 -46.74
C GLY C 588 2.28 -14.48 -46.71
N PHE C 589 2.60 -13.20 -46.45
CA PHE C 589 3.98 -12.72 -46.49
C PHE C 589 4.40 -12.05 -45.18
N ASP C 590 3.54 -11.23 -44.58
CA ASP C 590 3.76 -10.81 -43.20
C ASP C 590 3.65 -12.02 -42.28
N PRO C 591 4.32 -12.01 -41.10
CA PRO C 591 4.40 -13.20 -40.24
C PRO C 591 3.06 -13.78 -39.80
N TYR C 592 2.08 -12.91 -39.51
CA TYR C 592 0.73 -13.36 -39.16
C TYR C 592 -0.29 -12.84 -40.18
N GLU C 593 -1.37 -13.62 -40.34
CA GLU C 593 -2.59 -13.12 -40.96
C GLU C 593 -3.08 -11.94 -40.10
N THR C 594 -3.12 -10.72 -40.67
CA THR C 594 -3.34 -9.50 -39.90
C THR C 594 -4.41 -8.62 -40.54
N TYR C 595 -5.23 -7.96 -39.70
CA TYR C 595 -6.25 -7.01 -40.14
C TYR C 595 -6.14 -5.73 -39.28
N VAL C 596 -6.53 -4.59 -39.87
CA VAL C 596 -6.42 -3.28 -39.23
C VAL C 596 -7.69 -2.48 -39.49
N VAL C 597 -8.17 -1.79 -38.45
CA VAL C 597 -9.28 -0.85 -38.57
C VAL C 597 -8.99 0.41 -37.75
N ALA C 598 -9.25 1.59 -38.32
CA ALA C 598 -9.17 2.85 -37.59
C ALA C 598 -10.57 3.29 -37.17
N ALA C 599 -10.76 3.53 -35.86
CA ALA C 599 -12.03 4.01 -35.32
C ALA C 599 -11.79 5.15 -34.32
N ASP C 600 -12.44 6.30 -34.56
CA ASP C 600 -12.31 7.53 -33.76
C ASP C 600 -10.85 7.89 -33.54
N GLY C 601 -10.04 7.79 -34.60
CA GLY C 601 -8.65 8.19 -34.58
C GLY C 601 -7.73 7.20 -33.84
N VAL C 602 -8.21 5.98 -33.53
CA VAL C 602 -7.39 4.98 -32.85
C VAL C 602 -7.22 3.75 -33.73
N MET C 603 -5.99 3.21 -33.77
CA MET C 603 -5.66 2.05 -34.59
C MET C 603 -5.91 0.75 -33.82
N TYR C 604 -6.70 -0.14 -34.43
CA TYR C 604 -7.00 -1.47 -33.90
C TYR C 604 -6.37 -2.53 -34.81
N TYR C 605 -5.72 -3.52 -34.20
CA TYR C 605 -5.05 -4.59 -34.93
C TYR C 605 -5.64 -5.93 -34.47
N ALA C 606 -5.64 -6.89 -35.41
CA ALA C 606 -6.04 -8.25 -35.13
C ALA C 606 -5.08 -9.24 -35.79
N PHE C 607 -4.47 -10.10 -34.96
CA PHE C 607 -3.55 -11.14 -35.42
C PHE C 607 -4.16 -12.52 -35.17
N TYR C 608 -4.09 -13.41 -36.18
CA TYR C 608 -4.65 -14.75 -36.10
C TYR C 608 -3.61 -15.82 -36.41
N LYS C 609 -3.81 -16.98 -35.78
CA LYS C 609 -2.97 -18.15 -35.93
C LYS C 609 -3.82 -19.40 -36.23
N ASP C 610 -5.15 -19.27 -36.23
CA ASP C 610 -6.02 -20.44 -36.27
C ASP C 610 -6.46 -20.77 -37.70
N GLY C 611 -5.97 -20.01 -38.69
CA GLY C 611 -6.23 -20.33 -40.09
C GLY C 611 -5.17 -21.28 -40.66
N SER C 612 -5.58 -22.53 -40.94
CA SER C 612 -4.67 -23.56 -41.39
C SER C 612 -4.04 -23.24 -42.76
N LYS C 613 -4.62 -22.31 -43.54
CA LYS C 613 -4.10 -22.00 -44.87
C LYS C 613 -2.85 -21.12 -44.80
N TYR C 614 -2.72 -20.33 -43.73
CA TYR C 614 -1.50 -19.56 -43.47
C TYR C 614 -1.31 -19.28 -41.98
N SER C 615 -0.35 -20.01 -41.42
CA SER C 615 -0.08 -19.94 -39.98
C SER C 615 1.39 -20.19 -39.70
N PRO C 616 2.07 -19.35 -38.92
CA PRO C 616 3.49 -19.54 -38.63
C PRO C 616 3.75 -20.74 -37.72
N THR C 617 4.88 -21.42 -37.95
CA THR C 617 5.51 -22.23 -36.93
C THR C 617 6.12 -21.27 -35.91
N GLY C 618 5.81 -21.56 -34.64
CA GLY C 618 6.39 -20.82 -33.55
C GLY C 618 5.68 -19.50 -33.32
N TYR C 619 6.44 -18.53 -32.81
CA TYR C 619 5.91 -17.35 -32.16
C TYR C 619 6.72 -16.14 -32.63
N PRO C 620 6.55 -15.70 -33.89
CA PRO C 620 7.24 -14.50 -34.37
C PRO C 620 6.80 -13.24 -33.62
N ASP C 621 7.69 -12.25 -33.62
CA ASP C 621 7.44 -10.92 -33.08
C ASP C 621 6.25 -10.28 -33.81
N ILE C 622 5.50 -9.47 -33.06
CA ILE C 622 4.45 -8.64 -33.61
C ILE C 622 5.01 -7.22 -33.84
N GLU C 623 4.80 -6.73 -35.06
CA GLU C 623 5.13 -5.38 -35.46
C GLU C 623 3.83 -4.64 -35.77
N LEU C 624 3.64 -3.48 -35.13
CA LEU C 624 2.51 -2.61 -35.42
C LEU C 624 2.93 -1.55 -36.43
N LYS C 625 2.25 -1.55 -37.59
CA LYS C 625 2.58 -0.64 -38.68
C LYS C 625 1.53 0.46 -38.77
N GLY C 626 1.94 1.60 -39.34
CA GLY C 626 1.04 2.70 -39.61
C GLY C 626 0.85 3.65 -38.43
N LEU C 627 1.68 3.56 -37.38
CA LEU C 627 1.61 4.49 -36.26
C LEU C 627 2.46 5.72 -36.55
N ASP C 628 2.19 6.81 -35.82
CA ASP C 628 2.96 8.03 -35.92
C ASP C 628 4.36 7.80 -35.34
N PRO C 629 5.45 8.05 -36.10
CA PRO C 629 6.82 7.81 -35.62
C PRO C 629 7.21 8.66 -34.40
N ASN C 630 6.60 9.85 -34.24
CA ASN C 630 6.93 10.73 -33.13
C ASN C 630 6.11 10.49 -31.86
N LYS C 631 5.13 9.57 -31.88
CA LYS C 631 4.26 9.38 -30.72
C LYS C 631 4.65 8.10 -29.97
N MET C 632 4.19 8.01 -28.72
CA MET C 632 4.44 6.86 -27.86
C MET C 632 3.11 6.20 -27.49
N TYR C 633 3.10 4.86 -27.41
CA TYR C 633 1.84 4.12 -27.34
C TYR C 633 1.88 3.04 -26.26
N ARG C 634 0.71 2.85 -25.62
CA ARG C 634 0.38 1.68 -24.81
C ARG C 634 -0.51 0.74 -25.63
N ILE C 635 -0.16 -0.56 -25.64
CA ILE C 635 -0.86 -1.55 -26.45
C ILE C 635 -1.76 -2.40 -25.55
N VAL C 636 -3.08 -2.31 -25.81
CA VAL C 636 -4.09 -2.88 -24.92
C VAL C 636 -4.85 -3.97 -25.65
N ASP C 637 -4.87 -5.17 -25.06
CA ASP C 637 -5.80 -6.24 -25.43
C ASP C 637 -7.19 -5.86 -24.92
N TYR C 638 -8.07 -5.43 -25.82
CA TYR C 638 -9.37 -4.88 -25.45
C TYR C 638 -10.37 -6.01 -25.15
N VAL C 639 -10.06 -7.26 -25.51
CA VAL C 639 -10.92 -8.38 -25.14
C VAL C 639 -10.76 -8.69 -23.66
N ASN C 640 -9.50 -8.75 -23.19
CA ASN C 640 -9.21 -9.17 -21.84
C ASN C 640 -8.88 -7.99 -20.91
N ASP C 641 -8.77 -6.77 -21.47
CA ASP C 641 -8.48 -5.55 -20.72
C ASP C 641 -7.11 -5.65 -20.05
N ARG C 642 -6.08 -6.04 -20.81
CA ARG C 642 -4.73 -6.19 -20.27
C ARG C 642 -3.75 -5.48 -21.20
N VAL C 643 -2.71 -4.90 -20.59
CA VAL C 643 -1.62 -4.27 -21.33
C VAL C 643 -0.64 -5.35 -21.78
N VAL C 644 -0.36 -5.43 -23.08
CA VAL C 644 0.56 -6.45 -23.57
C VAL C 644 1.95 -5.87 -23.83
N ALA C 645 2.01 -4.54 -24.04
CA ALA C 645 3.25 -3.81 -24.21
C ALA C 645 2.98 -2.32 -23.98
N THR C 646 4.03 -1.56 -23.61
CA THR C 646 3.86 -0.13 -23.39
C THR C 646 5.17 0.61 -23.66
N ASN C 647 5.07 1.95 -23.68
CA ASN C 647 6.19 2.84 -24.01
C ASN C 647 6.80 2.44 -25.36
N LEU C 648 5.95 2.13 -26.34
CA LEU C 648 6.43 1.85 -27.69
C LEU C 648 6.37 3.11 -28.54
N MET C 649 7.51 3.47 -29.14
CA MET C 649 7.54 4.51 -30.16
C MET C 649 6.95 3.97 -31.47
N GLY C 650 6.33 4.86 -32.24
CA GLY C 650 5.66 4.51 -33.48
C GLY C 650 6.60 3.92 -34.54
N ASP C 651 7.86 4.36 -34.57
CA ASP C 651 8.81 3.86 -35.55
C ASP C 651 9.44 2.53 -35.12
N ASN C 652 9.25 2.12 -33.86
CA ASN C 652 9.79 0.84 -33.38
C ASN C 652 8.77 0.16 -32.46
N ALA C 653 7.61 -0.18 -33.03
CA ALA C 653 6.52 -0.77 -32.29
C ALA C 653 6.52 -2.31 -32.39
N VAL C 654 7.46 -2.95 -31.69
CA VAL C 654 7.69 -4.38 -31.82
C VAL C 654 7.65 -5.01 -30.43
N PHE C 655 6.93 -6.12 -30.29
CA PHE C 655 6.84 -6.84 -29.02
C PHE C 655 6.57 -8.31 -29.28
N ASN C 656 6.74 -9.14 -28.24
CA ASN C 656 6.48 -10.58 -28.34
C ASN C 656 5.48 -10.97 -27.26
N THR C 657 4.41 -11.65 -27.71
CA THR C 657 3.43 -12.19 -26.80
C THR C 657 2.85 -13.45 -27.47
N ARG C 658 2.65 -14.47 -26.65
CA ARG C 658 2.16 -15.76 -27.13
C ARG C 658 0.68 -15.85 -26.84
N PHE C 659 -0.04 -16.37 -27.82
CA PHE C 659 -1.50 -16.47 -27.81
C PHE C 659 -1.81 -17.69 -28.65
N SER C 660 -2.96 -18.34 -28.42
CA SER C 660 -3.21 -19.61 -29.08
C SER C 660 -3.92 -19.42 -30.43
N ASP C 661 -4.96 -18.56 -30.48
CA ASP C 661 -5.76 -18.43 -31.71
C ASP C 661 -5.76 -17.01 -32.28
N TYR C 662 -6.01 -16.02 -31.43
CA TYR C 662 -6.20 -14.63 -31.84
C TYR C 662 -5.63 -13.69 -30.79
N LEU C 663 -5.26 -12.47 -31.25
CA LEU C 663 -4.94 -11.34 -30.40
C LEU C 663 -5.53 -10.05 -30.98
N LEU C 664 -6.44 -9.40 -30.23
CA LEU C 664 -7.07 -8.15 -30.65
C LEU C 664 -6.56 -7.01 -29.75
N VAL C 665 -5.89 -6.02 -30.34
CA VAL C 665 -5.29 -4.93 -29.56
C VAL C 665 -5.61 -3.56 -30.15
N LYS C 666 -5.47 -2.51 -29.33
CA LYS C 666 -5.52 -1.13 -29.77
C LYS C 666 -4.27 -0.39 -29.31
N ALA C 667 -3.83 0.60 -30.09
CA ALA C 667 -2.67 1.41 -29.76
C ALA C 667 -3.10 2.75 -29.18
N VAL C 668 -2.96 2.91 -27.87
CA VAL C 668 -3.41 4.10 -27.14
C VAL C 668 -2.23 5.06 -26.98
N GLU C 669 -2.41 6.30 -27.45
CA GLU C 669 -1.40 7.33 -27.35
C GLU C 669 -1.22 7.72 -25.88
N ILE C 670 0.04 7.86 -25.44
CA ILE C 670 0.39 8.25 -24.07
C ILE C 670 1.38 9.40 -24.07
N SER C 671 1.45 10.14 -22.94
CA SER C 671 2.64 10.88 -22.50
C SER C 671 3.71 9.92 -21.95
N TYR D 18 -45.09 45.96 -23.20
CA TYR D 18 -44.09 47.04 -22.93
C TYR D 18 -42.70 46.59 -23.37
N ALA D 19 -42.06 47.34 -24.28
CA ALA D 19 -40.77 46.96 -24.84
C ALA D 19 -39.97 48.16 -25.33
N ILE D 20 -38.64 48.04 -25.25
CA ILE D 20 -37.73 48.97 -25.90
C ILE D 20 -36.67 48.18 -26.68
N ALA D 21 -36.04 48.86 -27.63
CA ALA D 21 -35.06 48.24 -28.52
C ALA D 21 -33.81 49.11 -28.61
N GLY D 22 -32.67 48.44 -28.79
CA GLY D 22 -31.43 49.08 -29.18
C GLY D 22 -30.74 48.24 -30.24
N ASN D 23 -29.60 48.74 -30.75
CA ASN D 23 -28.75 47.97 -31.65
C ASN D 23 -28.42 46.61 -31.00
N GLY D 24 -29.02 45.53 -31.52
CA GLY D 24 -28.64 44.19 -31.13
C GLY D 24 -29.36 43.67 -29.88
N VAL D 25 -30.39 44.37 -29.37
CA VAL D 25 -31.02 43.99 -28.11
C VAL D 25 -32.49 44.41 -28.07
N ARG D 26 -33.33 43.59 -27.40
CA ARG D 26 -34.70 43.96 -27.07
C ARG D 26 -34.96 43.66 -25.59
N VAL D 27 -35.74 44.53 -24.93
CA VAL D 27 -36.12 44.40 -23.53
C VAL D 27 -37.64 44.44 -23.39
N THR D 28 -38.24 43.43 -22.73
CA THR D 28 -39.68 43.40 -22.50
C THR D 28 -39.97 43.35 -21.00
N TYR D 29 -41.06 44.04 -20.60
CA TYR D 29 -41.56 44.03 -19.24
C TYR D 29 -42.99 43.48 -19.22
N ASP D 30 -43.24 42.50 -18.32
CA ASP D 30 -44.57 41.99 -18.06
C ASP D 30 -45.06 42.58 -16.72
N ALA D 31 -46.19 43.29 -16.78
CA ALA D 31 -46.75 43.99 -15.62
C ALA D 31 -47.39 43.01 -14.63
N ASP D 32 -47.93 41.87 -15.09
CA ASP D 32 -48.56 40.91 -14.19
C ASP D 32 -47.50 40.24 -13.32
N GLY D 33 -46.50 39.64 -13.98
CA GLY D 33 -45.42 38.95 -13.30
C GLY D 33 -44.40 39.91 -12.68
N GLN D 34 -44.30 41.12 -13.24
CA GLN D 34 -43.28 42.10 -12.84
C GLN D 34 -41.91 41.53 -13.17
N THR D 35 -41.73 41.11 -14.44
CA THR D 35 -40.50 40.46 -14.87
C THR D 35 -39.93 41.18 -16.08
N ILE D 36 -38.62 40.99 -16.30
CA ILE D 36 -37.91 41.53 -17.46
C ILE D 36 -37.34 40.35 -18.25
N THR D 37 -37.49 40.38 -19.60
CA THR D 37 -36.88 39.38 -20.46
C THR D 37 -35.92 40.09 -21.43
N LEU D 38 -34.71 39.53 -21.60
CA LEU D 38 -33.70 40.05 -22.50
C LEU D 38 -33.60 39.17 -23.75
N TYR D 39 -33.52 39.84 -24.91
CA TYR D 39 -33.34 39.19 -26.21
C TYR D 39 -32.13 39.81 -26.91
N ARG D 40 -31.48 38.99 -27.73
CA ARG D 40 -30.37 39.39 -28.58
C ARG D 40 -30.76 39.13 -30.04
N THR D 41 -30.41 40.06 -30.94
CA THR D 41 -30.74 39.90 -32.35
C THR D 41 -29.74 38.92 -32.97
N GLU D 42 -30.27 37.99 -33.78
CA GLU D 42 -29.46 37.19 -34.68
C GLU D 42 -30.03 37.39 -36.09
N GLY D 43 -29.23 38.00 -36.96
CA GLY D 43 -29.75 38.57 -38.19
C GLY D 43 -30.95 39.47 -37.92
N SER D 44 -32.06 39.22 -38.62
CA SER D 44 -33.33 39.89 -38.37
C SER D 44 -34.17 39.18 -37.30
N GLY D 45 -33.72 37.99 -36.86
CA GLY D 45 -34.41 37.21 -35.86
C GLY D 45 -33.98 37.57 -34.43
N LEU D 46 -34.79 37.11 -33.46
CA LEU D 46 -34.52 37.30 -32.05
C LEU D 46 -34.17 35.98 -31.36
N ILE D 47 -33.18 36.02 -30.46
CA ILE D 47 -32.82 34.87 -29.62
C ILE D 47 -33.00 35.29 -28.16
N GLN D 48 -33.72 34.48 -27.37
CA GLN D 48 -34.01 34.82 -25.97
C GLN D 48 -32.80 34.48 -25.09
N MET D 49 -32.14 35.51 -24.53
CA MET D 49 -30.98 35.31 -23.68
C MET D 49 -31.37 35.01 -22.23
N SER D 50 -32.45 35.61 -21.71
CA SER D 50 -32.79 35.48 -20.30
C SER D 50 -34.22 34.95 -20.12
N LYS D 51 -34.39 34.16 -19.05
CA LYS D 51 -35.71 33.76 -18.57
C LYS D 51 -36.37 34.99 -18.00
N PRO D 52 -37.73 35.06 -17.87
CA PRO D 52 -38.35 36.24 -17.30
C PRO D 52 -37.77 36.40 -15.89
N SER D 53 -37.28 37.60 -15.57
CA SER D 53 -36.49 37.78 -14.35
C SER D 53 -37.08 38.90 -13.50
N PRO D 54 -37.12 38.73 -12.16
CA PRO D 54 -37.70 39.75 -11.28
C PRO D 54 -36.83 41.01 -11.16
N LEU D 55 -37.50 42.14 -10.90
CA LEU D 55 -36.82 43.40 -10.66
C LEU D 55 -36.07 43.34 -9.33
N GLY D 56 -34.91 43.99 -9.26
CA GLY D 56 -34.14 44.01 -8.03
C GLY D 56 -34.84 44.80 -6.92
N GLY D 57 -34.68 44.32 -5.66
CA GLY D 57 -35.36 44.89 -4.51
C GLY D 57 -34.43 45.13 -3.33
N PRO D 58 -34.84 45.97 -2.35
CA PRO D 58 -34.07 46.19 -1.13
C PRO D 58 -34.11 45.00 -0.17
N VAL D 59 -33.03 44.83 0.60
CA VAL D 59 -32.98 43.80 1.63
C VAL D 59 -33.12 44.46 3.00
N ILE D 60 -34.17 44.07 3.76
CA ILE D 60 -34.44 44.58 5.09
C ILE D 60 -34.65 43.42 6.06
N GLY D 61 -34.04 43.50 7.24
CA GLY D 61 -34.12 42.45 8.24
C GLY D 61 -33.69 41.09 7.70
N GLY D 62 -32.66 41.09 6.84
CA GLY D 62 -32.10 39.87 6.27
C GLY D 62 -32.92 39.26 5.14
N GLN D 63 -33.95 39.98 4.65
CA GLN D 63 -34.86 39.43 3.65
C GLN D 63 -35.06 40.48 2.55
N GLU D 64 -34.99 40.08 1.27
CA GLU D 64 -35.39 40.94 0.17
C GLU D 64 -36.90 41.16 0.28
N VAL D 65 -37.38 42.40 0.01
CA VAL D 65 -38.79 42.72 0.08
C VAL D 65 -39.49 42.25 -1.20
N GLN D 66 -40.56 41.44 -1.05
CA GLN D 66 -41.29 40.89 -2.19
C GLN D 66 -42.76 41.35 -2.22
N ASP D 67 -43.12 42.44 -1.55
CA ASP D 67 -44.51 42.90 -1.58
C ASP D 67 -44.73 44.01 -2.62
N PHE D 68 -43.75 44.29 -3.48
CA PHE D 68 -43.84 45.39 -4.43
C PHE D 68 -44.96 45.12 -5.43
N SER D 69 -45.73 46.17 -5.81
CA SER D 69 -46.83 46.06 -6.77
C SER D 69 -46.63 47.05 -7.93
N HIS D 70 -47.02 46.63 -9.15
CA HIS D 70 -46.88 47.47 -10.33
C HIS D 70 -47.73 48.73 -10.23
N ILE D 71 -47.13 49.90 -10.49
CA ILE D 71 -47.87 51.15 -10.55
C ILE D 71 -48.00 51.58 -12.01
N SER D 72 -46.87 51.70 -12.73
CA SER D 72 -46.87 52.18 -14.10
C SER D 72 -45.61 51.74 -14.85
N CYS D 73 -45.70 51.68 -16.18
CA CYS D 73 -44.56 51.52 -17.07
C CYS D 73 -44.65 52.57 -18.18
N ASP D 74 -43.60 53.38 -18.36
CA ASP D 74 -43.60 54.44 -19.37
C ASP D 74 -42.48 54.19 -20.37
N VAL D 75 -42.82 54.24 -21.67
CA VAL D 75 -41.90 53.93 -22.76
C VAL D 75 -41.72 55.17 -23.65
N GLU D 76 -40.46 55.58 -23.85
CA GLU D 76 -40.12 56.68 -24.75
C GLU D 76 -39.29 56.13 -25.92
N GLN D 77 -39.72 56.43 -27.16
CA GLN D 77 -39.16 55.84 -28.38
C GLN D 77 -37.98 56.66 -28.94
N SER D 78 -37.95 57.96 -28.61
CA SER D 78 -36.97 58.89 -29.15
C SER D 78 -36.45 59.77 -28.03
N THR D 79 -35.34 59.36 -27.43
CA THR D 79 -34.82 60.07 -26.28
C THR D 79 -33.29 60.03 -26.30
N SER D 80 -32.69 60.69 -25.32
CA SER D 80 -31.25 60.82 -25.24
C SER D 80 -30.84 60.57 -23.80
N GLY D 81 -29.93 59.62 -23.58
CA GLY D 81 -29.52 59.25 -22.23
C GLY D 81 -28.00 59.25 -22.10
N VAL D 82 -27.51 58.45 -21.14
CA VAL D 82 -26.09 58.34 -20.84
C VAL D 82 -25.28 57.93 -22.07
N MET D 83 -25.84 57.04 -22.90
CA MET D 83 -25.15 56.53 -24.08
C MET D 83 -25.51 57.29 -25.34
N GLY D 84 -26.22 58.43 -25.20
CA GLY D 84 -26.68 59.20 -26.34
C GLY D 84 -28.09 58.77 -26.76
N SER D 85 -28.37 58.87 -28.07
CA SER D 85 -29.75 58.72 -28.52
C SER D 85 -30.14 57.24 -28.50
N GLY D 86 -31.40 56.98 -28.11
CA GLY D 86 -31.94 55.64 -28.01
C GLY D 86 -33.35 55.65 -27.41
N GLN D 87 -33.63 54.70 -26.51
CA GLN D 87 -34.96 54.51 -25.94
C GLN D 87 -34.89 54.36 -24.42
N ARG D 88 -36.05 54.53 -23.76
CA ARG D 88 -36.12 54.49 -22.30
C ARG D 88 -37.43 53.87 -21.82
N MET D 89 -37.34 53.06 -20.75
CA MET D 89 -38.48 52.44 -20.10
C MET D 89 -38.36 52.68 -18.60
N THR D 90 -39.39 53.30 -18.00
CA THR D 90 -39.35 53.70 -16.60
C THR D 90 -40.49 52.97 -15.88
N ILE D 91 -40.13 52.15 -14.88
CA ILE D 91 -41.07 51.32 -14.16
C ILE D 91 -41.17 51.78 -12.71
N THR D 92 -42.41 52.10 -12.28
CA THR D 92 -42.67 52.50 -10.90
C THR D 92 -43.40 51.36 -10.17
N SER D 93 -42.93 51.06 -8.96
CA SER D 93 -43.52 50.02 -8.12
C SER D 93 -43.68 50.53 -6.69
N GLN D 94 -44.58 49.89 -5.92
CA GLN D 94 -44.87 50.29 -4.55
C GLN D 94 -44.98 49.10 -3.61
N SER D 95 -44.38 49.27 -2.42
CA SER D 95 -44.45 48.32 -1.30
C SER D 95 -45.24 48.95 -0.15
N MET D 96 -46.37 48.31 0.21
CA MET D 96 -47.28 48.82 1.23
C MET D 96 -46.68 48.61 2.63
N SER D 97 -45.94 47.51 2.85
CA SER D 97 -45.37 47.20 4.16
C SER D 97 -44.26 48.17 4.53
N THR D 98 -43.51 48.68 3.55
CA THR D 98 -42.34 49.53 3.82
C THR D 98 -42.65 51.00 3.59
N GLY D 99 -43.59 51.30 2.68
CA GLY D 99 -43.86 52.67 2.25
C GLY D 99 -42.95 53.11 1.10
N LEU D 100 -42.12 52.20 0.57
CA LEU D 100 -41.16 52.53 -0.47
C LEU D 100 -41.82 52.57 -1.85
N ILE D 101 -41.41 53.55 -2.65
CA ILE D 101 -41.71 53.63 -4.07
C ILE D 101 -40.41 53.51 -4.85
N ARG D 102 -40.36 52.51 -5.75
CA ARG D 102 -39.16 52.22 -6.54
C ARG D 102 -39.32 52.71 -7.97
N THR D 103 -38.31 53.43 -8.48
CA THR D 103 -38.26 53.85 -9.88
C THR D 103 -37.08 53.16 -10.55
N TYR D 104 -37.37 52.32 -11.57
CA TYR D 104 -36.35 51.53 -12.26
C TYR D 104 -36.31 51.95 -13.72
N VAL D 105 -35.15 52.46 -14.17
CA VAL D 105 -35.00 53.00 -15.52
C VAL D 105 -34.06 52.11 -16.33
N LEU D 106 -34.50 51.77 -17.55
CA LEU D 106 -33.69 51.05 -18.52
C LEU D 106 -33.56 51.91 -19.76
N GLU D 107 -32.33 52.01 -20.28
CA GLU D 107 -32.04 52.73 -21.51
C GLU D 107 -31.29 51.82 -22.50
N THR D 108 -31.65 51.96 -23.78
CA THR D 108 -30.94 51.35 -24.89
C THR D 108 -30.34 52.44 -25.79
N SER D 109 -29.45 52.01 -26.69
CA SER D 109 -28.69 52.90 -27.56
C SER D 109 -28.93 52.50 -29.02
N ASP D 110 -29.14 53.48 -29.91
CA ASP D 110 -29.24 53.21 -31.34
C ASP D 110 -27.90 52.70 -31.89
N ILE D 111 -26.79 53.15 -31.28
CA ILE D 111 -25.45 52.85 -31.77
C ILE D 111 -24.83 51.64 -31.05
N GLU D 112 -24.90 51.57 -29.71
CA GLU D 112 -24.06 50.62 -28.99
C GLU D 112 -24.69 49.23 -28.94
N GLU D 113 -23.92 48.22 -29.38
CA GLU D 113 -24.44 46.88 -29.59
C GLU D 113 -24.57 46.12 -28.27
N GLY D 114 -25.78 45.63 -27.98
CA GLY D 114 -26.04 44.67 -26.91
C GLY D 114 -26.24 45.29 -25.53
N VAL D 115 -26.16 46.63 -25.44
CA VAL D 115 -25.98 47.29 -24.15
C VAL D 115 -27.29 47.83 -23.62
N VAL D 116 -27.53 47.57 -22.33
CA VAL D 116 -28.65 48.14 -21.59
C VAL D 116 -28.12 48.84 -20.33
N TYR D 117 -28.48 50.12 -20.15
CA TYR D 117 -28.13 50.88 -18.96
C TYR D 117 -29.33 50.92 -18.00
N THR D 118 -29.06 50.67 -16.71
CA THR D 118 -30.10 50.60 -15.69
C THR D 118 -29.72 51.50 -14.52
N ALA D 119 -30.72 52.22 -13.97
CA ALA D 119 -30.54 53.06 -12.79
C ALA D 119 -31.77 52.96 -11.88
N THR D 120 -31.56 52.93 -10.55
CA THR D 120 -32.65 52.72 -9.61
C THR D 120 -32.65 53.82 -8.55
N SER D 121 -33.84 54.34 -8.25
CA SER D 121 -34.04 55.21 -7.10
C SER D 121 -35.21 54.72 -6.24
N TYR D 122 -35.17 55.09 -4.95
CA TYR D 122 -36.22 54.74 -3.99
C TYR D 122 -36.69 56.03 -3.30
N GLU D 123 -38.01 56.12 -3.08
CA GLU D 123 -38.63 57.17 -2.28
C GLU D 123 -39.30 56.55 -1.04
N ALA D 124 -39.02 57.09 0.15
CA ALA D 124 -39.68 56.68 1.39
C ALA D 124 -40.96 57.48 1.61
N GLY D 125 -41.90 56.88 2.36
CA GLY D 125 -43.12 57.53 2.80
C GLY D 125 -42.94 58.16 4.19
N ALA D 126 -43.87 57.84 5.10
CA ALA D 126 -44.03 58.54 6.36
C ALA D 126 -42.90 58.22 7.34
N SER D 127 -42.33 57.00 7.28
CA SER D 127 -41.28 56.62 8.22
C SER D 127 -40.00 56.18 7.50
N ASP D 128 -38.88 56.29 8.24
CA ASP D 128 -37.56 55.93 7.76
C ASP D 128 -37.50 54.45 7.43
N VAL D 129 -36.74 54.10 6.39
CA VAL D 129 -36.52 52.71 6.00
C VAL D 129 -35.02 52.40 6.04
N GLU D 130 -34.67 51.32 6.75
CA GLU D 130 -33.29 50.90 6.95
C GLU D 130 -32.99 49.69 6.06
N VAL D 131 -32.07 49.89 5.09
CA VAL D 131 -31.77 48.89 4.08
C VAL D 131 -30.32 48.45 4.29
N SER D 132 -30.11 47.13 4.42
CA SER D 132 -28.77 46.57 4.57
C SER D 132 -28.07 46.49 3.21
N TRP D 133 -28.82 46.21 2.13
CA TRP D 133 -28.26 45.98 0.81
C TRP D 133 -29.33 46.20 -0.25
N PHE D 134 -28.90 46.63 -1.45
CA PHE D 134 -29.80 46.79 -2.58
C PHE D 134 -29.36 45.85 -3.70
N ILE D 135 -30.30 45.04 -4.21
CA ILE D 135 -30.08 44.23 -5.40
C ILE D 135 -30.55 45.02 -6.61
N GLY D 136 -29.65 45.27 -7.57
CA GLY D 136 -29.94 46.12 -8.70
C GLY D 136 -30.73 45.42 -9.80
N SER D 137 -30.12 44.36 -10.36
CA SER D 137 -30.68 43.61 -11.48
C SER D 137 -30.22 42.16 -11.36
N VAL D 138 -31.09 41.22 -11.80
CA VAL D 138 -30.78 39.79 -11.86
C VAL D 138 -31.23 39.22 -13.20
N TYR D 139 -30.36 38.42 -13.85
CA TYR D 139 -30.70 37.74 -15.09
C TYR D 139 -30.31 36.26 -14.99
N GLU D 140 -31.31 35.38 -15.13
CA GLU D 140 -31.12 33.94 -15.23
C GLU D 140 -31.12 33.56 -16.71
N LEU D 141 -30.13 32.75 -17.10
CA LEU D 141 -29.89 32.41 -18.48
C LEU D 141 -30.96 31.45 -18.98
N TYR D 142 -31.41 31.70 -20.22
CA TYR D 142 -32.38 30.87 -20.94
C TYR D 142 -31.63 29.91 -21.86
N GLY D 143 -32.06 28.64 -21.88
CA GLY D 143 -31.65 27.67 -22.90
C GLY D 143 -30.39 26.89 -22.53
N ALA D 144 -30.00 26.90 -21.25
CA ALA D 144 -28.82 26.14 -20.82
C ALA D 144 -29.07 24.65 -20.93
N GLU D 145 -27.99 23.88 -21.14
CA GLU D 145 -28.06 22.41 -21.18
C GLU D 145 -27.23 21.85 -20.03
N ASP D 146 -25.99 21.44 -20.31
CA ASP D 146 -25.19 20.67 -19.37
C ASP D 146 -24.14 21.55 -18.68
N ARG D 147 -23.76 22.70 -19.26
CA ARG D 147 -22.73 23.52 -18.65
C ARG D 147 -22.88 25.00 -19.03
N ILE D 148 -22.43 25.88 -18.11
CA ILE D 148 -22.35 27.32 -18.32
C ILE D 148 -20.95 27.77 -17.93
N TRP D 149 -20.31 28.60 -18.75
CA TRP D 149 -19.02 29.17 -18.41
C TRP D 149 -19.21 30.61 -17.89
N SER D 150 -18.31 31.03 -16.99
CA SER D 150 -18.46 32.30 -16.29
C SER D 150 -17.12 33.04 -16.17
N TYR D 151 -17.18 34.37 -16.34
CA TYR D 151 -16.09 35.30 -16.02
C TYR D 151 -16.42 35.94 -14.67
N ASN D 152 -15.46 35.89 -13.73
CA ASN D 152 -15.67 36.32 -12.35
C ASN D 152 -14.63 37.38 -11.93
N GLY D 153 -15.03 38.65 -11.85
CA GLY D 153 -14.09 39.76 -11.72
C GLY D 153 -13.77 40.16 -10.27
N GLY D 154 -14.27 39.40 -9.28
CA GLY D 154 -14.13 39.79 -7.89
C GLY D 154 -12.69 39.80 -7.42
N GLY D 155 -12.42 40.63 -6.39
CA GLY D 155 -11.09 40.80 -5.81
C GLY D 155 -10.95 40.17 -4.42
N GLU D 156 -11.90 39.29 -4.01
CA GLU D 156 -11.92 38.74 -2.66
C GLU D 156 -11.00 37.51 -2.56
N GLY D 157 -10.34 37.14 -3.66
CA GLY D 157 -9.54 35.93 -3.69
C GLY D 157 -10.45 34.71 -3.79
N PRO D 158 -9.96 33.47 -3.59
CA PRO D 158 -8.55 33.20 -3.27
C PRO D 158 -7.52 33.65 -4.30
N MET D 159 -6.35 34.09 -3.80
CA MET D 159 -5.19 34.43 -4.61
C MET D 159 -4.66 33.21 -5.37
N HIS D 160 -4.29 33.41 -6.64
CA HIS D 160 -3.36 32.54 -7.37
C HIS D 160 -3.99 31.24 -7.89
N TYR D 161 -4.69 30.49 -7.03
CA TYR D 161 -5.11 29.13 -7.33
C TYR D 161 -6.63 28.99 -7.52
N TYR D 162 -7.33 30.13 -7.62
CA TYR D 162 -8.75 30.14 -7.96
C TYR D 162 -8.87 30.80 -9.35
N ASP D 163 -9.41 30.05 -10.31
CA ASP D 163 -9.48 30.49 -11.70
C ASP D 163 -10.48 31.66 -11.84
N THR D 164 -10.16 32.61 -12.71
CA THR D 164 -11.05 33.73 -13.01
C THR D 164 -12.22 33.27 -13.87
N LEU D 165 -11.93 32.34 -14.80
CA LEU D 165 -12.95 31.65 -15.57
C LEU D 165 -13.31 30.31 -14.92
N GLN D 166 -14.62 30.11 -14.69
CA GLN D 166 -15.13 29.01 -13.90
C GLN D 166 -16.30 28.35 -14.64
N LYS D 167 -16.22 27.03 -14.76
CA LYS D 167 -17.30 26.25 -15.34
C LYS D 167 -18.36 25.96 -14.28
N ILE D 168 -19.62 26.22 -14.62
CA ILE D 168 -20.76 25.86 -13.81
C ILE D 168 -21.37 24.60 -14.39
N ASP D 169 -21.08 23.46 -13.73
CA ASP D 169 -21.51 22.16 -14.19
C ASP D 169 -22.92 21.92 -13.64
N LEU D 170 -23.86 21.62 -14.54
CA LEU D 170 -25.24 21.39 -14.17
C LEU D 170 -25.55 19.89 -14.00
N THR D 171 -24.55 19.01 -14.13
CA THR D 171 -24.80 17.56 -14.09
C THR D 171 -24.21 16.92 -12.82
N ASP D 172 -23.55 17.71 -11.96
CA ASP D 172 -22.79 17.22 -10.81
C ASP D 172 -23.62 17.43 -9.54
N SER D 173 -23.04 17.19 -8.37
CA SER D 173 -23.74 17.39 -7.10
C SER D 173 -23.66 18.85 -6.62
N GLY D 174 -22.59 19.58 -6.95
CA GLY D 174 -22.36 20.89 -6.35
C GLY D 174 -23.25 22.01 -6.92
N LYS D 175 -23.31 23.13 -6.17
CA LYS D 175 -24.00 24.34 -6.58
C LYS D 175 -23.04 25.52 -6.46
N PHE D 176 -22.67 26.08 -7.61
CA PHE D 176 -21.71 27.18 -7.70
C PHE D 176 -22.30 28.49 -7.16
N SER D 177 -21.51 29.20 -6.35
CA SER D 177 -21.91 30.48 -5.77
C SER D 177 -20.67 31.34 -5.50
N ARG D 178 -20.61 32.54 -6.09
CA ARG D 178 -19.53 33.48 -5.78
C ARG D 178 -20.07 34.92 -5.80
N GLU D 179 -19.64 35.72 -4.82
CA GLU D 179 -20.10 37.09 -4.63
C GLU D 179 -19.52 38.07 -5.66
N ASN D 180 -18.24 37.93 -5.99
CA ASN D 180 -17.49 38.89 -6.82
C ASN D 180 -17.53 40.30 -6.21
N LYS D 181 -16.71 40.51 -5.17
CA LYS D 181 -16.73 41.72 -4.38
C LYS D 181 -15.72 42.74 -4.88
N GLN D 182 -16.05 44.04 -4.71
CA GLN D 182 -15.13 45.15 -4.77
C GLN D 182 -15.36 46.00 -3.50
N ASP D 183 -14.33 46.14 -2.64
CA ASP D 183 -14.50 46.78 -1.33
C ASP D 183 -13.12 47.09 -0.75
N ASP D 184 -13.10 47.36 0.57
CA ASP D 184 -11.88 47.69 1.28
C ASP D 184 -10.91 46.52 1.38
N THR D 185 -11.33 45.27 1.06
CA THR D 185 -10.38 44.17 0.94
C THR D 185 -10.39 43.56 -0.47
N ALA D 186 -10.98 44.23 -1.47
CA ALA D 186 -11.07 43.67 -2.81
C ALA D 186 -11.03 44.77 -3.89
N ALA D 187 -10.00 44.71 -4.75
CA ALA D 187 -9.82 45.74 -5.77
C ALA D 187 -9.47 45.13 -7.13
N SER D 188 -10.51 44.71 -7.86
CA SER D 188 -10.35 44.02 -9.13
C SER D 188 -11.32 44.63 -10.15
N ILE D 189 -12.13 43.81 -10.84
CA ILE D 189 -12.90 44.27 -12.00
C ILE D 189 -14.39 44.08 -11.72
N PRO D 190 -15.19 45.17 -11.73
CA PRO D 190 -16.60 45.11 -11.32
C PRO D 190 -17.53 44.55 -12.40
N VAL D 191 -17.23 43.33 -12.87
CA VAL D 191 -17.90 42.72 -14.00
C VAL D 191 -18.00 41.21 -13.77
N SER D 192 -19.11 40.63 -14.24
CA SER D 192 -19.27 39.20 -14.34
C SER D 192 -20.01 38.87 -15.65
N ASP D 193 -19.71 37.70 -16.23
CA ASP D 193 -20.40 37.22 -17.42
C ASP D 193 -20.75 35.75 -17.26
N ILE D 194 -21.92 35.34 -17.79
CA ILE D 194 -22.29 33.93 -17.91
C ILE D 194 -22.71 33.65 -19.35
N TYR D 195 -22.29 32.50 -19.91
CA TYR D 195 -22.53 32.24 -21.33
C TYR D 195 -22.62 30.73 -21.63
N ILE D 196 -23.32 30.46 -22.74
CA ILE D 196 -23.50 29.13 -23.32
C ILE D 196 -23.20 29.20 -24.82
N ALA D 197 -23.46 28.12 -25.56
CA ALA D 197 -23.20 28.07 -27.00
C ALA D 197 -23.89 29.21 -27.74
N ASP D 198 -25.14 29.52 -27.38
CA ASP D 198 -25.87 30.58 -28.05
C ASP D 198 -25.42 31.97 -27.58
N GLY D 199 -24.63 32.09 -26.51
CA GLY D 199 -24.17 33.41 -26.07
C GLY D 199 -24.41 33.64 -24.59
N GLY D 200 -24.45 34.90 -24.16
CA GLY D 200 -24.43 35.21 -22.74
C GLY D 200 -24.87 36.62 -22.37
N ILE D 201 -24.80 36.87 -21.05
CA ILE D 201 -25.19 38.12 -20.41
C ILE D 201 -24.06 38.58 -19.47
N THR D 202 -23.56 39.80 -19.73
CA THR D 202 -22.59 40.45 -18.87
C THR D 202 -23.30 41.52 -18.03
N VAL D 203 -22.89 41.63 -16.76
CA VAL D 203 -23.33 42.72 -15.88
C VAL D 203 -22.11 43.38 -15.27
N GLY D 204 -22.10 44.73 -15.28
CA GLY D 204 -20.98 45.50 -14.74
C GLY D 204 -21.44 46.82 -14.12
N ASP D 205 -20.63 47.36 -13.20
CA ASP D 205 -20.96 48.60 -12.50
C ASP D 205 -20.75 49.79 -13.42
N ALA D 206 -21.79 50.63 -13.56
CA ALA D 206 -21.72 51.82 -14.40
C ALA D 206 -21.34 53.04 -13.57
N SER D 207 -20.04 53.14 -13.28
CA SER D 207 -19.48 54.22 -12.48
C SER D 207 -18.12 54.63 -13.03
N ALA D 208 -17.91 55.95 -13.16
CA ALA D 208 -16.65 56.51 -13.60
C ALA D 208 -15.55 56.33 -12.54
N THR D 209 -15.97 56.13 -11.28
CA THR D 209 -15.06 56.00 -10.16
C THR D 209 -15.37 54.71 -9.37
N ARG D 210 -14.35 54.24 -8.64
CA ARG D 210 -14.45 53.04 -7.83
C ARG D 210 -15.43 53.23 -6.70
N ARG D 211 -16.29 52.22 -6.50
CA ARG D 211 -17.19 52.16 -5.36
C ARG D 211 -17.43 50.71 -4.94
N GLU D 212 -18.02 50.53 -3.75
CA GLU D 212 -18.35 49.20 -3.25
C GLU D 212 -19.49 48.59 -4.07
N VAL D 213 -19.27 47.38 -4.60
CA VAL D 213 -20.26 46.68 -5.41
C VAL D 213 -19.95 45.18 -5.45
N HIS D 214 -20.99 44.35 -5.68
CA HIS D 214 -20.87 42.92 -5.92
C HIS D 214 -21.49 42.57 -7.27
N THR D 215 -20.93 41.60 -8.02
CA THR D 215 -21.54 41.06 -9.22
C THR D 215 -21.67 39.54 -9.11
N PRO D 216 -22.62 39.04 -8.27
CA PRO D 216 -22.72 37.61 -7.97
C PRO D 216 -23.11 36.74 -9.16
N VAL D 217 -22.54 35.52 -9.16
CA VAL D 217 -22.86 34.45 -10.09
C VAL D 217 -23.30 33.25 -9.27
N GLN D 218 -24.51 32.74 -9.54
CA GLN D 218 -25.13 31.70 -8.74
C GLN D 218 -25.82 30.67 -9.65
N GLU D 219 -25.46 29.40 -9.47
CA GLU D 219 -26.13 28.29 -10.14
C GLU D 219 -27.57 28.20 -9.63
N THR D 220 -28.50 27.89 -10.54
CA THR D 220 -29.91 27.71 -10.19
C THR D 220 -30.26 26.24 -10.38
N SER D 221 -31.56 25.93 -10.37
CA SER D 221 -32.00 24.54 -10.47
C SER D 221 -31.63 23.90 -11.82
N ASP D 222 -31.69 24.66 -12.93
CA ASP D 222 -31.33 24.11 -14.23
C ASP D 222 -30.47 25.09 -15.05
N SER D 223 -29.95 26.15 -14.42
CA SER D 223 -29.20 27.17 -15.14
C SER D 223 -28.31 27.96 -14.16
N ALA D 224 -27.98 29.22 -14.51
CA ALA D 224 -27.31 30.14 -13.61
C ALA D 224 -27.84 31.55 -13.79
N GLN D 225 -27.62 32.38 -12.75
CA GLN D 225 -27.98 33.79 -12.79
C GLN D 225 -26.79 34.69 -12.46
N VAL D 226 -26.77 35.87 -13.08
CA VAL D 226 -25.78 36.90 -12.85
C VAL D 226 -26.51 38.17 -12.39
N SER D 227 -25.92 38.91 -11.42
CA SER D 227 -26.60 40.02 -10.78
C SER D 227 -25.59 41.12 -10.41
N ILE D 228 -26.11 42.24 -9.92
CA ILE D 228 -25.29 43.31 -9.34
C ILE D 228 -26.02 43.85 -8.11
N GLY D 229 -25.27 44.36 -7.13
CA GLY D 229 -25.84 44.96 -5.92
C GLY D 229 -24.85 45.87 -5.19
N TRP D 230 -25.40 46.73 -4.32
CA TRP D 230 -24.65 47.78 -3.66
C TRP D 230 -25.06 47.89 -2.18
N PRO D 231 -24.19 48.48 -1.33
CA PRO D 231 -24.50 48.68 0.08
C PRO D 231 -25.76 49.49 0.36
N GLY D 232 -26.39 49.18 1.49
CA GLY D 232 -27.60 49.85 1.89
C GLY D 232 -27.31 51.18 2.58
N LYS D 233 -28.38 51.91 2.93
CA LYS D 233 -28.30 53.08 3.78
C LYS D 233 -29.67 53.30 4.41
N VAL D 234 -29.73 54.14 5.44
CA VAL D 234 -31.01 54.56 5.99
C VAL D 234 -31.63 55.57 5.03
N ILE D 235 -32.88 55.33 4.61
CA ILE D 235 -33.60 56.28 3.77
C ILE D 235 -34.55 57.08 4.65
N ALA D 236 -34.36 58.40 4.68
CA ALA D 236 -35.17 59.26 5.54
C ALA D 236 -36.59 59.39 4.99
N ALA D 237 -37.56 59.62 5.88
CA ALA D 237 -38.96 59.78 5.49
C ALA D 237 -39.10 60.91 4.47
N GLY D 238 -39.86 60.64 3.40
CA GLY D 238 -40.14 61.62 2.34
C GLY D 238 -38.91 61.96 1.49
N SER D 239 -37.92 61.07 1.43
CA SER D 239 -36.67 61.36 0.72
C SER D 239 -36.53 60.51 -0.54
N VAL D 240 -35.82 61.03 -1.55
CA VAL D 240 -35.51 60.29 -2.76
C VAL D 240 -33.99 60.13 -2.84
N ILE D 241 -33.50 58.89 -3.02
CA ILE D 241 -32.07 58.64 -3.18
C ILE D 241 -31.82 57.64 -4.32
N GLU D 242 -30.75 57.87 -5.07
CA GLU D 242 -30.25 56.96 -6.09
C GLU D 242 -29.34 55.93 -5.43
N ILE D 243 -29.53 54.64 -5.74
CA ILE D 243 -28.84 53.57 -5.01
C ILE D 243 -27.76 52.91 -5.85
N GLY D 244 -27.84 52.99 -7.19
CA GLY D 244 -26.86 52.33 -8.05
C GLY D 244 -27.26 52.28 -9.53
N GLU D 245 -26.24 52.14 -10.40
CA GLU D 245 -26.41 52.10 -11.85
C GLU D 245 -25.53 51.02 -12.47
N SER D 246 -26.00 50.39 -13.55
CA SER D 246 -25.35 49.20 -14.10
C SER D 246 -25.43 49.16 -15.63
N PHE D 247 -24.50 48.42 -16.22
CA PHE D 247 -24.52 48.09 -17.64
C PHE D 247 -24.72 46.58 -17.75
N ALA D 248 -25.66 46.17 -18.62
CA ALA D 248 -25.79 44.79 -19.02
C ALA D 248 -25.50 44.65 -20.53
N VAL D 249 -24.90 43.53 -20.93
CA VAL D 249 -24.56 43.28 -22.32
C VAL D 249 -25.04 41.89 -22.70
N VAL D 250 -26.00 41.82 -23.64
CA VAL D 250 -26.34 40.56 -24.31
C VAL D 250 -25.39 40.39 -25.49
N HIS D 251 -24.90 39.17 -25.71
CA HIS D 251 -23.87 38.94 -26.71
C HIS D 251 -23.92 37.51 -27.24
N PRO D 252 -23.50 37.29 -28.50
CA PRO D 252 -23.19 35.96 -29.00
C PRO D 252 -21.82 35.59 -28.42
N GLY D 253 -21.44 34.32 -28.54
CA GLY D 253 -20.11 33.85 -28.18
C GLY D 253 -19.80 33.99 -26.69
N ASP D 254 -18.49 34.06 -26.40
CA ASP D 254 -17.96 33.90 -25.06
C ASP D 254 -17.76 35.26 -24.37
N TYR D 255 -17.10 35.21 -23.19
CA TYR D 255 -16.87 36.36 -22.33
C TYR D 255 -16.18 37.54 -23.02
N TYR D 256 -15.36 37.27 -24.06
CA TYR D 256 -14.71 38.34 -24.79
C TYR D 256 -15.73 39.35 -25.32
N ASN D 257 -16.80 38.86 -25.94
CA ASN D 257 -17.81 39.75 -26.54
C ASN D 257 -18.52 40.58 -25.47
N GLY D 258 -18.81 39.97 -24.32
CA GLY D 258 -19.46 40.67 -23.22
C GLY D 258 -18.58 41.79 -22.64
N LEU D 259 -17.31 41.46 -22.39
CA LEU D 259 -16.39 42.42 -21.80
C LEU D 259 -16.10 43.57 -22.79
N ARG D 260 -16.06 43.25 -24.08
CA ARG D 260 -15.86 44.29 -25.09
C ARG D 260 -17.04 45.26 -25.07
N GLY D 261 -18.27 44.72 -24.95
CA GLY D 261 -19.45 45.54 -24.78
C GLY D 261 -19.34 46.50 -23.59
N TYR D 262 -18.85 45.98 -22.45
CA TYR D 262 -18.67 46.78 -21.26
C TYR D 262 -17.67 47.91 -21.52
N LYS D 263 -16.57 47.58 -22.19
CA LYS D 263 -15.56 48.57 -22.55
C LYS D 263 -16.20 49.71 -23.35
N ASN D 264 -16.97 49.35 -24.37
CA ASN D 264 -17.63 50.34 -25.23
C ASN D 264 -18.61 51.18 -24.42
N ALA D 265 -19.33 50.56 -23.46
CA ALA D 265 -20.28 51.29 -22.63
C ALA D 265 -19.55 52.31 -21.75
N MET D 266 -18.44 51.86 -21.15
CA MET D 266 -17.73 52.66 -20.17
C MET D 266 -17.05 53.89 -20.82
N ASP D 267 -16.77 53.83 -22.13
CA ASP D 267 -16.35 55.03 -22.85
C ASP D 267 -17.30 56.21 -22.60
N HIS D 268 -18.61 55.93 -22.51
CA HIS D 268 -19.59 57.00 -22.38
C HIS D 268 -19.47 57.69 -21.02
N LEU D 269 -18.87 57.02 -20.01
CA LEU D 269 -18.71 57.58 -18.69
C LEU D 269 -17.32 58.17 -18.51
N GLY D 270 -16.50 58.19 -19.57
CA GLY D 270 -15.20 58.84 -19.54
C GLY D 270 -14.07 57.90 -19.07
N VAL D 271 -14.35 56.59 -18.94
CA VAL D 271 -13.31 55.63 -18.62
C VAL D 271 -12.82 55.05 -19.94
N ILE D 272 -11.75 55.65 -20.47
CA ILE D 272 -11.30 55.42 -21.82
C ILE D 272 -9.89 54.82 -21.79
N MET D 273 -9.73 53.65 -22.41
CA MET D 273 -8.45 52.96 -22.37
C MET D 273 -7.53 53.54 -23.44
N PRO D 274 -6.19 53.35 -23.32
CA PRO D 274 -5.24 53.96 -24.26
C PRO D 274 -5.46 53.53 -25.71
N ALA D 275 -5.44 54.51 -26.62
CA ALA D 275 -5.57 54.27 -28.04
C ALA D 275 -4.29 53.66 -28.59
N PRO D 276 -4.39 52.79 -29.63
CA PRO D 276 -3.21 52.13 -30.19
C PRO D 276 -2.07 53.07 -30.58
N GLY D 277 -2.41 54.18 -31.25
CA GLY D 277 -1.44 55.14 -31.74
C GLY D 277 -0.60 55.78 -30.63
N ASP D 278 -1.06 55.76 -29.37
CA ASP D 278 -0.35 56.38 -28.25
C ASP D 278 0.45 55.37 -27.42
N ILE D 279 0.39 54.07 -27.74
CA ILE D 279 1.15 53.11 -26.95
C ILE D 279 2.61 53.09 -27.44
N PRO D 280 3.61 53.23 -26.56
CA PRO D 280 5.01 53.23 -26.99
C PRO D 280 5.48 51.91 -27.56
N ASP D 281 6.42 51.98 -28.51
CA ASP D 281 7.04 50.82 -29.14
C ASP D 281 7.64 49.87 -28.09
N SER D 282 8.31 50.45 -27.07
CA SER D 282 9.04 49.67 -26.10
C SER D 282 8.10 48.84 -25.21
N SER D 283 6.77 49.12 -25.26
CA SER D 283 5.80 48.33 -24.52
C SER D 283 5.36 47.07 -25.29
N TYR D 284 5.96 46.82 -26.46
CA TYR D 284 5.77 45.56 -27.19
C TYR D 284 7.03 44.71 -27.17
N ASP D 285 8.04 45.05 -26.36
CA ASP D 285 9.35 44.41 -26.43
C ASP D 285 9.46 43.16 -25.57
N LEU D 286 10.27 42.19 -26.04
CA LEU D 286 10.62 40.97 -25.31
C LEU D 286 11.52 41.34 -24.13
N ARG D 287 11.20 40.78 -22.95
CA ARG D 287 11.77 41.24 -21.69
C ARG D 287 12.30 40.09 -20.83
N TRP D 288 13.40 40.36 -20.13
CA TRP D 288 13.96 39.46 -19.15
C TRP D 288 14.04 40.19 -17.81
N GLU D 289 13.70 39.48 -16.72
CA GLU D 289 13.60 40.08 -15.40
C GLU D 289 14.53 39.32 -14.46
N SER D 290 15.04 40.03 -13.43
CA SER D 290 16.03 39.46 -12.51
C SER D 290 15.45 38.51 -11.47
N TRP D 291 14.13 38.20 -11.49
CA TRP D 291 13.44 37.56 -10.35
C TRP D 291 13.82 36.10 -10.20
N GLY D 292 14.50 35.59 -11.24
CA GLY D 292 14.97 34.22 -11.29
C GLY D 292 15.94 33.94 -10.16
N TRP D 293 16.71 34.97 -9.79
CA TRP D 293 17.70 34.87 -8.72
C TRP D 293 17.13 35.21 -7.35
N GLY D 294 15.85 35.56 -7.27
CA GLY D 294 15.25 36.05 -6.04
C GLY D 294 15.96 37.31 -5.51
N PHE D 295 16.24 37.34 -4.21
CA PHE D 295 16.85 38.49 -3.59
C PHE D 295 18.38 38.45 -3.73
N ASN D 296 18.94 37.43 -4.40
CA ASN D 296 20.38 37.23 -4.42
C ASN D 296 21.02 37.69 -5.74
N TRP D 297 20.30 38.49 -6.54
CA TRP D 297 20.89 39.14 -7.70
C TRP D 297 21.99 40.12 -7.28
N THR D 298 22.91 40.39 -8.20
CA THR D 298 23.89 41.46 -8.05
C THR D 298 23.91 42.27 -9.35
N ILE D 299 24.46 43.47 -9.28
CA ILE D 299 24.60 44.30 -10.46
C ILE D 299 25.42 43.54 -11.53
N ASP D 300 26.53 42.92 -11.13
CA ASP D 300 27.47 42.34 -12.07
C ASP D 300 26.89 41.05 -12.68
N LEU D 301 26.06 40.32 -11.94
CA LEU D 301 25.38 39.15 -12.47
C LEU D 301 24.43 39.57 -13.61
N ILE D 302 23.70 40.68 -13.43
CA ILE D 302 22.78 41.13 -14.46
C ILE D 302 23.56 41.60 -15.69
N ILE D 303 24.63 42.37 -15.47
CA ILE D 303 25.43 42.88 -16.56
C ILE D 303 26.02 41.73 -17.37
N GLY D 304 26.44 40.66 -16.66
CA GLY D 304 27.11 39.53 -17.30
C GLY D 304 26.20 38.79 -18.28
N LYS D 305 24.87 38.93 -18.15
CA LYS D 305 23.93 38.25 -19.04
C LYS D 305 23.56 39.09 -20.26
N LEU D 306 24.00 40.34 -20.33
CA LEU D 306 23.42 41.27 -21.31
C LEU D 306 23.85 40.95 -22.74
N ASP D 307 25.10 40.53 -22.96
CA ASP D 307 25.59 40.15 -24.28
C ASP D 307 24.71 39.04 -24.87
N GLU D 308 24.48 37.96 -24.13
CA GLU D 308 23.76 36.81 -24.67
C GLU D 308 22.27 37.15 -24.85
N LEU D 309 21.71 37.99 -23.96
CA LEU D 309 20.30 38.39 -24.07
C LEU D 309 20.09 39.23 -25.34
N GLN D 310 21.05 40.12 -25.61
CA GLN D 310 20.99 40.97 -26.78
C GLN D 310 20.98 40.10 -28.05
N ALA D 311 21.91 39.15 -28.14
CA ALA D 311 22.05 38.31 -29.32
C ALA D 311 20.80 37.48 -29.55
N ALA D 312 20.11 37.09 -28.48
CA ALA D 312 18.94 36.21 -28.61
C ALA D 312 17.66 37.00 -28.94
N GLY D 313 17.67 38.34 -28.76
CA GLY D 313 16.59 39.19 -29.22
C GLY D 313 15.89 39.99 -28.12
N VAL D 314 16.36 39.89 -26.87
CA VAL D 314 15.73 40.60 -25.77
C VAL D 314 16.05 42.09 -25.88
N LYS D 315 15.06 42.93 -25.56
CA LYS D 315 15.19 44.39 -25.71
C LYS D 315 14.81 45.15 -24.45
N GLN D 316 14.53 44.46 -23.33
CA GLN D 316 14.07 45.10 -22.11
C GLN D 316 14.47 44.27 -20.88
N ILE D 317 14.87 44.97 -19.80
CA ILE D 317 15.37 44.36 -18.57
C ILE D 317 14.66 44.97 -17.36
N THR D 318 14.17 44.12 -16.45
CA THR D 318 13.61 44.58 -15.18
C THR D 318 14.58 44.26 -14.04
N LEU D 319 14.90 45.29 -13.23
CA LEU D 319 15.46 45.09 -11.91
C LEU D 319 14.29 44.84 -10.97
N ASP D 320 14.18 43.59 -10.49
CA ASP D 320 13.01 43.15 -9.75
C ASP D 320 13.23 43.39 -8.25
N ASP D 321 12.47 42.66 -7.43
CA ASP D 321 12.39 42.92 -5.99
C ASP D 321 13.75 42.71 -5.34
N GLY D 322 14.01 43.48 -4.27
CA GLY D 322 15.20 43.31 -3.44
C GLY D 322 16.26 44.41 -3.59
N TRP D 323 15.90 45.55 -4.20
CA TRP D 323 16.89 46.59 -4.51
C TRP D 323 16.92 47.70 -3.44
N TYR D 324 15.89 47.75 -2.57
CA TYR D 324 15.60 48.93 -1.77
C TYR D 324 15.82 48.65 -0.29
N THR D 325 15.88 49.72 0.50
CA THR D 325 15.93 49.66 1.97
C THR D 325 14.55 49.28 2.52
N ASN D 326 13.55 50.14 2.26
CA ASN D 326 12.18 49.97 2.72
C ASN D 326 11.24 50.59 1.70
N ALA D 327 10.02 50.06 1.62
CA ALA D 327 8.93 50.73 0.92
C ALA D 327 8.70 52.14 1.49
N GLY D 328 8.12 53.01 0.66
CA GLY D 328 7.89 54.40 1.06
C GLY D 328 9.12 55.27 0.84
N ASP D 329 10.23 54.91 1.49
CA ASP D 329 11.51 55.57 1.31
C ASP D 329 12.02 55.31 -0.10
N TRP D 330 11.95 54.06 -0.55
CA TRP D 330 12.45 53.64 -1.85
C TRP D 330 13.86 54.20 -2.09
N ALA D 331 14.76 53.96 -1.13
CA ALA D 331 16.18 54.28 -1.27
C ALA D 331 16.97 53.03 -1.67
N LEU D 332 18.10 53.27 -2.34
CA LEU D 332 19.00 52.18 -2.73
C LEU D 332 19.49 51.45 -1.48
N ASN D 333 19.46 50.10 -1.55
CA ASN D 333 20.07 49.27 -0.52
C ASN D 333 21.59 49.34 -0.64
N PRO D 334 22.31 49.77 0.42
CA PRO D 334 23.79 49.88 0.35
C PRO D 334 24.53 48.58 0.04
N GLU D 335 23.98 47.43 0.47
CA GLU D 335 24.55 46.14 0.12
C GLU D 335 24.47 45.85 -1.38
N LYS D 336 23.43 46.31 -2.08
CA LYS D 336 23.31 46.09 -3.51
C LYS D 336 23.98 47.21 -4.30
N PHE D 337 24.01 48.43 -3.73
CA PHE D 337 24.62 49.60 -4.36
C PHE D 337 25.65 50.22 -3.43
N PRO D 338 26.83 49.58 -3.21
CA PRO D 338 27.82 50.12 -2.30
C PRO D 338 28.36 51.50 -2.67
N ASN D 339 28.32 51.88 -3.96
CA ASN D 339 28.83 53.18 -4.39
C ASN D 339 27.68 54.18 -4.62
N GLY D 340 26.46 53.84 -4.18
CA GLY D 340 25.32 54.73 -4.27
C GLY D 340 24.80 54.83 -5.70
N ALA D 341 24.39 56.04 -6.07
CA ALA D 341 23.69 56.30 -7.32
C ALA D 341 24.54 55.93 -8.55
N SER D 342 25.86 56.05 -8.46
CA SER D 342 26.73 55.71 -9.60
C SER D 342 26.61 54.22 -9.95
N ASP D 343 26.29 53.38 -8.95
CA ASP D 343 26.10 51.95 -9.17
C ASP D 343 24.79 51.70 -9.93
N ALA D 344 23.73 52.44 -9.59
CA ALA D 344 22.47 52.30 -10.30
C ALA D 344 22.66 52.73 -11.76
N LEU D 345 23.39 53.83 -11.99
CA LEU D 345 23.63 54.37 -13.33
C LEU D 345 24.50 53.40 -14.15
N ARG D 346 25.47 52.76 -13.52
CA ARG D 346 26.32 51.78 -14.17
C ARG D 346 25.45 50.63 -14.71
N LEU D 347 24.41 50.26 -13.96
CA LEU D 347 23.51 49.20 -14.38
C LEU D 347 22.64 49.65 -15.56
N THR D 348 21.98 50.81 -15.45
CA THR D 348 21.09 51.27 -16.51
C THR D 348 21.88 51.69 -17.76
N ASP D 349 23.06 52.28 -17.60
CA ASP D 349 23.90 52.63 -18.73
C ASP D 349 24.24 51.36 -19.53
N ALA D 350 24.64 50.29 -18.83
CA ALA D 350 25.03 49.05 -19.50
C ALA D 350 23.82 48.49 -20.26
N ILE D 351 22.64 48.54 -19.64
CA ILE D 351 21.41 48.08 -20.28
C ILE D 351 21.18 48.89 -21.57
N HIS D 352 21.28 50.23 -21.48
CA HIS D 352 21.11 51.12 -22.63
C HIS D 352 22.15 50.84 -23.73
N GLU D 353 23.38 50.50 -23.34
CA GLU D 353 24.45 50.24 -24.29
C GLU D 353 24.20 48.97 -25.10
N HIS D 354 23.33 48.06 -24.59
CA HIS D 354 22.96 46.85 -25.32
C HIS D 354 21.64 47.05 -26.07
N GLY D 355 21.22 48.30 -26.29
CA GLY D 355 20.01 48.61 -27.06
C GLY D 355 18.70 48.33 -26.32
N MET D 356 18.70 48.33 -24.98
CA MET D 356 17.55 47.90 -24.20
C MET D 356 17.00 49.03 -23.32
N THR D 357 15.72 48.91 -22.92
CA THR D 357 15.13 49.76 -21.87
C THR D 357 15.20 49.05 -20.53
N ALA D 358 15.24 49.85 -19.45
CA ALA D 358 15.39 49.36 -18.08
C ALA D 358 14.18 49.73 -17.21
N LEU D 359 13.62 48.73 -16.50
CA LEU D 359 12.44 48.90 -15.65
C LEU D 359 12.80 48.66 -14.19
N LEU D 360 12.03 49.28 -13.27
CA LEU D 360 12.26 49.14 -11.83
C LEU D 360 11.00 48.67 -11.10
N TRP D 361 11.16 47.68 -10.23
CA TRP D 361 10.11 47.13 -9.38
C TRP D 361 9.76 48.11 -8.26
N TRP D 362 8.45 48.25 -7.96
CA TRP D 362 8.00 48.97 -6.78
C TRP D 362 6.62 48.51 -6.33
N ARG D 363 6.25 48.91 -5.10
CA ARG D 363 4.93 48.66 -4.54
C ARG D 363 4.24 50.00 -4.27
N PRO D 364 3.40 50.50 -5.20
CA PRO D 364 2.65 51.73 -4.94
C PRO D 364 1.65 51.54 -3.80
N CYS D 365 1.42 52.61 -3.04
CA CYS D 365 0.47 52.69 -1.94
C CYS D 365 1.12 52.28 -0.62
N ASP D 366 2.32 51.67 -0.64
CA ASP D 366 2.96 51.19 0.59
C ASP D 366 3.99 52.22 1.06
N GLY D 367 3.77 52.75 2.28
CA GLY D 367 4.66 53.73 2.88
C GLY D 367 5.63 53.11 3.89
N GLY D 368 5.62 51.76 4.00
CA GLY D 368 6.54 51.02 4.84
C GLY D 368 6.05 50.95 6.29
N ILE D 369 6.86 50.32 7.17
CA ILE D 369 6.54 50.25 8.60
C ILE D 369 7.69 50.85 9.41
N ASP D 370 8.92 50.39 9.15
CA ASP D 370 10.11 50.94 9.78
C ASP D 370 10.75 52.02 8.90
N SER D 371 10.00 52.52 7.93
CA SER D 371 10.48 53.57 7.04
C SER D 371 10.72 54.88 7.78
N ILE D 372 11.63 55.69 7.24
CA ILE D 372 11.80 57.07 7.66
C ILE D 372 10.49 57.83 7.42
N LEU D 373 9.80 57.50 6.32
CA LEU D 373 8.53 58.12 5.96
C LEU D 373 7.51 57.98 7.09
N TYR D 374 7.36 56.77 7.65
CA TYR D 374 6.38 56.56 8.70
C TYR D 374 6.82 57.27 10.00
N GLN D 375 8.12 57.27 10.29
CA GLN D 375 8.66 57.91 11.50
C GLN D 375 8.45 59.42 11.44
N GLN D 376 8.73 60.05 10.29
CA GLN D 376 8.68 61.49 10.16
C GLN D 376 7.27 61.99 9.84
N HIS D 377 6.47 61.22 9.10
CA HIS D 377 5.18 61.73 8.64
C HIS D 377 4.06 60.70 8.78
N PRO D 378 3.66 60.30 10.01
CA PRO D 378 2.52 59.39 10.15
C PRO D 378 1.18 59.96 9.65
N GLU D 379 1.10 61.29 9.52
CA GLU D 379 -0.11 61.99 9.06
C GLU D 379 -0.40 61.69 7.58
N TYR D 380 0.57 61.17 6.83
CA TYR D 380 0.35 60.78 5.45
C TYR D 380 -0.39 59.45 5.28
N PHE D 381 -0.51 58.69 6.36
CA PHE D 381 -0.94 57.29 6.25
C PHE D 381 -2.43 57.17 6.59
N VAL D 382 -3.01 56.02 6.23
CA VAL D 382 -4.38 55.67 6.60
C VAL D 382 -4.42 55.30 8.08
N MET D 383 -5.48 55.74 8.77
CA MET D 383 -5.73 55.51 10.18
C MET D 383 -7.01 54.69 10.33
N ASP D 384 -6.95 53.61 11.14
CA ASP D 384 -8.10 52.74 11.38
C ASP D 384 -9.02 53.36 12.43
N ALA D 385 -10.15 52.69 12.68
CA ALA D 385 -11.17 53.19 13.60
C ALA D 385 -10.64 53.34 15.04
N ASP D 386 -9.65 52.54 15.43
CA ASP D 386 -9.08 52.64 16.77
C ASP D 386 -7.94 53.66 16.84
N GLY D 387 -7.62 54.32 15.72
CA GLY D 387 -6.59 55.35 15.76
C GLY D 387 -5.18 54.81 15.46
N ARG D 388 -5.08 53.56 15.00
CA ARG D 388 -3.79 52.94 14.69
C ARG D 388 -3.52 53.00 13.19
N PRO D 389 -2.24 52.94 12.75
CA PRO D 389 -1.91 52.89 11.32
C PRO D 389 -2.44 51.61 10.72
N ALA D 390 -3.02 51.71 9.51
CA ALA D 390 -3.69 50.58 8.87
C ALA D 390 -2.78 49.90 7.85
N ARG D 391 -2.67 48.57 7.96
CA ARG D 391 -1.89 47.77 7.02
C ARG D 391 -2.65 47.63 5.70
N LEU D 392 -1.90 47.58 4.59
CA LEU D 392 -2.44 47.20 3.30
C LEU D 392 -3.02 45.78 3.38
N PRO D 393 -4.25 45.56 2.87
CA PRO D 393 -4.86 44.23 2.86
C PRO D 393 -4.49 43.30 1.70
N THR D 394 -4.42 42.00 2.03
CA THR D 394 -4.43 40.93 1.06
C THR D 394 -5.88 40.74 0.58
N PRO D 395 -6.09 40.10 -0.59
CA PRO D 395 -7.45 39.81 -1.09
C PRO D 395 -8.31 39.04 -0.09
N GLY D 396 -9.49 39.58 0.22
CA GLY D 396 -10.41 38.95 1.14
C GLY D 396 -10.17 39.38 2.59
N GLY D 397 -9.12 40.15 2.84
CA GLY D 397 -8.78 40.56 4.20
C GLY D 397 -7.52 39.85 4.67
N GLY D 398 -7.00 40.29 5.81
CA GLY D 398 -5.74 39.78 6.31
C GLY D 398 -4.57 40.63 5.77
N THR D 399 -3.37 40.19 6.16
CA THR D 399 -2.19 40.95 5.80
C THR D 399 -1.08 39.96 5.46
N ASN D 400 0.07 40.51 5.07
CA ASN D 400 1.24 39.76 4.67
C ASN D 400 2.44 40.45 5.30
N PRO D 401 3.47 39.71 5.78
CA PRO D 401 4.60 40.33 6.48
C PRO D 401 5.40 41.32 5.62
N SER D 402 5.36 41.18 4.30
CA SER D 402 6.05 42.12 3.41
C SER D 402 5.23 43.39 3.15
N LEU D 403 3.92 43.39 3.43
CA LEU D 403 3.05 44.54 3.15
C LEU D 403 3.14 45.54 4.30
N GLY D 404 3.36 46.82 4.00
CA GLY D 404 3.48 47.83 5.06
C GLY D 404 2.18 48.58 5.34
N TYR D 405 2.32 49.76 5.96
CA TYR D 405 1.19 50.64 6.23
C TYR D 405 0.77 51.36 4.93
N ALA D 406 -0.54 51.50 4.77
CA ALA D 406 -1.14 52.13 3.60
C ALA D 406 -0.98 53.65 3.64
N LEU D 407 -0.56 54.22 2.50
CA LEU D 407 -0.61 55.66 2.30
C LEU D 407 -2.03 56.08 1.95
N CYS D 408 -2.49 57.17 2.54
CA CYS D 408 -3.81 57.69 2.21
C CYS D 408 -3.75 58.46 0.90
N PRO D 409 -4.56 58.08 -0.12
CA PRO D 409 -4.57 58.75 -1.41
C PRO D 409 -5.01 60.21 -1.39
N MET D 410 -5.62 60.68 -0.30
CA MET D 410 -5.99 62.08 -0.20
C MET D 410 -5.00 62.90 0.63
N ALA D 411 -3.91 62.30 1.12
CA ALA D 411 -2.89 63.11 1.77
C ALA D 411 -1.90 63.59 0.71
N ASP D 412 -1.74 64.91 0.58
CA ASP D 412 -0.85 65.46 -0.45
C ASP D 412 0.58 64.92 -0.31
N GLY D 413 1.09 64.82 0.93
CA GLY D 413 2.43 64.31 1.19
C GLY D 413 2.62 62.85 0.77
N ALA D 414 1.58 62.03 0.86
CA ALA D 414 1.67 60.64 0.42
C ALA D 414 1.88 60.59 -1.07
N ILE D 415 1.04 61.34 -1.80
CA ILE D 415 1.11 61.39 -3.25
C ILE D 415 2.49 61.89 -3.66
N ALA D 416 2.99 62.93 -2.98
CA ALA D 416 4.27 63.54 -3.31
C ALA D 416 5.41 62.54 -3.14
N SER D 417 5.31 61.67 -2.12
CA SER D 417 6.34 60.66 -1.89
C SER D 417 6.43 59.71 -3.08
N GLN D 418 5.29 59.41 -3.72
CA GLN D 418 5.27 58.55 -4.90
C GLN D 418 5.91 59.27 -6.09
N VAL D 419 5.55 60.54 -6.28
CA VAL D 419 6.07 61.33 -7.39
C VAL D 419 7.60 61.50 -7.27
N ASP D 420 8.08 61.74 -6.05
CA ASP D 420 9.50 61.95 -5.79
C ASP D 420 10.29 60.68 -6.11
N PHE D 421 9.71 59.51 -5.83
CA PHE D 421 10.35 58.24 -6.17
C PHE D 421 10.48 58.12 -7.69
N VAL D 422 9.39 58.41 -8.42
CA VAL D 422 9.40 58.35 -9.88
C VAL D 422 10.50 59.26 -10.44
N ASN D 423 10.59 60.49 -9.95
CA ASN D 423 11.55 61.46 -10.49
C ASN D 423 13.00 61.04 -10.18
N ARG D 424 13.24 60.46 -9.00
CA ARG D 424 14.57 60.00 -8.62
C ARG D 424 14.96 58.81 -9.51
N ALA D 425 14.07 57.84 -9.66
CA ALA D 425 14.41 56.62 -10.37
C ALA D 425 14.66 56.91 -11.86
N MET D 426 13.89 57.81 -12.46
CA MET D 426 14.08 58.14 -13.86
C MET D 426 15.26 59.10 -14.04
N ASN D 427 15.31 60.20 -13.28
CA ASN D 427 16.25 61.29 -13.56
C ASN D 427 17.61 61.11 -12.87
N ASP D 428 17.67 60.41 -11.73
CA ASP D 428 18.95 60.17 -11.05
C ASP D 428 19.53 58.79 -11.40
N TRP D 429 18.69 57.77 -11.62
CA TRP D 429 19.20 56.40 -11.79
C TRP D 429 19.08 55.89 -13.23
N GLY D 430 18.29 56.59 -14.06
CA GLY D 430 18.26 56.36 -15.49
C GLY D 430 17.28 55.27 -15.92
N PHE D 431 16.28 54.95 -15.08
CA PHE D 431 15.26 53.97 -15.44
C PHE D 431 14.23 54.55 -16.41
N ASP D 432 13.61 53.64 -17.19
CA ASP D 432 12.74 54.01 -18.30
C ASP D 432 11.29 53.58 -18.07
N GLY D 433 10.99 53.05 -16.88
CA GLY D 433 9.64 52.56 -16.63
C GLY D 433 9.57 51.73 -15.35
N PHE D 434 8.37 51.22 -15.04
CA PHE D 434 8.07 50.69 -13.71
C PHE D 434 7.21 49.43 -13.78
N LYS D 435 7.57 48.48 -12.91
CA LYS D 435 6.76 47.31 -12.63
C LYS D 435 6.20 47.43 -11.22
N GLY D 436 4.98 47.96 -11.13
CA GLY D 436 4.22 47.99 -9.89
C GLY D 436 3.67 46.60 -9.59
N ASP D 437 3.65 46.25 -8.30
CA ASP D 437 3.38 44.88 -7.94
C ASP D 437 3.06 44.71 -6.45
N TYR D 438 2.45 43.56 -6.11
CA TYR D 438 2.38 43.05 -4.73
C TYR D 438 1.54 44.00 -3.87
N VAL D 439 0.42 44.48 -4.41
CA VAL D 439 -0.53 45.30 -3.69
C VAL D 439 -1.95 45.02 -4.22
N TRP D 440 -2.96 45.22 -3.36
CA TRP D 440 -4.34 44.92 -3.71
C TRP D 440 -5.25 46.10 -3.35
N SER D 441 -6.20 45.98 -2.41
CA SER D 441 -7.11 47.07 -2.11
C SER D 441 -6.49 48.02 -1.08
N MET D 442 -7.33 48.95 -0.60
CA MET D 442 -6.91 50.10 0.19
C MET D 442 -7.87 50.23 1.37
N PRO D 443 -7.39 50.26 2.63
CA PRO D 443 -8.29 50.30 3.78
C PRO D 443 -8.97 51.65 3.96
N GLU D 444 -10.06 51.62 4.73
CA GLU D 444 -10.85 52.79 5.09
C GLU D 444 -10.05 53.65 6.06
N CYS D 445 -10.19 54.97 5.92
CA CYS D 445 -9.42 55.96 6.67
C CYS D 445 -10.33 56.74 7.62
N TYR D 446 -9.92 56.82 8.91
CA TYR D 446 -10.67 57.50 9.95
C TYR D 446 -9.88 58.69 10.54
N ASN D 447 -8.81 59.12 9.87
CA ASN D 447 -8.01 60.21 10.41
C ASN D 447 -8.76 61.52 10.25
N PRO D 448 -9.16 62.19 11.36
CA PRO D 448 -10.01 63.38 11.27
C PRO D 448 -9.32 64.56 10.59
N ALA D 449 -7.98 64.58 10.62
CA ALA D 449 -7.21 65.64 10.00
C ALA D 449 -7.25 65.56 8.47
N HIS D 450 -7.70 64.43 7.91
CA HIS D 450 -7.86 64.33 6.46
C HIS D 450 -9.20 64.89 5.99
N ASN D 451 -10.18 65.06 6.91
CA ASN D 451 -11.49 65.62 6.60
C ASN D 451 -12.21 64.81 5.53
N HIS D 452 -12.28 63.50 5.71
CA HIS D 452 -12.91 62.63 4.73
C HIS D 452 -14.44 62.80 4.77
N ALA D 453 -15.07 62.72 3.59
CA ALA D 453 -16.52 62.71 3.48
C ALA D 453 -17.10 61.50 4.21
N SER D 454 -16.42 60.37 4.04
CA SER D 454 -16.79 59.10 4.65
C SER D 454 -15.54 58.25 4.78
N PRO D 455 -15.52 57.19 5.63
CA PRO D 455 -14.34 56.33 5.72
C PRO D 455 -13.95 55.57 4.44
N GLU D 456 -14.92 55.31 3.54
CA GLU D 456 -14.64 54.57 2.32
C GLU D 456 -13.95 55.43 1.26
N GLU D 457 -13.81 56.74 1.51
CA GLU D 457 -13.26 57.64 0.50
C GLU D 457 -11.83 57.25 0.12
N SER D 458 -11.03 56.79 1.09
CA SER D 458 -9.68 56.31 0.79
C SER D 458 -9.73 55.16 -0.21
N THR D 459 -10.56 54.15 0.07
CA THR D 459 -10.71 52.98 -0.81
C THR D 459 -11.09 53.47 -2.22
N GLU D 460 -12.05 54.40 -2.30
CA GLU D 460 -12.61 54.86 -3.56
C GLU D 460 -11.53 55.56 -4.39
N LYS D 461 -10.60 56.26 -3.72
CA LYS D 461 -9.63 57.11 -4.38
C LYS D 461 -8.26 56.45 -4.56
N GLN D 462 -8.19 55.14 -4.33
CA GLN D 462 -6.93 54.42 -4.47
C GLN D 462 -6.26 54.77 -5.81
N SER D 463 -7.06 54.80 -6.87
CA SER D 463 -6.55 54.89 -8.22
C SER D 463 -5.86 56.24 -8.50
N GLU D 464 -6.07 57.25 -7.64
CA GLU D 464 -5.41 58.55 -7.80
C GLU D 464 -3.89 58.40 -7.64
N ILE D 465 -3.45 57.42 -6.83
CA ILE D 465 -2.03 57.13 -6.71
C ILE D 465 -1.46 56.71 -8.06
N TYR D 466 -2.20 55.84 -8.76
CA TYR D 466 -1.75 55.29 -10.03
C TYR D 466 -1.75 56.38 -11.09
N ARG D 467 -2.78 57.23 -11.10
CA ARG D 467 -2.92 58.30 -12.08
C ARG D 467 -1.78 59.33 -11.93
N VAL D 468 -1.60 59.84 -10.70
CA VAL D 468 -0.65 60.92 -10.50
C VAL D 468 0.78 60.43 -10.77
N SER D 469 1.07 59.19 -10.37
CA SER D 469 2.37 58.58 -10.60
C SER D 469 2.68 58.53 -12.10
N TYR D 470 1.73 58.02 -12.88
CA TYR D 470 1.88 57.87 -14.32
C TYR D 470 2.10 59.24 -14.96
N GLU D 471 1.36 60.26 -14.50
CA GLU D 471 1.45 61.58 -15.12
C GLU D 471 2.87 62.13 -14.93
N ALA D 472 3.46 61.85 -13.77
CA ALA D 472 4.82 62.28 -13.49
C ALA D 472 5.84 61.52 -14.35
N MET D 473 5.62 60.21 -14.51
CA MET D 473 6.43 59.37 -15.40
C MET D 473 6.44 59.96 -16.83
N VAL D 474 5.25 60.31 -17.34
CA VAL D 474 5.10 60.74 -18.72
C VAL D 474 5.82 62.08 -18.94
N ALA D 475 5.81 62.93 -17.93
CA ALA D 475 6.48 64.23 -18.03
C ALA D 475 7.99 64.07 -18.20
N ASN D 476 8.59 63.01 -17.62
CA ASN D 476 10.03 62.78 -17.80
C ASN D 476 10.31 62.16 -19.18
N ASP D 477 9.43 61.23 -19.60
CA ASP D 477 9.60 60.52 -20.85
C ASP D 477 8.24 60.05 -21.37
N PRO D 478 7.77 60.57 -22.52
CA PRO D 478 6.46 60.18 -23.03
C PRO D 478 6.36 58.70 -23.40
N ASN D 479 7.52 58.03 -23.60
CA ASN D 479 7.53 56.62 -23.97
C ASN D 479 7.74 55.69 -22.78
N VAL D 480 7.58 56.23 -21.55
CA VAL D 480 7.77 55.46 -20.33
C VAL D 480 6.84 54.25 -20.33
N PHE D 481 7.34 53.14 -19.76
CA PHE D 481 6.57 51.90 -19.62
C PHE D 481 5.94 51.89 -18.24
N ASN D 482 4.69 51.42 -18.13
CA ASN D 482 4.01 51.35 -16.84
C ASN D 482 3.10 50.12 -16.79
N LEU D 483 3.30 49.31 -15.72
CA LEU D 483 2.52 48.11 -15.45
C LEU D 483 2.21 48.01 -13.95
N LEU D 484 1.06 47.40 -13.62
CA LEU D 484 0.65 47.13 -12.23
C LEU D 484 0.09 45.71 -12.13
N CYS D 485 0.60 44.90 -11.19
CA CYS D 485 0.14 43.53 -10.97
C CYS D 485 -0.48 43.41 -9.58
N ASN D 486 -1.82 43.35 -9.52
CA ASN D 486 -2.54 42.95 -8.32
C ASN D 486 -2.53 41.42 -8.28
N CYS D 487 -1.35 40.90 -7.97
CA CYS D 487 -0.97 39.52 -8.27
C CYS D 487 -2.02 38.50 -7.81
N GLY D 488 -2.36 37.56 -8.69
CA GLY D 488 -3.23 36.44 -8.31
C GLY D 488 -4.72 36.80 -8.36
N THR D 489 -5.03 38.01 -8.81
CA THR D 489 -6.40 38.53 -8.93
C THR D 489 -6.52 39.30 -10.25
N PRO D 490 -7.75 39.57 -10.71
CA PRO D 490 -7.94 40.47 -11.86
C PRO D 490 -7.48 41.86 -11.44
N GLN D 491 -6.88 42.60 -12.38
CA GLN D 491 -6.26 43.90 -12.07
C GLN D 491 -7.31 44.92 -11.66
N ASP D 492 -6.90 45.86 -10.80
CA ASP D 492 -7.75 46.98 -10.39
C ASP D 492 -8.21 47.74 -11.64
N TYR D 493 -9.52 47.68 -11.92
CA TYR D 493 -10.10 48.20 -13.14
C TYR D 493 -9.75 49.68 -13.33
N TYR D 494 -9.78 50.45 -12.24
CA TYR D 494 -9.64 51.90 -12.36
C TYR D 494 -8.16 52.31 -12.43
N SER D 495 -7.23 51.34 -12.29
CA SER D 495 -5.83 51.56 -12.64
C SER D 495 -5.56 51.48 -14.16
N LEU D 496 -6.43 50.78 -14.90
CA LEU D 496 -6.13 50.35 -16.27
C LEU D 496 -5.90 51.52 -17.22
N PRO D 497 -6.63 52.65 -17.13
CA PRO D 497 -6.36 53.79 -18.02
C PRO D 497 -4.93 54.32 -18.01
N TYR D 498 -4.12 53.99 -17.00
CA TYR D 498 -2.80 54.57 -16.80
C TYR D 498 -1.68 53.58 -17.11
N MET D 499 -2.00 52.48 -17.82
CA MET D 499 -1.05 51.41 -18.08
C MET D 499 -0.59 51.44 -19.55
N THR D 500 0.62 50.89 -19.82
CA THR D 500 1.10 50.62 -21.17
C THR D 500 1.19 49.11 -21.44
N GLN D 501 1.12 48.27 -20.41
CA GLN D 501 1.13 46.81 -20.58
C GLN D 501 0.43 46.13 -19.39
N ILE D 502 -0.15 44.96 -19.62
CA ILE D 502 -0.80 44.16 -18.58
C ILE D 502 -0.17 42.77 -18.51
N ALA D 503 0.03 42.26 -17.28
CA ALA D 503 0.39 40.86 -17.06
C ALA D 503 -0.84 40.06 -16.63
N THR D 504 -0.87 38.77 -16.96
CA THR D 504 -1.95 37.90 -16.57
C THR D 504 -1.97 37.70 -15.04
N ALA D 505 -0.84 37.98 -14.37
CA ALA D 505 -0.73 38.31 -12.94
C ALA D 505 -0.52 37.07 -12.06
N ASP D 506 0.71 36.51 -12.09
CA ASP D 506 1.04 35.29 -11.40
C ASP D 506 0.03 34.17 -11.70
N PRO D 507 -0.21 33.86 -13.00
CA PRO D 507 -1.00 32.68 -13.36
C PRO D 507 -0.31 31.42 -12.84
N THR D 508 -1.11 30.44 -12.41
CA THR D 508 -0.60 29.19 -11.88
C THR D 508 -0.83 28.02 -12.85
N SER D 509 -1.35 28.29 -14.06
CA SER D 509 -1.57 27.25 -15.06
C SER D 509 -1.58 27.87 -16.46
N VAL D 510 -1.45 27.04 -17.50
CA VAL D 510 -1.56 27.51 -18.88
C VAL D 510 -2.99 28.01 -19.10
N ASP D 511 -3.97 27.36 -18.46
CA ASP D 511 -5.35 27.76 -18.59
C ASP D 511 -5.53 29.20 -18.09
N GLN D 512 -4.92 29.52 -16.93
CA GLN D 512 -5.06 30.85 -16.38
C GLN D 512 -4.45 31.89 -17.31
N THR D 513 -3.21 31.68 -17.77
CA THR D 513 -2.53 32.74 -18.50
C THR D 513 -3.23 32.99 -19.85
N ARG D 514 -3.59 31.93 -20.58
CA ARG D 514 -4.16 32.09 -21.91
C ARG D 514 -5.55 32.74 -21.86
N ARG D 515 -6.41 32.30 -20.95
CA ARG D 515 -7.78 32.80 -20.93
C ARG D 515 -7.81 34.27 -20.48
N ARG D 516 -6.83 34.67 -19.64
CA ARG D 516 -6.78 36.02 -19.14
C ARG D 516 -6.32 36.98 -20.24
N VAL D 517 -5.45 36.51 -21.14
CA VAL D 517 -5.04 37.33 -22.26
C VAL D 517 -6.30 37.78 -23.02
N LYS D 518 -7.21 36.84 -23.29
CA LYS D 518 -8.44 37.14 -24.02
C LYS D 518 -9.27 38.18 -23.27
N ALA D 519 -9.41 38.00 -21.95
CA ALA D 519 -10.18 38.92 -21.13
C ALA D 519 -9.60 40.34 -21.15
N TYR D 520 -8.27 40.46 -21.03
CA TYR D 520 -7.64 41.79 -20.99
C TYR D 520 -7.75 42.47 -22.36
N LYS D 521 -7.58 41.71 -23.45
CA LYS D 521 -7.72 42.27 -24.79
C LYS D 521 -9.14 42.82 -24.99
N ALA D 522 -10.13 42.10 -24.45
CA ALA D 522 -11.52 42.55 -24.56
C ALA D 522 -11.72 43.91 -23.92
N LEU D 523 -11.15 44.09 -22.72
CA LEU D 523 -11.37 45.29 -21.92
C LEU D 523 -10.50 46.46 -22.39
N MET D 524 -9.33 46.19 -22.98
CA MET D 524 -8.32 47.21 -23.21
C MET D 524 -8.16 47.56 -24.69
N GLY D 525 -8.57 46.68 -25.59
CA GLY D 525 -8.38 46.87 -27.02
C GLY D 525 -7.49 45.79 -27.61
N ASP D 526 -7.67 45.52 -28.92
CA ASP D 526 -7.06 44.38 -29.56
C ASP D 526 -5.56 44.57 -29.80
N TYR D 527 -5.07 45.82 -29.77
CA TYR D 527 -3.65 46.07 -29.93
C TYR D 527 -2.98 46.43 -28.60
N PHE D 528 -3.69 46.25 -27.48
CA PHE D 528 -3.13 46.61 -26.18
C PHE D 528 -2.16 45.52 -25.72
N PRO D 529 -0.92 45.85 -25.29
CA PRO D 529 0.06 44.83 -24.90
C PRO D 529 -0.30 44.03 -23.66
N VAL D 530 -0.25 42.69 -23.78
CA VAL D 530 -0.41 41.78 -22.67
C VAL D 530 0.73 40.77 -22.68
N THR D 531 1.26 40.42 -21.48
CA THR D 531 2.25 39.35 -21.33
C THR D 531 1.64 38.16 -20.59
N ALA D 532 2.02 36.96 -21.03
CA ALA D 532 1.60 35.72 -20.39
C ALA D 532 2.35 35.41 -19.09
N ASP D 533 3.32 36.25 -18.69
CA ASP D 533 4.06 36.12 -17.42
C ASP D 533 5.04 34.93 -17.50
N HIS D 534 5.80 34.68 -16.41
CA HIS D 534 6.93 33.75 -16.43
C HIS D 534 6.93 32.78 -15.24
N ASN D 535 5.78 32.63 -14.57
CA ASN D 535 5.69 31.82 -13.38
C ASN D 535 6.04 30.37 -13.70
N ASN D 536 5.61 29.88 -14.88
CA ASN D 536 6.04 28.59 -15.41
C ASN D 536 6.50 28.82 -16.86
N ILE D 537 7.29 27.88 -17.42
CA ILE D 537 7.73 27.94 -18.81
C ILE D 537 6.61 27.45 -19.72
N TRP D 538 6.05 28.38 -20.52
CA TRP D 538 4.97 28.06 -21.46
C TRP D 538 5.07 28.90 -22.74
N TYR D 539 6.18 28.77 -23.46
CA TYR D 539 6.47 29.61 -24.62
C TYR D 539 5.38 29.49 -25.69
N PRO D 540 4.86 28.28 -26.04
CA PRO D 540 3.79 28.19 -27.04
C PRO D 540 2.49 28.93 -26.67
N SER D 541 2.14 28.96 -25.38
CA SER D 541 1.00 29.70 -24.89
C SER D 541 1.22 31.20 -25.10
N ALA D 542 2.45 31.67 -24.88
CA ALA D 542 2.76 33.07 -24.94
C ALA D 542 2.64 33.58 -26.38
N VAL D 543 3.19 32.81 -27.33
CA VAL D 543 3.22 33.22 -28.72
C VAL D 543 1.81 33.17 -29.32
N GLY D 544 1.12 32.05 -29.16
CA GLY D 544 -0.12 31.80 -29.89
C GLY D 544 -1.28 32.69 -29.45
N THR D 545 -1.23 33.22 -28.22
CA THR D 545 -2.28 34.09 -27.69
C THR D 545 -2.08 35.53 -28.15
N GLY D 546 -0.93 35.83 -28.76
CA GLY D 546 -0.62 37.18 -29.18
C GLY D 546 -0.04 38.01 -28.03
N SER D 547 0.61 37.32 -27.07
CA SER D 547 1.14 37.97 -25.89
C SER D 547 2.64 38.26 -26.06
N VAL D 548 3.16 39.14 -25.20
CA VAL D 548 4.59 39.43 -25.12
C VAL D 548 5.27 38.35 -24.28
N LEU D 549 6.30 37.70 -24.86
CA LEU D 549 7.00 36.60 -24.20
C LEU D 549 8.06 37.15 -23.23
N ILE D 550 7.93 36.78 -21.94
CA ILE D 550 8.89 37.19 -20.92
C ILE D 550 9.46 36.00 -20.16
N GLU D 551 10.59 36.24 -19.47
CA GLU D 551 11.36 35.20 -18.82
C GLU D 551 12.10 35.84 -17.63
N LYS D 552 12.44 35.02 -16.63
CA LYS D 552 13.16 35.49 -15.44
C LYS D 552 14.35 34.61 -15.06
N ARG D 553 14.51 33.44 -15.69
CA ARG D 553 15.46 32.43 -15.21
C ARG D 553 16.85 32.64 -15.81
N ASP D 554 17.89 32.20 -15.08
CA ASP D 554 19.23 32.09 -15.62
C ASP D 554 19.43 30.69 -16.19
N LEU D 555 19.31 30.52 -17.51
CA LEU D 555 19.17 29.19 -18.09
C LEU D 555 20.49 28.67 -18.65
N SER D 556 20.61 27.33 -18.69
CA SER D 556 21.71 26.70 -19.37
C SER D 556 21.23 25.40 -20.03
N GLY D 557 22.12 24.77 -20.82
CA GLY D 557 21.83 23.50 -21.47
C GLY D 557 20.64 23.59 -22.41
N THR D 558 19.81 22.53 -22.40
CA THR D 558 18.74 22.43 -23.38
C THR D 558 17.66 23.49 -23.08
N ALA D 559 17.47 23.86 -21.80
CA ALA D 559 16.46 24.86 -21.48
C ALA D 559 16.83 26.23 -22.04
N LYS D 560 18.14 26.53 -22.08
CA LYS D 560 18.63 27.74 -22.73
C LYS D 560 18.35 27.70 -24.23
N GLU D 561 18.63 26.55 -24.88
CA GLU D 561 18.35 26.39 -26.30
C GLU D 561 16.85 26.61 -26.58
N GLU D 562 16.00 26.13 -25.67
CA GLU D 562 14.56 26.19 -25.83
C GLU D 562 14.12 27.66 -25.78
N TYR D 563 14.68 28.45 -24.84
CA TYR D 563 14.38 29.87 -24.73
C TYR D 563 14.84 30.62 -26.00
N GLU D 564 16.04 30.33 -26.48
CA GLU D 564 16.56 30.96 -27.70
C GLU D 564 15.66 30.68 -28.90
N LYS D 565 15.22 29.42 -29.04
CA LYS D 565 14.38 29.01 -30.15
C LYS D 565 13.11 29.85 -30.15
N TRP D 566 12.48 29.98 -28.98
CA TRP D 566 11.16 30.58 -28.90
C TRP D 566 11.23 32.11 -28.92
N LEU D 567 12.35 32.68 -28.46
CA LEU D 567 12.64 34.08 -28.71
C LEU D 567 12.65 34.33 -30.21
N GLY D 568 13.32 33.44 -30.97
CA GLY D 568 13.43 33.56 -32.42
C GLY D 568 12.06 33.53 -33.12
N ILE D 569 11.19 32.59 -32.71
CA ILE D 569 9.86 32.49 -33.26
C ILE D 569 9.07 33.77 -32.93
N ALA D 570 9.07 34.18 -31.65
CA ALA D 570 8.31 35.35 -31.22
C ALA D 570 8.76 36.61 -31.96
N ASP D 571 10.08 36.73 -32.20
CA ASP D 571 10.67 37.87 -32.87
C ASP D 571 10.43 37.80 -34.39
N THR D 572 10.05 36.63 -34.93
CA THR D 572 9.77 36.47 -36.35
C THR D 572 8.30 36.84 -36.63
N VAL D 573 7.35 36.21 -35.94
CA VAL D 573 5.94 36.41 -36.24
C VAL D 573 5.37 37.65 -35.54
N GLN D 574 5.89 38.01 -34.36
CA GLN D 574 5.58 39.28 -33.71
C GLN D 574 4.08 39.46 -33.52
N LEU D 575 3.43 38.41 -33.01
CA LEU D 575 1.99 38.44 -32.83
C LEU D 575 1.61 39.35 -31.67
N GLN D 576 2.57 39.69 -30.81
CA GLN D 576 2.31 40.66 -29.73
C GLN D 576 1.94 42.03 -30.30
N LYS D 577 2.33 42.34 -31.55
CA LYS D 577 1.98 43.58 -32.22
C LYS D 577 0.79 43.43 -33.16
N GLY D 578 0.26 42.21 -33.31
CA GLY D 578 -0.84 41.98 -34.22
C GLY D 578 -2.20 42.29 -33.58
N ARG D 579 -3.25 42.28 -34.42
CA ARG D 579 -4.61 42.53 -34.00
C ARG D 579 -5.20 41.22 -33.48
N PHE D 580 -5.40 41.16 -32.15
CA PHE D 580 -6.08 40.03 -31.54
C PHE D 580 -7.53 39.99 -32.03
N ILE D 581 -8.03 38.78 -32.30
CA ILE D 581 -9.39 38.56 -32.76
C ILE D 581 -10.06 37.54 -31.84
N GLY D 582 -11.08 37.99 -31.11
CA GLY D 582 -11.67 37.20 -30.05
C GLY D 582 -13.11 36.76 -30.34
N ASP D 583 -13.68 37.14 -31.50
CA ASP D 583 -15.11 36.95 -31.74
C ASP D 583 -15.38 35.76 -32.69
N LEU D 584 -14.37 34.96 -33.00
CA LEU D 584 -14.53 33.85 -33.95
C LEU D 584 -14.76 32.52 -33.24
N TYR D 585 -14.14 32.35 -32.06
CA TYR D 585 -14.23 31.10 -31.30
C TYR D 585 -14.74 31.37 -29.89
N SER D 586 -15.52 30.41 -29.37
CA SER D 586 -16.09 30.47 -28.03
C SER D 586 -15.41 29.46 -27.09
N TYR D 587 -14.71 29.98 -26.06
CA TYR D 587 -14.01 29.12 -25.11
C TYR D 587 -15.02 28.22 -24.40
N GLY D 588 -14.80 26.90 -24.52
CA GLY D 588 -15.61 25.89 -23.86
C GLY D 588 -16.71 25.31 -24.76
N PHE D 589 -16.88 25.86 -25.97
CA PHE D 589 -17.96 25.42 -26.86
C PHE D 589 -17.41 25.02 -28.25
N ASP D 590 -16.46 25.78 -28.82
CA ASP D 590 -15.72 25.29 -29.96
C ASP D 590 -14.87 24.09 -29.53
N PRO D 591 -14.53 23.16 -30.44
CA PRO D 591 -13.85 21.90 -30.08
C PRO D 591 -12.52 22.05 -29.35
N TYR D 592 -11.72 23.07 -29.72
CA TYR D 592 -10.48 23.35 -29.02
C TYR D 592 -10.53 24.75 -28.41
N GLU D 593 -9.80 24.93 -27.31
CA GLU D 593 -9.38 26.24 -26.84
C GLU D 593 -8.55 26.90 -27.96
N THR D 594 -9.04 28.01 -28.52
CA THR D 594 -8.48 28.58 -29.75
C THR D 594 -8.25 30.09 -29.61
N TYR D 595 -7.15 30.58 -30.21
CA TYR D 595 -6.82 32.01 -30.26
C TYR D 595 -6.45 32.40 -31.69
N VAL D 596 -6.70 33.67 -32.05
CA VAL D 596 -6.51 34.17 -33.41
C VAL D 596 -5.87 35.55 -33.34
N VAL D 597 -4.88 35.79 -34.22
CA VAL D 597 -4.23 37.09 -34.36
C VAL D 597 -4.00 37.38 -35.85
N ALA D 598 -4.34 38.61 -36.28
CA ALA D 598 -4.02 39.06 -37.62
C ALA D 598 -2.78 39.96 -37.59
N ALA D 599 -1.75 39.60 -38.35
CA ALA D 599 -0.50 40.36 -38.40
C ALA D 599 -0.03 40.50 -39.85
N ASP D 600 0.20 41.76 -40.28
CA ASP D 600 0.53 42.13 -41.65
C ASP D 600 -0.41 41.47 -42.67
N GLY D 601 -1.71 41.48 -42.35
CA GLY D 601 -2.73 40.96 -43.26
C GLY D 601 -2.78 39.44 -43.35
N VAL D 602 -2.12 38.71 -42.43
CA VAL D 602 -2.13 37.24 -42.43
C VAL D 602 -2.76 36.72 -41.15
N MET D 603 -3.62 35.69 -41.27
CA MET D 603 -4.34 35.11 -40.13
C MET D 603 -3.50 34.00 -39.49
N TYR D 604 -3.27 34.13 -38.17
CA TYR D 604 -2.57 33.13 -37.36
C TYR D 604 -3.56 32.52 -36.36
N TYR D 605 -3.51 31.19 -36.24
CA TYR D 605 -4.38 30.44 -35.36
C TYR D 605 -3.52 29.62 -34.40
N ALA D 606 -4.06 29.44 -33.18
CA ALA D 606 -3.44 28.63 -32.16
C ALA D 606 -4.49 27.75 -31.49
N PHE D 607 -4.30 26.43 -31.56
CA PHE D 607 -5.15 25.44 -30.92
C PHE D 607 -4.38 24.72 -29.81
N TYR D 608 -5.02 24.57 -28.63
CA TYR D 608 -4.39 23.92 -27.48
C TYR D 608 -5.26 22.77 -26.96
N LYS D 609 -4.57 21.77 -26.41
CA LYS D 609 -5.17 20.59 -25.81
C LYS D 609 -4.64 20.37 -24.37
N ASP D 610 -3.68 21.20 -23.93
CA ASP D 610 -2.95 20.91 -22.70
C ASP D 610 -3.56 21.64 -21.49
N GLY D 611 -4.68 22.35 -21.69
CA GLY D 611 -5.41 22.94 -20.60
C GLY D 611 -6.46 21.98 -20.03
N SER D 612 -6.22 21.48 -18.80
CA SER D 612 -7.07 20.48 -18.18
C SER D 612 -8.50 21.00 -17.93
N LYS D 613 -8.72 22.33 -17.93
CA LYS D 613 -10.03 22.90 -17.63
C LYS D 613 -10.98 22.77 -18.82
N TYR D 614 -10.43 22.71 -20.05
CA TYR D 614 -11.23 22.44 -21.25
C TYR D 614 -10.36 21.80 -22.35
N SER D 615 -10.58 20.50 -22.56
CA SER D 615 -9.78 19.72 -23.50
C SER D 615 -10.61 18.58 -24.08
N PRO D 616 -10.60 18.39 -25.43
CA PRO D 616 -11.45 17.38 -26.05
C PRO D 616 -10.94 15.95 -25.85
N THR D 617 -11.90 15.04 -25.73
CA THR D 617 -11.70 13.63 -26.01
C THR D 617 -11.47 13.47 -27.50
N GLY D 618 -10.43 12.70 -27.81
CA GLY D 618 -10.13 12.31 -29.19
C GLY D 618 -9.41 13.42 -29.93
N TYR D 619 -9.69 13.49 -31.24
CA TYR D 619 -8.92 14.31 -32.15
C TYR D 619 -9.89 14.98 -33.12
N PRO D 620 -10.71 15.95 -32.66
CA PRO D 620 -11.63 16.64 -33.55
C PRO D 620 -10.94 17.40 -34.68
N ASP D 621 -11.68 17.53 -35.79
CA ASP D 621 -11.26 18.30 -36.95
C ASP D 621 -11.02 19.76 -36.55
N ILE D 622 -10.09 20.39 -37.26
CA ILE D 622 -9.84 21.81 -37.15
C ILE D 622 -10.59 22.56 -38.24
N GLU D 623 -11.32 23.60 -37.82
CA GLU D 623 -11.99 24.55 -38.70
C GLU D 623 -11.33 25.92 -38.54
N LEU D 624 -10.88 26.50 -39.66
CA LEU D 624 -10.34 27.85 -39.67
C LEU D 624 -11.45 28.83 -40.07
N LYS D 625 -11.74 29.77 -39.17
CA LYS D 625 -12.81 30.73 -39.37
C LYS D 625 -12.23 32.11 -39.70
N GLY D 626 -13.03 32.91 -40.41
CA GLY D 626 -12.71 34.30 -40.68
C GLY D 626 -11.85 34.47 -41.94
N LEU D 627 -11.73 33.43 -42.79
CA LEU D 627 -11.00 33.55 -44.04
C LEU D 627 -11.94 34.08 -45.13
N ASP D 628 -11.37 34.57 -46.22
CA ASP D 628 -12.13 35.01 -47.39
C ASP D 628 -12.73 33.78 -48.08
N PRO D 629 -14.06 33.72 -48.29
CA PRO D 629 -14.70 32.57 -48.93
C PRO D 629 -14.23 32.28 -50.35
N ASN D 630 -13.80 33.33 -51.07
CA ASN D 630 -13.40 33.20 -52.47
C ASN D 630 -11.91 32.91 -52.66
N LYS D 631 -11.12 32.84 -51.58
CA LYS D 631 -9.69 32.65 -51.71
C LYS D 631 -9.30 31.22 -51.31
N MET D 632 -8.09 30.81 -51.71
CA MET D 632 -7.57 29.48 -51.44
C MET D 632 -6.29 29.61 -50.62
N TYR D 633 -6.08 28.68 -49.67
CA TYR D 633 -5.06 28.83 -48.66
C TYR D 633 -4.23 27.56 -48.47
N ARG D 634 -2.94 27.76 -48.21
CA ARG D 634 -2.02 26.75 -47.68
C ARG D 634 -1.83 26.99 -46.18
N ILE D 635 -1.96 25.93 -45.37
CA ILE D 635 -1.90 26.03 -43.91
C ILE D 635 -0.54 25.52 -43.41
N VAL D 636 0.23 26.42 -42.80
CA VAL D 636 1.63 26.15 -42.46
C VAL D 636 1.80 26.20 -40.94
N ASP D 637 2.32 25.10 -40.40
CA ASP D 637 2.82 25.04 -39.03
C ASP D 637 4.14 25.79 -39.00
N TYR D 638 4.14 27.01 -38.44
CA TYR D 638 5.30 27.90 -38.50
C TYR D 638 6.33 27.51 -37.43
N VAL D 639 5.95 26.68 -36.45
CA VAL D 639 6.91 26.21 -35.45
C VAL D 639 7.82 25.16 -36.09
N ASN D 640 7.22 24.22 -36.82
CA ASN D 640 7.93 23.07 -37.36
C ASN D 640 8.25 23.22 -38.86
N ASP D 641 7.71 24.28 -39.49
CA ASP D 641 7.94 24.58 -40.91
C ASP D 641 7.41 23.43 -41.78
N ARG D 642 6.17 23.01 -41.54
CA ARG D 642 5.55 21.95 -42.32
C ARG D 642 4.14 22.39 -42.75
N VAL D 643 3.73 21.91 -43.91
CA VAL D 643 2.37 22.08 -44.41
C VAL D 643 1.46 21.04 -43.74
N VAL D 644 0.38 21.48 -43.09
CA VAL D 644 -0.55 20.54 -42.47
C VAL D 644 -1.78 20.34 -43.34
N ALA D 645 -2.08 21.31 -44.22
CA ALA D 645 -3.15 21.19 -45.22
C ALA D 645 -2.93 22.21 -46.33
N THR D 646 -3.53 21.97 -47.51
CA THR D 646 -3.40 22.91 -48.61
C THR D 646 -4.62 22.84 -49.54
N ASN D 647 -4.70 23.80 -50.47
CA ASN D 647 -5.82 23.97 -51.38
C ASN D 647 -7.14 24.01 -50.60
N LEU D 648 -7.16 24.73 -49.48
CA LEU D 648 -8.39 24.94 -48.74
C LEU D 648 -9.05 26.24 -49.15
N MET D 649 -10.32 26.14 -49.55
CA MET D 649 -11.15 27.31 -49.79
C MET D 649 -11.59 27.89 -48.45
N GLY D 650 -11.75 29.22 -48.42
CA GLY D 650 -12.10 29.95 -47.20
C GLY D 650 -13.46 29.54 -46.63
N ASP D 651 -14.41 29.15 -47.48
CA ASP D 651 -15.75 28.76 -47.06
C ASP D 651 -15.78 27.32 -46.54
N ASN D 652 -14.72 26.54 -46.76
CA ASN D 652 -14.67 25.14 -46.35
C ASN D 652 -13.25 24.81 -45.87
N ALA D 653 -12.76 25.52 -44.84
CA ALA D 653 -11.40 25.36 -44.37
C ALA D 653 -11.34 24.40 -43.19
N VAL D 654 -11.53 23.11 -43.48
CA VAL D 654 -11.63 22.07 -42.48
C VAL D 654 -10.61 20.98 -42.85
N PHE D 655 -9.81 20.58 -41.86
CA PHE D 655 -8.83 19.53 -42.06
C PHE D 655 -8.63 18.77 -40.76
N ASN D 656 -8.00 17.60 -40.88
CA ASN D 656 -7.82 16.69 -39.78
C ASN D 656 -6.35 16.62 -39.42
N THR D 657 -6.08 16.58 -38.11
CA THR D 657 -4.72 16.49 -37.59
C THR D 657 -4.79 15.61 -36.34
N ARG D 658 -3.68 14.98 -36.01
CA ARG D 658 -3.40 14.61 -34.62
C ARG D 658 -2.29 15.57 -34.17
N PHE D 659 -2.52 16.23 -33.03
CA PHE D 659 -1.49 17.02 -32.38
C PHE D 659 -1.66 16.78 -30.89
N SER D 660 -0.57 16.75 -30.12
CA SER D 660 -0.70 16.35 -28.74
C SER D 660 -0.99 17.55 -27.83
N ASP D 661 -0.27 18.67 -28.00
CA ASP D 661 -0.33 19.74 -26.98
C ASP D 661 -0.80 21.09 -27.54
N TYR D 662 -0.14 21.52 -28.63
CA TYR D 662 -0.43 22.80 -29.26
C TYR D 662 -0.21 22.65 -30.77
N LEU D 663 -0.91 23.50 -31.53
CA LEU D 663 -0.70 23.66 -32.96
C LEU D 663 -0.79 25.14 -33.32
N LEU D 664 0.32 25.70 -33.83
CA LEU D 664 0.38 27.09 -34.26
C LEU D 664 0.51 27.11 -35.77
N VAL D 665 -0.47 27.70 -36.47
CA VAL D 665 -0.48 27.72 -37.93
C VAL D 665 -0.78 29.12 -38.46
N LYS D 666 -0.40 29.34 -39.74
CA LYS D 666 -0.80 30.52 -40.49
C LYS D 666 -1.46 30.10 -41.79
N ALA D 667 -2.42 30.90 -42.26
CA ALA D 667 -3.11 30.66 -43.52
C ALA D 667 -2.52 31.52 -44.62
N VAL D 668 -1.74 30.90 -45.51
CA VAL D 668 -1.06 31.59 -46.59
C VAL D 668 -1.92 31.53 -47.86
N GLU D 669 -2.22 32.71 -48.41
CA GLU D 669 -3.02 32.82 -49.62
C GLU D 669 -2.21 32.27 -50.80
N ILE D 670 -2.86 31.47 -51.66
CA ILE D 670 -2.23 30.88 -52.85
C ILE D 670 -3.09 31.15 -54.09
N SER D 671 -2.45 31.22 -55.25
CA SER D 671 -3.12 31.18 -56.54
C SER D 671 -3.16 29.72 -57.04
N TYR E 18 -10.35 -23.19 63.90
CA TYR E 18 -9.59 -22.76 62.69
C TYR E 18 -9.72 -23.79 61.59
N ALA E 19 -10.26 -23.39 60.42
CA ALA E 19 -10.52 -24.32 59.33
C ALA E 19 -10.52 -23.64 57.97
N ILE E 20 -10.11 -24.39 56.93
CA ILE E 20 -10.26 -23.98 55.55
C ILE E 20 -10.87 -25.13 54.75
N ALA E 21 -11.43 -24.81 53.57
CA ALA E 21 -12.11 -25.78 52.72
C ALA E 21 -11.63 -25.62 51.28
N GLY E 22 -11.62 -26.74 50.56
CA GLY E 22 -11.52 -26.75 49.10
C GLY E 22 -12.50 -27.76 48.53
N ASN E 23 -12.55 -27.85 47.19
CA ASN E 23 -13.32 -28.89 46.52
C ASN E 23 -12.92 -30.27 47.06
N GLY E 24 -13.82 -30.87 47.85
CA GLY E 24 -13.71 -32.25 48.28
C GLY E 24 -12.88 -32.46 49.55
N VAL E 25 -12.48 -31.37 50.23
CA VAL E 25 -11.53 -31.48 51.34
C VAL E 25 -11.79 -30.40 52.40
N ARG E 26 -11.56 -30.74 53.68
CA ARG E 26 -11.57 -29.76 54.77
C ARG E 26 -10.33 -29.97 55.64
N VAL E 27 -9.76 -28.87 56.14
CA VAL E 27 -8.56 -28.88 56.97
C VAL E 27 -8.82 -28.12 58.27
N THR E 28 -8.56 -28.74 59.44
CA THR E 28 -8.76 -28.09 60.73
C THR E 28 -7.45 -28.05 61.52
N TYR E 29 -7.24 -26.97 62.30
CA TYR E 29 -6.09 -26.80 63.18
C TYR E 29 -6.57 -26.61 64.62
N ASP E 30 -6.00 -27.41 65.55
CA ASP E 30 -6.19 -27.22 66.98
C ASP E 30 -4.95 -26.54 67.56
N ALA E 31 -5.16 -25.37 68.18
CA ALA E 31 -4.09 -24.57 68.74
C ALA E 31 -3.52 -25.16 70.03
N ASP E 32 -4.33 -25.87 70.83
CA ASP E 32 -3.85 -26.46 72.08
C ASP E 32 -2.86 -27.59 71.77
N GLY E 33 -3.32 -28.56 70.96
CA GLY E 33 -2.51 -29.70 70.59
C GLY E 33 -1.47 -29.37 69.53
N GLN E 34 -1.71 -28.32 68.73
CA GLN E 34 -0.86 -27.98 67.59
C GLN E 34 -0.90 -29.11 66.56
N THR E 35 -2.12 -29.50 66.16
CA THR E 35 -2.34 -30.63 65.27
C THR E 35 -3.20 -30.21 64.07
N ILE E 36 -3.11 -30.99 62.99
CA ILE E 36 -3.91 -30.80 61.79
C ILE E 36 -4.75 -32.06 61.56
N THR E 37 -6.04 -31.90 61.19
CA THR E 37 -6.89 -33.03 60.82
C THR E 37 -7.39 -32.82 59.38
N LEU E 38 -7.36 -33.89 58.57
CA LEU E 38 -7.83 -33.88 57.19
C LEU E 38 -9.16 -34.64 57.07
N TYR E 39 -10.11 -34.05 56.31
CA TYR E 39 -11.40 -34.64 56.02
C TYR E 39 -11.64 -34.66 54.50
N ARG E 40 -12.47 -35.61 54.05
CA ARG E 40 -12.87 -35.77 52.66
C ARG E 40 -14.40 -35.77 52.58
N THR E 41 -14.96 -35.15 51.54
CA THR E 41 -16.41 -35.10 51.37
C THR E 41 -16.92 -36.42 50.84
N GLU E 42 -18.01 -36.93 51.41
CA GLU E 42 -18.71 -38.13 50.95
C GLU E 42 -20.21 -37.84 50.97
N GLY E 43 -20.89 -37.98 49.83
CA GLY E 43 -22.31 -37.66 49.76
C GLY E 43 -22.56 -36.24 50.25
N SER E 44 -23.47 -36.08 51.22
CA SER E 44 -23.72 -34.77 51.83
C SER E 44 -22.89 -34.58 53.09
N GLY E 45 -22.05 -35.56 53.47
CA GLY E 45 -21.29 -35.50 54.70
C GLY E 45 -19.77 -35.55 54.51
N LEU E 46 -19.05 -35.57 55.63
CA LEU E 46 -17.59 -35.65 55.66
C LEU E 46 -17.14 -37.00 56.23
N ILE E 47 -16.01 -37.53 55.73
CA ILE E 47 -15.30 -38.65 56.33
C ILE E 47 -13.93 -38.16 56.79
N GLN E 48 -13.54 -38.47 58.04
CA GLN E 48 -12.23 -38.12 58.57
C GLN E 48 -11.16 -39.06 58.00
N MET E 49 -10.21 -38.50 57.22
CA MET E 49 -9.14 -39.26 56.61
C MET E 49 -7.93 -39.40 57.55
N SER E 50 -7.65 -38.38 58.38
CA SER E 50 -6.45 -38.40 59.21
C SER E 50 -6.79 -38.21 60.69
N LYS E 51 -6.02 -38.86 61.56
CA LYS E 51 -6.01 -38.58 62.98
C LYS E 51 -5.39 -37.20 63.19
N PRO E 52 -5.62 -36.50 64.32
CA PRO E 52 -4.99 -35.20 64.52
C PRO E 52 -3.48 -35.42 64.45
N SER E 53 -2.78 -34.65 63.62
CA SER E 53 -1.39 -34.95 63.31
C SER E 53 -0.50 -33.74 63.56
N PRO E 54 0.72 -33.94 64.11
CA PRO E 54 1.58 -32.82 64.50
C PRO E 54 2.23 -32.12 63.32
N LEU E 55 2.53 -30.82 63.50
CA LEU E 55 3.24 -30.03 62.51
C LEU E 55 4.69 -30.51 62.42
N GLY E 56 5.24 -30.50 61.21
CA GLY E 56 6.61 -30.94 61.01
C GLY E 56 7.62 -29.95 61.59
N GLY E 57 8.74 -30.49 62.10
CA GLY E 57 9.75 -29.72 62.80
C GLY E 57 11.18 -30.00 62.30
N PRO E 58 12.15 -29.12 62.62
CA PRO E 58 13.55 -29.33 62.27
C PRO E 58 14.23 -30.40 63.13
N VAL E 59 15.24 -31.07 62.57
CA VAL E 59 16.03 -32.05 63.29
C VAL E 59 17.39 -31.42 63.61
N ILE E 60 17.75 -31.34 64.91
CA ILE E 60 19.01 -30.81 65.37
C ILE E 60 19.69 -31.82 66.30
N GLY E 61 20.97 -32.10 66.07
CA GLY E 61 21.73 -33.03 66.90
C GLY E 61 21.08 -34.41 66.97
N GLY E 62 20.49 -34.86 65.86
CA GLY E 62 19.89 -36.18 65.76
C GLY E 62 18.50 -36.27 66.36
N GLN E 63 17.91 -35.13 66.78
CA GLN E 63 16.60 -35.12 67.41
C GLN E 63 15.70 -34.07 66.75
N GLU E 64 14.45 -34.42 66.43
CA GLU E 64 13.45 -33.43 66.03
C GLU E 64 13.15 -32.55 67.25
N VAL E 65 12.99 -31.24 67.03
CA VAL E 65 12.74 -30.29 68.09
C VAL E 65 11.26 -30.30 68.43
N GLN E 66 10.94 -30.49 69.73
CA GLN E 66 9.56 -30.59 70.19
C GLN E 66 9.17 -29.47 71.15
N ASP E 67 9.93 -28.35 71.21
CA ASP E 67 9.60 -27.29 72.15
C ASP E 67 8.80 -26.16 71.50
N PHE E 68 8.33 -26.34 70.25
CA PHE E 68 7.65 -25.26 69.53
C PHE E 68 6.33 -24.94 70.22
N SER E 69 5.98 -23.64 70.29
CA SER E 69 4.74 -23.17 70.93
C SER E 69 3.91 -22.34 69.95
N HIS E 70 2.57 -22.46 70.03
CA HIS E 70 1.66 -21.73 69.14
C HIS E 70 1.76 -20.22 69.37
N ILE E 71 1.93 -19.45 68.28
CA ILE E 71 1.87 -17.99 68.36
C ILE E 71 0.55 -17.49 67.78
N SER E 72 0.22 -17.88 66.53
CA SER E 72 -0.98 -17.39 65.87
C SER E 72 -1.42 -18.33 64.74
N CYS E 73 -2.72 -18.28 64.40
CA CYS E 73 -3.26 -18.92 63.20
C CYS E 73 -4.11 -17.92 62.42
N ASP E 74 -3.84 -17.71 61.13
CA ASP E 74 -4.55 -16.72 60.33
C ASP E 74 -5.27 -17.41 59.16
N VAL E 75 -6.57 -17.13 58.99
CA VAL E 75 -7.42 -17.80 58.01
C VAL E 75 -7.96 -16.79 57.02
N GLU E 76 -7.75 -17.03 55.71
CA GLU E 76 -8.28 -16.20 54.64
C GLU E 76 -9.28 -17.01 53.81
N GLN E 77 -10.48 -16.45 53.58
CA GLN E 77 -11.60 -17.13 52.93
C GLN E 77 -11.55 -16.98 51.40
N SER E 78 -10.94 -15.89 50.92
CA SER E 78 -11.03 -15.49 49.51
C SER E 78 -9.67 -15.02 49.04
N THR E 79 -8.89 -15.93 48.49
CA THR E 79 -7.50 -15.62 48.15
C THR E 79 -7.10 -16.39 46.91
N SER E 80 -5.86 -16.15 46.45
CA SER E 80 -5.35 -16.76 45.23
C SER E 80 -3.94 -17.27 45.52
N GLY E 81 -3.70 -18.56 45.27
CA GLY E 81 -2.41 -19.16 45.55
C GLY E 81 -1.85 -19.91 44.34
N VAL E 82 -0.99 -20.89 44.62
CA VAL E 82 -0.32 -21.68 43.59
C VAL E 82 -1.32 -22.35 42.65
N MET E 83 -2.45 -22.82 43.20
CA MET E 83 -3.46 -23.53 42.43
C MET E 83 -4.59 -22.61 41.96
N GLY E 84 -4.41 -21.29 42.11
CA GLY E 84 -5.46 -20.33 41.77
C GLY E 84 -6.33 -20.01 42.98
N SER E 85 -7.61 -19.71 42.73
CA SER E 85 -8.43 -19.14 43.78
C SER E 85 -8.87 -20.24 44.76
N GLY E 86 -8.90 -19.89 46.05
CA GLY E 86 -9.27 -20.79 47.13
C GLY E 86 -9.07 -20.14 48.49
N GLN E 87 -8.49 -20.89 49.46
CA GLN E 87 -8.38 -20.44 50.85
C GLN E 87 -6.96 -20.68 51.38
N ARG E 88 -6.63 -20.01 52.50
CA ARG E 88 -5.29 -20.10 53.08
C ARG E 88 -5.33 -20.07 54.62
N MET E 89 -4.45 -20.85 55.24
CA MET E 89 -4.28 -20.87 56.68
C MET E 89 -2.78 -20.78 56.99
N THR E 90 -2.39 -19.78 57.80
CA THR E 90 -0.99 -19.51 58.08
C THR E 90 -0.75 -19.66 59.59
N ILE E 91 0.13 -20.59 59.98
CA ILE E 91 0.38 -20.91 61.38
C ILE E 91 1.82 -20.54 61.77
N THR E 92 1.96 -19.68 62.79
CA THR E 92 3.26 -19.24 63.29
C THR E 92 3.54 -19.89 64.65
N SER E 93 4.76 -20.43 64.82
CA SER E 93 5.16 -21.12 66.05
C SER E 93 6.58 -20.69 66.45
N GLN E 94 6.95 -20.87 67.73
CA GLN E 94 8.25 -20.45 68.25
C GLN E 94 8.88 -21.51 69.18
N SER E 95 10.20 -21.70 69.00
CA SER E 95 11.03 -22.56 69.85
C SER E 95 12.04 -21.70 70.62
N MET E 96 11.95 -21.73 71.96
CA MET E 96 12.81 -20.92 72.82
C MET E 96 14.22 -21.50 72.89
N SER E 97 14.35 -22.83 72.84
CA SER E 97 15.67 -23.48 72.94
C SER E 97 16.51 -23.21 71.70
N THR E 98 15.90 -23.06 70.52
CA THR E 98 16.64 -22.91 69.27
C THR E 98 16.70 -21.45 68.81
N GLY E 99 15.66 -20.67 69.16
CA GLY E 99 15.50 -19.31 68.65
C GLY E 99 14.77 -19.28 67.31
N LEU E 100 14.25 -20.42 66.84
CA LEU E 100 13.63 -20.50 65.52
C LEU E 100 12.16 -20.08 65.58
N ILE E 101 11.72 -19.36 64.54
CA ILE E 101 10.30 -19.08 64.32
C ILE E 101 9.83 -19.79 63.04
N ARG E 102 8.78 -20.61 63.13
CA ARG E 102 8.29 -21.40 61.99
C ARG E 102 6.98 -20.82 61.43
N THR E 103 6.92 -20.65 60.11
CA THR E 103 5.70 -20.25 59.40
C THR E 103 5.25 -21.39 58.49
N TYR E 104 4.05 -21.93 58.74
CA TYR E 104 3.49 -23.05 58.00
C TYR E 104 2.22 -22.61 57.27
N VAL E 105 2.22 -22.70 55.93
CA VAL E 105 1.11 -22.26 55.10
C VAL E 105 0.42 -23.46 54.45
N LEU E 106 -0.92 -23.49 54.53
CA LEU E 106 -1.74 -24.46 53.84
C LEU E 106 -2.71 -23.72 52.93
N GLU E 107 -2.84 -24.20 51.69
CA GLU E 107 -3.76 -23.62 50.71
C GLU E 107 -4.66 -24.72 50.14
N THR E 108 -5.93 -24.36 49.92
CA THR E 108 -6.90 -25.19 49.21
C THR E 108 -7.36 -24.48 47.94
N SER E 109 -8.08 -25.22 47.09
CA SER E 109 -8.50 -24.76 45.78
C SER E 109 -10.01 -24.94 45.64
N ASP E 110 -10.71 -23.93 45.08
CA ASP E 110 -12.13 -24.04 44.78
C ASP E 110 -12.35 -25.11 43.69
N ILE E 111 -11.37 -25.28 42.78
CA ILE E 111 -11.51 -26.14 41.62
C ILE E 111 -10.91 -27.53 41.86
N GLU E 112 -9.68 -27.63 42.41
CA GLU E 112 -8.96 -28.90 42.38
C GLU E 112 -9.40 -29.82 43.53
N GLU E 113 -9.78 -31.04 43.16
CA GLU E 113 -10.41 -31.97 44.09
C GLU E 113 -9.37 -32.65 44.98
N GLY E 114 -9.54 -32.53 46.31
CA GLY E 114 -8.80 -33.31 47.28
C GLY E 114 -7.43 -32.72 47.67
N VAL E 115 -7.03 -31.61 47.03
CA VAL E 115 -5.64 -31.18 47.04
C VAL E 115 -5.40 -30.08 48.08
N VAL E 116 -4.32 -30.25 48.86
CA VAL E 116 -3.85 -29.25 49.80
C VAL E 116 -2.37 -28.96 49.50
N TYR E 117 -2.03 -27.68 49.33
CA TYR E 117 -0.65 -27.24 49.12
C TYR E 117 -0.09 -26.70 50.44
N THR E 118 1.15 -27.10 50.76
CA THR E 118 1.80 -26.70 51.99
C THR E 118 3.20 -26.13 51.68
N ALA E 119 3.57 -25.05 52.38
CA ALA E 119 4.91 -24.47 52.30
C ALA E 119 5.39 -24.05 53.70
N THR E 120 6.68 -24.23 54.00
CA THR E 120 7.23 -23.95 55.32
C THR E 120 8.45 -23.05 55.19
N SER E 121 8.54 -22.03 56.07
CA SER E 121 9.73 -21.22 56.22
C SER E 121 10.12 -21.11 57.71
N TYR E 122 11.41 -20.85 57.95
CA TYR E 122 11.98 -20.72 59.28
C TYR E 122 12.78 -19.41 59.36
N GLU E 123 12.71 -18.74 60.53
CA GLU E 123 13.41 -17.50 60.80
C GLU E 123 14.38 -17.70 61.99
N ALA E 124 15.65 -17.32 61.79
CA ALA E 124 16.65 -17.38 62.84
C ALA E 124 16.74 -16.05 63.61
N GLY E 125 17.29 -16.12 64.84
CA GLY E 125 17.64 -14.96 65.64
C GLY E 125 19.09 -14.52 65.43
N ALA E 126 19.82 -14.28 66.52
CA ALA E 126 21.03 -13.45 66.50
C ALA E 126 22.21 -14.15 65.84
N SER E 127 22.30 -15.49 65.98
CA SER E 127 23.34 -16.27 65.31
C SER E 127 22.73 -17.41 64.47
N ASP E 128 23.55 -17.95 63.58
CA ASP E 128 23.16 -18.95 62.60
C ASP E 128 22.70 -20.21 63.32
N VAL E 129 21.70 -20.90 62.73
CA VAL E 129 21.16 -22.16 63.24
C VAL E 129 21.35 -23.25 62.18
N GLU E 130 21.93 -24.37 62.62
CA GLU E 130 22.32 -25.48 61.76
C GLU E 130 21.34 -26.64 61.94
N VAL E 131 20.62 -26.98 60.85
CA VAL E 131 19.64 -28.06 60.84
C VAL E 131 20.12 -29.18 59.93
N SER E 132 20.07 -30.43 60.41
CA SER E 132 20.47 -31.58 59.61
C SER E 132 19.37 -32.02 58.63
N TRP E 133 18.10 -31.86 59.00
CA TRP E 133 16.96 -32.33 58.20
C TRP E 133 15.69 -31.58 58.62
N PHE E 134 14.75 -31.40 57.70
CA PHE E 134 13.47 -30.78 57.99
C PHE E 134 12.35 -31.77 57.67
N ILE E 135 11.44 -32.02 58.60
CA ILE E 135 10.22 -32.79 58.38
C ILE E 135 9.10 -31.83 58.03
N GLY E 136 8.49 -31.99 56.86
CA GLY E 136 7.50 -31.03 56.36
C GLY E 136 6.11 -31.24 56.95
N SER E 137 5.53 -32.41 56.66
CA SER E 137 4.14 -32.73 56.98
C SER E 137 4.02 -34.22 57.24
N VAL E 138 3.16 -34.60 58.20
CA VAL E 138 2.91 -35.98 58.59
C VAL E 138 1.42 -36.20 58.77
N TYR E 139 0.89 -37.28 58.16
CA TYR E 139 -0.51 -37.65 58.28
C TYR E 139 -0.62 -39.13 58.63
N GLU E 140 -1.22 -39.41 59.80
CA GLU E 140 -1.56 -40.74 60.27
C GLU E 140 -3.02 -41.02 59.92
N LEU E 141 -3.26 -42.19 59.32
CA LEU E 141 -4.55 -42.55 58.78
C LEU E 141 -5.52 -42.86 59.92
N TYR E 142 -6.76 -42.38 59.75
CA TYR E 142 -7.87 -42.61 60.66
C TYR E 142 -8.73 -43.76 60.12
N GLY E 143 -9.12 -44.67 61.02
CA GLY E 143 -10.17 -45.65 60.75
C GLY E 143 -9.65 -46.96 60.15
N ALA E 144 -8.34 -47.20 60.25
CA ALA E 144 -7.75 -48.44 59.77
C ALA E 144 -8.22 -49.62 60.62
N GLU E 145 -8.28 -50.80 60.01
CA GLU E 145 -8.67 -52.04 60.68
C GLU E 145 -7.48 -53.02 60.64
N ASP E 146 -7.47 -53.94 59.68
CA ASP E 146 -6.52 -55.05 59.69
C ASP E 146 -5.39 -54.82 58.69
N ARG E 147 -5.58 -53.97 57.67
CA ARG E 147 -4.52 -53.78 56.66
C ARG E 147 -4.61 -52.40 56.02
N ILE E 148 -3.44 -51.89 55.57
CA ILE E 148 -3.31 -50.65 54.82
C ILE E 148 -2.42 -50.94 53.62
N TRP E 149 -2.84 -50.48 52.43
CA TRP E 149 -2.04 -50.62 51.23
C TRP E 149 -1.30 -49.30 50.95
N SER E 150 -0.11 -49.40 50.35
CA SER E 150 0.77 -48.25 50.18
C SER E 150 1.42 -48.26 48.79
N TYR E 151 1.51 -47.06 48.19
CA TYR E 151 2.33 -46.79 47.02
C TYR E 151 3.64 -46.14 47.48
N ASN E 152 4.78 -46.69 47.04
CA ASN E 152 6.11 -46.26 47.51
C ASN E 152 7.02 -45.87 46.35
N GLY E 153 7.24 -44.56 46.15
CA GLY E 153 7.86 -44.07 44.92
C GLY E 153 9.39 -43.95 45.00
N GLY E 154 10.01 -44.40 46.10
CA GLY E 154 11.43 -44.22 46.30
C GLY E 154 12.28 -44.95 45.25
N GLY E 155 13.51 -44.43 45.05
CA GLY E 155 14.45 -44.96 44.09
C GLY E 155 15.65 -45.66 44.73
N GLU E 156 15.57 -45.97 46.03
CA GLU E 156 16.72 -46.51 46.77
C GLU E 156 16.81 -48.02 46.61
N GLY E 157 15.90 -48.62 45.83
CA GLY E 157 15.86 -50.06 45.68
C GLY E 157 15.25 -50.70 46.92
N PRO E 158 15.34 -52.03 47.13
CA PRO E 158 16.01 -52.95 46.20
C PRO E 158 15.42 -53.01 44.79
N MET E 159 16.31 -53.24 43.81
CA MET E 159 15.94 -53.43 42.42
C MET E 159 15.15 -54.72 42.24
N HIS E 160 14.10 -54.66 41.40
CA HIS E 160 13.53 -55.83 40.73
C HIS E 160 12.56 -56.63 41.62
N TYR E 161 12.99 -56.99 42.85
CA TYR E 161 12.28 -57.96 43.66
C TYR E 161 11.63 -57.32 44.90
N TYR E 162 11.61 -55.98 44.96
CA TYR E 162 10.89 -55.26 46.00
C TYR E 162 9.72 -54.53 45.34
N ASP E 163 8.50 -54.88 45.79
CA ASP E 163 7.28 -54.38 45.16
C ASP E 163 7.11 -52.88 45.43
N THR E 164 6.60 -52.15 44.44
CA THR E 164 6.29 -50.73 44.57
C THR E 164 5.04 -50.53 45.44
N LEU E 165 4.06 -51.43 45.28
CA LEU E 165 2.91 -51.51 46.16
C LEU E 165 3.14 -52.53 47.26
N GLN E 166 2.93 -52.09 48.52
CA GLN E 166 3.29 -52.84 49.71
C GLN E 166 2.11 -52.85 50.68
N LYS E 167 1.75 -54.04 51.15
CA LYS E 167 0.73 -54.18 52.18
C LYS E 167 1.36 -53.95 53.55
N ILE E 168 0.71 -53.11 54.36
CA ILE E 168 1.09 -52.90 55.75
C ILE E 168 0.09 -53.68 56.61
N ASP E 169 0.56 -54.83 57.12
CA ASP E 169 -0.28 -55.73 57.90
C ASP E 169 -0.24 -55.27 59.36
N LEU E 170 -1.43 -55.04 59.92
CA LEU E 170 -1.57 -54.57 61.29
C LEU E 170 -1.85 -55.73 62.25
N THR E 171 -1.81 -57.00 61.79
CA THR E 171 -2.12 -58.14 62.66
C THR E 171 -0.88 -58.97 62.95
N ASP E 172 0.29 -58.60 62.38
CA ASP E 172 1.48 -59.44 62.39
C ASP E 172 2.45 -58.90 63.45
N SER E 173 3.67 -59.46 63.52
CA SER E 173 4.68 -58.98 64.46
C SER E 173 5.46 -57.77 63.92
N GLY E 174 5.66 -57.67 62.61
CA GLY E 174 6.59 -56.68 62.07
C GLY E 174 6.04 -55.24 62.04
N LYS E 175 6.94 -54.27 61.86
CA LYS E 175 6.60 -52.86 61.71
C LYS E 175 7.22 -52.32 60.42
N PHE E 176 6.36 -51.99 59.45
CA PHE E 176 6.78 -51.51 58.16
C PHE E 176 7.40 -50.10 58.24
N SER E 177 8.54 -49.90 57.57
CA SER E 177 9.25 -48.63 57.55
C SER E 177 10.04 -48.50 56.25
N ARG E 178 9.76 -47.45 55.46
CA ARG E 178 10.54 -47.17 54.27
C ARG E 178 10.66 -45.67 54.06
N GLU E 179 11.89 -45.22 53.73
CA GLU E 179 12.20 -43.79 53.60
C GLU E 179 11.63 -43.20 52.30
N ASN E 180 11.66 -43.93 51.17
CA ASN E 180 11.29 -43.43 49.85
C ASN E 180 12.14 -42.21 49.47
N LYS E 181 13.38 -42.48 49.06
CA LYS E 181 14.38 -41.46 48.84
C LYS E 181 14.41 -41.03 47.37
N GLN E 182 14.74 -39.75 47.15
CA GLN E 182 15.17 -39.21 45.87
C GLN E 182 16.46 -38.42 46.12
N ASP E 183 17.60 -38.85 45.53
CA ASP E 183 18.89 -38.28 45.85
C ASP E 183 19.92 -38.72 44.82
N ASP E 184 21.22 -38.56 45.17
CA ASP E 184 22.30 -38.91 44.27
C ASP E 184 22.41 -40.42 44.02
N THR E 185 21.72 -41.28 44.79
CA THR E 185 21.64 -42.70 44.46
C THR E 185 20.20 -43.15 44.23
N ALA E 186 19.24 -42.23 44.05
CA ALA E 186 17.84 -42.61 43.88
C ALA E 186 17.11 -41.60 42.99
N ALA E 187 16.57 -42.07 41.84
CA ALA E 187 15.90 -41.18 40.91
C ALA E 187 14.61 -41.83 40.39
N SER E 188 13.55 -41.68 41.18
CA SER E 188 12.27 -42.31 40.90
C SER E 188 11.15 -41.27 41.07
N ILE E 189 10.09 -41.57 41.83
CA ILE E 189 8.89 -40.72 41.86
C ILE E 189 8.67 -40.17 43.27
N PRO E 190 8.66 -38.84 43.43
CA PRO E 190 8.61 -38.22 44.76
C PRO E 190 7.21 -38.20 45.39
N VAL E 191 6.61 -39.39 45.52
CA VAL E 191 5.23 -39.54 45.94
C VAL E 191 5.09 -40.83 46.77
N SER E 192 4.22 -40.76 47.77
CA SER E 192 3.79 -41.93 48.52
C SER E 192 2.29 -41.81 48.82
N ASP E 193 1.59 -42.94 48.88
CA ASP E 193 0.18 -42.96 49.23
C ASP E 193 -0.10 -44.10 50.20
N ILE E 194 -1.01 -43.88 51.16
CA ILE E 194 -1.52 -44.92 52.04
C ILE E 194 -3.05 -44.90 52.00
N TYR E 195 -3.69 -46.08 51.96
CA TYR E 195 -5.14 -46.13 51.76
C TYR E 195 -5.76 -47.39 52.39
N ILE E 196 -7.06 -47.24 52.70
CA ILE E 196 -7.94 -48.27 53.23
C ILE E 196 -9.24 -48.27 52.41
N ALA E 197 -10.23 -49.06 52.83
CA ALA E 197 -11.50 -49.17 52.13
C ALA E 197 -12.15 -47.80 51.94
N ASP E 198 -12.10 -46.96 52.97
CA ASP E 198 -12.71 -45.65 52.88
C ASP E 198 -11.87 -44.66 52.06
N GLY E 199 -10.61 -44.99 51.73
CA GLY E 199 -9.81 -44.07 50.94
C GLY E 199 -8.45 -43.85 51.56
N GLY E 200 -7.78 -42.75 51.16
CA GLY E 200 -6.38 -42.56 51.52
C GLY E 200 -5.87 -41.13 51.39
N ILE E 201 -4.57 -40.99 51.69
CA ILE E 201 -3.84 -39.74 51.69
C ILE E 201 -2.54 -39.95 50.90
N THR E 202 -2.36 -39.10 49.86
CA THR E 202 -1.14 -39.02 49.09
C THR E 202 -0.35 -37.80 49.54
N VAL E 203 0.99 -37.93 49.60
CA VAL E 203 1.91 -36.82 49.78
C VAL E 203 2.97 -36.87 48.68
N GLY E 204 3.27 -35.70 48.10
CA GLY E 204 4.23 -35.60 47.02
C GLY E 204 4.96 -34.25 47.04
N ASP E 205 6.18 -34.22 46.45
CA ASP E 205 6.99 -33.01 46.43
C ASP E 205 6.43 -32.03 45.41
N ALA E 206 6.18 -30.78 45.85
CA ALA E 206 5.66 -29.74 45.00
C ALA E 206 6.80 -28.91 44.41
N SER E 207 7.46 -29.47 43.39
CA SER E 207 8.60 -28.84 42.73
C SER E 207 8.56 -29.14 41.23
N ALA E 208 8.76 -28.10 40.43
CA ALA E 208 8.81 -28.24 38.99
C ALA E 208 10.11 -28.92 38.53
N THR E 209 11.13 -28.93 39.42
CA THR E 209 12.41 -29.54 39.12
C THR E 209 12.80 -30.52 40.22
N ARG E 210 13.68 -31.46 39.85
CA ARG E 210 14.14 -32.49 40.75
C ARG E 210 14.97 -31.89 41.88
N ARG E 211 14.70 -32.36 43.11
CA ARG E 211 15.50 -32.02 44.28
C ARG E 211 15.50 -33.21 45.24
N GLU E 212 16.39 -33.15 46.24
CA GLU E 212 16.49 -34.18 47.25
C GLU E 212 15.27 -34.13 48.16
N VAL E 213 14.60 -35.27 48.35
CA VAL E 213 13.40 -35.37 49.17
C VAL E 213 13.16 -36.82 49.57
N HIS E 214 12.46 -37.03 50.70
CA HIS E 214 11.98 -38.33 51.15
C HIS E 214 10.47 -38.25 51.34
N THR E 215 9.73 -39.33 51.03
CA THR E 215 8.31 -39.46 51.35
C THR E 215 8.09 -40.74 52.18
N PRO E 216 8.50 -40.73 53.46
CA PRO E 216 8.44 -41.94 54.30
C PRO E 216 7.03 -42.48 54.56
N VAL E 217 6.94 -43.81 54.62
CA VAL E 217 5.76 -44.55 55.01
C VAL E 217 6.14 -45.43 56.20
N GLN E 218 5.43 -45.25 57.33
CA GLN E 218 5.77 -45.87 58.60
C GLN E 218 4.51 -46.39 59.28
N GLU E 219 4.52 -47.68 59.63
CA GLU E 219 3.48 -48.28 60.44
C GLU E 219 3.51 -47.68 61.84
N THR E 220 2.33 -47.46 62.43
CA THR E 220 2.21 -46.96 63.80
C THR E 220 1.63 -48.06 64.67
N SER E 221 1.19 -47.73 65.89
CA SER E 221 0.69 -48.74 66.81
C SER E 221 -0.58 -49.42 66.30
N ASP E 222 -1.49 -48.68 65.62
CA ASP E 222 -2.71 -49.29 65.09
C ASP E 222 -3.03 -48.80 63.67
N SER E 223 -2.06 -48.15 63.01
CA SER E 223 -2.31 -47.59 61.68
C SER E 223 -0.98 -47.38 60.95
N ALA E 224 -0.96 -46.43 60.00
CA ALA E 224 0.27 -45.99 59.36
C ALA E 224 0.24 -44.48 59.12
N GLN E 225 1.45 -43.91 58.93
CA GLN E 225 1.59 -42.50 58.58
C GLN E 225 2.43 -42.34 57.31
N VAL E 226 2.10 -41.28 56.56
CA VAL E 226 2.84 -40.87 55.37
C VAL E 226 3.33 -39.43 55.59
N SER E 227 4.56 -39.14 55.15
CA SER E 227 5.20 -37.86 55.46
C SER E 227 6.08 -37.42 54.29
N ILE E 228 6.63 -36.20 54.40
CA ILE E 228 7.61 -35.69 53.46
C ILE E 228 8.68 -34.94 54.25
N GLY E 229 9.92 -34.90 53.75
CA GLY E 229 11.01 -34.17 54.39
C GLY E 229 12.16 -33.87 53.42
N TRP E 230 13.00 -32.89 53.79
CA TRP E 230 14.05 -32.37 52.92
C TRP E 230 15.33 -32.16 53.70
N PRO E 231 16.49 -32.11 53.00
CA PRO E 231 17.79 -31.84 53.62
C PRO E 231 17.86 -30.53 54.41
N GLY E 232 18.71 -30.53 55.42
CA GLY E 232 18.89 -29.35 56.24
C GLY E 232 19.88 -28.41 55.58
N LYS E 233 19.98 -27.23 56.20
CA LYS E 233 20.89 -26.21 55.80
C LYS E 233 21.11 -25.30 56.99
N VAL E 234 22.18 -24.49 56.89
CA VAL E 234 22.41 -23.43 57.84
C VAL E 234 21.41 -22.31 57.56
N ILE E 235 20.68 -21.88 58.59
CA ILE E 235 19.82 -20.72 58.50
C ILE E 235 20.55 -19.50 59.06
N ALA E 236 20.73 -18.48 58.20
CA ALA E 236 21.58 -17.34 58.54
C ALA E 236 20.88 -16.45 59.55
N ALA E 237 21.67 -15.77 60.39
CA ALA E 237 21.12 -14.93 61.45
C ALA E 237 20.17 -13.87 60.89
N GLY E 238 18.97 -13.75 61.50
CA GLY E 238 18.00 -12.72 61.15
C GLY E 238 17.38 -12.94 59.77
N SER E 239 17.40 -14.16 59.25
CA SER E 239 17.01 -14.44 57.87
C SER E 239 15.77 -15.32 57.88
N VAL E 240 14.98 -15.22 56.80
CA VAL E 240 13.89 -16.14 56.54
C VAL E 240 14.23 -16.96 55.29
N ILE E 241 14.14 -18.29 55.39
CA ILE E 241 14.41 -19.16 54.25
C ILE E 241 13.33 -20.24 54.16
N GLU E 242 12.94 -20.53 52.91
CA GLU E 242 11.99 -21.58 52.61
C GLU E 242 12.70 -22.92 52.54
N ILE E 243 12.12 -23.94 53.19
CA ILE E 243 12.80 -25.23 53.34
C ILE E 243 12.16 -26.29 52.46
N GLY E 244 10.90 -26.12 52.03
CA GLY E 244 10.24 -27.13 51.22
C GLY E 244 8.73 -26.91 51.07
N GLU E 245 8.17 -27.48 49.98
CA GLU E 245 6.76 -27.36 49.64
C GLU E 245 6.21 -28.72 49.18
N SER E 246 4.92 -28.98 49.47
CA SER E 246 4.34 -30.30 49.25
C SER E 246 2.89 -30.21 48.79
N PHE E 247 2.44 -31.29 48.12
CA PHE E 247 1.05 -31.50 47.79
C PHE E 247 0.56 -32.73 48.54
N ALA E 248 -0.61 -32.58 49.18
CA ALA E 248 -1.31 -33.70 49.78
C ALA E 248 -2.67 -33.88 49.10
N VAL E 249 -3.09 -35.14 48.93
CA VAL E 249 -4.35 -35.44 48.27
C VAL E 249 -5.13 -36.42 49.15
N VAL E 250 -6.30 -35.98 49.64
CA VAL E 250 -7.28 -36.89 50.23
C VAL E 250 -8.14 -37.42 49.08
N HIS E 251 -8.47 -38.73 49.13
CA HIS E 251 -9.17 -39.37 48.03
C HIS E 251 -9.96 -40.58 48.51
N PRO E 252 -11.07 -40.91 47.82
CA PRO E 252 -11.73 -42.20 47.97
C PRO E 252 -10.86 -43.19 47.21
N GLY E 253 -11.12 -44.49 47.40
CA GLY E 253 -10.50 -45.54 46.60
C GLY E 253 -9.00 -45.65 46.82
N ASP E 254 -8.34 -46.23 45.80
CA ASP E 254 -6.97 -46.68 45.92
C ASP E 254 -5.98 -45.62 45.41
N TYR E 255 -4.70 -46.03 45.32
CA TYR E 255 -3.59 -45.17 44.93
C TYR E 255 -3.80 -44.45 43.60
N TYR E 256 -4.58 -45.01 42.67
CA TYR E 256 -4.84 -44.37 41.39
C TYR E 256 -5.42 -42.98 41.61
N ASN E 257 -6.42 -42.86 42.49
CA ASN E 257 -7.08 -41.58 42.73
C ASN E 257 -6.12 -40.56 43.34
N GLY E 258 -5.24 -41.00 44.24
CA GLY E 258 -4.26 -40.13 44.85
C GLY E 258 -3.23 -39.60 43.87
N LEU E 259 -2.69 -40.52 43.04
CA LEU E 259 -1.67 -40.16 42.08
C LEU E 259 -2.27 -39.26 41.00
N ARG E 260 -3.54 -39.48 40.64
CA ARG E 260 -4.19 -38.62 39.65
C ARG E 260 -4.33 -37.21 40.22
N GLY E 261 -4.67 -37.09 41.50
CA GLY E 261 -4.69 -35.80 42.17
C GLY E 261 -3.34 -35.09 42.10
N TYR E 262 -2.25 -35.84 42.32
CA TYR E 262 -0.91 -35.29 42.24
C TYR E 262 -0.64 -34.75 40.85
N LYS E 263 -1.02 -35.54 39.83
CA LYS E 263 -0.85 -35.13 38.45
C LYS E 263 -1.55 -33.79 38.19
N ASN E 264 -2.81 -33.71 38.63
CA ASN E 264 -3.59 -32.49 38.44
C ASN E 264 -2.94 -31.31 39.18
N ALA E 265 -2.39 -31.55 40.38
CA ALA E 265 -1.75 -30.49 41.15
C ALA E 265 -0.49 -29.98 40.42
N MET E 266 0.30 -30.93 39.90
CA MET E 266 1.59 -30.61 39.31
C MET E 266 1.41 -29.83 38.00
N ASP E 267 0.27 -29.95 37.32
CA ASP E 267 -0.03 -29.07 36.20
C ASP E 267 0.13 -27.60 36.58
N HIS E 268 -0.22 -27.22 37.82
CA HIS E 268 -0.17 -25.82 38.19
C HIS E 268 1.27 -25.33 38.31
N LEU E 269 2.24 -26.25 38.45
CA LEU E 269 3.65 -25.86 38.53
C LEU E 269 4.32 -25.97 37.15
N GLY E 270 3.56 -26.33 36.11
CA GLY E 270 4.10 -26.43 34.76
C GLY E 270 4.73 -27.80 34.44
N VAL E 271 4.50 -28.81 35.28
CA VAL E 271 4.88 -30.17 34.94
C VAL E 271 3.67 -30.85 34.31
N ILE E 272 3.63 -30.81 32.98
CA ILE E 272 2.46 -31.19 32.20
C ILE E 272 2.83 -32.38 31.32
N MET E 273 2.08 -33.47 31.47
CA MET E 273 2.35 -34.68 30.72
C MET E 273 1.71 -34.58 29.32
N PRO E 274 2.16 -35.38 28.34
CA PRO E 274 1.69 -35.25 26.96
C PRO E 274 0.18 -35.47 26.82
N ALA E 275 -0.46 -34.58 26.06
CA ALA E 275 -1.89 -34.65 25.80
C ALA E 275 -2.18 -35.77 24.81
N PRO E 276 -3.34 -36.44 24.92
CA PRO E 276 -3.67 -37.58 24.04
C PRO E 276 -3.51 -37.32 22.55
N GLY E 277 -4.03 -36.16 22.10
CA GLY E 277 -4.01 -35.79 20.69
C GLY E 277 -2.61 -35.68 20.10
N ASP E 278 -1.56 -35.49 20.93
CA ASP E 278 -0.20 -35.31 20.46
C ASP E 278 0.64 -36.59 20.55
N ILE E 279 0.08 -37.69 21.05
CA ILE E 279 0.84 -38.92 21.12
C ILE E 279 0.79 -39.63 19.76
N PRO E 280 1.94 -40.00 19.16
CA PRO E 280 1.94 -40.63 17.83
C PRO E 280 1.32 -42.02 17.81
N ASP E 281 0.74 -42.37 16.66
CA ASP E 281 0.06 -43.65 16.47
C ASP E 281 1.02 -44.81 16.74
N SER E 282 2.26 -44.68 16.29
CA SER E 282 3.24 -45.75 16.35
C SER E 282 3.65 -46.06 17.81
N SER E 283 3.27 -45.19 18.77
CA SER E 283 3.52 -45.46 20.18
C SER E 283 2.43 -46.31 20.83
N TYR E 284 1.44 -46.76 20.03
CA TYR E 284 0.46 -47.73 20.49
C TYR E 284 0.65 -49.08 19.79
N ASP E 285 1.76 -49.29 19.06
CA ASP E 285 1.91 -50.48 18.24
C ASP E 285 2.50 -51.68 18.99
N LEU E 286 2.08 -52.89 18.57
CA LEU E 286 2.61 -54.16 19.07
C LEU E 286 4.05 -54.33 18.60
N ARG E 287 4.94 -54.73 19.52
CA ARG E 287 6.38 -54.68 19.29
C ARG E 287 7.08 -55.99 19.67
N TRP E 288 8.11 -56.31 18.88
CA TRP E 288 9.02 -57.40 19.16
C TRP E 288 10.44 -56.86 19.24
N GLU E 289 11.20 -57.36 20.22
CA GLU E 289 12.55 -56.87 20.49
C GLU E 289 13.54 -58.03 20.37
N SER E 290 14.79 -57.72 19.98
CA SER E 290 15.82 -58.73 19.69
C SER E 290 16.42 -59.38 20.94
N TRP E 291 15.97 -59.03 22.15
CA TRP E 291 16.68 -59.33 23.40
C TRP E 291 16.61 -60.80 23.77
N GLY E 292 15.73 -61.52 23.06
CA GLY E 292 15.54 -62.94 23.22
C GLY E 292 16.82 -63.71 22.93
N TRP E 293 17.61 -63.19 21.98
CA TRP E 293 18.88 -63.81 21.60
C TRP E 293 20.06 -63.32 22.45
N GLY E 294 19.82 -62.40 23.37
CA GLY E 294 20.89 -61.77 24.13
C GLY E 294 21.88 -61.05 23.21
N PHE E 295 23.18 -61.25 23.45
CA PHE E 295 24.21 -60.57 22.69
C PHE E 295 24.51 -61.31 21.38
N ASN E 296 23.82 -62.43 21.08
CA ASN E 296 24.18 -63.24 19.93
C ASN E 296 23.26 -63.03 18.73
N TRP E 297 22.48 -61.95 18.72
CA TRP E 297 21.70 -61.58 17.56
C TRP E 297 22.61 -61.25 16.37
N THR E 298 22.07 -61.39 15.15
CA THR E 298 22.70 -60.91 13.94
C THR E 298 21.65 -60.15 13.13
N ILE E 299 22.12 -59.34 12.18
CA ILE E 299 21.21 -58.62 11.31
C ILE E 299 20.31 -59.62 10.57
N ASP E 300 20.89 -60.70 10.03
CA ASP E 300 20.13 -61.60 9.16
C ASP E 300 19.14 -62.44 9.97
N LEU E 301 19.45 -62.75 11.24
CA LEU E 301 18.51 -63.43 12.11
C LEU E 301 17.27 -62.57 12.32
N ILE E 302 17.46 -61.25 12.54
CA ILE E 302 16.32 -60.37 12.75
C ILE E 302 15.49 -60.26 11.47
N ILE E 303 16.16 -60.09 10.33
CA ILE E 303 15.47 -59.95 9.06
C ILE E 303 14.64 -61.21 8.77
N GLY E 304 15.20 -62.39 9.12
CA GLY E 304 14.57 -63.67 8.86
C GLY E 304 13.22 -63.82 9.57
N LYS E 305 13.00 -63.06 10.66
CA LYS E 305 11.77 -63.17 11.43
C LYS E 305 10.68 -62.21 10.94
N LEU E 306 11.02 -61.31 10.02
CA LEU E 306 10.14 -60.18 9.74
C LEU E 306 8.84 -60.60 9.04
N ASP E 307 8.92 -61.56 8.09
CA ASP E 307 7.73 -62.04 7.38
C ASP E 307 6.69 -62.57 8.37
N GLU E 308 7.09 -63.45 9.29
CA GLU E 308 6.14 -64.10 10.18
C GLU E 308 5.60 -63.07 11.21
N LEU E 309 6.46 -62.13 11.65
CA LEU E 309 6.02 -61.11 12.60
C LEU E 309 4.96 -60.22 11.97
N GLN E 310 5.17 -59.83 10.71
CA GLN E 310 4.23 -59.01 9.99
C GLN E 310 2.86 -59.68 9.91
N ALA E 311 2.83 -60.96 9.50
CA ALA E 311 1.59 -61.68 9.30
C ALA E 311 0.84 -61.84 10.62
N ALA E 312 1.56 -61.93 11.75
CA ALA E 312 0.92 -62.14 13.03
C ALA E 312 0.44 -60.84 13.67
N GLY E 313 0.86 -59.68 13.16
CA GLY E 313 0.30 -58.39 13.54
C GLY E 313 1.31 -57.41 14.18
N VAL E 314 2.59 -57.79 14.26
CA VAL E 314 3.60 -56.93 14.87
C VAL E 314 3.90 -55.76 13.91
N LYS E 315 4.09 -54.56 14.47
CA LYS E 315 4.27 -53.33 13.71
C LYS E 315 5.49 -52.53 14.15
N GLN E 316 6.31 -53.06 15.08
CA GLN E 316 7.46 -52.35 15.61
C GLN E 316 8.54 -53.32 16.06
N ILE E 317 9.81 -52.95 15.80
CA ILE E 317 10.97 -53.79 16.07
C ILE E 317 12.02 -52.97 16.84
N THR E 318 12.53 -53.51 17.96
CA THR E 318 13.67 -52.91 18.65
C THR E 318 14.95 -53.71 18.36
N LEU E 319 16.02 -53.01 17.95
CA LEU E 319 17.37 -53.52 18.06
C LEU E 319 17.87 -53.25 19.48
N ASP E 320 18.02 -54.33 20.26
CA ASP E 320 18.30 -54.21 21.68
C ASP E 320 19.82 -54.15 21.92
N ASP E 321 20.22 -54.46 23.16
CA ASP E 321 21.59 -54.28 23.64
C ASP E 321 22.54 -55.16 22.84
N GLY E 322 23.79 -54.68 22.70
CA GLY E 322 24.88 -55.42 22.08
C GLY E 322 25.26 -54.92 20.68
N TRP E 323 24.82 -53.71 20.26
CA TRP E 323 25.03 -53.26 18.90
C TRP E 323 26.26 -52.35 18.77
N TYR E 324 26.78 -51.86 19.89
CA TYR E 324 27.69 -50.71 19.91
C TYR E 324 29.09 -51.11 20.38
N THR E 325 30.07 -50.24 20.13
CA THR E 325 31.44 -50.39 20.61
C THR E 325 31.49 -50.11 22.12
N ASN E 326 31.13 -48.87 22.49
CA ASN E 326 31.14 -48.38 23.86
C ASN E 326 30.04 -47.34 24.03
N ALA E 327 29.50 -47.23 25.25
CA ALA E 327 28.64 -46.11 25.60
C ALA E 327 29.38 -44.78 25.39
N GLY E 328 28.64 -43.69 25.21
CA GLY E 328 29.22 -42.39 24.96
C GLY E 328 29.57 -42.18 23.48
N ASP E 329 30.43 -43.07 22.96
CA ASP E 329 30.76 -43.08 21.54
C ASP E 329 29.53 -43.49 20.71
N TRP E 330 28.84 -44.54 21.16
CA TRP E 330 27.67 -45.07 20.45
C TRP E 330 27.97 -45.25 18.96
N ALA E 331 29.08 -45.93 18.66
CA ALA E 331 29.43 -46.33 17.29
C ALA E 331 29.02 -47.78 17.03
N LEU E 332 28.80 -48.11 15.75
CA LEU E 332 28.46 -49.45 15.34
C LEU E 332 29.62 -50.40 15.69
N ASN E 333 29.28 -51.56 16.29
CA ASN E 333 30.23 -52.64 16.52
C ASN E 333 30.57 -53.31 15.18
N PRO E 334 31.85 -53.35 14.78
CA PRO E 334 32.25 -53.96 13.50
C PRO E 334 31.87 -55.43 13.31
N GLU E 335 31.83 -56.20 14.41
CA GLU E 335 31.40 -57.59 14.34
C GLU E 335 29.92 -57.72 14.00
N LYS E 336 29.07 -56.77 14.42
CA LYS E 336 27.66 -56.81 14.10
C LYS E 336 27.36 -56.08 12.79
N PHE E 337 28.17 -55.07 12.46
CA PHE E 337 28.01 -54.28 11.24
C PHE E 337 29.33 -54.30 10.43
N PRO E 338 29.71 -55.44 9.82
CA PRO E 338 30.98 -55.51 9.09
C PRO E 338 31.12 -54.51 7.93
N ASN E 339 30.00 -54.05 7.34
CA ASN E 339 30.04 -53.11 6.23
C ASN E 339 29.75 -51.67 6.68
N GLY E 340 29.72 -51.44 8.00
CA GLY E 340 29.45 -50.12 8.55
C GLY E 340 27.99 -49.71 8.39
N ALA E 341 27.80 -48.42 8.06
CA ALA E 341 26.49 -47.78 8.07
C ALA E 341 25.52 -48.43 7.09
N SER E 342 26.01 -48.97 5.97
CA SER E 342 25.14 -49.61 5.00
C SER E 342 24.42 -50.82 5.60
N ASP E 343 25.07 -51.48 6.58
CA ASP E 343 24.49 -52.62 7.27
C ASP E 343 23.34 -52.16 8.18
N ALA E 344 23.53 -51.04 8.88
CA ALA E 344 22.47 -50.51 9.72
C ALA E 344 21.25 -50.14 8.86
N LEU E 345 21.49 -49.50 7.71
CA LEU E 345 20.43 -49.07 6.80
C LEU E 345 19.69 -50.26 6.18
N ARG E 346 20.43 -51.33 5.87
CA ARG E 346 19.85 -52.55 5.36
C ARG E 346 18.86 -53.13 6.37
N LEU E 347 19.17 -52.99 7.66
CA LEU E 347 18.31 -53.50 8.72
C LEU E 347 17.04 -52.65 8.82
N THR E 348 17.19 -51.33 8.91
CA THR E 348 16.03 -50.46 9.10
C THR E 348 15.18 -50.41 7.83
N ASP E 349 15.80 -50.45 6.64
CA ASP E 349 15.07 -50.52 5.39
C ASP E 349 14.14 -51.75 5.40
N ALA E 350 14.68 -52.91 5.78
CA ALA E 350 13.94 -54.15 5.77
C ALA E 350 12.74 -54.05 6.74
N ILE E 351 12.98 -53.45 7.91
CA ILE E 351 11.93 -53.26 8.88
C ILE E 351 10.83 -52.39 8.25
N HIS E 352 11.22 -51.26 7.65
CA HIS E 352 10.28 -50.35 6.98
C HIS E 352 9.51 -51.03 5.86
N GLU E 353 10.15 -51.94 5.12
CA GLU E 353 9.52 -52.63 3.99
C GLU E 353 8.42 -53.59 4.47
N HIS E 354 8.44 -53.99 5.75
CA HIS E 354 7.42 -54.84 6.33
C HIS E 354 6.37 -54.00 7.08
N GLY E 355 6.31 -52.69 6.81
CA GLY E 355 5.31 -51.82 7.41
C GLY E 355 5.55 -51.49 8.89
N MET E 356 6.80 -51.54 9.35
CA MET E 356 7.09 -51.41 10.78
C MET E 356 7.98 -50.20 11.06
N THR E 357 7.96 -49.72 12.31
CA THR E 357 8.95 -48.76 12.80
C THR E 357 10.08 -49.50 13.51
N ALA E 358 11.29 -48.87 13.51
CA ALA E 358 12.50 -49.42 14.09
C ALA E 358 13.02 -48.57 15.25
N LEU E 359 13.31 -49.20 16.40
CA LEU E 359 13.80 -48.54 17.60
C LEU E 359 15.23 -49.00 17.91
N LEU E 360 16.00 -48.13 18.61
CA LEU E 360 17.37 -48.44 19.01
C LEU E 360 17.59 -48.29 20.52
N TRP E 361 18.25 -49.30 21.11
CA TRP E 361 18.61 -49.34 22.53
C TRP E 361 19.77 -48.36 22.79
N TRP E 362 19.70 -47.63 23.92
CA TRP E 362 20.83 -46.85 24.41
C TRP E 362 20.74 -46.63 25.92
N ARG E 363 21.86 -46.15 26.48
CA ARG E 363 21.94 -45.78 27.89
C ARG E 363 22.27 -44.29 27.98
N PRO E 364 21.28 -43.41 28.10
CA PRO E 364 21.56 -41.99 28.29
C PRO E 364 22.30 -41.72 29.61
N CYS E 365 23.15 -40.69 29.61
CA CYS E 365 23.92 -40.23 30.76
C CYS E 365 25.26 -40.97 30.86
N ASP E 366 25.44 -42.08 30.13
CA ASP E 366 26.68 -42.86 30.24
C ASP E 366 27.65 -42.48 29.13
N GLY E 367 28.84 -41.98 29.51
CA GLY E 367 29.86 -41.57 28.58
C GLY E 367 30.95 -42.62 28.39
N GLY E 368 30.77 -43.80 29.00
CA GLY E 368 31.67 -44.94 28.85
C GLY E 368 32.85 -44.85 29.80
N ILE E 369 33.79 -45.82 29.69
CA ILE E 369 35.02 -45.81 30.50
C ILE E 369 36.23 -45.88 29.57
N ASP E 370 36.21 -46.85 28.65
CA ASP E 370 37.24 -47.00 27.62
C ASP E 370 36.87 -46.27 26.34
N SER E 371 35.85 -45.40 26.41
CA SER E 371 35.38 -44.66 25.27
C SER E 371 36.44 -43.65 24.78
N ILE E 372 36.36 -43.34 23.48
CA ILE E 372 37.09 -42.23 22.91
C ILE E 372 36.64 -40.94 23.60
N LEU E 373 35.35 -40.83 23.92
CA LEU E 373 34.78 -39.67 24.59
C LEU E 373 35.52 -39.37 25.89
N TYR E 374 35.74 -40.40 26.73
CA TYR E 374 36.39 -40.17 28.02
C TYR E 374 37.88 -39.82 27.81
N GLN E 375 38.52 -40.45 26.83
CA GLN E 375 39.93 -40.19 26.54
C GLN E 375 40.13 -38.76 26.04
N GLN E 376 39.27 -38.29 25.14
CA GLN E 376 39.41 -36.99 24.50
C GLN E 376 38.82 -35.86 25.34
N HIS E 377 37.74 -36.13 26.09
CA HIS E 377 37.04 -35.04 26.78
C HIS E 377 36.64 -35.42 28.20
N PRO E 378 37.58 -35.65 29.13
CA PRO E 378 37.18 -35.93 30.52
C PRO E 378 36.46 -34.77 31.21
N GLU E 379 36.60 -33.55 30.67
CA GLU E 379 35.98 -32.35 31.22
C GLU E 379 34.46 -32.39 31.08
N TYR E 380 33.91 -33.27 30.22
CA TYR E 380 32.46 -33.40 30.06
C TYR E 380 31.84 -34.23 31.20
N PHE E 381 32.64 -34.91 32.03
CA PHE E 381 32.13 -35.94 32.92
C PHE E 381 32.01 -35.39 34.33
N VAL E 382 31.25 -36.10 35.18
CA VAL E 382 31.13 -35.79 36.60
C VAL E 382 32.42 -36.19 37.32
N MET E 383 32.87 -35.35 38.26
CA MET E 383 34.05 -35.56 39.09
C MET E 383 33.63 -35.70 40.57
N ASP E 384 34.14 -36.74 41.25
CA ASP E 384 33.82 -36.99 42.65
C ASP E 384 34.67 -36.10 43.57
N ALA E 385 34.42 -36.18 44.88
CA ALA E 385 35.08 -35.34 45.87
C ALA E 385 36.60 -35.56 45.91
N ASP E 386 37.07 -36.77 45.55
CA ASP E 386 38.49 -37.07 45.52
C ASP E 386 39.13 -36.69 44.19
N GLY E 387 38.38 -36.13 43.24
CA GLY E 387 38.95 -35.66 41.98
C GLY E 387 38.97 -36.76 40.90
N ARG E 388 38.27 -37.89 41.13
CA ARG E 388 38.26 -39.01 40.20
C ARG E 388 36.96 -38.98 39.39
N PRO E 389 36.91 -39.61 38.20
CA PRO E 389 35.66 -39.69 37.43
C PRO E 389 34.65 -40.53 38.20
N ALA E 390 33.37 -40.10 38.19
CA ALA E 390 32.32 -40.73 38.98
C ALA E 390 31.50 -41.68 38.12
N ARG E 391 31.33 -42.91 38.61
CA ARG E 391 30.52 -43.93 37.95
C ARG E 391 29.05 -43.61 38.19
N LEU E 392 28.22 -43.96 37.20
CA LEU E 392 26.77 -43.96 37.38
C LEU E 392 26.38 -44.93 38.49
N PRO E 393 25.53 -44.50 39.45
CA PRO E 393 25.07 -45.38 40.54
C PRO E 393 23.89 -46.32 40.24
N THR E 394 23.96 -47.50 40.86
CA THR E 394 22.80 -48.37 41.00
C THR E 394 21.92 -47.82 42.12
N PRO E 395 20.62 -48.20 42.16
CA PRO E 395 19.71 -47.79 43.23
C PRO E 395 20.23 -48.10 44.63
N GLY E 396 20.28 -47.07 45.49
CA GLY E 396 20.75 -47.21 46.86
C GLY E 396 22.27 -47.04 46.99
N GLY E 397 22.97 -46.89 45.87
CA GLY E 397 24.42 -46.77 45.89
C GLY E 397 25.06 -48.03 45.32
N GLY E 398 26.38 -47.95 45.09
CA GLY E 398 27.10 -49.02 44.41
C GLY E 398 27.11 -48.80 42.89
N THR E 399 27.75 -49.70 42.17
CA THR E 399 27.80 -49.62 40.73
C THR E 399 27.66 -51.03 40.17
N ASN E 400 27.72 -51.14 38.84
CA ASN E 400 27.60 -52.38 38.09
C ASN E 400 28.68 -52.33 36.99
N PRO E 401 29.29 -53.49 36.62
CA PRO E 401 30.35 -53.52 35.61
C PRO E 401 29.96 -52.96 34.24
N SER E 402 28.68 -53.00 33.88
CA SER E 402 28.24 -52.48 32.58
C SER E 402 28.03 -50.96 32.59
N LEU E 403 27.94 -50.35 33.79
CA LEU E 403 27.69 -48.91 33.89
C LEU E 403 29.02 -48.16 33.80
N GLY E 404 29.08 -47.12 32.96
CA GLY E 404 30.30 -46.33 32.83
C GLY E 404 30.32 -45.07 33.69
N TYR E 405 31.19 -44.12 33.28
CA TYR E 405 31.30 -42.84 33.95
C TYR E 405 30.12 -41.94 33.53
N ALA E 406 29.61 -41.18 34.50
CA ALA E 406 28.49 -40.27 34.31
C ALA E 406 28.92 -39.00 33.57
N LEU E 407 28.11 -38.63 32.57
CA LEU E 407 28.24 -37.33 31.92
C LEU E 407 27.59 -36.27 32.81
N CYS E 408 28.24 -35.11 32.94
CA CYS E 408 27.68 -34.01 33.70
C CYS E 408 26.63 -33.30 32.84
N PRO E 409 25.37 -33.22 33.33
CA PRO E 409 24.29 -32.61 32.55
C PRO E 409 24.43 -31.11 32.30
N MET E 410 25.38 -30.45 32.98
CA MET E 410 25.60 -29.02 32.76
C MET E 410 26.78 -28.77 31.82
N ALA E 411 27.48 -29.83 31.36
CA ALA E 411 28.55 -29.62 30.39
C ALA E 411 27.93 -29.64 29.00
N ASP E 412 28.07 -28.54 28.25
CA ASP E 412 27.54 -28.43 26.90
C ASP E 412 28.04 -29.58 26.02
N GLY E 413 29.32 -29.97 26.12
CA GLY E 413 29.87 -31.05 25.32
C GLY E 413 29.22 -32.41 25.59
N ALA E 414 28.84 -32.66 26.84
CA ALA E 414 28.15 -33.90 27.19
C ALA E 414 26.79 -33.95 26.49
N ILE E 415 26.04 -32.86 26.59
CA ILE E 415 24.73 -32.74 25.97
C ILE E 415 24.86 -32.94 24.46
N ALA E 416 25.88 -32.32 23.85
CA ALA E 416 26.08 -32.40 22.40
C ALA E 416 26.38 -33.84 21.96
N SER E 417 27.10 -34.60 22.80
CA SER E 417 27.41 -35.99 22.48
C SER E 417 26.12 -36.81 22.39
N GLN E 418 25.14 -36.49 23.25
CA GLN E 418 23.86 -37.18 23.21
C GLN E 418 23.07 -36.79 21.94
N VAL E 419 23.06 -35.50 21.61
CA VAL E 419 22.36 -35.00 20.43
C VAL E 419 22.95 -35.60 19.15
N ASP E 420 24.29 -35.70 19.08
CA ASP E 420 24.97 -36.23 17.92
C ASP E 420 24.58 -37.70 17.69
N PHE E 421 24.42 -38.46 18.78
CA PHE E 421 24.01 -39.84 18.69
C PHE E 421 22.59 -39.91 18.09
N VAL E 422 21.67 -39.10 18.62
CA VAL E 422 20.30 -39.07 18.14
C VAL E 422 20.28 -38.78 16.63
N ASN E 423 21.03 -37.76 16.20
CA ASN E 423 20.98 -37.34 14.80
C ASN E 423 21.58 -38.42 13.87
N ARG E 424 22.63 -39.10 14.33
CA ARG E 424 23.24 -40.16 13.55
C ARG E 424 22.28 -41.36 13.43
N ALA E 425 21.69 -41.79 14.55
CA ALA E 425 20.85 -42.98 14.54
C ALA E 425 19.60 -42.75 13.69
N MET E 426 19.01 -41.56 13.75
CA MET E 426 17.81 -41.27 12.97
C MET E 426 18.16 -40.99 11.50
N ASN E 427 19.10 -40.08 11.24
CA ASN E 427 19.32 -39.53 9.90
C ASN E 427 20.31 -40.36 9.08
N ASP E 428 21.26 -41.05 9.72
CA ASP E 428 22.24 -41.85 8.99
C ASP E 428 21.84 -43.32 8.98
N TRP E 429 21.18 -43.83 10.05
CA TRP E 429 20.91 -45.26 10.16
C TRP E 429 19.44 -45.59 9.94
N GLY E 430 18.56 -44.58 10.00
CA GLY E 430 17.17 -44.72 9.61
C GLY E 430 16.25 -45.20 10.74
N PHE E 431 16.68 -45.08 12.01
CA PHE E 431 15.84 -45.45 13.15
C PHE E 431 14.77 -44.39 13.42
N ASP E 432 13.66 -44.84 14.04
CA ASP E 432 12.44 -44.08 14.24
C ASP E 432 12.17 -43.80 15.71
N GLY E 433 13.09 -44.17 16.61
CA GLY E 433 12.85 -43.96 18.02
C GLY E 433 13.85 -44.70 18.90
N PHE E 434 13.67 -44.60 20.22
CA PHE E 434 14.70 -45.01 21.16
C PHE E 434 14.13 -45.71 22.39
N LYS E 435 14.83 -46.77 22.81
CA LYS E 435 14.62 -47.42 24.09
C LYS E 435 15.81 -47.12 24.98
N GLY E 436 15.66 -46.07 25.81
CA GLY E 436 16.59 -45.76 26.87
C GLY E 436 16.43 -46.75 28.02
N ASP E 437 17.55 -47.09 28.65
CA ASP E 437 17.54 -48.21 29.57
C ASP E 437 18.80 -48.27 30.45
N TYR E 438 18.70 -48.99 31.57
CA TYR E 438 19.85 -49.47 32.33
C TYR E 438 20.60 -48.28 32.94
N VAL E 439 19.85 -47.32 33.47
CA VAL E 439 20.41 -46.16 34.15
C VAL E 439 19.46 -45.72 35.26
N TRP E 440 20.03 -45.09 36.31
CA TRP E 440 19.23 -44.67 37.47
C TRP E 440 19.55 -43.21 37.81
N SER E 441 20.14 -42.93 39.00
CA SER E 441 20.39 -41.55 39.39
C SER E 441 21.72 -41.07 38.82
N MET E 442 22.12 -39.88 39.29
CA MET E 442 23.22 -39.09 38.75
C MET E 442 24.06 -38.60 39.93
N PRO E 443 25.38 -38.88 39.98
CA PRO E 443 26.19 -38.51 41.14
C PRO E 443 26.45 -37.00 41.21
N GLU E 444 26.83 -36.55 42.42
CA GLU E 444 27.20 -35.18 42.68
C GLU E 444 28.54 -34.87 41.99
N CYS E 445 28.67 -33.63 41.49
CA CYS E 445 29.83 -33.20 40.71
C CYS E 445 30.63 -32.15 41.48
N TYR E 446 31.95 -32.38 41.60
CA TYR E 446 32.88 -31.51 42.31
C TYR E 446 33.94 -30.90 41.39
N ASN E 447 33.72 -30.93 40.07
CA ASN E 447 34.69 -30.37 39.16
C ASN E 447 34.65 -28.85 39.23
N PRO E 448 35.72 -28.17 39.71
CA PRO E 448 35.68 -26.72 39.92
C PRO E 448 35.49 -25.92 38.63
N ALA E 449 35.93 -26.51 37.50
CA ALA E 449 35.80 -25.85 36.21
C ALA E 449 34.35 -25.81 35.73
N HIS E 450 33.45 -26.58 36.34
CA HIS E 450 32.03 -26.51 36.00
C HIS E 450 31.32 -25.39 36.75
N ASN E 451 31.92 -24.86 37.83
CA ASN E 451 31.36 -23.75 38.60
C ASN E 451 29.97 -24.08 39.12
N HIS E 452 29.81 -25.25 39.77
CA HIS E 452 28.49 -25.65 40.26
C HIS E 452 28.16 -24.84 41.52
N ALA E 453 26.89 -24.42 41.66
CA ALA E 453 26.44 -23.68 42.83
C ALA E 453 26.60 -24.53 44.10
N SER E 454 26.28 -25.82 43.95
CA SER E 454 26.49 -26.84 44.95
C SER E 454 26.74 -28.15 44.23
N PRO E 455 27.34 -29.17 44.89
CA PRO E 455 27.59 -30.45 44.23
C PRO E 455 26.33 -31.20 43.75
N GLU E 456 25.16 -30.94 44.34
CA GLU E 456 23.94 -31.64 43.98
C GLU E 456 23.32 -31.10 42.69
N GLU E 457 23.87 -30.03 42.12
CA GLU E 457 23.32 -29.46 40.89
C GLU E 457 23.29 -30.50 39.75
N SER E 458 24.32 -31.35 39.65
CA SER E 458 24.34 -32.38 38.64
C SER E 458 23.14 -33.32 38.80
N THR E 459 22.93 -33.82 40.02
CA THR E 459 21.81 -34.69 40.32
C THR E 459 20.49 -34.02 39.89
N GLU E 460 20.34 -32.75 40.28
CA GLU E 460 19.10 -32.01 40.06
C GLU E 460 18.80 -31.88 38.57
N LYS E 461 19.85 -31.75 37.76
CA LYS E 461 19.72 -31.42 36.35
C LYS E 461 19.80 -32.63 35.44
N GLN E 462 19.77 -33.84 36.01
CA GLN E 462 19.82 -35.06 35.21
C GLN E 462 18.82 -34.98 34.04
N SER E 463 17.60 -34.49 34.31
CA SER E 463 16.52 -34.56 33.34
C SER E 463 16.76 -33.67 32.12
N GLU E 464 17.74 -32.76 32.17
CA GLU E 464 18.08 -31.94 31.02
C GLU E 464 18.62 -32.80 29.86
N ILE E 465 19.28 -33.90 30.21
CA ILE E 465 19.74 -34.84 29.20
C ILE E 465 18.54 -35.41 28.44
N TYR E 466 17.49 -35.76 29.18
CA TYR E 466 16.32 -36.40 28.61
C TYR E 466 15.58 -35.37 27.75
N ARG E 467 15.47 -34.12 28.22
CA ARG E 467 14.75 -33.08 27.52
C ARG E 467 15.45 -32.74 26.19
N VAL E 468 16.75 -32.45 26.25
CA VAL E 468 17.45 -31.98 25.06
C VAL E 468 17.52 -33.08 24.00
N SER E 469 17.70 -34.33 24.44
CA SER E 469 17.70 -35.48 23.55
C SER E 469 16.37 -35.58 22.80
N TYR E 470 15.26 -35.52 23.53
CA TYR E 470 13.93 -35.66 22.97
C TYR E 470 13.67 -34.52 21.99
N GLU E 471 14.12 -33.30 22.31
CA GLU E 471 13.85 -32.15 21.44
C GLU E 471 14.55 -32.36 20.10
N ALA E 472 15.73 -32.97 20.12
CA ALA E 472 16.46 -33.28 18.90
C ALA E 472 15.75 -34.38 18.11
N MET E 473 15.26 -35.41 18.81
CA MET E 473 14.48 -36.48 18.20
C MET E 473 13.27 -35.91 17.45
N VAL E 474 12.53 -35.01 18.11
CA VAL E 474 11.28 -34.48 17.57
C VAL E 474 11.56 -33.64 16.32
N ALA E 475 12.69 -32.91 16.32
CA ALA E 475 13.04 -32.09 15.18
C ALA E 475 13.28 -32.96 13.92
N ASN E 476 13.80 -34.19 14.09
CA ASN E 476 14.00 -35.08 12.97
C ASN E 476 12.69 -35.70 12.51
N ASP E 477 11.82 -36.07 13.46
CA ASP E 477 10.53 -36.69 13.18
C ASP E 477 9.57 -36.44 14.33
N PRO E 478 8.47 -35.68 14.11
CA PRO E 478 7.55 -35.38 15.21
C PRO E 478 6.84 -36.62 15.75
N ASN E 479 6.83 -37.72 14.99
CA ASN E 479 6.20 -38.97 15.43
C ASN E 479 7.19 -39.95 16.07
N VAL E 480 8.40 -39.49 16.41
CA VAL E 480 9.43 -40.32 17.01
C VAL E 480 8.91 -40.96 18.30
N PHE E 481 9.37 -42.20 18.55
CA PHE E 481 9.05 -42.93 19.77
C PHE E 481 10.15 -42.70 20.81
N ASN E 482 9.79 -42.52 22.08
CA ASN E 482 10.78 -42.33 23.13
C ASN E 482 10.32 -42.98 24.44
N LEU E 483 11.19 -43.86 25.00
CA LEU E 483 10.95 -44.56 26.25
C LEU E 483 12.23 -44.59 27.09
N LEU E 484 12.09 -44.58 28.42
CA LEU E 484 13.21 -44.72 29.35
C LEU E 484 12.82 -45.71 30.47
N CYS E 485 13.68 -46.73 30.72
CA CYS E 485 13.48 -47.72 31.77
C CYS E 485 14.59 -47.59 32.84
N ASN E 486 14.24 -47.00 33.98
CA ASN E 486 15.05 -47.05 35.19
C ASN E 486 14.77 -48.40 35.85
N CYS E 487 15.30 -49.45 35.23
CA CYS E 487 14.86 -50.82 35.40
C CYS E 487 14.76 -51.22 36.88
N GLY E 488 13.64 -51.85 37.26
CA GLY E 488 13.49 -52.43 38.59
C GLY E 488 13.08 -51.40 39.65
N THR E 489 12.80 -50.16 39.21
CA THR E 489 12.43 -49.05 40.07
C THR E 489 11.32 -48.24 39.37
N PRO E 490 10.59 -47.37 40.11
CA PRO E 490 9.67 -46.44 39.46
C PRO E 490 10.50 -45.47 38.62
N GLN E 491 9.95 -45.08 37.47
CA GLN E 491 10.66 -44.23 36.51
C GLN E 491 10.96 -42.86 37.09
N ASP E 492 12.10 -42.27 36.66
CA ASP E 492 12.47 -40.90 37.01
C ASP E 492 11.33 -39.96 36.61
N TYR E 493 10.68 -39.37 37.63
CA TYR E 493 9.47 -38.57 37.42
C TYR E 493 9.70 -37.45 36.42
N TYR E 494 10.88 -36.82 36.48
CA TYR E 494 11.15 -35.62 35.70
C TYR E 494 11.58 -35.96 34.27
N SER E 495 11.74 -37.26 33.97
CA SER E 495 11.90 -37.74 32.61
C SER E 495 10.54 -37.85 31.89
N LEU E 496 9.45 -38.01 32.65
CA LEU E 496 8.15 -38.42 32.10
C LEU E 496 7.59 -37.45 31.06
N PRO E 497 7.72 -36.11 31.20
CA PRO E 497 7.19 -35.21 30.18
C PRO E 497 7.74 -35.40 28.78
N TYR E 498 8.86 -36.13 28.63
CA TYR E 498 9.56 -36.26 27.36
C TYR E 498 9.37 -37.65 26.74
N MET E 499 8.39 -38.43 27.24
CA MET E 499 8.18 -39.81 26.82
C MET E 499 6.94 -39.94 25.92
N THR E 500 6.93 -40.97 25.06
CA THR E 500 5.76 -41.39 24.30
C THR E 500 5.20 -42.73 24.78
N GLN E 501 5.97 -43.49 25.57
CA GLN E 501 5.52 -44.78 26.11
C GLN E 501 6.28 -45.11 27.39
N ILE E 502 5.63 -45.82 28.33
CA ILE E 502 6.25 -46.27 29.57
C ILE E 502 6.21 -47.78 29.67
N ALA E 503 7.31 -48.39 30.14
CA ALA E 503 7.32 -49.80 30.53
C ALA E 503 7.23 -49.94 32.05
N THR E 504 6.62 -51.04 32.53
CA THR E 504 6.49 -51.29 33.95
C THR E 504 7.87 -51.53 34.59
N ALA E 505 8.89 -51.85 33.77
CA ALA E 505 10.32 -51.71 34.03
C ALA E 505 10.92 -52.95 34.73
N ASP E 506 11.11 -54.02 33.95
CA ASP E 506 11.62 -55.30 34.46
C ASP E 506 10.79 -55.78 35.67
N PRO E 507 9.46 -55.88 35.54
CA PRO E 507 8.63 -56.50 36.58
C PRO E 507 9.03 -57.97 36.75
N THR E 508 8.99 -58.46 38.00
CA THR E 508 9.38 -59.84 38.31
C THR E 508 8.16 -60.70 38.67
N SER E 509 6.94 -60.15 38.55
CA SER E 509 5.72 -60.88 38.83
C SER E 509 4.55 -60.25 38.07
N VAL E 510 3.44 -60.99 37.94
CA VAL E 510 2.24 -60.45 37.34
C VAL E 510 1.70 -59.32 38.24
N ASP E 511 1.88 -59.46 39.55
CA ASP E 511 1.45 -58.42 40.48
C ASP E 511 2.16 -57.10 40.18
N GLN E 512 3.48 -57.17 39.96
CA GLN E 512 4.25 -55.96 39.70
C GLN E 512 3.77 -55.30 38.39
N THR E 513 3.67 -56.06 37.30
CA THR E 513 3.41 -55.41 36.01
C THR E 513 2.01 -54.80 36.01
N ARG E 514 1.00 -55.53 36.51
CA ARG E 514 -0.37 -55.06 36.43
C ARG E 514 -0.60 -53.81 37.31
N ARG E 515 -0.10 -53.82 38.54
CA ARG E 515 -0.39 -52.72 39.45
C ARG E 515 0.33 -51.45 38.98
N ARG E 516 1.48 -51.62 38.32
CA ARG E 516 2.27 -50.47 37.86
C ARG E 516 1.57 -49.81 36.66
N VAL E 517 0.88 -50.60 35.84
CA VAL E 517 0.12 -50.03 34.74
C VAL E 517 -0.85 -48.98 35.30
N LYS E 518 -1.58 -49.36 36.38
CA LYS E 518 -2.55 -48.47 36.99
C LYS E 518 -1.88 -47.20 37.51
N ALA E 519 -0.72 -47.34 38.15
CA ALA E 519 0.02 -46.21 38.70
C ALA E 519 0.47 -45.25 37.59
N TYR E 520 1.01 -45.78 36.49
CA TYR E 520 1.52 -44.93 35.42
C TYR E 520 0.35 -44.22 34.71
N LYS E 521 -0.78 -44.92 34.51
CA LYS E 521 -1.95 -44.30 33.91
C LYS E 521 -2.42 -43.13 34.77
N ALA E 522 -2.38 -43.31 36.10
CA ALA E 522 -2.80 -42.24 37.01
C ALA E 522 -1.96 -40.98 36.81
N LEU E 523 -0.64 -41.15 36.69
CA LEU E 523 0.29 -40.04 36.66
C LEU E 523 0.36 -39.40 35.27
N MET E 524 0.08 -40.17 34.20
CA MET E 524 0.37 -39.75 32.84
C MET E 524 -0.87 -39.44 32.02
N GLY E 525 -2.03 -39.97 32.44
CA GLY E 525 -3.26 -39.83 31.66
C GLY E 525 -3.78 -41.20 31.20
N ASP E 526 -5.10 -41.28 31.00
CA ASP E 526 -5.78 -42.55 30.75
C ASP E 526 -5.51 -43.08 29.34
N TYR E 527 -5.06 -42.20 28.42
CA TYR E 527 -4.75 -42.65 27.07
C TYR E 527 -3.23 -42.73 26.85
N PHE E 528 -2.42 -42.60 27.92
CA PHE E 528 -0.98 -42.62 27.75
C PHE E 528 -0.49 -44.06 27.59
N PRO E 529 0.33 -44.38 26.57
CA PRO E 529 0.75 -45.76 26.33
C PRO E 529 1.64 -46.36 27.41
N VAL E 530 1.24 -47.55 27.89
CA VAL E 530 2.04 -48.33 28.84
C VAL E 530 2.16 -49.76 28.32
N THR E 531 3.36 -50.37 28.46
CA THR E 531 3.57 -51.79 28.16
C THR E 531 3.83 -52.57 29.44
N ALA E 532 3.26 -53.79 29.50
CA ALA E 532 3.46 -54.71 30.61
C ALA E 532 4.82 -55.41 30.59
N ASP E 533 5.66 -55.17 29.56
CA ASP E 533 7.02 -55.70 29.44
C ASP E 533 6.99 -57.20 29.12
N HIS E 534 8.17 -57.85 28.97
CA HIS E 534 8.29 -59.20 28.44
C HIS E 534 9.21 -60.09 29.29
N ASN E 535 9.45 -59.71 30.55
CA ASN E 535 10.36 -60.44 31.40
C ASN E 535 9.86 -61.86 31.62
N ASN E 536 8.54 -62.02 31.76
CA ASN E 536 7.88 -63.32 31.78
C ASN E 536 6.74 -63.27 30.76
N ILE E 537 6.26 -64.45 30.34
CA ILE E 537 5.13 -64.56 29.42
C ILE E 537 3.83 -64.42 30.21
N TRP E 538 3.11 -63.30 30.02
CA TRP E 538 1.86 -63.04 30.72
C TRP E 538 0.88 -62.27 29.82
N TYR E 539 0.51 -62.88 28.69
CA TYR E 539 -0.31 -62.21 27.69
C TYR E 539 -1.66 -61.75 28.28
N PRO E 540 -2.37 -62.53 29.12
CA PRO E 540 -3.62 -62.04 29.72
C PRO E 540 -3.50 -60.79 30.59
N SER E 541 -2.38 -60.68 31.33
CA SER E 541 -2.10 -59.49 32.12
C SER E 541 -1.92 -58.27 31.21
N ALA E 542 -1.24 -58.48 30.07
CA ALA E 542 -0.94 -57.37 29.17
C ALA E 542 -2.21 -56.81 28.55
N VAL E 543 -3.09 -57.71 28.08
CA VAL E 543 -4.30 -57.29 27.37
C VAL E 543 -5.30 -56.64 28.33
N GLY E 544 -5.58 -57.31 29.45
CA GLY E 544 -6.67 -56.90 30.33
C GLY E 544 -6.42 -55.57 31.05
N THR E 545 -5.15 -55.19 31.23
CA THR E 545 -4.79 -53.95 31.91
C THR E 545 -4.88 -52.75 30.96
N GLY E 546 -5.04 -53.01 29.65
CA GLY E 546 -5.05 -51.95 28.66
C GLY E 546 -3.64 -51.54 28.24
N SER E 547 -2.69 -52.49 28.36
CA SER E 547 -1.29 -52.24 28.04
C SER E 547 -0.96 -52.70 26.62
N VAL E 548 0.17 -52.22 26.11
CA VAL E 548 0.73 -52.66 24.83
C VAL E 548 1.47 -53.97 25.03
N LEU E 549 1.10 -55.01 24.25
CA LEU E 549 1.69 -56.34 24.38
C LEU E 549 3.01 -56.40 23.61
N ILE E 550 4.11 -56.73 24.34
CA ILE E 550 5.42 -56.88 23.71
C ILE E 550 6.03 -58.26 24.03
N GLU E 551 7.05 -58.61 23.25
CA GLU E 551 7.68 -59.92 23.28
C GLU E 551 9.12 -59.75 22.80
N LYS E 552 10.00 -60.69 23.22
CA LYS E 552 11.40 -60.68 22.84
C LYS E 552 11.92 -62.05 22.37
N ARG E 553 11.13 -63.12 22.52
CA ARG E 553 11.66 -64.47 22.34
C ARG E 553 11.53 -64.95 20.90
N ASP E 554 12.42 -65.86 20.49
CA ASP E 554 12.30 -66.57 19.22
C ASP E 554 11.54 -67.88 19.48
N LEU E 555 10.24 -67.91 19.17
CA LEU E 555 9.38 -68.98 19.67
C LEU E 555 9.15 -70.06 18.62
N SER E 556 8.86 -71.28 19.09
CA SER E 556 8.39 -72.34 18.22
C SER E 556 7.34 -73.19 18.93
N GLY E 557 6.74 -74.13 18.19
CA GLY E 557 5.77 -75.07 18.72
C GLY E 557 4.56 -74.36 19.36
N THR E 558 4.09 -74.89 20.50
CA THR E 558 2.86 -74.40 21.09
C THR E 558 3.07 -72.97 21.64
N ALA E 559 4.28 -72.63 22.09
CA ALA E 559 4.51 -71.27 22.60
C ALA E 559 4.38 -70.23 21.48
N LYS E 560 4.79 -70.59 20.26
CA LYS E 560 4.59 -69.75 19.10
C LYS E 560 3.10 -69.58 18.80
N GLU E 561 2.33 -70.68 18.84
CA GLU E 561 0.90 -70.61 18.62
C GLU E 561 0.24 -69.70 19.65
N GLU E 562 0.73 -69.76 20.90
CA GLU E 562 0.17 -68.98 21.99
C GLU E 562 0.42 -67.48 21.74
N TYR E 563 1.62 -67.11 21.27
CA TYR E 563 1.94 -65.73 20.93
C TYR E 563 1.05 -65.24 19.77
N GLU E 564 0.89 -66.05 18.73
CA GLU E 564 0.05 -65.68 17.59
C GLU E 564 -1.40 -65.44 18.03
N LYS E 565 -1.91 -66.33 18.89
CA LYS E 565 -3.29 -66.23 19.37
C LYS E 565 -3.47 -64.89 20.07
N TRP E 566 -2.53 -64.53 20.95
CA TRP E 566 -2.74 -63.37 21.82
C TRP E 566 -2.40 -62.08 21.08
N LEU E 567 -1.54 -62.13 20.06
CA LEU E 567 -1.39 -61.01 19.14
C LEU E 567 -2.74 -60.73 18.47
N GLY E 568 -3.43 -61.79 18.05
CA GLY E 568 -4.72 -61.67 17.38
C GLY E 568 -5.77 -61.02 18.28
N ILE E 569 -5.84 -61.45 19.54
CA ILE E 569 -6.76 -60.87 20.51
C ILE E 569 -6.42 -59.38 20.72
N ALA E 570 -5.14 -59.09 21.00
CA ALA E 570 -4.72 -57.73 21.28
C ALA E 570 -5.00 -56.79 20.10
N ASP E 571 -4.81 -57.31 18.89
CA ASP E 571 -5.03 -56.54 17.68
C ASP E 571 -6.54 -56.42 17.35
N THR E 572 -7.39 -57.24 17.97
CA THR E 572 -8.83 -57.18 17.76
C THR E 572 -9.45 -56.15 18.71
N VAL E 573 -9.20 -56.27 20.03
CA VAL E 573 -9.85 -55.41 21.01
C VAL E 573 -9.11 -54.07 21.16
N GLN E 574 -7.78 -54.06 20.98
CA GLN E 574 -6.99 -52.85 20.96
C GLN E 574 -7.21 -51.99 22.21
N LEU E 575 -7.16 -52.64 23.39
CA LEU E 575 -7.42 -51.93 24.63
C LEU E 575 -6.26 -50.98 24.96
N GLN E 576 -5.09 -51.18 24.34
CA GLN E 576 -3.96 -50.27 24.53
C GLN E 576 -4.31 -48.84 24.04
N LYS E 577 -5.30 -48.71 23.14
CA LYS E 577 -5.77 -47.43 22.65
C LYS E 577 -7.03 -46.93 23.36
N GLY E 578 -7.59 -47.75 24.26
CA GLY E 578 -8.79 -47.37 24.97
C GLY E 578 -8.54 -46.47 26.18
N ARG E 579 -9.63 -45.94 26.74
CA ARG E 579 -9.59 -45.10 27.93
C ARG E 579 -9.55 -45.99 29.17
N PHE E 580 -8.39 -46.01 29.83
CA PHE E 580 -8.24 -46.70 31.11
C PHE E 580 -9.12 -46.03 32.16
N ILE E 581 -9.78 -46.84 32.98
CA ILE E 581 -10.66 -46.36 34.05
C ILE E 581 -10.22 -46.99 35.37
N GLY E 582 -9.73 -46.14 36.28
CA GLY E 582 -9.08 -46.61 37.49
C GLY E 582 -9.86 -46.30 38.77
N ASP E 583 -11.03 -45.64 38.65
CA ASP E 583 -11.71 -45.08 39.81
C ASP E 583 -12.92 -45.93 40.23
N LEU E 584 -13.11 -47.11 39.64
CA LEU E 584 -14.27 -47.95 39.92
C LEU E 584 -13.94 -49.04 40.93
N TYR E 585 -12.69 -49.53 40.95
CA TYR E 585 -12.30 -50.62 41.83
C TYR E 585 -11.06 -50.21 42.64
N SER E 586 -10.98 -50.71 43.88
CA SER E 586 -9.89 -50.45 44.80
C SER E 586 -9.04 -51.69 45.03
N TYR E 587 -7.78 -51.63 44.61
CA TYR E 587 -6.85 -52.75 44.75
C TYR E 587 -6.69 -53.09 46.24
N GLY E 588 -7.02 -54.35 46.57
CA GLY E 588 -6.87 -54.89 47.91
C GLY E 588 -8.16 -54.84 48.74
N PHE E 589 -9.22 -54.20 48.22
CA PHE E 589 -10.46 -54.04 48.98
C PHE E 589 -11.67 -54.56 48.20
N ASP E 590 -11.77 -54.31 46.89
CA ASP E 590 -12.73 -55.04 46.07
C ASP E 590 -12.32 -56.52 46.02
N PRO E 591 -13.29 -57.45 45.81
CA PRO E 591 -13.03 -58.88 45.92
C PRO E 591 -11.90 -59.42 45.03
N TYR E 592 -11.79 -58.91 43.80
CA TYR E 592 -10.71 -59.30 42.90
C TYR E 592 -9.86 -58.09 42.54
N GLU E 593 -8.57 -58.36 42.28
CA GLU E 593 -7.73 -57.43 41.52
C GLU E 593 -8.37 -57.21 40.16
N THR E 594 -8.80 -55.97 39.86
CA THR E 594 -9.65 -55.67 38.70
C THR E 594 -9.13 -54.47 37.91
N TYR E 595 -9.27 -54.53 36.57
CA TYR E 595 -8.91 -53.45 35.66
C TYR E 595 -10.05 -53.22 34.67
N VAL E 596 -10.20 -51.96 34.20
CA VAL E 596 -11.29 -51.56 33.34
C VAL E 596 -10.78 -50.65 32.23
N VAL E 597 -11.26 -50.85 31.00
CA VAL E 597 -10.93 -50.02 29.85
C VAL E 597 -12.19 -49.82 29.01
N ALA E 598 -12.44 -48.57 28.58
CA ALA E 598 -13.51 -48.29 27.63
C ALA E 598 -12.91 -48.11 26.24
N ALA E 599 -13.36 -48.91 25.27
CA ALA E 599 -12.90 -48.83 23.89
C ALA E 599 -14.08 -48.88 22.91
N ASP E 600 -14.16 -47.88 22.02
CA ASP E 600 -15.25 -47.69 21.06
C ASP E 600 -16.62 -47.80 21.73
N GLY E 601 -16.75 -47.17 22.90
CA GLY E 601 -18.02 -47.09 23.61
C GLY E 601 -18.42 -48.39 24.30
N VAL E 602 -17.50 -49.37 24.45
CA VAL E 602 -17.80 -50.62 25.11
C VAL E 602 -16.90 -50.80 26.34
N MET E 603 -17.48 -51.27 27.45
CA MET E 603 -16.75 -51.48 28.70
C MET E 603 -16.13 -52.88 28.74
N TYR E 604 -14.80 -52.94 28.98
CA TYR E 604 -14.03 -54.17 29.10
C TYR E 604 -13.51 -54.29 30.53
N TYR E 605 -13.66 -55.49 31.11
CA TYR E 605 -13.24 -55.77 32.46
C TYR E 605 -12.24 -56.92 32.45
N ALA E 606 -11.30 -56.87 33.40
CA ALA E 606 -10.37 -57.96 33.63
C ALA E 606 -10.26 -58.25 35.13
N PHE E 607 -10.55 -59.50 35.51
CA PHE E 607 -10.42 -59.99 36.88
C PHE E 607 -9.31 -61.03 36.96
N TYR E 608 -8.44 -60.90 37.98
CA TYR E 608 -7.32 -61.82 38.18
C TYR E 608 -7.34 -62.44 39.57
N LYS E 609 -6.84 -63.67 39.63
CA LYS E 609 -6.72 -64.46 40.83
C LYS E 609 -5.29 -64.98 41.01
N ASP E 610 -4.40 -64.74 40.02
CA ASP E 610 -3.11 -65.40 39.99
C ASP E 610 -2.02 -64.54 40.63
N GLY E 611 -2.39 -63.35 41.15
CA GLY E 611 -1.45 -62.53 41.89
C GLY E 611 -1.43 -62.88 43.38
N SER E 612 -0.33 -63.49 43.86
CA SER E 612 -0.23 -63.99 45.21
C SER E 612 -0.29 -62.86 46.26
N LYS E 613 -0.07 -61.60 45.86
CA LYS E 613 -0.05 -60.48 46.81
C LYS E 613 -1.47 -60.08 47.24
N TYR E 614 -2.47 -60.34 46.38
CA TYR E 614 -3.87 -60.15 46.71
C TYR E 614 -4.78 -61.05 45.86
N SER E 615 -5.31 -62.08 46.52
CA SER E 615 -6.12 -63.10 45.87
C SER E 615 -7.12 -63.67 46.86
N PRO E 616 -8.42 -63.78 46.51
CA PRO E 616 -9.44 -64.24 47.45
C PRO E 616 -9.36 -65.74 47.72
N THR E 617 -9.69 -66.10 48.96
CA THR E 617 -10.14 -67.43 49.30
C THR E 617 -11.54 -67.61 48.73
N GLY E 618 -11.74 -68.73 48.05
CA GLY E 618 -13.05 -69.08 47.55
C GLY E 618 -13.33 -68.39 46.22
N TYR E 619 -14.62 -68.14 45.99
CA TYR E 619 -15.12 -67.83 44.65
C TYR E 619 -16.15 -66.71 44.76
N PRO E 620 -15.75 -65.48 45.14
CA PRO E 620 -16.71 -64.39 45.26
C PRO E 620 -17.38 -64.03 43.93
N ASP E 621 -18.59 -63.47 44.05
CA ASP E 621 -19.34 -62.94 42.92
C ASP E 621 -18.54 -61.83 42.23
N ILE E 622 -18.74 -61.71 40.91
CA ILE E 622 -18.27 -60.59 40.13
C ILE E 622 -19.38 -59.54 39.99
N GLU E 623 -19.01 -58.30 40.28
CA GLU E 623 -19.84 -57.13 40.09
C GLU E 623 -19.22 -56.24 39.00
N LEU E 624 -20.01 -55.92 37.97
CA LEU E 624 -19.58 -54.99 36.93
C LEU E 624 -20.08 -53.59 37.28
N LYS E 625 -19.13 -52.65 37.45
CA LYS E 625 -19.45 -51.29 37.84
C LYS E 625 -19.34 -50.36 36.63
N GLY E 626 -20.10 -49.25 36.68
CA GLY E 626 -19.96 -48.16 35.74
C GLY E 626 -20.78 -48.35 34.46
N LEU E 627 -21.74 -49.28 34.45
CA LEU E 627 -22.64 -49.46 33.32
C LEU E 627 -23.85 -48.53 33.45
N ASP E 628 -24.58 -48.34 32.36
CA ASP E 628 -25.81 -47.56 32.36
C ASP E 628 -26.89 -48.31 33.14
N PRO E 629 -27.50 -47.71 34.18
CA PRO E 629 -28.52 -48.39 34.98
C PRO E 629 -29.78 -48.80 34.20
N ASN E 630 -30.11 -48.09 33.13
CA ASN E 630 -31.31 -48.37 32.35
C ASN E 630 -31.09 -49.35 31.21
N LYS E 631 -29.86 -49.82 30.97
CA LYS E 631 -29.59 -50.70 29.84
C LYS E 631 -29.38 -52.14 30.33
N MET E 632 -29.46 -53.09 29.39
CA MET E 632 -29.32 -54.51 29.68
C MET E 632 -28.13 -55.05 28.88
N TYR E 633 -27.38 -55.98 29.46
CA TYR E 633 -26.08 -56.36 28.94
C TYR E 633 -25.87 -57.88 28.91
N ARG E 634 -25.20 -58.34 27.85
CA ARG E 634 -24.68 -59.69 27.67
C ARG E 634 -23.18 -59.66 27.92
N ILE E 635 -22.68 -60.56 28.77
CA ILE E 635 -21.29 -60.53 29.22
C ILE E 635 -20.51 -61.63 28.50
N VAL E 636 -19.54 -61.21 27.69
CA VAL E 636 -18.87 -62.10 26.76
C VAL E 636 -17.39 -62.18 27.14
N ASP E 637 -16.95 -63.42 27.37
CA ASP E 637 -15.54 -63.77 27.46
C ASP E 637 -14.99 -63.74 26.04
N TYR E 638 -14.23 -62.68 25.71
CA TYR E 638 -13.76 -62.46 24.35
C TYR E 638 -12.52 -63.32 24.04
N VAL E 639 -11.90 -63.94 25.05
CA VAL E 639 -10.79 -64.85 24.81
C VAL E 639 -11.33 -66.16 24.27
N ASN E 640 -12.39 -66.69 24.90
CA ASN E 640 -12.93 -68.01 24.58
C ASN E 640 -14.19 -67.92 23.71
N ASP E 641 -14.72 -66.70 23.49
CA ASP E 641 -15.91 -66.48 22.68
C ASP E 641 -17.12 -67.19 23.30
N ARG E 642 -17.34 -66.98 24.60
CA ARG E 642 -18.41 -67.64 25.32
C ARG E 642 -19.13 -66.59 26.18
N VAL E 643 -20.45 -66.78 26.32
CA VAL E 643 -21.26 -65.95 27.20
C VAL E 643 -21.14 -66.49 28.63
N VAL E 644 -20.74 -65.64 29.58
CA VAL E 644 -20.61 -66.07 30.96
C VAL E 644 -21.82 -65.66 31.80
N ALA E 645 -22.54 -64.63 31.34
CA ALA E 645 -23.79 -64.17 31.93
C ALA E 645 -24.53 -63.31 30.93
N THR E 646 -25.86 -63.15 31.12
CA THR E 646 -26.63 -62.34 30.19
C THR E 646 -27.88 -61.79 30.87
N ASN E 647 -28.57 -60.89 30.17
CA ASN E 647 -29.75 -60.19 30.67
C ASN E 647 -29.45 -59.55 32.03
N LEU E 648 -28.28 -58.91 32.16
CA LEU E 648 -27.95 -58.16 33.37
C LEU E 648 -28.28 -56.69 33.17
N MET E 649 -29.08 -56.14 34.10
CA MET E 649 -29.30 -54.70 34.16
C MET E 649 -28.05 -54.00 34.73
N GLY E 650 -27.82 -52.77 34.27
CA GLY E 650 -26.65 -52.00 34.64
C GLY E 650 -26.55 -51.69 36.14
N ASP E 651 -27.70 -51.53 36.82
CA ASP E 651 -27.69 -51.24 38.25
C ASP E 651 -27.49 -52.50 39.10
N ASN E 652 -27.60 -53.69 38.50
CA ASN E 652 -27.50 -54.94 39.24
C ASN E 652 -26.76 -55.99 38.40
N ALA E 653 -25.51 -55.69 38.04
CA ALA E 653 -24.74 -56.53 37.13
C ALA E 653 -23.83 -57.48 37.90
N VAL E 654 -24.43 -58.52 38.48
CA VAL E 654 -23.73 -59.40 39.41
C VAL E 654 -23.92 -60.84 38.94
N PHE E 655 -22.83 -61.60 38.87
CA PHE E 655 -22.89 -62.99 38.43
C PHE E 655 -21.74 -63.79 39.05
N ASN E 656 -21.85 -65.12 38.97
CA ASN E 656 -20.79 -66.01 39.40
C ASN E 656 -20.32 -66.87 38.24
N THR E 657 -19.00 -67.00 38.08
CA THR E 657 -18.42 -67.86 37.06
C THR E 657 -17.13 -68.46 37.63
N ARG E 658 -16.74 -69.64 37.14
CA ARG E 658 -15.53 -70.28 37.65
C ARG E 658 -14.39 -70.04 36.67
N PHE E 659 -13.24 -69.61 37.18
CA PHE E 659 -12.07 -69.34 36.36
C PHE E 659 -10.87 -69.55 37.27
N SER E 660 -9.75 -69.99 36.71
CA SER E 660 -8.64 -70.37 37.57
C SER E 660 -7.68 -69.18 37.75
N ASP E 661 -7.37 -68.43 36.67
CA ASP E 661 -6.33 -67.39 36.75
C ASP E 661 -6.85 -66.00 36.37
N TYR E 662 -7.56 -65.91 35.24
CA TYR E 662 -8.02 -64.65 34.69
C TYR E 662 -9.39 -64.83 34.03
N LEU E 663 -10.13 -63.72 34.00
CA LEU E 663 -11.36 -63.62 33.21
C LEU E 663 -11.40 -62.25 32.53
N LEU E 664 -11.42 -62.26 31.18
CA LEU E 664 -11.46 -61.04 30.38
C LEU E 664 -12.82 -61.00 29.67
N VAL E 665 -13.63 -59.98 29.99
CA VAL E 665 -14.98 -59.90 29.45
C VAL E 665 -15.29 -58.49 28.92
N LYS E 666 -16.30 -58.42 28.05
CA LYS E 666 -16.89 -57.16 27.63
C LYS E 666 -18.40 -57.20 27.89
N ALA E 667 -18.96 -56.01 28.17
CA ALA E 667 -20.40 -55.86 28.40
C ALA E 667 -21.06 -55.34 27.13
N VAL E 668 -21.78 -56.25 26.44
CA VAL E 668 -22.41 -55.94 25.17
C VAL E 668 -23.87 -55.55 25.44
N GLU E 669 -24.25 -54.37 24.97
CA GLU E 669 -25.60 -53.87 25.13
C GLU E 669 -26.56 -54.73 24.30
N ILE E 670 -27.71 -55.07 24.88
CA ILE E 670 -28.75 -55.82 24.19
C ILE E 670 -29.85 -54.87 23.75
N SER E 671 -30.17 -54.90 22.44
CA SER E 671 -30.74 -53.80 21.66
C SER E 671 -32.03 -53.21 22.24
ZN ZN F . 11.03 22.42 -4.46
CL CL G . -0.06 14.70 26.90
CO CO H . -3.91 11.05 12.89
MN MN I . 15.00 14.62 38.22
C4 A1AHC J . -7.07 6.44 11.15
C5 A1AHC J . -5.79 5.81 10.59
C6 A1AHC J . -6.00 5.25 9.18
N2 A1AHC J . -5.40 8.95 13.52
C2 A1AHC J . -5.75 8.25 12.25
C3 A1AHC J . -6.83 7.17 12.49
O3 A1AHC J . -8.02 7.82 13.03
O4 A1AHC J . -7.63 7.35 10.14
O6 A1AHC J . -4.80 4.71 8.64
O5 A1AHC J . -4.78 6.83 10.44
C1 A1AHC J . -4.48 7.60 11.63
O1 A1AHC J . -3.76 6.82 12.61
C1' A1AHC J . -2.50 6.36 12.38
C2' A1AHC J . -2.22 5.00 12.13
C3' A1AHC J . -0.91 4.58 11.93
C6' A1AHC J . -1.47 7.27 12.42
C5' A1AHC J . -0.16 6.87 12.22
C4' A1AHC J . 0.10 5.54 11.98
N1' A1AHC J . 1.41 5.18 11.79
O2' A1AHC J . 2.36 6.15 11.97
O1' A1AHC J . 1.75 3.88 11.44
ZN ZN K . -4.59 -8.23 20.71
CL CL L . 26.16 -21.41 14.80
CO CO M . 19.36 -14.95 26.49
MN MN N . 23.98 -35.94 2.16
C4 A1AHC O . 20.86 -15.36 32.05
C5 A1AHC O . 19.61 -16.24 32.26
C6 A1AHC O . 18.82 -15.80 33.50
N2 A1AHC O . 21.08 -15.56 28.23
C2 A1AHC O . 20.48 -15.41 29.59
C3 A1AHC O . 21.52 -15.70 30.70
O3 A1AHC O . 22.73 -14.96 30.42
O4 A1AHC O . 20.51 -13.94 32.12
O6 A1AHC O . 17.68 -16.65 33.73
O5 A1AHC O . 18.67 -16.13 31.16
C1 A1AHC O . 19.24 -16.36 29.85
O1 A1AHC O . 19.56 -17.75 29.58
C1' A1AHC O . 18.62 -18.73 29.59
C2' A1AHC O . 18.69 -19.76 30.54
C3' A1AHC O . 17.70 -20.73 30.53
C6' A1AHC O . 17.60 -18.68 28.67
C5' A1AHC O . 16.61 -19.64 28.65
C4' A1AHC O . 16.66 -20.64 29.60
N1' A1AHC O . 15.66 -21.58 29.54
O2' A1AHC O . 15.47 -22.15 28.31
O1' A1AHC O . 14.92 -21.95 30.66
ZN ZN P . -36.05 -14.05 -72.78
CL CL Q . -11.34 -17.67 -49.49
CO CO R . -26.43 -17.58 -49.18
MN MN S . 3.02 -26.48 -57.90
C4 A1AHC T . -29.85 -19.66 -45.28
C5 A1AHC T . -30.20 -20.82 -46.23
C6 A1AHC T . -31.69 -21.16 -46.24
N2 A1AHC T . -26.69 -18.63 -47.09
C2 A1AHC T . -28.11 -18.92 -46.85
C3 A1AHC T . -28.34 -19.29 -45.37
O3 A1AHC T . -27.84 -18.24 -44.47
O4 A1AHC T . -30.73 -18.55 -45.58
O6 A1AHC T . -32.05 -22.22 -47.16
O5 A1AHC T . -29.86 -20.46 -47.57
C1 A1AHC T . -28.48 -20.08 -47.79
O1 A1AHC T . -27.59 -21.21 -47.69
C1' A1AHC T . -27.59 -22.26 -48.55
C2' A1AHC T . -28.00 -23.53 -48.12
C3' A1AHC T . -27.97 -24.57 -49.02
C6' A1AHC T . -27.18 -22.08 -49.87
C5' A1AHC T . -27.16 -23.13 -50.78
C4' A1AHC T . -27.55 -24.36 -50.34
N1' A1AHC T . -27.52 -25.41 -51.22
O2' A1AHC T . -27.09 -25.18 -52.50
O1' A1AHC T . -27.90 -26.67 -50.78
ZN ZN U . -7.08 59.50 4.97
CL CL V . -8.49 32.15 -15.26
CO CO W . 2.37 40.45 -9.32
MN MN X . -23.53 22.06 -10.26
C4 A1AHC Y . 7.94 39.14 -8.38
C5 A1AHC Y . 7.61 39.11 -6.87
C6 A1AHC Y . 8.72 39.79 -6.04
N2 A1AHC Y . 4.39 38.82 -9.67
C2 A1AHC Y . 5.53 39.34 -8.87
C3 A1AHC Y . 6.81 38.54 -9.20
O3 A1AHC Y . 7.01 38.53 -10.64
O4 A1AHC Y . 8.15 40.49 -8.84
O6 A1AHC Y . 8.63 39.46 -4.65
O5 A1AHC Y . 6.36 39.80 -6.57
C1 A1AHC Y . 5.25 39.29 -7.33
O1 A1AHC Y . 4.91 37.97 -6.90
C1' A1AHC Y . 4.41 37.72 -5.67
C2' A1AHC Y . 5.20 37.10 -4.70
C3' A1AHC Y . 4.68 36.85 -3.46
C6' A1AHC Y . 3.11 38.08 -5.40
C5' A1AHC Y . 2.59 37.83 -4.16
C4' A1AHC Y . 3.36 37.21 -3.20
N1' A1AHC Y . 2.82 36.96 -1.96
O2' A1AHC Y . 1.49 37.23 -1.75
O1' A1AHC Y . 3.65 36.42 -0.98
ZN ZN Z . 29.75 -31.06 36.69
CL CL AA . 4.56 -53.25 42.37
CO CO BA . 15.10 -51.60 31.81
MN MN CA . 2.82 -54.91 61.07
C4 A1AHC DA . 17.29 -55.44 28.12
C5 A1AHC DA . 18.58 -55.44 28.97
C6 A1AHC DA . 19.85 -55.39 28.11
N2 A1AHC DA . 14.96 -53.87 30.72
C2 A1AHC DA . 16.16 -54.04 29.86
C3 A1AHC DA . 16.05 -55.32 29.04
O3 A1AHC DA . 14.76 -55.24 28.42
O4 A1AHC DA . 17.37 -54.36 27.15
O6 A1AHC DA . 21.02 -55.53 28.93
O5 A1AHC DA . 18.61 -54.29 29.83
C1 A1AHC DA . 17.47 -54.08 30.70
O1 A1AHC DA . 17.41 -55.03 31.79
C1' A1AHC DA . 18.39 -55.10 32.74
C2' A1AHC DA . 19.27 -56.20 32.83
C3' A1AHC DA . 20.25 -56.16 33.81
C6' A1AHC DA . 18.50 -54.02 33.61
C5' A1AHC DA . 19.48 -53.97 34.59
C4' A1AHC DA . 20.34 -55.06 34.70
N1' A1AHC DA . 21.32 -55.03 35.69
O2' A1AHC DA . 21.31 -54.04 36.67
O1' A1AHC DA . 22.33 -55.99 35.69
#